data_1X51
#
_entry.id   1X51
#
_entity_poly.entity_id   1
_entity_poly.type   'polypeptide(L)'
_entity_poly.pdbx_seq_one_letter_code
;GSSGSSGPRKASRKPPREESSATCVLEQPGALGAQILLVQRPNSGLLAGLWEFPSVTWEPSEQLQRKALLQELQRWAGPL
PATHLRHLGEVVHTFSHIKLTYQVYGLALEGQTPVTTVPPGARWLTQEEFHTAAVSTAMKKVFRVYQGQSGPSSG
;
_entity_poly.pdbx_strand_id   A
#
# COMPACT_ATOMS: atom_id res chain seq x y z
N GLY A 1 13.61 21.78 5.17
CA GLY A 1 12.54 22.68 5.56
C GLY A 1 11.19 22.21 5.08
N SER A 2 10.84 20.97 5.37
CA SER A 2 9.57 20.39 4.96
C SER A 2 8.40 21.21 5.52
N SER A 3 7.80 22.03 4.67
CA SER A 3 6.68 22.87 5.08
C SER A 3 5.38 22.08 5.04
N GLY A 4 4.37 22.55 5.79
CA GLY A 4 3.09 21.88 5.82
C GLY A 4 3.07 20.73 6.80
N SER A 5 1.87 20.21 7.08
CA SER A 5 1.72 19.10 8.01
C SER A 5 1.35 17.82 7.28
N SER A 6 1.72 16.68 7.85
CA SER A 6 1.42 15.39 7.25
C SER A 6 0.46 14.59 8.11
N GLY A 7 -0.61 14.09 7.50
CA GLY A 7 -1.60 13.31 8.23
C GLY A 7 -2.79 14.14 8.67
N PRO A 8 -3.61 14.55 7.70
CA PRO A 8 -4.81 15.36 7.96
C PRO A 8 -5.89 14.57 8.70
N ARG A 9 -5.59 13.32 9.02
CA ARG A 9 -6.54 12.46 9.73
C ARG A 9 -6.98 13.11 11.04
N LYS A 10 -6.01 13.56 11.82
CA LYS A 10 -6.30 14.21 13.10
C LYS A 10 -7.27 15.37 12.93
N ALA A 11 -7.61 16.02 14.03
CA ALA A 11 -8.53 17.16 13.99
C ALA A 11 -8.33 17.98 12.73
N SER A 12 -9.42 18.17 11.98
CA SER A 12 -9.36 18.94 10.74
C SER A 12 -8.79 20.34 10.98
N ARG A 13 -7.55 20.55 10.53
CA ARG A 13 -6.88 21.83 10.70
C ARG A 13 -6.29 22.31 9.38
N LYS A 14 -5.52 21.45 8.74
CA LYS A 14 -4.89 21.79 7.47
C LYS A 14 -5.63 21.12 6.31
N PRO A 15 -5.58 21.76 5.13
CA PRO A 15 -6.23 21.24 3.92
C PRO A 15 -5.54 20.00 3.38
N PRO A 16 -6.27 19.24 2.54
CA PRO A 16 -5.75 18.02 1.93
C PRO A 16 -4.65 18.29 0.90
N ARG A 17 -4.62 19.52 0.41
CA ARG A 17 -3.63 19.92 -0.59
C ARG A 17 -2.32 19.17 -0.39
N GLU A 18 -1.79 19.22 0.82
CA GLU A 18 -0.54 18.53 1.14
C GLU A 18 -0.81 17.19 1.81
N GLU A 19 -0.72 16.12 1.03
CA GLU A 19 -0.96 14.77 1.54
C GLU A 19 0.04 13.79 0.95
N SER A 20 0.91 13.25 1.80
CA SER A 20 1.91 12.29 1.37
C SER A 20 1.77 10.97 2.12
N SER A 21 1.95 9.86 1.41
CA SER A 21 1.84 8.54 2.00
C SER A 21 2.74 7.54 1.29
N ALA A 22 3.16 6.51 2.01
CA ALA A 22 4.02 5.48 1.43
C ALA A 22 3.34 4.11 1.46
N THR A 23 2.89 3.67 0.29
CA THR A 23 2.21 2.38 0.18
C THR A 23 3.18 1.30 -0.29
N CYS A 24 2.94 0.06 0.15
CA CYS A 24 3.79 -1.06 -0.22
C CYS A 24 2.95 -2.22 -0.74
N VAL A 25 3.56 -3.05 -1.58
CA VAL A 25 2.86 -4.20 -2.16
C VAL A 25 3.41 -5.51 -1.58
N LEU A 26 2.54 -6.22 -0.86
CA LEU A 26 2.93 -7.49 -0.25
C LEU A 26 2.47 -8.66 -1.10
N GLU A 27 3.40 -9.56 -1.42
CA GLU A 27 3.08 -10.73 -2.23
C GLU A 27 3.70 -12.00 -1.64
N GLN A 28 3.03 -13.12 -1.83
CA GLN A 28 3.52 -14.39 -1.31
C GLN A 28 3.24 -15.53 -2.29
N PRO A 29 4.12 -16.53 -2.31
CA PRO A 29 3.99 -17.69 -3.20
C PRO A 29 2.83 -18.60 -2.79
N GLY A 30 2.10 -19.10 -3.78
CA GLY A 30 0.97 -19.97 -3.51
C GLY A 30 0.81 -21.05 -4.56
N ALA A 31 -0.14 -21.95 -4.34
CA ALA A 31 -0.39 -23.03 -5.28
C ALA A 31 -0.38 -22.54 -6.72
N LEU A 32 -1.27 -21.59 -7.02
CA LEU A 32 -1.37 -21.03 -8.36
C LEU A 32 -0.02 -20.45 -8.80
N GLY A 33 0.57 -19.63 -7.94
CA GLY A 33 1.85 -19.02 -8.25
C GLY A 33 2.26 -17.98 -7.23
N ALA A 34 1.49 -16.90 -7.15
CA ALA A 34 1.78 -15.82 -6.21
C ALA A 34 0.62 -14.83 -6.14
N GLN A 35 0.12 -14.59 -4.94
CA GLN A 35 -1.00 -13.66 -4.74
C GLN A 35 -0.58 -12.51 -3.83
N ILE A 36 -1.14 -11.34 -4.08
CA ILE A 36 -0.84 -10.16 -3.28
C ILE A 36 -1.91 -9.91 -2.23
N LEU A 37 -1.68 -8.93 -1.36
CA LEU A 37 -2.62 -8.59 -0.31
C LEU A 37 -3.33 -7.27 -0.62
N LEU A 38 -4.58 -7.16 -0.17
CA LEU A 38 -5.35 -5.95 -0.39
C LEU A 38 -6.24 -5.64 0.81
N VAL A 39 -6.04 -4.46 1.40
CA VAL A 39 -6.83 -4.05 2.56
C VAL A 39 -7.80 -2.94 2.20
N GLN A 40 -8.90 -2.87 2.93
CA GLN A 40 -9.92 -1.86 2.68
C GLN A 40 -10.04 -0.89 3.86
N ARG A 41 -10.29 0.38 3.56
CA ARG A 41 -10.42 1.39 4.60
C ARG A 41 -11.85 1.47 5.11
N PRO A 42 -12.01 1.71 6.42
CA PRO A 42 -13.32 1.81 7.05
C PRO A 42 -14.07 3.08 6.64
N ASN A 43 -13.33 4.05 6.13
CA ASN A 43 -13.92 5.31 5.69
C ASN A 43 -15.21 5.06 4.91
N SER A 44 -16.10 6.05 4.93
CA SER A 44 -17.38 5.94 4.23
C SER A 44 -17.67 7.20 3.43
N GLY A 45 -18.10 7.02 2.18
CA GLY A 45 -18.40 8.16 1.33
C GLY A 45 -17.49 8.24 0.13
N LEU A 46 -17.17 9.47 -0.29
CA LEU A 46 -16.30 9.69 -1.44
C LEU A 46 -14.97 8.95 -1.26
N LEU A 47 -14.52 8.28 -2.31
CA LEU A 47 -13.27 7.54 -2.27
C LEU A 47 -13.08 6.85 -0.92
N ALA A 48 -14.20 6.51 -0.28
CA ALA A 48 -14.16 5.84 1.02
C ALA A 48 -14.71 4.43 0.93
N GLY A 49 -14.16 3.53 1.74
CA GLY A 49 -14.62 2.15 1.72
C GLY A 49 -14.23 1.42 0.46
N LEU A 50 -12.99 1.59 0.04
CA LEU A 50 -12.48 0.94 -1.17
C LEU A 50 -11.35 -0.01 -0.84
N TRP A 51 -11.02 -0.89 -1.80
CA TRP A 51 -9.95 -1.86 -1.61
C TRP A 51 -8.65 -1.35 -2.23
N GLU A 52 -7.56 -1.48 -1.48
CA GLU A 52 -6.25 -1.04 -1.95
C GLU A 52 -5.14 -1.52 -1.02
N PHE A 53 -3.94 -1.65 -1.56
CA PHE A 53 -2.79 -2.09 -0.77
C PHE A 53 -2.60 -1.20 0.46
N PRO A 54 -2.03 -1.80 1.52
CA PRO A 54 -1.78 -1.08 2.77
C PRO A 54 -0.66 -0.05 2.63
N SER A 55 -0.81 1.08 3.32
CA SER A 55 0.19 2.15 3.28
C SER A 55 0.30 2.85 4.62
N VAL A 56 1.33 3.68 4.77
CA VAL A 56 1.55 4.42 6.01
C VAL A 56 1.91 5.87 5.73
N THR A 57 1.93 6.68 6.78
CA THR A 57 2.26 8.10 6.65
C THR A 57 3.61 8.28 5.95
N TRP A 58 3.81 9.47 5.39
CA TRP A 58 5.04 9.78 4.68
C TRP A 58 6.15 10.12 5.68
N GLU A 59 7.36 9.65 5.40
CA GLU A 59 8.51 9.92 6.27
C GLU A 59 9.63 10.62 5.50
N PRO A 60 10.25 11.61 6.13
CA PRO A 60 11.35 12.38 5.53
C PRO A 60 12.62 11.56 5.37
N SER A 61 12.85 10.65 6.32
CA SER A 61 14.03 9.79 6.29
C SER A 61 13.75 8.51 5.51
N GLU A 62 14.66 8.15 4.62
CA GLU A 62 14.51 6.95 3.81
C GLU A 62 14.39 5.72 4.69
N GLN A 63 14.76 5.86 5.96
CA GLN A 63 14.69 4.75 6.91
C GLN A 63 13.35 4.76 7.65
N LEU A 64 12.99 5.93 8.19
CA LEU A 64 11.75 6.07 8.93
C LEU A 64 10.56 5.60 8.10
N GLN A 65 10.61 5.86 6.80
CA GLN A 65 9.55 5.46 5.89
C GLN A 65 9.41 3.94 5.85
N ARG A 66 10.49 3.26 5.50
CA ARG A 66 10.49 1.81 5.43
C ARG A 66 10.12 1.19 6.77
N LYS A 67 10.71 1.71 7.84
CA LYS A 67 10.45 1.21 9.19
C LYS A 67 8.94 1.16 9.46
N ALA A 68 8.32 2.34 9.52
CA ALA A 68 6.89 2.43 9.77
C ALA A 68 6.09 1.73 8.68
N LEU A 69 6.56 1.86 7.44
CA LEU A 69 5.90 1.24 6.31
C LEU A 69 5.59 -0.24 6.58
N LEU A 70 6.55 -0.92 7.21
CA LEU A 70 6.38 -2.33 7.54
C LEU A 70 5.42 -2.51 8.71
N GLN A 71 5.64 -1.73 9.77
CA GLN A 71 4.80 -1.80 10.95
C GLN A 71 3.34 -2.06 10.57
N GLU A 72 2.81 -1.21 9.69
CA GLU A 72 1.43 -1.35 9.24
C GLU A 72 1.18 -2.72 8.62
N LEU A 73 1.98 -3.05 7.62
CA LEU A 73 1.87 -4.33 6.93
C LEU A 73 1.73 -5.47 7.92
N GLN A 74 2.62 -5.49 8.92
CA GLN A 74 2.60 -6.53 9.94
C GLN A 74 1.22 -6.64 10.59
N ARG A 75 0.62 -5.48 10.86
CA ARG A 75 -0.70 -5.44 11.48
C ARG A 75 -1.69 -6.33 10.73
N TRP A 76 -1.51 -6.42 9.42
CA TRP A 76 -2.39 -7.24 8.58
C TRP A 76 -1.88 -8.68 8.52
N ALA A 77 -0.77 -8.88 7.81
CA ALA A 77 -0.19 -10.21 7.66
C ALA A 77 0.53 -10.63 8.94
N GLY A 78 1.66 -9.99 9.22
CA GLY A 78 2.42 -10.31 10.42
C GLY A 78 3.92 -10.19 10.20
N PRO A 79 4.59 -11.33 9.96
CA PRO A 79 6.03 -11.37 9.74
C PRO A 79 6.43 -10.75 8.40
N LEU A 80 7.05 -9.58 8.46
CA LEU A 80 7.49 -8.88 7.26
C LEU A 80 8.99 -8.64 7.27
N PRO A 81 9.65 -8.92 6.14
CA PRO A 81 11.10 -8.74 6.00
C PRO A 81 11.50 -7.27 5.99
N ALA A 82 12.81 -7.02 5.86
CA ALA A 82 13.32 -5.66 5.84
C ALA A 82 14.17 -5.42 4.60
N THR A 83 15.17 -6.28 4.39
CA THR A 83 16.06 -6.15 3.25
C THR A 83 15.31 -6.37 1.94
N HIS A 84 14.27 -7.20 1.99
CA HIS A 84 13.47 -7.50 0.81
C HIS A 84 12.73 -6.24 0.33
N LEU A 85 12.58 -5.27 1.22
CA LEU A 85 11.90 -4.02 0.89
C LEU A 85 12.78 -3.15 0.00
N ARG A 86 12.19 -2.61 -1.07
CA ARG A 86 12.93 -1.75 -1.99
C ARG A 86 11.98 -0.78 -2.68
N HIS A 87 12.38 0.49 -2.74
CA HIS A 87 11.57 1.53 -3.37
C HIS A 87 11.61 1.39 -4.89
N LEU A 88 10.44 1.30 -5.50
CA LEU A 88 10.34 1.18 -6.95
C LEU A 88 9.49 2.29 -7.54
N GLY A 89 10.14 3.36 -7.97
CA GLY A 89 9.43 4.49 -8.56
C GLY A 89 8.48 5.14 -7.58
N GLU A 90 7.63 6.03 -8.08
CA GLU A 90 6.65 6.72 -7.25
C GLU A 90 5.37 7.01 -8.01
N VAL A 91 4.35 7.46 -7.30
CA VAL A 91 3.07 7.77 -7.92
C VAL A 91 2.47 9.05 -7.33
N VAL A 92 2.47 10.12 -8.12
CA VAL A 92 1.94 11.40 -7.68
C VAL A 92 0.76 11.84 -8.56
N HIS A 93 -0.44 11.78 -7.99
CA HIS A 93 -1.64 12.18 -8.72
C HIS A 93 -2.07 13.59 -8.36
N THR A 94 -2.29 14.42 -9.38
CA THR A 94 -2.70 15.80 -9.16
C THR A 94 -4.21 15.96 -9.32
N PHE A 95 -4.89 16.26 -8.22
CA PHE A 95 -6.33 16.45 -8.23
C PHE A 95 -6.70 17.88 -8.65
N SER A 96 -7.99 18.18 -8.60
CA SER A 96 -8.47 19.51 -8.97
C SER A 96 -7.68 20.59 -8.24
N HIS A 97 -7.81 20.62 -6.92
CA HIS A 97 -7.12 21.60 -6.10
C HIS A 97 -6.35 20.93 -4.96
N ILE A 98 -5.88 19.72 -5.23
CA ILE A 98 -5.12 18.96 -4.24
C ILE A 98 -3.94 18.25 -4.87
N LYS A 99 -2.96 17.89 -4.06
CA LYS A 99 -1.77 17.20 -4.53
C LYS A 99 -1.41 16.03 -3.62
N LEU A 100 -1.44 14.82 -4.16
CA LEU A 100 -1.11 13.63 -3.39
C LEU A 100 0.22 13.03 -3.83
N THR A 101 0.98 12.51 -2.89
CA THR A 101 2.28 11.91 -3.17
C THR A 101 2.38 10.51 -2.59
N TYR A 102 2.19 9.50 -3.44
CA TYR A 102 2.27 8.11 -3.00
C TYR A 102 3.60 7.49 -3.37
N GLN A 103 4.23 6.83 -2.41
CA GLN A 103 5.52 6.19 -2.63
C GLN A 103 5.35 4.70 -2.90
N VAL A 104 5.66 4.29 -4.13
CA VAL A 104 5.54 2.88 -4.50
C VAL A 104 6.61 2.03 -3.84
N TYR A 105 6.19 0.96 -3.18
CA TYR A 105 7.11 0.07 -2.49
C TYR A 105 6.79 -1.39 -2.78
N GLY A 106 7.82 -2.18 -3.06
CA GLY A 106 7.63 -3.58 -3.36
C GLY A 106 8.19 -4.49 -2.28
N LEU A 107 7.44 -5.52 -1.93
CA LEU A 107 7.86 -6.47 -0.90
C LEU A 107 7.25 -7.84 -1.14
N ALA A 108 8.10 -8.82 -1.44
CA ALA A 108 7.65 -10.18 -1.68
C ALA A 108 8.50 -11.20 -0.93
N LEU A 109 7.91 -12.33 -0.59
CA LEU A 109 8.63 -13.38 0.13
C LEU A 109 9.21 -14.40 -0.83
N GLU A 110 10.52 -14.31 -1.06
CA GLU A 110 11.21 -15.23 -1.96
C GLU A 110 10.87 -16.67 -1.63
N GLY A 111 11.15 -17.07 -0.40
CA GLY A 111 10.87 -18.44 0.03
C GLY A 111 10.70 -18.55 1.54
N GLN A 112 10.33 -17.44 2.18
CA GLN A 112 10.15 -17.43 3.62
C GLN A 112 8.81 -18.09 4.00
N THR A 113 8.53 -18.12 5.30
CA THR A 113 7.30 -18.71 5.80
C THR A 113 6.10 -17.82 5.49
N PRO A 114 4.97 -18.46 5.16
CA PRO A 114 3.73 -17.74 4.84
C PRO A 114 3.11 -17.07 6.07
N VAL A 115 1.93 -16.51 5.89
CA VAL A 115 1.23 -15.83 6.98
C VAL A 115 0.02 -16.63 7.44
N THR A 116 -0.67 -17.26 6.49
CA THR A 116 -1.84 -18.06 6.80
C THR A 116 -2.71 -17.39 7.85
N THR A 117 -2.71 -16.06 7.84
CA THR A 117 -3.50 -15.28 8.81
C THR A 117 -3.81 -13.90 8.26
N VAL A 118 -5.02 -13.41 8.56
CA VAL A 118 -5.44 -12.09 8.11
C VAL A 118 -6.77 -11.70 8.76
N PRO A 119 -6.86 -10.43 9.20
CA PRO A 119 -8.05 -9.89 9.84
C PRO A 119 -9.21 -9.72 8.86
N PRO A 120 -10.41 -9.44 9.40
CA PRO A 120 -11.61 -9.25 8.58
C PRO A 120 -11.55 -7.96 7.76
N GLY A 121 -10.45 -7.23 7.89
CA GLY A 121 -10.30 -5.99 7.15
C GLY A 121 -9.30 -6.11 6.01
N ALA A 122 -8.75 -7.30 5.84
CA ALA A 122 -7.77 -7.54 4.78
C ALA A 122 -8.09 -8.83 4.02
N ARG A 123 -7.94 -8.78 2.71
CA ARG A 123 -8.22 -9.95 1.87
C ARG A 123 -7.01 -10.26 0.97
N TRP A 124 -6.75 -11.55 0.80
CA TRP A 124 -5.62 -11.98 -0.03
C TRP A 124 -6.10 -12.39 -1.42
N LEU A 125 -5.83 -11.54 -2.41
CA LEU A 125 -6.23 -11.82 -3.78
C LEU A 125 -5.01 -11.95 -4.69
N THR A 126 -5.25 -12.40 -5.91
CA THR A 126 -4.17 -12.58 -6.89
C THR A 126 -3.91 -11.30 -7.66
N GLN A 127 -2.95 -11.35 -8.58
CA GLN A 127 -2.61 -10.18 -9.39
C GLN A 127 -3.76 -9.81 -10.32
N GLU A 128 -4.36 -10.82 -10.94
CA GLU A 128 -5.47 -10.59 -11.86
C GLU A 128 -6.74 -10.23 -11.10
N GLU A 129 -6.79 -10.62 -9.83
CA GLU A 129 -7.95 -10.34 -9.00
C GLU A 129 -7.95 -8.89 -8.53
N PHE A 130 -6.75 -8.36 -8.29
CA PHE A 130 -6.62 -6.98 -7.83
C PHE A 130 -7.18 -6.01 -8.86
N HIS A 131 -6.69 -6.10 -10.09
CA HIS A 131 -7.15 -5.23 -11.17
C HIS A 131 -8.67 -5.10 -11.15
N THR A 132 -9.35 -6.23 -11.33
CA THR A 132 -10.82 -6.24 -11.33
C THR A 132 -11.38 -5.65 -10.05
N ALA A 133 -10.54 -5.59 -9.02
CA ALA A 133 -10.95 -5.05 -7.73
C ALA A 133 -11.08 -3.53 -7.79
N ALA A 134 -12.08 -3.00 -7.10
CA ALA A 134 -12.31 -1.56 -7.07
C ALA A 134 -11.19 -0.84 -6.36
N VAL A 135 -10.27 -0.28 -7.13
CA VAL A 135 -9.13 0.44 -6.57
C VAL A 135 -9.01 1.84 -7.17
N SER A 136 -8.67 2.81 -6.33
CA SER A 136 -8.53 4.19 -6.79
C SER A 136 -7.33 4.33 -7.71
N THR A 137 -7.50 5.14 -8.76
CA THR A 137 -6.43 5.36 -9.73
C THR A 137 -5.06 5.37 -9.06
N ALA A 138 -4.87 6.30 -8.12
CA ALA A 138 -3.61 6.40 -7.40
C ALA A 138 -3.01 5.04 -7.14
N MET A 139 -3.76 4.17 -6.45
CA MET A 139 -3.29 2.83 -6.13
C MET A 139 -3.04 2.04 -7.41
N LYS A 140 -4.03 1.99 -8.29
CA LYS A 140 -3.92 1.27 -9.54
C LYS A 140 -2.62 1.63 -10.26
N LYS A 141 -2.08 2.80 -9.95
CA LYS A 141 -0.85 3.27 -10.55
C LYS A 141 0.37 2.70 -9.84
N VAL A 142 0.24 2.53 -8.52
CA VAL A 142 1.32 1.99 -7.72
C VAL A 142 1.65 0.56 -8.11
N PHE A 143 0.61 -0.19 -8.50
CA PHE A 143 0.79 -1.58 -8.90
C PHE A 143 1.67 -1.68 -10.13
N ARG A 144 1.19 -1.16 -11.26
CA ARG A 144 1.93 -1.19 -12.50
C ARG A 144 3.39 -0.82 -12.27
N VAL A 145 3.62 0.07 -11.31
CA VAL A 145 4.98 0.50 -11.00
C VAL A 145 5.75 -0.57 -10.24
N TYR A 146 5.08 -1.20 -9.29
CA TYR A 146 5.71 -2.26 -8.49
C TYR A 146 6.04 -3.46 -9.36
N GLN A 147 5.23 -3.68 -10.39
CA GLN A 147 5.45 -4.81 -11.30
C GLN A 147 6.80 -4.69 -12.01
N GLY A 148 7.21 -3.46 -12.25
CA GLY A 148 8.48 -3.22 -12.93
C GLY A 148 9.56 -4.19 -12.47
N GLN A 149 10.20 -3.87 -11.34
CA GLN A 149 11.26 -4.71 -10.80
C GLN A 149 10.68 -5.90 -10.05
N SER A 150 10.24 -6.91 -10.80
CA SER A 150 9.65 -8.10 -10.21
C SER A 150 9.59 -9.24 -11.23
N GLY A 151 10.34 -10.31 -10.96
CA GLY A 151 10.36 -11.45 -11.86
C GLY A 151 10.72 -12.73 -11.15
N PRO A 152 10.20 -13.86 -11.67
CA PRO A 152 10.47 -15.19 -11.10
C PRO A 152 11.91 -15.64 -11.31
N SER A 153 12.52 -15.15 -12.39
CA SER A 153 13.90 -15.51 -12.71
C SER A 153 14.75 -15.56 -11.45
N SER A 154 15.81 -16.36 -11.49
CA SER A 154 16.70 -16.50 -10.34
C SER A 154 17.06 -15.13 -9.76
N GLY A 155 17.73 -15.14 -8.62
CA GLY A 155 18.12 -13.90 -7.98
C GLY A 155 19.26 -14.08 -7.01
N GLY A 1 -3.24 13.08 24.39
CA GLY A 1 -2.30 13.88 23.61
C GLY A 1 -1.13 13.05 23.10
N SER A 2 -1.40 12.23 22.08
CA SER A 2 -0.37 11.39 21.50
C SER A 2 -0.67 11.08 20.04
N SER A 3 0.31 10.53 19.34
CA SER A 3 0.14 10.19 17.93
C SER A 3 -1.15 9.41 17.70
N GLY A 4 -2.07 10.01 16.94
CA GLY A 4 -3.33 9.35 16.67
C GLY A 4 -3.31 8.58 15.37
N SER A 5 -4.49 8.27 14.84
CA SER A 5 -4.60 7.51 13.59
C SER A 5 -4.33 8.42 12.38
N SER A 6 -3.55 7.90 11.44
CA SER A 6 -3.21 8.67 10.24
C SER A 6 -4.45 8.91 9.38
N GLY A 7 -4.55 10.11 8.83
CA GLY A 7 -5.69 10.45 7.99
C GLY A 7 -6.07 11.91 8.10
N PRO A 8 -6.69 12.44 7.03
CA PRO A 8 -7.12 13.85 6.99
C PRO A 8 -8.28 14.13 7.92
N ARG A 9 -9.30 13.28 7.87
CA ARG A 9 -10.48 13.44 8.73
C ARG A 9 -10.24 12.81 10.10
N LYS A 10 -9.92 11.52 10.11
CA LYS A 10 -9.67 10.80 11.35
C LYS A 10 -8.81 11.63 12.30
N ALA A 11 -7.74 12.21 11.75
CA ALA A 11 -6.83 13.03 12.54
C ALA A 11 -7.31 14.48 12.60
N SER A 12 -6.51 15.34 13.22
CA SER A 12 -6.84 16.75 13.35
C SER A 12 -7.36 17.31 12.03
N ARG A 13 -7.91 18.51 12.07
CA ARG A 13 -8.43 19.17 10.88
C ARG A 13 -7.30 19.61 9.95
N LYS A 14 -6.75 18.66 9.20
CA LYS A 14 -5.65 18.96 8.28
C LYS A 14 -6.18 19.12 6.86
N PRO A 15 -5.52 19.99 6.08
CA PRO A 15 -5.89 20.27 4.69
C PRO A 15 -5.61 19.09 3.77
N PRO A 16 -6.50 18.86 2.79
CA PRO A 16 -6.37 17.77 1.83
C PRO A 16 -5.22 17.99 0.86
N ARG A 17 -5.09 19.20 0.36
CA ARG A 17 -4.02 19.54 -0.59
C ARG A 17 -2.75 18.78 -0.25
N GLU A 18 -2.13 19.13 0.87
CA GLU A 18 -0.89 18.49 1.30
C GLU A 18 -1.19 17.15 1.98
N GLU A 19 -1.02 16.07 1.23
CA GLU A 19 -1.26 14.73 1.76
C GLU A 19 -0.29 13.73 1.17
N SER A 20 0.58 13.18 2.01
CA SER A 20 1.56 12.20 1.56
C SER A 20 1.32 10.84 2.21
N SER A 21 1.71 9.78 1.53
CA SER A 21 1.53 8.43 2.04
C SER A 21 2.51 7.47 1.38
N ALA A 22 2.80 6.37 2.07
CA ALA A 22 3.73 5.36 1.56
C ALA A 22 3.08 3.99 1.53
N THR A 23 2.75 3.52 0.33
CA THR A 23 2.13 2.21 0.17
C THR A 23 3.12 1.19 -0.35
N CYS A 24 2.95 -0.06 0.07
CA CYS A 24 3.84 -1.14 -0.35
C CYS A 24 3.04 -2.35 -0.82
N VAL A 25 3.66 -3.17 -1.67
CA VAL A 25 3.00 -4.36 -2.20
C VAL A 25 3.51 -5.62 -1.51
N LEU A 26 2.59 -6.38 -0.92
CA LEU A 26 2.96 -7.61 -0.23
C LEU A 26 2.49 -8.83 -1.01
N GLU A 27 3.44 -9.56 -1.58
CA GLU A 27 3.13 -10.76 -2.35
C GLU A 27 3.78 -11.99 -1.74
N GLN A 28 3.08 -13.13 -1.82
CA GLN A 28 3.59 -14.38 -1.27
C GLN A 28 3.33 -15.53 -2.23
N PRO A 29 4.31 -16.46 -2.32
CA PRO A 29 4.21 -17.63 -3.20
C PRO A 29 3.17 -18.64 -2.70
N GLY A 30 2.17 -18.91 -3.53
CA GLY A 30 1.13 -19.84 -3.17
C GLY A 30 0.99 -20.97 -4.17
N ALA A 31 0.28 -22.03 -3.77
CA ALA A 31 0.08 -23.19 -4.64
C ALA A 31 -0.20 -22.74 -6.07
N LEU A 32 -1.22 -21.92 -6.24
CA LEU A 32 -1.59 -21.43 -7.57
C LEU A 32 -0.42 -20.70 -8.22
N GLY A 33 0.36 -19.99 -7.41
CA GLY A 33 1.50 -19.25 -7.93
C GLY A 33 1.95 -18.15 -7.00
N ALA A 34 1.16 -17.09 -6.91
CA ALA A 34 1.48 -15.95 -6.05
C ALA A 34 0.34 -14.95 -6.00
N GLN A 35 0.07 -14.43 -4.81
CA GLN A 35 -1.01 -13.45 -4.63
C GLN A 35 -0.55 -12.29 -3.74
N ILE A 36 -1.18 -11.15 -3.91
CA ILE A 36 -0.84 -9.96 -3.13
C ILE A 36 -1.90 -9.69 -2.06
N LEU A 37 -1.61 -8.73 -1.19
CA LEU A 37 -2.53 -8.38 -0.12
C LEU A 37 -3.19 -7.03 -0.39
N LEU A 38 -4.50 -6.96 -0.13
CA LEU A 38 -5.25 -5.73 -0.35
C LEU A 38 -6.06 -5.36 0.89
N VAL A 39 -5.80 -4.17 1.42
CA VAL A 39 -6.51 -3.69 2.60
C VAL A 39 -7.55 -2.65 2.24
N GLN A 40 -8.72 -2.76 2.84
CA GLN A 40 -9.81 -1.81 2.58
C GLN A 40 -9.82 -0.69 3.62
N ARG A 41 -10.27 0.49 3.20
CA ARG A 41 -10.33 1.64 4.09
C ARG A 41 -11.41 1.45 5.15
N PRO A 42 -11.24 2.13 6.29
CA PRO A 42 -12.19 2.05 7.41
C PRO A 42 -13.52 2.73 7.09
N ASN A 43 -14.50 2.52 7.96
CA ASN A 43 -15.82 3.10 7.77
C ASN A 43 -15.72 4.51 7.19
N SER A 44 -14.97 5.36 7.89
CA SER A 44 -14.79 6.74 7.45
C SER A 44 -13.47 6.91 6.70
N GLY A 45 -13.33 8.04 6.01
CA GLY A 45 -12.11 8.30 5.27
C GLY A 45 -12.35 8.34 3.77
N LEU A 46 -11.81 9.37 3.11
CA LEU A 46 -11.97 9.53 1.67
C LEU A 46 -11.97 8.17 0.98
N LEU A 47 -12.94 7.96 0.09
CA LEU A 47 -13.06 6.71 -0.64
C LEU A 47 -13.19 5.53 0.31
N ALA A 48 -14.12 5.64 1.25
CA ALA A 48 -14.36 4.58 2.22
C ALA A 48 -15.01 3.37 1.57
N GLY A 49 -14.79 2.19 2.14
CA GLY A 49 -15.37 0.97 1.61
C GLY A 49 -14.73 0.56 0.29
N LEU A 50 -13.53 1.07 0.05
CA LEU A 50 -12.81 0.76 -1.19
C LEU A 50 -11.58 -0.12 -0.89
N TRP A 51 -11.26 -1.00 -1.82
CA TRP A 51 -10.11 -1.89 -1.67
C TRP A 51 -8.86 -1.27 -2.26
N GLU A 52 -7.72 -1.46 -1.59
CA GLU A 52 -6.46 -0.91 -2.06
C GLU A 52 -5.29 -1.43 -1.22
N PHE A 53 -4.08 -1.05 -1.59
CA PHE A 53 -2.89 -1.48 -0.87
C PHE A 53 -2.69 -0.66 0.39
N PRO A 54 -2.04 -1.26 1.40
CA PRO A 54 -1.77 -0.60 2.67
C PRO A 54 -0.75 0.51 2.56
N SER A 55 -0.95 1.60 3.30
CA SER A 55 -0.04 2.73 3.27
C SER A 55 0.13 3.33 4.66
N VAL A 56 1.29 3.92 4.91
CA VAL A 56 1.58 4.54 6.20
C VAL A 56 1.83 6.03 6.05
N THR A 57 2.16 6.69 7.16
CA THR A 57 2.45 8.12 7.15
C THR A 57 3.77 8.41 6.46
N TRP A 58 3.77 9.40 5.57
CA TRP A 58 4.97 9.79 4.85
C TRP A 58 6.13 10.04 5.81
N GLU A 59 7.35 9.91 5.31
CA GLU A 59 8.53 10.13 6.14
C GLU A 59 9.63 10.84 5.34
N PRO A 60 10.23 11.87 5.94
CA PRO A 60 11.30 12.65 5.29
C PRO A 60 12.59 11.84 5.16
N SER A 61 12.64 10.69 5.80
CA SER A 61 13.82 9.83 5.76
C SER A 61 13.48 8.47 5.16
N GLU A 62 14.25 8.06 4.15
CA GLU A 62 14.03 6.78 3.49
C GLU A 62 13.94 5.65 4.52
N GLN A 63 14.70 5.79 5.60
CA GLN A 63 14.70 4.77 6.66
C GLN A 63 13.42 4.83 7.47
N LEU A 64 13.10 6.01 7.98
CA LEU A 64 11.89 6.19 8.78
C LEU A 64 10.67 5.62 8.06
N GLN A 65 10.68 5.69 6.73
CA GLN A 65 9.57 5.18 5.93
C GLN A 65 9.54 3.65 5.97
N ARG A 66 10.62 3.03 5.50
CA ARG A 66 10.71 1.58 5.48
C ARG A 66 10.57 1.00 6.89
N LYS A 67 10.80 1.84 7.89
CA LYS A 67 10.70 1.41 9.28
C LYS A 67 9.24 1.27 9.71
N ALA A 68 8.50 2.37 9.64
CA ALA A 68 7.08 2.37 10.01
C ALA A 68 6.25 1.63 8.97
N LEU A 69 6.72 1.62 7.73
CA LEU A 69 6.01 0.95 6.65
C LEU A 69 5.64 -0.48 7.04
N LEU A 70 6.65 -1.26 7.43
CA LEU A 70 6.42 -2.64 7.82
C LEU A 70 5.51 -2.72 9.05
N GLN A 71 5.79 -1.88 10.05
CA GLN A 71 4.99 -1.86 11.26
C GLN A 71 3.51 -2.02 10.94
N GLU A 72 3.05 -1.31 9.92
CA GLU A 72 1.65 -1.37 9.52
C GLU A 72 1.34 -2.70 8.82
N LEU A 73 2.16 -3.05 7.84
CA LEU A 73 1.99 -4.30 7.09
C LEU A 73 1.80 -5.47 8.05
N GLN A 74 2.70 -5.60 9.00
CA GLN A 74 2.64 -6.69 9.97
C GLN A 74 1.24 -6.79 10.57
N ARG A 75 0.61 -5.65 10.81
CA ARG A 75 -0.72 -5.61 11.39
C ARG A 75 -1.70 -6.40 10.52
N TRP A 76 -1.47 -6.39 9.21
CA TRP A 76 -2.33 -7.10 8.28
C TRP A 76 -1.89 -8.55 8.12
N ALA A 77 -0.74 -8.74 7.48
CA ALA A 77 -0.20 -10.08 7.26
C ALA A 77 0.49 -10.60 8.52
N GLY A 78 1.65 -10.03 8.85
CA GLY A 78 2.38 -10.45 10.02
C GLY A 78 3.88 -10.33 9.84
N PRO A 79 4.54 -11.45 9.51
CA PRO A 79 5.99 -11.48 9.30
C PRO A 79 6.42 -10.73 8.04
N LEU A 80 7.02 -9.56 8.22
CA LEU A 80 7.46 -8.75 7.09
C LEU A 80 8.96 -8.46 7.20
N PRO A 81 9.73 -8.89 6.19
CA PRO A 81 11.18 -8.69 6.15
C PRO A 81 11.55 -7.22 5.93
N ALA A 82 12.82 -6.91 6.13
CA ALA A 82 13.30 -5.54 5.96
C ALA A 82 14.02 -5.38 4.62
N THR A 83 15.20 -5.99 4.51
CA THR A 83 15.99 -5.91 3.29
C THR A 83 15.11 -6.11 2.05
N HIS A 84 14.31 -7.17 2.07
CA HIS A 84 13.42 -7.47 0.95
C HIS A 84 12.73 -6.21 0.45
N LEU A 85 12.30 -5.36 1.39
CA LEU A 85 11.62 -4.13 1.04
C LEU A 85 12.51 -3.23 0.19
N ARG A 86 11.96 -2.73 -0.92
CA ARG A 86 12.70 -1.87 -1.82
C ARG A 86 11.79 -0.84 -2.48
N HIS A 87 12.32 0.34 -2.75
CA HIS A 87 11.55 1.41 -3.39
C HIS A 87 11.60 1.28 -4.90
N LEU A 88 10.44 1.04 -5.51
CA LEU A 88 10.34 0.91 -6.96
C LEU A 88 9.46 1.99 -7.55
N GLY A 89 10.09 3.07 -8.01
CA GLY A 89 9.35 4.17 -8.60
C GLY A 89 8.38 4.81 -7.62
N GLU A 90 7.54 5.71 -8.12
CA GLU A 90 6.58 6.40 -7.28
C GLU A 90 5.28 6.67 -8.05
N VAL A 91 4.26 7.13 -7.33
CA VAL A 91 2.97 7.42 -7.94
C VAL A 91 2.36 8.68 -7.33
N VAL A 92 2.39 9.78 -8.09
CA VAL A 92 1.84 11.04 -7.63
C VAL A 92 0.73 11.53 -8.56
N HIS A 93 -0.51 11.48 -8.07
CA HIS A 93 -1.65 11.92 -8.86
C HIS A 93 -2.07 13.33 -8.48
N THR A 94 -2.06 14.23 -9.46
CA THR A 94 -2.44 15.62 -9.23
C THR A 94 -3.93 15.83 -9.44
N PHE A 95 -4.65 16.09 -8.36
CA PHE A 95 -6.09 16.32 -8.43
C PHE A 95 -6.40 17.77 -8.77
N SER A 96 -7.69 18.11 -8.82
CA SER A 96 -8.12 19.46 -9.13
C SER A 96 -7.35 20.48 -8.29
N HIS A 97 -7.69 20.54 -7.00
CA HIS A 97 -7.03 21.47 -6.10
C HIS A 97 -6.28 20.72 -4.99
N ILE A 98 -6.02 19.44 -5.23
CA ILE A 98 -5.32 18.61 -4.25
C ILE A 98 -4.16 17.87 -4.91
N LYS A 99 -3.14 17.55 -4.12
CA LYS A 99 -1.97 16.83 -4.62
C LYS A 99 -1.60 15.69 -3.69
N LEU A 100 -1.66 14.47 -4.21
CA LEU A 100 -1.32 13.28 -3.42
C LEU A 100 0.03 12.72 -3.83
N THR A 101 0.76 12.19 -2.86
CA THR A 101 2.09 11.62 -3.12
C THR A 101 2.22 10.23 -2.48
N TYR A 102 2.15 9.21 -3.31
CA TYR A 102 2.26 7.83 -2.84
C TYR A 102 3.61 7.24 -3.23
N GLN A 103 4.29 6.64 -2.25
CA GLN A 103 5.59 6.03 -2.48
C GLN A 103 5.44 4.54 -2.77
N VAL A 104 5.73 4.16 -4.02
CA VAL A 104 5.63 2.77 -4.43
C VAL A 104 6.73 1.93 -3.79
N TYR A 105 6.32 0.88 -3.07
CA TYR A 105 7.28 0.00 -2.41
C TYR A 105 6.97 -1.46 -2.72
N GLY A 106 8.02 -2.25 -2.96
CA GLY A 106 7.84 -3.65 -3.27
C GLY A 106 8.32 -4.55 -2.15
N LEU A 107 7.50 -5.52 -1.78
CA LEU A 107 7.85 -6.46 -0.71
C LEU A 107 7.29 -7.85 -1.00
N ALA A 108 8.18 -8.77 -1.37
CA ALA A 108 7.77 -10.13 -1.67
C ALA A 108 8.65 -11.14 -0.94
N LEU A 109 8.05 -12.24 -0.50
CA LEU A 109 8.78 -13.28 0.22
C LEU A 109 9.45 -14.25 -0.76
N GLU A 110 10.77 -14.13 -0.90
CA GLU A 110 11.52 -15.00 -1.79
C GLU A 110 11.25 -16.47 -1.47
N GLY A 111 11.71 -16.90 -0.30
CA GLY A 111 11.53 -18.28 0.11
C GLY A 111 11.31 -18.42 1.60
N GLN A 112 10.15 -17.99 2.08
CA GLN A 112 9.83 -18.08 3.50
C GLN A 112 8.44 -18.66 3.71
N THR A 113 8.00 -18.71 4.97
CA THR A 113 6.69 -19.25 5.31
C THR A 113 5.60 -18.21 5.09
N PRO A 114 4.42 -18.67 4.61
CA PRO A 114 3.28 -17.80 4.36
C PRO A 114 2.66 -17.26 5.64
N VAL A 115 1.60 -16.47 5.49
CA VAL A 115 0.92 -15.88 6.64
C VAL A 115 -0.31 -16.70 7.03
N THR A 116 -0.96 -17.28 6.02
CA THR A 116 -2.15 -18.09 6.24
C THR A 116 -3.03 -17.48 7.33
N THR A 117 -3.11 -16.15 7.35
CA THR A 117 -3.92 -15.45 8.33
C THR A 117 -4.12 -13.99 7.94
N VAL A 118 -5.20 -13.39 8.42
CA VAL A 118 -5.50 -12.00 8.11
C VAL A 118 -6.61 -11.46 9.02
N PRO A 119 -6.43 -10.23 9.51
CA PRO A 119 -7.40 -9.59 10.39
C PRO A 119 -8.69 -9.21 9.67
N PRO A 120 -9.73 -8.87 10.43
CA PRO A 120 -11.03 -8.49 9.89
C PRO A 120 -10.99 -7.13 9.18
N GLY A 121 -10.91 -7.16 7.86
CA GLY A 121 -10.87 -5.93 7.09
C GLY A 121 -9.93 -6.03 5.90
N ALA A 122 -9.10 -7.07 5.87
CA ALA A 122 -8.16 -7.27 4.78
C ALA A 122 -8.49 -8.53 4.00
N ARG A 123 -8.07 -8.56 2.73
CA ARG A 123 -8.32 -9.71 1.88
C ARG A 123 -7.11 -10.03 1.02
N TRP A 124 -6.85 -11.32 0.82
CA TRP A 124 -5.71 -11.76 0.03
C TRP A 124 -6.16 -12.19 -1.37
N LEU A 125 -5.79 -11.39 -2.36
CA LEU A 125 -6.16 -11.69 -3.75
C LEU A 125 -4.92 -11.74 -4.63
N THR A 126 -5.10 -12.21 -5.86
CA THR A 126 -3.99 -12.31 -6.82
C THR A 126 -3.77 -10.98 -7.54
N GLN A 127 -2.75 -10.94 -8.38
CA GLN A 127 -2.43 -9.74 -9.13
C GLN A 127 -3.53 -9.40 -10.13
N GLU A 128 -4.20 -10.44 -10.62
CA GLU A 128 -5.28 -10.25 -11.59
C GLU A 128 -6.57 -9.83 -10.89
N GLU A 129 -6.92 -10.54 -9.82
CA GLU A 129 -8.13 -10.23 -9.07
C GLU A 129 -8.11 -8.79 -8.58
N PHE A 130 -6.92 -8.21 -8.52
CA PHE A 130 -6.77 -6.83 -8.05
C PHE A 130 -7.29 -5.85 -9.10
N HIS A 131 -6.65 -5.84 -10.27
CA HIS A 131 -7.06 -4.95 -11.34
C HIS A 131 -8.58 -4.80 -11.39
N THR A 132 -9.27 -5.93 -11.31
CA THR A 132 -10.73 -5.91 -11.35
C THR A 132 -11.31 -5.26 -10.10
N ALA A 133 -10.81 -5.65 -8.94
CA ALA A 133 -11.27 -5.10 -7.68
C ALA A 133 -11.39 -3.58 -7.75
N ALA A 134 -12.24 -3.02 -6.91
CA ALA A 134 -12.45 -1.57 -6.88
C ALA A 134 -11.25 -0.86 -6.26
N VAL A 135 -10.42 -0.26 -7.10
CA VAL A 135 -9.25 0.46 -6.63
C VAL A 135 -9.15 1.85 -7.27
N SER A 136 -8.60 2.79 -6.53
CA SER A 136 -8.45 4.16 -7.01
C SER A 136 -7.30 4.26 -8.01
N THR A 137 -7.39 5.22 -8.93
CA THR A 137 -6.36 5.43 -9.92
C THR A 137 -4.96 5.31 -9.31
N ALA A 138 -4.62 6.26 -8.46
CA ALA A 138 -3.32 6.26 -7.80
C ALA A 138 -2.88 4.85 -7.44
N MET A 139 -3.69 4.17 -6.64
CA MET A 139 -3.40 2.81 -6.22
C MET A 139 -3.14 1.92 -7.42
N LYS A 140 -4.12 1.86 -8.33
CA LYS A 140 -4.00 1.04 -9.53
C LYS A 140 -2.67 1.28 -10.23
N LYS A 141 -2.14 2.49 -10.10
CA LYS A 141 -0.87 2.85 -10.71
C LYS A 141 0.30 2.28 -9.91
N VAL A 142 0.09 2.11 -8.60
CA VAL A 142 1.12 1.57 -7.73
C VAL A 142 1.45 0.13 -8.10
N PHE A 143 0.57 -0.50 -8.86
CA PHE A 143 0.77 -1.88 -9.28
C PHE A 143 1.67 -1.96 -10.51
N ARG A 144 1.30 -1.22 -11.55
CA ARG A 144 2.07 -1.20 -12.79
C ARG A 144 3.49 -0.71 -12.54
N VAL A 145 3.68 -0.01 -11.42
CA VAL A 145 4.98 0.52 -11.07
C VAL A 145 5.82 -0.52 -10.32
N TYR A 146 5.14 -1.43 -9.64
CA TYR A 146 5.81 -2.48 -8.88
C TYR A 146 6.34 -3.57 -9.81
N GLN A 147 5.59 -3.86 -10.87
CA GLN A 147 5.98 -4.88 -11.83
C GLN A 147 7.33 -4.54 -12.46
N GLY A 148 7.61 -3.25 -12.60
CA GLY A 148 8.87 -2.82 -13.18
C GLY A 148 10.04 -3.65 -12.71
N GLN A 149 10.01 -4.05 -11.44
CA GLN A 149 11.08 -4.86 -10.87
C GLN A 149 10.52 -5.87 -9.87
N SER A 150 10.57 -7.15 -10.24
CA SER A 150 10.07 -8.21 -9.38
C SER A 150 11.10 -8.59 -8.32
N GLY A 151 12.25 -9.07 -8.77
CA GLY A 151 13.30 -9.45 -7.85
C GLY A 151 14.46 -10.15 -8.54
N PRO A 152 14.39 -11.49 -8.60
CA PRO A 152 15.44 -12.31 -9.24
C PRO A 152 15.45 -12.13 -10.76
N SER A 153 14.29 -11.84 -11.33
CA SER A 153 14.17 -11.67 -12.77
C SER A 153 13.19 -10.54 -13.10
N SER A 154 13.43 -9.86 -14.21
CA SER A 154 12.57 -8.76 -14.63
C SER A 154 11.79 -9.13 -15.90
N GLY A 155 12.52 -9.40 -16.97
CA GLY A 155 11.89 -9.77 -18.23
C GLY A 155 12.77 -9.50 -19.43
N GLY A 1 11.03 8.54 19.62
CA GLY A 1 11.16 9.84 20.25
C GLY A 1 9.96 10.74 19.94
N SER A 2 9.78 11.78 20.75
CA SER A 2 8.67 12.70 20.56
C SER A 2 8.62 13.20 19.12
N SER A 3 7.77 12.55 18.31
CA SER A 3 7.63 12.93 16.92
C SER A 3 6.36 13.75 16.70
N GLY A 4 6.42 14.70 15.77
CA GLY A 4 5.27 15.54 15.48
C GLY A 4 4.88 15.50 14.02
N SER A 5 3.58 15.44 13.76
CA SER A 5 3.07 15.40 12.40
C SER A 5 2.00 16.46 12.18
N SER A 6 1.01 16.49 13.07
CA SER A 6 -0.07 17.45 12.98
C SER A 6 -0.54 17.61 11.54
N GLY A 7 -0.57 16.49 10.81
CA GLY A 7 -0.99 16.52 9.42
C GLY A 7 -2.49 16.33 9.27
N PRO A 8 -2.92 15.87 8.09
CA PRO A 8 -4.34 15.64 7.79
C PRO A 8 -4.90 14.46 8.57
N ARG A 9 -6.23 14.44 8.74
CA ARG A 9 -6.89 13.37 9.46
C ARG A 9 -8.40 13.39 9.21
N LYS A 10 -9.12 12.51 9.88
CA LYS A 10 -10.57 12.42 9.73
C LYS A 10 -11.19 13.82 9.68
N ALA A 11 -11.11 14.53 10.81
CA ALA A 11 -11.67 15.88 10.89
C ALA A 11 -11.12 16.76 9.77
N SER A 12 -11.63 17.99 9.69
CA SER A 12 -11.20 18.94 8.67
C SER A 12 -10.20 19.95 9.25
N ARG A 13 -9.19 19.43 9.95
CA ARG A 13 -8.18 20.29 10.55
C ARG A 13 -7.26 20.88 9.48
N LYS A 14 -6.48 20.01 8.85
CA LYS A 14 -5.54 20.45 7.81
C LYS A 14 -6.12 20.17 6.43
N PRO A 15 -5.70 20.98 5.44
CA PRO A 15 -6.16 20.83 4.05
C PRO A 15 -5.61 19.58 3.39
N PRO A 16 -6.40 18.98 2.49
CA PRO A 16 -6.01 17.77 1.76
C PRO A 16 -4.90 18.03 0.75
N ARG A 17 -4.83 19.27 0.27
CA ARG A 17 -3.81 19.65 -0.71
C ARG A 17 -2.51 18.92 -0.44
N GLU A 18 -2.04 18.98 0.80
CA GLU A 18 -0.79 18.32 1.19
C GLU A 18 -1.07 16.96 1.82
N GLU A 19 -0.90 15.91 1.02
CA GLU A 19 -1.13 14.54 1.50
C GLU A 19 -0.07 13.59 0.95
N SER A 20 0.76 13.05 1.83
CA SER A 20 1.82 12.13 1.44
C SER A 20 1.70 10.81 2.20
N SER A 21 1.92 9.71 1.49
CA SER A 21 1.84 8.39 2.10
C SER A 21 2.70 7.39 1.33
N ALA A 22 3.16 6.36 2.04
CA ALA A 22 4.00 5.33 1.43
C ALA A 22 3.30 3.97 1.46
N THR A 23 2.93 3.48 0.28
CA THR A 23 2.26 2.19 0.17
C THR A 23 3.22 1.11 -0.34
N CYS A 24 2.99 -0.13 0.09
CA CYS A 24 3.82 -1.24 -0.32
C CYS A 24 2.98 -2.39 -0.86
N VAL A 25 3.59 -3.27 -1.64
CA VAL A 25 2.90 -4.40 -2.22
C VAL A 25 3.37 -5.72 -1.59
N LEU A 26 2.56 -6.24 -0.67
CA LEU A 26 2.89 -7.49 0.01
C LEU A 26 2.39 -8.69 -0.78
N GLU A 27 3.32 -9.56 -1.18
CA GLU A 27 2.96 -10.75 -1.94
C GLU A 27 3.57 -12.00 -1.31
N GLN A 28 2.77 -13.07 -1.26
CA GLN A 28 3.22 -14.33 -0.68
C GLN A 28 3.18 -15.45 -1.70
N PRO A 29 4.15 -16.36 -1.63
CA PRO A 29 4.25 -17.50 -2.54
C PRO A 29 3.14 -18.53 -2.31
N GLY A 30 2.32 -18.75 -3.32
CA GLY A 30 1.23 -19.69 -3.21
C GLY A 30 1.37 -20.86 -4.17
N ALA A 31 0.47 -21.82 -4.08
CA ALA A 31 0.49 -22.98 -4.95
C ALA A 31 0.36 -22.58 -6.41
N LEU A 32 -0.77 -21.97 -6.75
CA LEU A 32 -1.02 -21.53 -8.12
C LEU A 32 0.14 -20.68 -8.64
N GLY A 33 0.62 -19.77 -7.80
CA GLY A 33 1.72 -18.91 -8.19
C GLY A 33 2.08 -17.91 -7.11
N ALA A 34 1.26 -16.88 -6.96
CA ALA A 34 1.51 -15.85 -5.95
C ALA A 34 0.32 -14.90 -5.83
N GLN A 35 0.09 -14.40 -4.62
CA GLN A 35 -1.02 -13.48 -4.37
C GLN A 35 -0.57 -12.30 -3.52
N ILE A 36 -1.22 -11.16 -3.70
CA ILE A 36 -0.89 -9.96 -2.95
C ILE A 36 -1.94 -9.68 -1.87
N LEU A 37 -1.69 -8.65 -1.07
CA LEU A 37 -2.62 -8.28 -0.01
C LEU A 37 -3.36 -6.98 -0.34
N LEU A 38 -4.61 -6.89 0.09
CA LEU A 38 -5.41 -5.71 -0.16
C LEU A 38 -6.31 -5.40 1.04
N VAL A 39 -6.22 -4.16 1.53
CA VAL A 39 -7.03 -3.74 2.67
C VAL A 39 -8.09 -2.72 2.24
N GLN A 40 -9.28 -2.86 2.82
CA GLN A 40 -10.39 -1.96 2.49
C GLN A 40 -10.43 -0.79 3.47
N ARG A 41 -11.12 0.28 3.07
CA ARG A 41 -11.23 1.47 3.91
C ARG A 41 -12.59 1.52 4.60
N PRO A 42 -12.67 2.23 5.74
CA PRO A 42 -13.90 2.37 6.51
C PRO A 42 -14.93 3.23 5.80
N ASN A 43 -16.17 2.74 5.75
CA ASN A 43 -17.25 3.47 5.10
C ASN A 43 -17.15 4.96 5.37
N SER A 44 -16.78 5.73 4.36
CA SER A 44 -16.64 7.17 4.50
C SER A 44 -16.75 7.86 3.13
N GLY A 45 -16.83 9.19 3.16
CA GLY A 45 -16.94 9.94 1.92
C GLY A 45 -15.60 10.17 1.26
N LEU A 46 -15.57 11.10 0.30
CA LEU A 46 -14.33 11.41 -0.42
C LEU A 46 -13.83 10.19 -1.18
N LEU A 47 -14.75 9.35 -1.64
CA LEU A 47 -14.40 8.16 -2.39
C LEU A 47 -13.77 7.11 -1.47
N ALA A 48 -14.48 6.76 -0.40
CA ALA A 48 -14.00 5.77 0.55
C ALA A 48 -14.73 4.44 0.37
N GLY A 49 -14.35 3.45 1.18
CA GLY A 49 -14.98 2.14 1.09
C GLY A 49 -14.47 1.32 -0.07
N LEU A 50 -13.29 1.67 -0.57
CA LEU A 50 -12.70 0.96 -1.71
C LEU A 50 -11.53 0.10 -1.25
N TRP A 51 -11.22 -0.93 -2.03
CA TRP A 51 -10.12 -1.83 -1.71
C TRP A 51 -8.81 -1.34 -2.34
N GLU A 52 -7.75 -1.35 -1.55
CA GLU A 52 -6.45 -0.91 -2.02
C GLU A 52 -5.33 -1.44 -1.13
N PHE A 53 -4.08 -1.29 -1.59
CA PHE A 53 -2.93 -1.76 -0.83
C PHE A 53 -2.72 -0.93 0.43
N PRO A 54 -2.24 -1.57 1.49
CA PRO A 54 -1.98 -0.91 2.77
C PRO A 54 -0.81 0.06 2.70
N SER A 55 -0.94 1.19 3.40
CA SER A 55 0.11 2.19 3.41
C SER A 55 0.17 2.91 4.77
N VAL A 56 1.26 3.63 5.00
CA VAL A 56 1.45 4.35 6.25
C VAL A 56 1.80 5.82 5.99
N THR A 57 1.82 6.61 7.06
CA THR A 57 2.14 8.02 6.96
C THR A 57 3.47 8.23 6.24
N TRP A 58 3.66 9.43 5.69
CA TRP A 58 4.89 9.75 4.99
C TRP A 58 6.02 10.06 5.96
N GLU A 59 7.24 9.69 5.57
CA GLU A 59 8.42 9.92 6.42
C GLU A 59 9.45 10.76 5.69
N PRO A 60 10.02 11.74 6.39
CA PRO A 60 11.04 12.65 5.84
C PRO A 60 12.36 11.93 5.58
N SER A 61 12.57 10.81 6.26
CA SER A 61 13.80 10.03 6.11
C SER A 61 13.57 8.85 5.18
N GLU A 62 14.67 8.24 4.73
CA GLU A 62 14.60 7.09 3.83
C GLU A 62 14.50 5.79 4.61
N GLN A 63 14.90 5.84 5.88
CA GLN A 63 14.85 4.66 6.74
C GLN A 63 13.53 4.59 7.50
N LEU A 64 13.09 5.73 8.01
CA LEU A 64 11.84 5.81 8.75
C LEU A 64 10.65 5.39 7.88
N GLN A 65 10.73 5.74 6.60
CA GLN A 65 9.67 5.40 5.65
C GLN A 65 9.40 3.90 5.65
N ARG A 66 10.46 3.11 5.54
CA ARG A 66 10.34 1.66 5.52
C ARG A 66 10.03 1.12 6.92
N LYS A 67 10.74 1.65 7.92
CA LYS A 67 10.54 1.22 9.30
C LYS A 67 9.06 1.30 9.69
N ALA A 68 8.40 2.39 9.29
CA ALA A 68 6.99 2.57 9.59
C ALA A 68 6.11 1.82 8.59
N LEU A 69 6.49 1.86 7.33
CA LEU A 69 5.75 1.17 6.28
C LEU A 69 5.47 -0.27 6.66
N LEU A 70 6.47 -0.94 7.21
CA LEU A 70 6.35 -2.33 7.63
C LEU A 70 5.46 -2.45 8.87
N GLN A 71 5.77 -1.66 9.89
CA GLN A 71 5.01 -1.68 11.13
C GLN A 71 3.53 -1.91 10.85
N GLU A 72 3.07 -1.45 9.69
CA GLU A 72 1.67 -1.61 9.31
C GLU A 72 1.43 -2.99 8.70
N LEU A 73 2.20 -3.31 7.66
CA LEU A 73 2.07 -4.59 6.99
C LEU A 73 1.91 -5.73 7.99
N GLN A 74 2.80 -5.78 8.98
CA GLN A 74 2.76 -6.81 10.00
C GLN A 74 1.37 -6.89 10.63
N ARG A 75 0.81 -5.73 10.98
CA ARG A 75 -0.51 -5.67 11.59
C ARG A 75 -1.50 -6.52 10.81
N TRP A 76 -1.28 -6.64 9.50
CA TRP A 76 -2.16 -7.44 8.65
C TRP A 76 -1.68 -8.89 8.57
N ALA A 77 -0.61 -9.11 7.82
CA ALA A 77 -0.06 -10.46 7.66
C ALA A 77 0.66 -10.90 8.94
N GLY A 78 1.83 -10.32 9.18
CA GLY A 78 2.60 -10.67 10.36
C GLY A 78 4.09 -10.45 10.16
N PRO A 79 4.83 -11.55 9.95
CA PRO A 79 6.28 -11.50 9.74
C PRO A 79 6.65 -10.87 8.41
N LEU A 80 7.35 -9.74 8.47
CA LEU A 80 7.77 -9.03 7.27
C LEU A 80 9.26 -8.70 7.32
N PRO A 81 9.97 -8.98 6.21
CA PRO A 81 11.40 -8.72 6.11
C PRO A 81 11.73 -7.22 6.06
N ALA A 82 12.99 -6.90 5.85
CA ALA A 82 13.43 -5.51 5.78
C ALA A 82 14.27 -5.26 4.53
N THR A 83 15.30 -6.07 4.35
CA THR A 83 16.19 -5.93 3.19
C THR A 83 15.42 -6.14 1.90
N HIS A 84 14.47 -7.07 1.90
CA HIS A 84 13.67 -7.36 0.73
C HIS A 84 12.98 -6.10 0.21
N LEU A 85 12.33 -5.38 1.12
CA LEU A 85 11.64 -4.15 0.76
C LEU A 85 12.53 -3.24 -0.07
N ARG A 86 12.06 -2.89 -1.27
CA ARG A 86 12.83 -2.03 -2.16
C ARG A 86 11.93 -0.95 -2.77
N HIS A 87 12.53 0.17 -3.16
CA HIS A 87 11.78 1.28 -3.74
C HIS A 87 11.72 1.15 -5.27
N LEU A 88 10.51 1.09 -5.79
CA LEU A 88 10.30 0.97 -7.23
C LEU A 88 9.47 2.12 -7.77
N GLY A 89 10.14 3.19 -8.19
CA GLY A 89 9.46 4.35 -8.72
C GLY A 89 8.49 4.95 -7.73
N GLU A 90 7.63 5.85 -8.21
CA GLU A 90 6.66 6.51 -7.35
C GLU A 90 5.38 6.83 -8.11
N VAL A 91 4.34 7.23 -7.39
CA VAL A 91 3.06 7.57 -8.00
C VAL A 91 2.47 8.82 -7.36
N VAL A 92 2.51 9.93 -8.10
CA VAL A 92 1.97 11.19 -7.61
C VAL A 92 0.80 11.65 -8.47
N HIS A 93 -0.40 11.61 -7.88
CA HIS A 93 -1.61 12.02 -8.59
C HIS A 93 -1.98 13.46 -8.22
N THR A 94 -1.77 14.38 -9.15
CA THR A 94 -2.08 15.79 -8.92
C THR A 94 -3.56 16.06 -9.19
N PHE A 95 -4.27 16.43 -8.13
CA PHE A 95 -5.70 16.73 -8.26
C PHE A 95 -5.93 18.19 -8.65
N SER A 96 -7.15 18.51 -9.03
CA SER A 96 -7.50 19.87 -9.44
C SER A 96 -6.80 20.90 -8.54
N HIS A 97 -7.21 20.92 -7.27
CA HIS A 97 -6.63 21.85 -6.31
C HIS A 97 -5.88 21.11 -5.22
N ILE A 98 -5.80 19.79 -5.35
CA ILE A 98 -5.10 18.96 -4.37
C ILE A 98 -3.98 18.16 -5.03
N LYS A 99 -3.04 17.70 -4.22
CA LYS A 99 -1.91 16.92 -4.71
C LYS A 99 -1.60 15.76 -3.77
N LEU A 100 -1.51 14.56 -4.33
CA LEU A 100 -1.20 13.37 -3.54
C LEU A 100 0.15 12.80 -3.92
N THR A 101 0.86 12.26 -2.93
CA THR A 101 2.18 11.67 -3.16
C THR A 101 2.26 10.27 -2.59
N TYR A 102 2.25 9.27 -3.47
CA TYR A 102 2.32 7.87 -3.05
C TYR A 102 3.67 7.26 -3.42
N GLN A 103 4.31 6.62 -2.46
CA GLN A 103 5.61 5.98 -2.69
C GLN A 103 5.44 4.50 -3.02
N VAL A 104 5.73 4.14 -4.26
CA VAL A 104 5.61 2.74 -4.69
C VAL A 104 6.69 1.88 -4.05
N TYR A 105 6.26 0.81 -3.39
CA TYR A 105 7.19 -0.10 -2.73
C TYR A 105 6.76 -1.55 -2.94
N GLY A 106 7.73 -2.41 -3.25
CA GLY A 106 7.43 -3.82 -3.45
C GLY A 106 8.03 -4.70 -2.38
N LEU A 107 7.24 -5.66 -1.91
CA LEU A 107 7.70 -6.59 -0.88
C LEU A 107 7.06 -7.96 -1.04
N ALA A 108 7.89 -8.95 -1.36
CA ALA A 108 7.40 -10.32 -1.54
C ALA A 108 8.24 -11.31 -0.75
N LEU A 109 7.59 -12.34 -0.22
CA LEU A 109 8.28 -13.36 0.55
C LEU A 109 8.88 -14.43 -0.35
N GLU A 110 10.21 -14.44 -0.43
CA GLU A 110 10.91 -15.41 -1.27
C GLU A 110 10.93 -16.79 -0.60
N GLY A 111 11.48 -16.84 0.62
CA GLY A 111 11.55 -18.09 1.34
C GLY A 111 11.05 -17.96 2.76
N GLN A 112 10.82 -16.74 3.21
CA GLN A 112 10.33 -16.48 4.55
C GLN A 112 9.10 -17.34 4.85
N THR A 113 8.63 -17.28 6.10
CA THR A 113 7.47 -18.05 6.52
C THR A 113 6.17 -17.38 6.05
N PRO A 114 5.19 -18.21 5.66
CA PRO A 114 3.89 -17.73 5.18
C PRO A 114 3.07 -17.12 6.30
N VAL A 115 1.91 -16.56 5.95
CA VAL A 115 1.02 -15.94 6.92
C VAL A 115 -0.21 -16.81 7.17
N THR A 116 -0.78 -17.34 6.09
CA THR A 116 -1.97 -18.18 6.20
C THR A 116 -2.88 -17.71 7.31
N THR A 117 -2.94 -16.39 7.51
CA THR A 117 -3.79 -15.81 8.54
C THR A 117 -3.95 -14.31 8.34
N VAL A 118 -5.19 -13.87 8.16
CA VAL A 118 -5.48 -12.46 7.96
C VAL A 118 -6.60 -11.98 8.88
N PRO A 119 -6.42 -10.79 9.46
CA PRO A 119 -7.40 -10.20 10.37
C PRO A 119 -8.68 -9.77 9.66
N PRO A 120 -9.74 -9.52 10.43
CA PRO A 120 -11.04 -9.10 9.89
C PRO A 120 -10.99 -7.68 9.33
N GLY A 121 -10.93 -7.57 8.02
CA GLY A 121 -10.89 -6.26 7.38
C GLY A 121 -9.97 -6.24 6.17
N ALA A 122 -9.11 -7.24 6.06
CA ALA A 122 -8.17 -7.33 4.95
C ALA A 122 -8.59 -8.42 3.97
N ARG A 123 -8.01 -8.40 2.77
CA ARG A 123 -8.32 -9.39 1.75
C ARG A 123 -7.06 -9.81 1.00
N TRP A 124 -6.97 -11.10 0.69
CA TRP A 124 -5.82 -11.63 -0.02
C TRP A 124 -6.22 -12.13 -1.41
N LEU A 125 -5.85 -11.37 -2.44
CA LEU A 125 -6.17 -11.74 -3.82
C LEU A 125 -4.92 -11.75 -4.68
N THR A 126 -5.05 -12.26 -5.90
CA THR A 126 -3.93 -12.33 -6.83
C THR A 126 -3.78 -11.03 -7.61
N GLN A 127 -2.58 -10.77 -8.10
CA GLN A 127 -2.31 -9.56 -8.86
C GLN A 127 -3.42 -9.29 -9.87
N GLU A 128 -3.72 -10.29 -10.70
CA GLU A 128 -4.76 -10.17 -11.71
C GLU A 128 -6.08 -9.72 -11.08
N GLU A 129 -6.45 -10.37 -9.98
CA GLU A 129 -7.68 -10.04 -9.28
C GLU A 129 -7.72 -8.57 -8.89
N PHE A 130 -6.67 -8.11 -8.21
CA PHE A 130 -6.58 -6.72 -7.79
C PHE A 130 -7.13 -5.78 -8.86
N HIS A 131 -6.56 -5.86 -10.06
CA HIS A 131 -6.99 -5.02 -11.17
C HIS A 131 -8.51 -4.89 -11.19
N THR A 132 -9.19 -6.03 -11.36
CA THR A 132 -10.65 -6.05 -11.40
C THR A 132 -11.25 -5.47 -10.12
N ALA A 133 -10.50 -5.57 -9.03
CA ALA A 133 -10.95 -5.05 -7.75
C ALA A 133 -11.12 -3.54 -7.80
N ALA A 134 -12.13 -3.05 -7.07
CA ALA A 134 -12.40 -1.61 -7.03
C ALA A 134 -11.27 -0.86 -6.36
N VAL A 135 -10.39 -0.27 -7.17
CA VAL A 135 -9.26 0.49 -6.66
C VAL A 135 -9.13 1.84 -7.35
N SER A 136 -8.72 2.85 -6.60
CA SER A 136 -8.56 4.20 -7.14
C SER A 136 -7.35 4.27 -8.07
N THR A 137 -7.40 5.21 -9.01
CA THR A 137 -6.30 5.39 -9.96
C THR A 137 -4.95 5.35 -9.26
N ALA A 138 -4.73 6.27 -8.34
CA ALA A 138 -3.49 6.34 -7.59
C ALA A 138 -2.96 4.95 -7.27
N MET A 139 -3.78 4.16 -6.57
CA MET A 139 -3.40 2.81 -6.20
C MET A 139 -3.14 1.95 -7.43
N LYS A 140 -4.10 1.95 -8.35
CA LYS A 140 -3.98 1.18 -9.59
C LYS A 140 -2.71 1.55 -10.34
N LYS A 141 -2.13 2.69 -9.99
CA LYS A 141 -0.91 3.16 -10.63
C LYS A 141 0.32 2.65 -9.88
N VAL A 142 0.16 2.39 -8.58
CA VAL A 142 1.25 1.89 -7.76
C VAL A 142 1.63 0.47 -8.13
N PHE A 143 0.64 -0.28 -8.63
CA PHE A 143 0.87 -1.67 -9.02
C PHE A 143 1.67 -1.75 -10.32
N ARG A 144 1.18 -1.08 -11.35
CA ARG A 144 1.84 -1.07 -12.64
C ARG A 144 3.28 -0.60 -12.52
N VAL A 145 3.56 0.14 -11.44
CA VAL A 145 4.90 0.65 -11.19
C VAL A 145 5.74 -0.35 -10.40
N TYR A 146 5.08 -1.22 -9.65
CA TYR A 146 5.75 -2.23 -8.85
C TYR A 146 6.17 -3.41 -9.72
N GLN A 147 5.36 -3.71 -10.73
CA GLN A 147 5.65 -4.83 -11.62
C GLN A 147 6.87 -4.53 -12.49
N GLY A 148 6.79 -3.43 -13.25
CA GLY A 148 7.90 -3.05 -14.11
C GLY A 148 8.82 -2.04 -13.46
N GLN A 149 9.88 -2.53 -12.82
CA GLN A 149 10.83 -1.67 -12.15
C GLN A 149 11.98 -1.29 -13.09
N SER A 150 12.16 0.00 -13.30
CA SER A 150 13.23 0.49 -14.18
C SER A 150 14.61 0.12 -13.63
N GLY A 151 15.64 0.35 -14.43
CA GLY A 151 16.99 0.04 -14.00
C GLY A 151 17.59 -1.12 -14.79
N PRO A 152 17.50 -2.33 -14.23
CA PRO A 152 18.04 -3.54 -14.86
C PRO A 152 17.25 -3.94 -16.11
N SER A 153 17.75 -4.94 -16.82
CA SER A 153 17.09 -5.41 -18.03
C SER A 153 16.23 -6.63 -17.73
N SER A 154 14.92 -6.45 -17.76
CA SER A 154 13.98 -7.54 -17.49
C SER A 154 14.33 -8.77 -18.32
N GLY A 155 14.26 -9.94 -17.68
CA GLY A 155 14.57 -11.18 -18.38
C GLY A 155 16.02 -11.58 -18.23
N GLY A 1 -21.03 25.96 15.25
CA GLY A 1 -19.64 25.56 15.37
C GLY A 1 -18.89 25.65 14.06
N SER A 2 -18.92 24.56 13.29
CA SER A 2 -18.23 24.53 12.00
C SER A 2 -19.10 23.86 10.94
N SER A 3 -19.30 24.57 9.83
CA SER A 3 -20.12 24.04 8.74
C SER A 3 -19.24 23.45 7.63
N GLY A 4 -18.91 22.18 7.78
CA GLY A 4 -18.08 21.52 6.78
C GLY A 4 -17.21 20.43 7.40
N SER A 5 -17.82 19.31 7.75
CA SER A 5 -17.10 18.20 8.36
C SER A 5 -16.43 17.34 7.28
N SER A 6 -15.23 17.75 6.87
CA SER A 6 -14.49 17.02 5.85
C SER A 6 -13.02 16.92 6.21
N GLY A 7 -12.40 15.79 5.87
CA GLY A 7 -11.00 15.57 6.18
C GLY A 7 -10.44 14.34 5.51
N PRO A 8 -9.11 14.30 5.35
CA PRO A 8 -8.42 13.18 4.71
C PRO A 8 -8.44 11.92 5.58
N ARG A 9 -8.09 12.07 6.84
CA ARG A 9 -8.09 10.94 7.77
C ARG A 9 -8.07 11.43 9.23
N LYS A 10 -8.22 10.50 10.16
CA LYS A 10 -8.22 10.83 11.58
C LYS A 10 -6.86 11.39 12.00
N ALA A 11 -6.71 12.71 11.90
CA ALA A 11 -5.47 13.37 12.27
C ALA A 11 -5.68 14.87 12.46
N SER A 12 -4.76 15.50 13.18
CA SER A 12 -4.85 16.94 13.44
C SER A 12 -5.42 17.67 12.22
N ARG A 13 -6.44 18.48 12.45
CA ARG A 13 -7.08 19.24 11.38
C ARG A 13 -6.03 19.76 10.39
N LYS A 14 -5.94 19.10 9.24
CA LYS A 14 -4.99 19.50 8.21
C LYS A 14 -5.65 19.54 6.84
N PRO A 15 -5.12 20.40 5.96
CA PRO A 15 -5.65 20.56 4.59
C PRO A 15 -5.37 19.33 3.73
N PRO A 16 -6.25 19.08 2.75
CA PRO A 16 -6.11 17.95 1.83
C PRO A 16 -4.95 18.13 0.86
N ARG A 17 -4.78 19.35 0.35
CA ARG A 17 -3.71 19.65 -0.58
C ARG A 17 -2.41 18.94 -0.17
N GLU A 18 -2.03 19.13 1.09
CA GLU A 18 -0.82 18.51 1.61
C GLU A 18 -1.11 17.15 2.23
N GLU A 19 -0.84 16.09 1.47
CA GLU A 19 -1.08 14.73 1.95
C GLU A 19 -0.07 13.75 1.36
N SER A 20 0.78 13.20 2.22
CA SER A 20 1.80 12.26 1.77
C SER A 20 1.63 10.91 2.47
N SER A 21 1.91 9.84 1.75
CA SER A 21 1.79 8.49 2.29
C SER A 21 2.67 7.50 1.52
N ALA A 22 3.11 6.45 2.21
CA ALA A 22 3.95 5.44 1.58
C ALA A 22 3.24 4.09 1.53
N THR A 23 2.96 3.63 0.32
CA THR A 23 2.28 2.35 0.13
C THR A 23 3.25 1.29 -0.40
N CYS A 24 3.05 0.05 0.02
CA CYS A 24 3.89 -1.06 -0.40
C CYS A 24 3.05 -2.22 -0.91
N VAL A 25 3.66 -3.08 -1.71
CA VAL A 25 2.98 -4.24 -2.27
C VAL A 25 3.47 -5.53 -1.62
N LEU A 26 2.56 -6.23 -0.94
CA LEU A 26 2.90 -7.48 -0.28
C LEU A 26 2.45 -8.67 -1.10
N GLU A 27 3.37 -9.58 -1.38
CA GLU A 27 3.06 -10.78 -2.16
C GLU A 27 3.61 -12.03 -1.48
N GLN A 28 3.04 -13.18 -1.84
CA GLN A 28 3.48 -14.45 -1.27
C GLN A 28 3.24 -15.60 -2.25
N PRO A 29 4.10 -16.63 -2.16
CA PRO A 29 4.00 -17.81 -3.03
C PRO A 29 2.78 -18.66 -2.72
N GLY A 30 1.97 -18.92 -3.75
CA GLY A 30 0.78 -19.73 -3.56
C GLY A 30 0.78 -20.98 -4.42
N ALA A 31 -0.30 -21.75 -4.34
CA ALA A 31 -0.41 -22.98 -5.13
C ALA A 31 -0.29 -22.70 -6.61
N LEU A 32 -1.21 -21.89 -7.15
CA LEU A 32 -1.20 -21.55 -8.56
C LEU A 32 0.06 -20.78 -8.93
N GLY A 33 0.48 -19.88 -8.05
CA GLY A 33 1.67 -19.10 -8.31
C GLY A 33 2.01 -18.16 -7.16
N ALA A 34 1.34 -17.02 -7.11
CA ALA A 34 1.58 -16.04 -6.06
C ALA A 34 0.49 -14.97 -6.06
N GLN A 35 0.08 -14.55 -4.86
CA GLN A 35 -0.96 -13.54 -4.72
C GLN A 35 -0.49 -12.40 -3.82
N ILE A 36 -1.19 -11.28 -3.89
CA ILE A 36 -0.85 -10.12 -3.08
C ILE A 36 -1.92 -9.83 -2.03
N LEU A 37 -1.66 -8.86 -1.17
CA LEU A 37 -2.61 -8.48 -0.13
C LEU A 37 -3.29 -7.16 -0.46
N LEU A 38 -4.52 -7.00 0.00
CA LEU A 38 -5.28 -5.78 -0.24
C LEU A 38 -6.10 -5.39 0.98
N VAL A 39 -6.05 -4.11 1.34
CA VAL A 39 -6.79 -3.61 2.49
C VAL A 39 -7.85 -2.60 2.06
N GLN A 40 -9.02 -2.69 2.67
CA GLN A 40 -10.13 -1.79 2.36
C GLN A 40 -10.45 -0.88 3.55
N ARG A 41 -10.38 0.42 3.33
CA ARG A 41 -10.66 1.39 4.38
C ARG A 41 -12.10 1.28 4.85
N PRO A 42 -12.34 1.58 6.13
CA PRO A 42 -13.68 1.53 6.73
C PRO A 42 -14.60 2.61 6.20
N ASN A 43 -14.10 3.85 6.17
CA ASN A 43 -14.89 4.98 5.68
C ASN A 43 -14.02 6.22 5.53
N SER A 44 -13.72 6.58 4.29
CA SER A 44 -12.89 7.74 4.01
C SER A 44 -13.58 8.67 3.01
N GLY A 45 -14.11 9.78 3.51
CA GLY A 45 -14.78 10.73 2.65
C GLY A 45 -15.68 10.06 1.62
N LEU A 46 -15.93 10.75 0.52
CA LEU A 46 -16.78 10.20 -0.54
C LEU A 46 -16.42 8.75 -0.84
N LEU A 47 -15.20 8.53 -1.32
CA LEU A 47 -14.74 7.19 -1.64
C LEU A 47 -14.48 6.39 -0.37
N ALA A 48 -15.49 5.66 0.10
CA ALA A 48 -15.35 4.85 1.30
C ALA A 48 -15.61 3.38 1.01
N GLY A 49 -14.94 2.50 1.74
CA GLY A 49 -15.10 1.07 1.54
C GLY A 49 -14.47 0.59 0.25
N LEU A 50 -13.36 1.21 -0.13
CA LEU A 50 -12.66 0.84 -1.35
C LEU A 50 -11.41 0.00 -1.04
N TRP A 51 -11.15 -0.99 -1.88
CA TRP A 51 -9.98 -1.86 -1.69
C TRP A 51 -8.74 -1.24 -2.33
N GLU A 52 -7.65 -1.24 -1.58
CA GLU A 52 -6.39 -0.68 -2.07
C GLU A 52 -5.21 -1.16 -1.23
N PHE A 53 -4.02 -1.05 -1.77
CA PHE A 53 -2.80 -1.47 -1.07
C PHE A 53 -2.61 -0.67 0.21
N PRO A 54 -2.09 -1.33 1.25
CA PRO A 54 -1.85 -0.71 2.55
C PRO A 54 -0.70 0.29 2.51
N SER A 55 -0.84 1.39 3.26
CA SER A 55 0.18 2.42 3.30
C SER A 55 0.28 3.04 4.70
N VAL A 56 1.38 3.74 4.95
CA VAL A 56 1.60 4.39 6.24
C VAL A 56 1.85 5.88 6.08
N THR A 57 2.09 6.56 7.19
CA THR A 57 2.36 7.99 7.18
C THR A 57 3.70 8.29 6.55
N TRP A 58 3.70 9.17 5.55
CA TRP A 58 4.93 9.55 4.86
C TRP A 58 6.05 9.82 5.86
N GLU A 59 7.29 9.74 5.39
CA GLU A 59 8.45 9.97 6.24
C GLU A 59 9.53 10.75 5.49
N PRO A 60 10.12 11.73 6.16
CA PRO A 60 11.17 12.57 5.59
C PRO A 60 12.48 11.80 5.38
N SER A 61 12.65 10.72 6.13
CA SER A 61 13.85 9.90 6.03
C SER A 61 13.58 8.64 5.21
N GLU A 62 14.60 8.20 4.48
CA GLU A 62 14.48 7.00 3.64
C GLU A 62 14.34 5.74 4.50
N GLN A 63 14.74 5.86 5.77
CA GLN A 63 14.67 4.73 6.69
C GLN A 63 13.33 4.71 7.41
N LEU A 64 12.96 5.85 8.01
CA LEU A 64 11.70 5.95 8.73
C LEU A 64 10.55 5.40 7.91
N GLN A 65 10.57 5.68 6.61
CA GLN A 65 9.52 5.20 5.71
C GLN A 65 9.40 3.68 5.78
N ARG A 66 10.48 2.99 5.41
CA ARG A 66 10.48 1.53 5.42
C ARG A 66 10.20 1.00 6.82
N LYS A 67 10.77 1.66 7.83
CA LYS A 67 10.58 1.26 9.21
C LYS A 67 9.09 1.16 9.55
N ALA A 68 8.43 2.32 9.62
CA ALA A 68 7.00 2.36 9.94
C ALA A 68 6.18 1.63 8.88
N LEU A 69 6.60 1.77 7.62
CA LEU A 69 5.89 1.13 6.52
C LEU A 69 5.60 -0.33 6.84
N LEU A 70 6.58 -1.03 7.41
CA LEU A 70 6.42 -2.42 7.76
C LEU A 70 5.53 -2.58 9.00
N GLN A 71 5.78 -1.74 10.01
CA GLN A 71 5.01 -1.78 11.24
C GLN A 71 3.53 -1.99 10.94
N GLU A 72 3.02 -1.25 9.96
CA GLU A 72 1.61 -1.36 9.59
C GLU A 72 1.32 -2.70 8.92
N LEU A 73 2.10 -3.02 7.89
CA LEU A 73 1.93 -4.28 7.17
C LEU A 73 1.78 -5.45 8.14
N GLN A 74 2.67 -5.50 9.13
CA GLN A 74 2.62 -6.57 10.12
C GLN A 74 1.24 -6.67 10.77
N ARG A 75 0.65 -5.51 11.06
CA ARG A 75 -0.66 -5.47 11.67
C ARG A 75 -1.68 -6.30 10.89
N TRP A 76 -1.46 -6.39 9.57
CA TRP A 76 -2.34 -7.16 8.70
C TRP A 76 -1.85 -8.60 8.56
N ALA A 77 -0.76 -8.78 7.82
CA ALA A 77 -0.19 -10.10 7.61
C ALA A 77 0.54 -10.59 8.85
N GLY A 78 1.69 -9.97 9.14
CA GLY A 78 2.47 -10.37 10.30
C GLY A 78 3.96 -10.20 10.08
N PRO A 79 4.64 -11.31 9.75
CA PRO A 79 6.08 -11.31 9.51
C PRO A 79 6.45 -10.58 8.21
N LEU A 80 7.08 -9.41 8.36
CA LEU A 80 7.48 -8.62 7.20
C LEU A 80 8.99 -8.39 7.21
N PRO A 81 9.66 -8.82 6.13
CA PRO A 81 11.11 -8.67 5.98
C PRO A 81 11.52 -7.21 5.78
N ALA A 82 12.82 -6.96 5.84
CA ALA A 82 13.35 -5.61 5.65
C ALA A 82 14.21 -5.53 4.40
N THR A 83 15.02 -6.56 4.17
CA THR A 83 15.90 -6.59 3.01
C THR A 83 15.10 -6.80 1.72
N HIS A 84 14.02 -7.55 1.82
CA HIS A 84 13.16 -7.83 0.67
C HIS A 84 12.49 -6.55 0.17
N LEU A 85 12.24 -5.64 1.09
CA LEU A 85 11.60 -4.37 0.74
C LEU A 85 12.49 -3.54 -0.18
N ARG A 86 11.88 -2.69 -1.00
CA ARG A 86 12.61 -1.85 -1.93
C ARG A 86 11.69 -0.83 -2.58
N HIS A 87 12.22 0.36 -2.86
CA HIS A 87 11.44 1.42 -3.50
C HIS A 87 11.47 1.29 -5.02
N LEU A 88 10.30 1.12 -5.61
CA LEU A 88 10.20 0.99 -7.06
C LEU A 88 9.38 2.12 -7.66
N GLY A 89 10.04 3.21 -8.03
CA GLY A 89 9.36 4.35 -8.60
C GLY A 89 8.42 5.02 -7.62
N GLU A 90 7.52 5.86 -8.14
CA GLU A 90 6.56 6.56 -7.29
C GLU A 90 5.29 6.88 -8.07
N VAL A 91 4.27 7.36 -7.35
CA VAL A 91 3.00 7.70 -7.97
C VAL A 91 2.39 8.94 -7.32
N VAL A 92 2.41 10.05 -8.06
CA VAL A 92 1.87 11.31 -7.56
C VAL A 92 0.71 11.80 -8.43
N HIS A 93 -0.49 11.78 -7.87
CA HIS A 93 -1.69 12.21 -8.60
C HIS A 93 -2.14 13.58 -8.12
N THR A 94 -2.67 14.38 -9.04
CA THR A 94 -3.15 15.72 -8.71
C THR A 94 -4.66 15.82 -8.86
N PHE A 95 -5.36 15.99 -7.75
CA PHE A 95 -6.81 16.10 -7.76
C PHE A 95 -7.25 17.56 -7.67
N SER A 96 -8.55 17.77 -7.59
CA SER A 96 -9.10 19.12 -7.50
C SER A 96 -8.35 19.95 -6.47
N HIS A 97 -7.54 20.89 -6.95
CA HIS A 97 -6.76 21.75 -6.06
C HIS A 97 -6.10 20.94 -4.96
N ILE A 98 -5.75 19.69 -5.27
CA ILE A 98 -5.10 18.81 -4.31
C ILE A 98 -3.96 18.03 -4.95
N LYS A 99 -2.95 17.70 -4.15
CA LYS A 99 -1.80 16.95 -4.65
C LYS A 99 -1.41 15.85 -3.66
N LEU A 100 -1.48 14.61 -4.12
CA LEU A 100 -1.13 13.47 -3.28
C LEU A 100 0.24 12.91 -3.66
N THR A 101 0.90 12.26 -2.71
CA THR A 101 2.21 11.67 -2.96
C THR A 101 2.28 10.24 -2.43
N TYR A 102 2.16 9.28 -3.33
CA TYR A 102 2.21 7.87 -2.96
C TYR A 102 3.51 7.23 -3.41
N GLN A 103 4.28 6.72 -2.46
CA GLN A 103 5.56 6.07 -2.76
C GLN A 103 5.36 4.58 -3.04
N VAL A 104 5.74 4.16 -4.24
CA VAL A 104 5.61 2.76 -4.63
C VAL A 104 6.69 1.91 -3.98
N TYR A 105 6.27 0.85 -3.28
CA TYR A 105 7.20 -0.05 -2.61
C TYR A 105 6.86 -1.50 -2.89
N GLY A 106 7.90 -2.32 -3.09
CA GLY A 106 7.68 -3.72 -3.37
C GLY A 106 8.15 -4.62 -2.24
N LEU A 107 7.41 -5.69 -2.00
CA LEU A 107 7.75 -6.62 -0.93
C LEU A 107 7.14 -8.00 -1.19
N ALA A 108 7.99 -8.99 -1.44
CA ALA A 108 7.54 -10.35 -1.69
C ALA A 108 8.36 -11.36 -0.90
N LEU A 109 7.70 -12.45 -0.49
CA LEU A 109 8.37 -13.49 0.27
C LEU A 109 9.02 -14.53 -0.65
N GLU A 110 10.35 -14.51 -0.70
CA GLU A 110 11.09 -15.43 -1.54
C GLU A 110 10.55 -16.85 -1.39
N GLY A 111 10.11 -17.19 -0.18
CA GLY A 111 9.58 -18.51 0.08
C GLY A 111 10.11 -19.11 1.36
N GLN A 112 10.08 -18.32 2.44
CA GLN A 112 10.55 -18.79 3.73
C GLN A 112 9.42 -19.36 4.57
N THR A 113 8.38 -18.55 4.78
CA THR A 113 7.22 -18.98 5.56
C THR A 113 6.00 -18.12 5.25
N PRO A 114 4.83 -18.75 5.24
CA PRO A 114 3.56 -18.06 4.97
C PRO A 114 3.16 -17.12 6.09
N VAL A 115 1.96 -16.54 5.97
CA VAL A 115 1.46 -15.62 6.98
C VAL A 115 0.23 -16.20 7.69
N THR A 116 -0.60 -16.89 6.92
CA THR A 116 -1.81 -17.49 7.48
C THR A 116 -2.44 -16.60 8.54
N THR A 117 -2.34 -15.29 8.34
CA THR A 117 -2.90 -14.33 9.29
C THR A 117 -3.42 -13.09 8.58
N VAL A 118 -4.72 -12.84 8.71
CA VAL A 118 -5.35 -11.68 8.08
C VAL A 118 -6.67 -11.33 8.76
N PRO A 119 -6.79 -10.07 9.20
CA PRO A 119 -7.99 -9.58 9.87
C PRO A 119 -9.18 -9.46 8.93
N PRO A 120 -10.37 -9.23 9.50
CA PRO A 120 -11.60 -9.10 8.72
C PRO A 120 -11.63 -7.81 7.89
N GLY A 121 -10.56 -7.03 8.00
CA GLY A 121 -10.48 -5.77 7.25
C GLY A 121 -9.55 -5.87 6.06
N ALA A 122 -9.00 -7.05 5.84
CA ALA A 122 -8.08 -7.27 4.73
C ALA A 122 -8.45 -8.52 3.95
N ARG A 123 -7.98 -8.61 2.71
CA ARG A 123 -8.25 -9.76 1.86
C ARG A 123 -7.04 -10.12 1.00
N TRP A 124 -6.76 -11.40 0.88
CA TRP A 124 -5.63 -11.87 0.09
C TRP A 124 -6.08 -12.29 -1.31
N LEU A 125 -5.86 -11.41 -2.28
CA LEU A 125 -6.24 -11.70 -3.66
C LEU A 125 -5.01 -11.75 -4.57
N THR A 126 -5.20 -12.26 -5.79
CA THR A 126 -4.12 -12.36 -6.75
C THR A 126 -3.90 -11.05 -7.49
N GLN A 127 -2.87 -11.01 -8.33
CA GLN A 127 -2.56 -9.81 -9.09
C GLN A 127 -3.70 -9.46 -10.04
N GLU A 128 -4.23 -10.48 -10.73
CA GLU A 128 -5.33 -10.28 -11.67
C GLU A 128 -6.59 -9.82 -10.94
N GLU A 129 -6.86 -10.43 -9.79
CA GLU A 129 -8.03 -10.10 -9.00
C GLU A 129 -8.01 -8.63 -8.60
N PHE A 130 -6.81 -8.12 -8.32
CA PHE A 130 -6.65 -6.72 -7.92
C PHE A 130 -7.14 -5.78 -9.01
N HIS A 131 -6.68 -6.00 -10.23
CA HIS A 131 -7.06 -5.18 -11.37
C HIS A 131 -8.58 -5.09 -11.48
N THR A 132 -9.25 -6.24 -11.46
CA THR A 132 -10.70 -6.28 -11.56
C THR A 132 -11.36 -5.70 -10.31
N ALA A 133 -10.66 -5.82 -9.17
CA ALA A 133 -11.17 -5.30 -7.91
C ALA A 133 -11.47 -3.81 -8.01
N ALA A 134 -11.92 -3.23 -6.90
CA ALA A 134 -12.24 -1.80 -6.87
C ALA A 134 -11.11 -1.00 -6.23
N VAL A 135 -10.23 -0.48 -7.07
CA VAL A 135 -9.09 0.31 -6.59
C VAL A 135 -9.06 1.68 -7.25
N SER A 136 -8.63 2.69 -6.49
CA SER A 136 -8.54 4.05 -7.02
C SER A 136 -7.41 4.18 -8.02
N THR A 137 -7.64 5.00 -9.05
CA THR A 137 -6.64 5.22 -10.09
C THR A 137 -5.23 5.17 -9.51
N ALA A 138 -4.92 6.12 -8.64
CA ALA A 138 -3.59 6.18 -8.02
C ALA A 138 -3.12 4.79 -7.60
N MET A 139 -3.79 4.22 -6.60
CA MET A 139 -3.45 2.89 -6.11
C MET A 139 -3.07 1.96 -7.27
N LYS A 140 -3.98 1.83 -8.23
CA LYS A 140 -3.75 0.98 -9.39
C LYS A 140 -2.40 1.28 -10.03
N LYS A 141 -2.03 2.56 -10.05
CA LYS A 141 -0.76 2.97 -10.63
C LYS A 141 0.42 2.43 -9.82
N VAL A 142 0.23 2.33 -8.51
CA VAL A 142 1.27 1.82 -7.62
C VAL A 142 1.63 0.38 -7.96
N PHE A 143 0.70 -0.32 -8.61
CA PHE A 143 0.91 -1.71 -8.99
C PHE A 143 1.75 -1.80 -10.26
N ARG A 144 1.23 -1.24 -11.35
CA ARG A 144 1.94 -1.25 -12.63
C ARG A 144 3.39 -0.81 -12.45
N VAL A 145 3.61 0.13 -11.56
CA VAL A 145 4.94 0.65 -11.29
C VAL A 145 5.80 -0.39 -10.56
N TYR A 146 5.15 -1.20 -9.72
CA TYR A 146 5.84 -2.23 -8.96
C TYR A 146 6.41 -3.30 -9.89
N GLN A 147 5.59 -3.75 -10.83
CA GLN A 147 6.00 -4.77 -11.77
C GLN A 147 7.42 -4.51 -12.28
N GLY A 148 7.60 -3.39 -12.96
CA GLY A 148 8.91 -3.04 -13.49
C GLY A 148 9.77 -2.31 -12.48
N GLN A 149 10.64 -3.03 -11.80
CA GLN A 149 11.51 -2.45 -10.79
C GLN A 149 12.16 -1.17 -11.33
N SER A 150 12.65 -1.22 -12.56
CA SER A 150 13.30 -0.07 -13.18
C SER A 150 12.32 0.69 -14.07
N GLY A 151 12.43 2.01 -14.06
CA GLY A 151 11.55 2.83 -14.87
C GLY A 151 11.65 2.50 -16.35
N PRO A 152 12.83 2.70 -16.94
CA PRO A 152 13.07 2.42 -18.36
C PRO A 152 13.05 0.92 -18.66
N SER A 153 13.19 0.59 -19.94
CA SER A 153 13.18 -0.80 -20.37
C SER A 153 14.29 -1.07 -21.39
N SER A 154 15.15 -2.03 -21.08
CA SER A 154 16.26 -2.38 -21.96
C SER A 154 15.75 -2.82 -23.32
N GLY A 155 14.90 -3.85 -23.31
CA GLY A 155 14.35 -4.36 -24.55
C GLY A 155 13.12 -3.62 -25.00
N GLY A 1 -2.29 16.09 8.84
CA GLY A 1 -2.43 14.67 9.09
C GLY A 1 -1.88 14.25 10.43
N SER A 2 -2.05 12.98 10.78
CA SER A 2 -1.57 12.46 12.05
C SER A 2 -2.09 13.29 13.21
N SER A 3 -3.35 13.68 13.14
CA SER A 3 -3.97 14.48 14.19
C SER A 3 -4.80 13.61 15.12
N GLY A 4 -4.27 12.45 15.47
CA GLY A 4 -4.98 11.53 16.36
C GLY A 4 -5.57 10.36 15.62
N SER A 5 -4.81 9.80 14.68
CA SER A 5 -5.28 8.67 13.90
C SER A 5 -6.59 8.98 13.20
N SER A 6 -6.68 10.17 12.61
CA SER A 6 -7.89 10.59 11.92
C SER A 6 -7.65 10.69 10.42
N GLY A 7 -6.49 11.20 10.03
CA GLY A 7 -6.16 11.34 8.62
C GLY A 7 -6.80 12.55 8.00
N PRO A 8 -6.84 12.58 6.65
CA PRO A 8 -7.42 13.69 5.89
C PRO A 8 -8.94 13.75 6.03
N ARG A 9 -9.49 12.81 6.78
CA ARG A 9 -10.93 12.76 7.00
C ARG A 9 -11.53 14.16 7.05
N LYS A 10 -11.04 14.97 7.97
CA LYS A 10 -11.51 16.35 8.12
C LYS A 10 -10.35 17.30 8.36
N ALA A 11 -10.20 18.27 7.46
CA ALA A 11 -9.12 19.26 7.58
C ALA A 11 -9.36 20.18 8.78
N SER A 12 -8.68 19.88 9.89
CA SER A 12 -8.83 20.68 11.10
C SER A 12 -7.68 21.68 11.22
N ARG A 13 -6.49 21.25 10.84
CA ARG A 13 -5.31 22.11 10.90
C ARG A 13 -4.80 22.45 9.50
N LYS A 14 -4.47 21.42 8.72
CA LYS A 14 -3.98 21.61 7.37
C LYS A 14 -4.91 20.95 6.35
N PRO A 15 -5.05 21.58 5.17
CA PRO A 15 -5.90 21.08 4.10
C PRO A 15 -5.35 19.81 3.47
N PRO A 16 -6.17 19.16 2.63
CA PRO A 16 -5.78 17.92 1.94
C PRO A 16 -4.72 18.16 0.88
N ARG A 17 -4.67 19.38 0.36
CA ARG A 17 -3.70 19.74 -0.68
C ARG A 17 -2.38 19.00 -0.44
N GLU A 18 -1.90 19.04 0.79
CA GLU A 18 -0.64 18.39 1.13
C GLU A 18 -0.89 17.06 1.83
N GLU A 19 -0.78 15.97 1.06
CA GLU A 19 -0.99 14.64 1.60
C GLU A 19 0.05 13.65 1.07
N SER A 20 0.91 13.16 1.97
CA SER A 20 1.95 12.22 1.59
C SER A 20 1.76 10.88 2.28
N SER A 21 1.98 9.80 1.55
CA SER A 21 1.83 8.45 2.10
C SER A 21 2.70 7.46 1.33
N ALA A 22 3.10 6.40 2.02
CA ALA A 22 3.94 5.37 1.41
C ALA A 22 3.25 4.01 1.44
N THR A 23 2.88 3.51 0.27
CA THR A 23 2.21 2.23 0.15
C THR A 23 3.16 1.15 -0.35
N CYS A 24 2.96 -0.08 0.13
CA CYS A 24 3.80 -1.20 -0.28
C CYS A 24 2.97 -2.32 -0.88
N VAL A 25 3.61 -3.20 -1.64
CA VAL A 25 2.93 -4.32 -2.28
C VAL A 25 3.42 -5.65 -1.72
N LEU A 26 2.61 -6.26 -0.86
CA LEU A 26 2.96 -7.54 -0.25
C LEU A 26 2.48 -8.70 -1.11
N GLU A 27 3.40 -9.56 -1.53
CA GLU A 27 3.07 -10.70 -2.36
C GLU A 27 3.56 -11.99 -1.71
N GLN A 28 2.88 -13.10 -2.02
CA GLN A 28 3.24 -14.40 -1.47
C GLN A 28 2.88 -15.52 -2.44
N PRO A 29 3.70 -16.57 -2.45
CA PRO A 29 3.51 -17.74 -3.33
C PRO A 29 2.30 -18.57 -2.93
N GLY A 30 1.45 -18.88 -3.89
CA GLY A 30 0.26 -19.67 -3.62
C GLY A 30 0.18 -20.91 -4.49
N ALA A 31 -0.99 -21.56 -4.47
CA ALA A 31 -1.19 -22.77 -5.26
C ALA A 31 -1.11 -22.46 -6.75
N LEU A 32 -1.80 -21.41 -7.18
CA LEU A 32 -1.80 -21.02 -8.58
C LEU A 32 -0.44 -20.47 -8.99
N GLY A 33 0.15 -19.65 -8.13
CA GLY A 33 1.45 -19.07 -8.42
C GLY A 33 1.85 -18.01 -7.42
N ALA A 34 1.01 -17.00 -7.26
CA ALA A 34 1.27 -15.91 -6.33
C ALA A 34 -0.02 -15.21 -5.91
N GLN A 35 0.08 -14.36 -4.89
CA GLN A 35 -1.08 -13.63 -4.41
C GLN A 35 -0.65 -12.43 -3.56
N ILE A 36 -1.20 -11.26 -3.88
CA ILE A 36 -0.87 -10.04 -3.16
C ILE A 36 -1.90 -9.75 -2.07
N LEU A 37 -1.65 -8.72 -1.28
CA LEU A 37 -2.55 -8.34 -0.20
C LEU A 37 -3.25 -7.03 -0.53
N LEU A 38 -4.50 -6.91 -0.10
CA LEU A 38 -5.30 -5.71 -0.35
C LEU A 38 -6.19 -5.39 0.86
N VAL A 39 -6.09 -4.15 1.34
CA VAL A 39 -6.90 -3.72 2.48
C VAL A 39 -8.04 -2.82 2.02
N GLN A 40 -9.06 -2.71 2.87
CA GLN A 40 -10.22 -1.88 2.56
C GLN A 40 -10.16 -0.55 3.32
N ARG A 41 -10.83 0.46 2.80
CA ARG A 41 -10.85 1.78 3.42
C ARG A 41 -12.02 1.90 4.40
N PRO A 42 -11.83 2.70 5.45
CA PRO A 42 -12.85 2.93 6.47
C PRO A 42 -14.03 3.73 5.95
N ASN A 43 -14.94 4.10 6.85
CA ASN A 43 -16.11 4.88 6.48
C ASN A 43 -15.73 6.33 6.16
N SER A 44 -15.39 6.58 4.90
CA SER A 44 -15.00 7.92 4.47
C SER A 44 -16.10 8.55 3.61
N GLY A 45 -15.84 9.76 3.15
CA GLY A 45 -16.81 10.46 2.33
C GLY A 45 -16.44 10.46 0.85
N LEU A 46 -15.15 10.63 0.58
CA LEU A 46 -14.66 10.65 -0.80
C LEU A 46 -14.71 9.27 -1.41
N LEU A 47 -13.85 8.38 -0.93
CA LEU A 47 -13.80 7.01 -1.44
C LEU A 47 -13.98 6.00 -0.30
N ALA A 48 -15.23 5.62 -0.05
CA ALA A 48 -15.53 4.66 1.00
C ALA A 48 -15.85 3.29 0.41
N GLY A 49 -15.36 2.24 1.08
CA GLY A 49 -15.59 0.89 0.61
C GLY A 49 -14.72 0.53 -0.57
N LEU A 50 -13.52 1.11 -0.62
CA LEU A 50 -12.59 0.84 -1.71
C LEU A 50 -11.45 -0.05 -1.24
N TRP A 51 -10.97 -0.91 -2.13
CA TRP A 51 -9.88 -1.83 -1.80
C TRP A 51 -8.57 -1.34 -2.41
N GLU A 52 -7.55 -1.20 -1.58
CA GLU A 52 -6.24 -0.75 -2.04
C GLU A 52 -5.13 -1.30 -1.14
N PHE A 53 -3.89 -1.20 -1.62
CA PHE A 53 -2.74 -1.69 -0.87
C PHE A 53 -2.55 -0.88 0.41
N PRO A 54 -2.07 -1.55 1.47
CA PRO A 54 -1.82 -0.92 2.76
C PRO A 54 -0.66 0.06 2.73
N SER A 55 -0.79 1.16 3.46
CA SER A 55 0.25 2.18 3.50
C SER A 55 0.33 2.81 4.89
N VAL A 56 1.32 3.67 5.09
CA VAL A 56 1.52 4.35 6.36
C VAL A 56 1.77 5.84 6.17
N THR A 57 2.03 6.54 7.26
CA THR A 57 2.28 7.97 7.21
C THR A 57 3.63 8.27 6.58
N TRP A 58 3.63 9.10 5.54
CA TRP A 58 4.86 9.46 4.84
C TRP A 58 5.98 9.76 5.83
N GLU A 59 7.22 9.67 5.37
CA GLU A 59 8.38 9.94 6.22
C GLU A 59 9.44 10.74 5.46
N PRO A 60 9.97 11.77 6.11
CA PRO A 60 11.00 12.64 5.52
C PRO A 60 12.33 11.92 5.36
N SER A 61 12.52 10.84 6.12
CA SER A 61 13.75 10.07 6.05
C SER A 61 13.60 8.87 5.14
N GLU A 62 14.73 8.31 4.70
CA GLU A 62 14.71 7.15 3.82
C GLU A 62 14.46 5.86 4.62
N GLN A 63 14.87 5.87 5.88
CA GLN A 63 14.69 4.70 6.74
C GLN A 63 13.31 4.72 7.40
N LEU A 64 13.03 5.76 8.16
CA LEU A 64 11.75 5.89 8.85
C LEU A 64 10.61 5.38 7.97
N GLN A 65 10.68 5.72 6.68
CA GLN A 65 9.65 5.29 5.73
C GLN A 65 9.48 3.79 5.75
N ARG A 66 10.59 3.07 5.62
CA ARG A 66 10.57 1.61 5.61
C ARG A 66 10.20 1.07 6.99
N LYS A 67 10.83 1.62 8.03
CA LYS A 67 10.58 1.20 9.40
C LYS A 67 9.09 1.18 9.69
N ALA A 68 8.45 2.35 9.61
CA ALA A 68 7.03 2.47 9.87
C ALA A 68 6.22 1.71 8.83
N LEU A 69 6.62 1.83 7.56
CA LEU A 69 5.93 1.16 6.47
C LEU A 69 5.59 -0.29 6.86
N LEU A 70 6.57 -0.99 7.39
CA LEU A 70 6.37 -2.38 7.81
C LEU A 70 5.52 -2.46 9.06
N GLN A 71 5.85 -1.63 10.05
CA GLN A 71 5.12 -1.60 11.31
C GLN A 71 3.62 -1.81 11.06
N GLU A 72 3.12 -1.29 9.96
CA GLU A 72 1.71 -1.42 9.61
C GLU A 72 1.44 -2.76 8.95
N LEU A 73 2.18 -3.05 7.89
CA LEU A 73 2.03 -4.30 7.16
C LEU A 73 1.83 -5.48 8.13
N GLN A 74 2.71 -5.56 9.13
CA GLN A 74 2.63 -6.63 10.12
C GLN A 74 1.24 -6.70 10.73
N ARG A 75 0.65 -5.53 10.98
CA ARG A 75 -0.68 -5.46 11.58
C ARG A 75 -1.69 -6.25 10.75
N TRP A 76 -1.44 -6.34 9.45
CA TRP A 76 -2.33 -7.07 8.55
C TRP A 76 -1.91 -8.54 8.44
N ALA A 77 -0.77 -8.77 7.78
CA ALA A 77 -0.26 -10.12 7.60
C ALA A 77 0.44 -10.61 8.87
N GLY A 78 1.62 -10.06 9.13
CA GLY A 78 2.38 -10.46 10.31
C GLY A 78 3.87 -10.34 10.12
N PRO A 79 4.53 -11.48 9.84
CA PRO A 79 5.97 -11.53 9.62
C PRO A 79 6.38 -10.87 8.31
N LEU A 80 7.02 -9.70 8.41
CA LEU A 80 7.46 -8.97 7.23
C LEU A 80 8.97 -8.75 7.26
N PRO A 81 9.62 -8.99 6.12
CA PRO A 81 11.07 -8.83 5.98
C PRO A 81 11.50 -7.37 6.04
N ALA A 82 12.79 -7.13 5.84
CA ALA A 82 13.33 -5.78 5.87
C ALA A 82 14.15 -5.49 4.61
N THR A 83 15.35 -6.06 4.53
CA THR A 83 16.22 -5.87 3.39
C THR A 83 15.48 -6.11 2.08
N HIS A 84 14.61 -7.12 2.08
CA HIS A 84 13.83 -7.45 0.89
C HIS A 84 13.14 -6.21 0.33
N LEU A 85 12.54 -5.42 1.21
CA LEU A 85 11.85 -4.21 0.79
C LEU A 85 12.77 -3.29 -0.02
N ARG A 86 12.18 -2.46 -0.86
CA ARG A 86 12.95 -1.53 -1.67
C ARG A 86 12.04 -0.54 -2.39
N HIS A 87 12.58 0.62 -2.73
CA HIS A 87 11.81 1.66 -3.41
C HIS A 87 11.86 1.47 -4.92
N LEU A 88 10.69 1.35 -5.53
CA LEU A 88 10.59 1.16 -6.98
C LEU A 88 9.65 2.18 -7.60
N GLY A 89 10.21 3.30 -8.06
CA GLY A 89 9.40 4.34 -8.68
C GLY A 89 8.44 4.99 -7.69
N GLU A 90 7.61 5.89 -8.19
CA GLU A 90 6.64 6.58 -7.35
C GLU A 90 5.35 6.86 -8.12
N VAL A 91 4.33 7.33 -7.41
CA VAL A 91 3.04 7.63 -8.02
C VAL A 91 2.44 8.90 -7.43
N VAL A 92 2.42 9.97 -8.21
CA VAL A 92 1.86 11.25 -7.77
C VAL A 92 0.71 11.68 -8.65
N HIS A 93 -0.48 11.73 -8.08
CA HIS A 93 -1.67 12.13 -8.81
C HIS A 93 -2.07 13.57 -8.46
N THR A 94 -2.58 14.29 -9.45
CA THR A 94 -3.00 15.67 -9.25
C THR A 94 -4.52 15.80 -9.32
N PHE A 95 -5.15 15.98 -8.16
CA PHE A 95 -6.60 16.11 -8.09
C PHE A 95 -7.03 17.53 -8.44
N SER A 96 -8.33 17.79 -8.40
CA SER A 96 -8.87 19.10 -8.71
C SER A 96 -8.06 20.20 -8.04
N HIS A 97 -8.07 20.21 -6.72
CA HIS A 97 -7.33 21.21 -5.96
C HIS A 97 -6.48 20.54 -4.87
N ILE A 98 -6.14 19.28 -5.09
CA ILE A 98 -5.32 18.54 -4.13
C ILE A 98 -4.25 17.73 -4.84
N LYS A 99 -3.08 17.62 -4.22
CA LYS A 99 -1.97 16.88 -4.79
C LYS A 99 -1.54 15.76 -3.85
N LEU A 100 -1.83 14.52 -4.24
CA LEU A 100 -1.47 13.35 -3.43
C LEU A 100 -0.10 12.82 -3.84
N THR A 101 0.61 12.23 -2.88
CA THR A 101 1.93 11.67 -3.13
C THR A 101 2.06 10.27 -2.55
N TYR A 102 2.02 9.27 -3.42
CA TYR A 102 2.14 7.88 -3.00
C TYR A 102 3.47 7.29 -3.42
N GLN A 103 4.17 6.68 -2.46
CA GLN A 103 5.47 6.07 -2.74
C GLN A 103 5.32 4.58 -3.01
N VAL A 104 5.73 4.16 -4.20
CA VAL A 104 5.64 2.75 -4.60
C VAL A 104 6.70 1.92 -3.88
N TYR A 105 6.27 0.85 -3.24
CA TYR A 105 7.19 -0.03 -2.53
C TYR A 105 6.84 -1.50 -2.78
N GLY A 106 7.84 -2.27 -3.20
CA GLY A 106 7.63 -3.67 -3.47
C GLY A 106 8.24 -4.57 -2.41
N LEU A 107 7.50 -5.60 -2.01
CA LEU A 107 7.97 -6.53 -0.99
C LEU A 107 7.28 -7.88 -1.13
N ALA A 108 8.03 -8.88 -1.59
CA ALA A 108 7.49 -10.22 -1.75
C ALA A 108 8.36 -11.26 -1.05
N LEU A 109 7.72 -12.32 -0.56
CA LEU A 109 8.45 -13.39 0.13
C LEU A 109 8.92 -14.45 -0.84
N GLU A 110 10.23 -14.49 -1.08
CA GLU A 110 10.81 -15.46 -2.00
C GLU A 110 10.26 -16.86 -1.73
N GLY A 111 9.89 -17.11 -0.48
CA GLY A 111 9.35 -18.41 -0.12
C GLY A 111 9.94 -18.94 1.18
N GLN A 112 9.67 -18.25 2.28
CA GLN A 112 10.17 -18.66 3.59
C GLN A 112 9.06 -19.23 4.45
N THR A 113 8.19 -18.35 4.94
CA THR A 113 7.08 -18.77 5.79
C THR A 113 5.81 -17.99 5.45
N PRO A 114 4.67 -18.68 5.50
CA PRO A 114 3.37 -18.07 5.20
C PRO A 114 2.93 -17.07 6.28
N VAL A 115 1.74 -16.51 6.10
CA VAL A 115 1.20 -15.55 7.06
C VAL A 115 -0.04 -16.09 7.76
N THR A 116 -0.89 -16.77 6.99
CA THR A 116 -2.12 -17.34 7.54
C THR A 116 -2.67 -16.47 8.66
N THR A 117 -2.65 -15.16 8.45
CA THR A 117 -3.16 -14.22 9.45
C THR A 117 -3.54 -12.89 8.80
N VAL A 118 -4.78 -12.46 9.01
CA VAL A 118 -5.26 -11.21 8.44
C VAL A 118 -6.60 -10.82 9.05
N PRO A 119 -6.73 -9.53 9.40
CA PRO A 119 -7.97 -9.00 10.00
C PRO A 119 -9.12 -8.94 9.00
N PRO A 120 -10.34 -8.72 9.51
CA PRO A 120 -11.55 -8.65 8.69
C PRO A 120 -11.57 -7.40 7.82
N GLY A 121 -10.54 -6.57 7.95
CA GLY A 121 -10.47 -5.35 7.16
C GLY A 121 -9.53 -5.47 5.98
N ALA A 122 -9.00 -6.68 5.77
CA ALA A 122 -8.09 -6.93 4.66
C ALA A 122 -8.45 -8.22 3.94
N ARG A 123 -7.87 -8.41 2.75
CA ARG A 123 -8.14 -9.60 1.96
C ARG A 123 -6.92 -9.96 1.10
N TRP A 124 -6.74 -11.25 0.85
CA TRP A 124 -5.62 -11.73 0.05
C TRP A 124 -6.10 -12.19 -1.33
N LEU A 125 -5.81 -11.37 -2.34
CA LEU A 125 -6.21 -11.69 -3.70
C LEU A 125 -4.99 -11.77 -4.62
N THR A 126 -5.20 -12.25 -5.84
CA THR A 126 -4.12 -12.37 -6.81
C THR A 126 -3.96 -11.08 -7.62
N GLN A 127 -2.92 -11.03 -8.44
CA GLN A 127 -2.66 -9.86 -9.27
C GLN A 127 -3.84 -9.58 -10.20
N GLU A 128 -4.34 -10.64 -10.84
CA GLU A 128 -5.47 -10.50 -11.76
C GLU A 128 -6.73 -10.05 -11.02
N GLU A 129 -6.86 -10.49 -9.77
CA GLU A 129 -8.01 -10.14 -8.95
C GLU A 129 -7.93 -8.68 -8.50
N PHE A 130 -6.71 -8.21 -8.27
CA PHE A 130 -6.49 -6.84 -7.83
C PHE A 130 -7.00 -5.84 -8.87
N HIS A 131 -6.66 -6.08 -10.13
CA HIS A 131 -7.09 -5.22 -11.22
C HIS A 131 -8.61 -5.17 -11.32
N THR A 132 -9.25 -6.32 -11.15
CA THR A 132 -10.70 -6.42 -11.22
C THR A 132 -11.35 -5.78 -9.99
N ALA A 133 -10.60 -5.73 -8.89
CA ALA A 133 -11.11 -5.15 -7.65
C ALA A 133 -11.33 -3.66 -7.80
N ALA A 134 -11.99 -3.06 -6.81
CA ALA A 134 -12.27 -1.63 -6.83
C ALA A 134 -11.12 -0.83 -6.22
N VAL A 135 -10.25 -0.31 -7.08
CA VAL A 135 -9.11 0.48 -6.63
C VAL A 135 -9.06 1.82 -7.35
N SER A 136 -8.61 2.85 -6.62
CA SER A 136 -8.51 4.19 -7.18
C SER A 136 -7.27 4.33 -8.06
N THR A 137 -7.40 5.08 -9.14
CA THR A 137 -6.29 5.29 -10.07
C THR A 137 -4.96 5.34 -9.33
N ALA A 138 -4.81 6.33 -8.44
CA ALA A 138 -3.59 6.48 -7.66
C ALA A 138 -2.99 5.13 -7.31
N MET A 139 -3.77 4.31 -6.62
CA MET A 139 -3.32 2.98 -6.21
C MET A 139 -3.08 2.10 -7.44
N LYS A 140 -4.03 2.09 -8.36
CA LYS A 140 -3.92 1.28 -9.57
C LYS A 140 -2.63 1.61 -10.32
N LYS A 141 -2.05 2.76 -10.01
CA LYS A 141 -0.81 3.19 -10.65
C LYS A 141 0.40 2.69 -9.88
N VAL A 142 0.21 2.40 -8.60
CA VAL A 142 1.29 1.91 -7.75
C VAL A 142 1.57 0.43 -8.02
N PHE A 143 0.66 -0.21 -8.74
CA PHE A 143 0.81 -1.63 -9.08
C PHE A 143 1.68 -1.81 -10.32
N ARG A 144 1.34 -1.08 -11.38
CA ARG A 144 2.07 -1.16 -12.63
C ARG A 144 3.52 -0.69 -12.44
N VAL A 145 3.73 0.13 -11.41
CA VAL A 145 5.05 0.66 -11.13
C VAL A 145 5.91 -0.37 -10.39
N TYR A 146 5.24 -1.34 -9.76
CA TYR A 146 5.93 -2.38 -9.02
C TYR A 146 6.38 -3.51 -9.94
N GLN A 147 5.52 -3.85 -10.90
CA GLN A 147 5.82 -4.90 -11.86
C GLN A 147 7.15 -4.66 -12.55
N GLY A 148 7.38 -3.40 -12.96
CA GLY A 148 8.61 -3.05 -13.63
C GLY A 148 9.84 -3.41 -12.82
N GLN A 149 10.22 -2.50 -11.93
CA GLN A 149 11.39 -2.73 -11.07
C GLN A 149 12.54 -3.34 -11.88
N SER A 150 12.73 -2.84 -13.09
CA SER A 150 13.79 -3.34 -13.96
C SER A 150 14.42 -2.21 -14.77
N GLY A 151 15.73 -2.29 -14.97
CA GLY A 151 16.44 -1.27 -15.72
C GLY A 151 16.93 -1.77 -17.06
N PRO A 152 16.94 -0.88 -18.06
CA PRO A 152 17.38 -1.21 -19.42
C PRO A 152 18.89 -1.45 -19.49
N SER A 153 19.56 -1.24 -18.36
CA SER A 153 21.01 -1.43 -18.30
C SER A 153 21.44 -2.66 -19.09
N SER A 154 22.67 -2.65 -19.58
CA SER A 154 23.20 -3.76 -20.36
C SER A 154 24.30 -4.49 -19.59
N GLY A 155 25.20 -3.72 -18.98
CA GLY A 155 26.27 -4.31 -18.22
C GLY A 155 26.40 -3.72 -16.83
N GLY A 1 -19.06 29.78 7.21
CA GLY A 1 -19.72 28.50 6.98
C GLY A 1 -19.18 27.80 5.74
N SER A 2 -20.04 27.03 5.10
CA SER A 2 -19.66 26.29 3.90
C SER A 2 -20.89 25.77 3.16
N SER A 3 -20.75 25.57 1.85
CA SER A 3 -21.85 25.08 1.03
C SER A 3 -21.49 23.75 0.38
N GLY A 4 -21.13 22.76 1.22
CA GLY A 4 -20.77 21.46 0.71
C GLY A 4 -19.99 20.64 1.72
N SER A 5 -20.00 19.32 1.54
CA SER A 5 -19.29 18.42 2.45
C SER A 5 -17.87 18.19 1.99
N SER A 6 -16.93 18.19 2.94
CA SER A 6 -15.52 17.99 2.62
C SER A 6 -14.72 17.73 3.89
N GLY A 7 -13.85 16.71 3.84
CA GLY A 7 -13.03 16.37 4.99
C GLY A 7 -11.70 15.78 4.60
N PRO A 8 -10.65 16.10 5.37
CA PRO A 8 -9.30 15.61 5.12
C PRO A 8 -9.17 14.11 5.39
N ARG A 9 -10.28 13.48 5.73
CA ARG A 9 -10.29 12.05 6.01
C ARG A 9 -9.20 11.69 7.02
N LYS A 10 -8.88 12.63 7.90
CA LYS A 10 -7.84 12.42 8.91
C LYS A 10 -8.32 12.92 10.27
N ALA A 11 -7.72 12.36 11.33
CA ALA A 11 -8.08 12.75 12.69
C ALA A 11 -7.38 14.05 13.09
N SER A 12 -7.66 15.11 12.34
CA SER A 12 -7.05 16.41 12.62
C SER A 12 -7.66 17.49 11.74
N ARG A 13 -7.24 18.73 11.94
CA ARG A 13 -7.74 19.85 11.17
C ARG A 13 -6.68 20.36 10.20
N LYS A 14 -6.65 19.78 9.01
CA LYS A 14 -5.69 20.17 7.98
C LYS A 14 -6.28 20.00 6.59
N PRO A 15 -5.78 20.80 5.63
CA PRO A 15 -6.25 20.75 4.24
C PRO A 15 -5.81 19.49 3.53
N PRO A 16 -6.63 19.03 2.57
CA PRO A 16 -6.33 17.82 1.79
C PRO A 16 -5.16 18.02 0.83
N ARG A 17 -4.99 19.24 0.35
CA ARG A 17 -3.90 19.56 -0.57
C ARG A 17 -2.64 18.77 -0.21
N GLU A 18 -2.04 19.12 0.92
CA GLU A 18 -0.82 18.45 1.37
C GLU A 18 -1.14 17.07 1.96
N GLU A 19 -0.95 16.03 1.17
CA GLU A 19 -1.22 14.66 1.62
C GLU A 19 -0.23 13.68 1.00
N SER A 20 0.61 13.09 1.84
CA SER A 20 1.61 12.13 1.39
C SER A 20 1.52 10.83 2.18
N SER A 21 1.82 9.72 1.50
CA SER A 21 1.77 8.41 2.14
C SER A 21 2.69 7.42 1.44
N ALA A 22 3.02 6.34 2.11
CA ALA A 22 3.90 5.31 1.55
C ALA A 22 3.23 3.94 1.57
N THR A 23 2.93 3.42 0.38
CA THR A 23 2.28 2.12 0.25
C THR A 23 3.28 1.05 -0.18
N CYS A 24 3.01 -0.19 0.19
CA CYS A 24 3.88 -1.30 -0.17
C CYS A 24 3.07 -2.49 -0.69
N VAL A 25 3.64 -3.21 -1.65
CA VAL A 25 2.98 -4.36 -2.24
C VAL A 25 3.50 -5.67 -1.65
N LEU A 26 2.64 -6.37 -0.93
CA LEU A 26 3.02 -7.63 -0.30
C LEU A 26 2.51 -8.82 -1.12
N GLU A 27 3.43 -9.70 -1.50
CA GLU A 27 3.06 -10.88 -2.29
C GLU A 27 3.65 -12.14 -1.68
N GLN A 28 3.03 -13.28 -1.96
CA GLN A 28 3.49 -14.55 -1.44
C GLN A 28 3.28 -15.67 -2.46
N PRO A 29 4.19 -16.66 -2.44
CA PRO A 29 4.11 -17.81 -3.36
C PRO A 29 2.95 -18.73 -3.05
N GLY A 30 2.06 -18.90 -4.03
CA GLY A 30 0.90 -19.76 -3.84
C GLY A 30 0.97 -21.02 -4.68
N ALA A 31 0.37 -22.10 -4.20
CA ALA A 31 0.35 -23.36 -4.92
C ALA A 31 0.21 -23.13 -6.42
N LEU A 32 -0.87 -22.46 -6.80
CA LEU A 32 -1.13 -22.17 -8.22
C LEU A 32 -0.03 -21.29 -8.81
N GLY A 33 0.31 -20.22 -8.10
CA GLY A 33 1.34 -19.32 -8.57
C GLY A 33 1.75 -18.31 -7.52
N ALA A 34 0.99 -17.22 -7.41
CA ALA A 34 1.28 -16.18 -6.43
C ALA A 34 0.11 -15.20 -6.31
N GLN A 35 0.06 -14.49 -5.20
CA GLN A 35 -1.01 -13.52 -4.95
C GLN A 35 -0.54 -12.42 -4.01
N ILE A 36 -1.19 -11.26 -4.09
CA ILE A 36 -0.84 -10.13 -3.25
C ILE A 36 -1.91 -9.88 -2.19
N LEU A 37 -1.63 -8.95 -1.28
CA LEU A 37 -2.57 -8.61 -0.22
C LEU A 37 -3.23 -7.26 -0.48
N LEU A 38 -4.46 -7.11 -0.03
CA LEU A 38 -5.22 -5.87 -0.21
C LEU A 38 -6.13 -5.61 0.98
N VAL A 39 -6.08 -4.39 1.50
CA VAL A 39 -6.91 -4.01 2.64
C VAL A 39 -7.96 -2.98 2.23
N GLN A 40 -9.07 -2.93 2.97
CA GLN A 40 -10.14 -1.99 2.68
C GLN A 40 -10.18 -0.89 3.73
N ARG A 41 -10.13 0.36 3.27
CA ARG A 41 -10.16 1.52 4.16
C ARG A 41 -11.49 1.58 4.91
N PRO A 42 -11.41 1.89 6.22
CA PRO A 42 -12.60 1.99 7.07
C PRO A 42 -13.46 3.21 6.73
N ASN A 43 -12.88 4.15 5.99
CA ASN A 43 -13.60 5.35 5.59
C ASN A 43 -15.01 5.02 5.10
N SER A 44 -15.83 6.05 4.94
CA SER A 44 -17.20 5.86 4.47
C SER A 44 -17.77 7.17 3.93
N GLY A 45 -18.13 7.16 2.64
CA GLY A 45 -18.69 8.34 2.02
C GLY A 45 -18.64 8.28 0.50
N LEU A 46 -18.43 9.43 -0.12
CA LEU A 46 -18.35 9.51 -1.58
C LEU A 46 -17.33 8.51 -2.13
N LEU A 47 -16.06 8.73 -1.81
CA LEU A 47 -14.99 7.87 -2.26
C LEU A 47 -14.29 7.20 -1.08
N ALA A 48 -14.99 6.28 -0.42
CA ALA A 48 -14.43 5.58 0.72
C ALA A 48 -14.83 4.10 0.71
N GLY A 49 -14.24 3.32 1.61
CA GLY A 49 -14.54 1.90 1.68
C GLY A 49 -14.02 1.13 0.47
N LEU A 50 -13.07 1.74 -0.24
CA LEU A 50 -12.49 1.10 -1.42
C LEU A 50 -11.27 0.27 -1.04
N TRP A 51 -11.08 -0.85 -1.73
CA TRP A 51 -9.96 -1.74 -1.47
C TRP A 51 -8.67 -1.15 -2.06
N GLU A 52 -7.56 -1.34 -1.33
CA GLU A 52 -6.27 -0.85 -1.78
C GLU A 52 -5.14 -1.37 -0.89
N PHE A 53 -3.93 -1.31 -1.40
CA PHE A 53 -2.76 -1.79 -0.66
C PHE A 53 -2.53 -0.95 0.59
N PRO A 54 -2.02 -1.60 1.65
CA PRO A 54 -1.74 -0.92 2.93
C PRO A 54 -0.58 0.06 2.83
N SER A 55 -0.70 1.18 3.52
CA SER A 55 0.35 2.20 3.52
C SER A 55 0.44 2.90 4.86
N VAL A 56 1.49 3.69 5.04
CA VAL A 56 1.70 4.42 6.29
C VAL A 56 1.97 5.90 6.02
N THR A 57 1.98 6.69 7.09
CA THR A 57 2.23 8.12 6.97
C THR A 57 3.52 8.40 6.23
N TRP A 58 3.60 9.55 5.57
CA TRP A 58 4.79 9.94 4.82
C TRP A 58 5.95 10.25 5.76
N GLU A 59 7.15 9.86 5.34
CA GLU A 59 8.34 10.11 6.14
C GLU A 59 9.44 10.74 5.30
N PRO A 60 10.05 11.81 5.84
CA PRO A 60 11.13 12.54 5.15
C PRO A 60 12.42 11.73 5.07
N SER A 61 12.58 10.80 6.01
CA SER A 61 13.77 9.96 6.05
C SER A 61 13.54 8.65 5.30
N GLU A 62 14.46 8.31 4.40
CA GLU A 62 14.35 7.10 3.61
C GLU A 62 14.18 5.88 4.51
N GLN A 63 14.69 5.98 5.74
CA GLN A 63 14.60 4.89 6.70
C GLN A 63 13.25 4.90 7.41
N LEU A 64 13.00 5.99 8.13
CA LEU A 64 11.74 6.14 8.87
C LEU A 64 10.56 5.63 8.04
N GLN A 65 10.59 5.92 6.74
CA GLN A 65 9.53 5.49 5.84
C GLN A 65 9.39 3.98 5.85
N ARG A 66 10.48 3.29 5.52
CA ARG A 66 10.47 1.82 5.48
C ARG A 66 10.12 1.25 6.84
N LYS A 67 10.65 1.86 7.90
CA LYS A 67 10.41 1.40 9.25
C LYS A 67 8.91 1.27 9.51
N ALA A 68 8.15 2.31 9.21
CA ALA A 68 6.72 2.31 9.39
C ALA A 68 6.02 1.45 8.35
N LEU A 69 6.33 1.70 7.08
CA LEU A 69 5.74 0.95 5.97
C LEU A 69 5.51 -0.50 6.38
N LEU A 70 6.42 -1.04 7.19
CA LEU A 70 6.30 -2.43 7.65
C LEU A 70 5.47 -2.51 8.92
N GLN A 71 5.73 -1.61 9.86
CA GLN A 71 5.00 -1.59 11.13
C GLN A 71 3.49 -1.71 10.88
N GLU A 72 3.06 -1.35 9.67
CA GLU A 72 1.64 -1.41 9.32
C GLU A 72 1.32 -2.75 8.66
N LEU A 73 2.07 -3.09 7.63
CA LEU A 73 1.87 -4.35 6.91
C LEU A 73 1.67 -5.51 7.88
N GLN A 74 2.52 -5.56 8.90
CA GLN A 74 2.44 -6.62 9.90
C GLN A 74 1.05 -6.68 10.52
N ARG A 75 0.45 -5.52 10.75
CA ARG A 75 -0.88 -5.44 11.34
C ARG A 75 -1.85 -6.33 10.58
N TRP A 76 -1.62 -6.51 9.29
CA TRP A 76 -2.48 -7.34 8.45
C TRP A 76 -1.96 -8.78 8.40
N ALA A 77 -0.85 -8.97 7.70
CA ALA A 77 -0.26 -10.30 7.57
C ALA A 77 0.45 -10.71 8.86
N GLY A 78 1.61 -10.10 9.12
CA GLY A 78 2.37 -10.42 10.32
C GLY A 78 3.86 -10.24 10.13
N PRO A 79 4.57 -11.35 9.91
CA PRO A 79 6.02 -11.34 9.70
C PRO A 79 6.42 -10.71 8.37
N LEU A 80 7.10 -9.57 8.43
CA LEU A 80 7.53 -8.88 7.23
C LEU A 80 9.02 -8.54 7.30
N PRO A 81 9.73 -8.77 6.19
CA PRO A 81 11.17 -8.50 6.10
C PRO A 81 11.48 -7.00 6.10
N ALA A 82 12.77 -6.68 6.02
CA ALA A 82 13.19 -5.27 6.01
C ALA A 82 14.05 -4.98 4.80
N THR A 83 15.14 -5.73 4.64
CA THR A 83 16.04 -5.54 3.52
C THR A 83 15.35 -5.84 2.19
N HIS A 84 14.53 -6.88 2.18
CA HIS A 84 13.80 -7.27 0.97
C HIS A 84 13.10 -6.07 0.36
N LEU A 85 12.54 -5.22 1.20
CA LEU A 85 11.83 -4.02 0.74
C LEU A 85 12.72 -3.19 -0.17
N ARG A 86 12.26 -2.99 -1.40
CA ARG A 86 13.02 -2.20 -2.37
C ARG A 86 12.15 -1.11 -2.98
N HIS A 87 12.74 0.06 -3.21
CA HIS A 87 12.02 1.18 -3.79
C HIS A 87 11.91 1.05 -5.31
N LEU A 88 10.69 1.07 -5.82
CA LEU A 88 10.46 0.96 -7.26
C LEU A 88 9.58 2.10 -7.77
N GLY A 89 10.22 3.17 -8.22
CA GLY A 89 9.48 4.32 -8.73
C GLY A 89 8.52 4.88 -7.70
N GLU A 90 7.74 5.87 -8.11
CA GLU A 90 6.77 6.51 -7.23
C GLU A 90 5.47 6.82 -7.97
N VAL A 91 4.45 7.21 -7.21
CA VAL A 91 3.15 7.55 -7.80
C VAL A 91 2.60 8.83 -7.20
N VAL A 92 2.38 9.84 -8.06
CA VAL A 92 1.84 11.11 -7.62
C VAL A 92 0.73 11.59 -8.54
N HIS A 93 -0.50 11.53 -8.06
CA HIS A 93 -1.66 11.95 -8.84
C HIS A 93 -2.09 13.36 -8.44
N THR A 94 -2.14 14.26 -9.42
CA THR A 94 -2.54 15.64 -9.18
C THR A 94 -4.03 15.82 -9.38
N PHE A 95 -4.76 16.04 -8.30
CA PHE A 95 -6.20 16.24 -8.36
C PHE A 95 -6.54 17.69 -8.69
N SER A 96 -7.83 18.00 -8.69
CA SER A 96 -8.30 19.35 -8.99
C SER A 96 -7.53 20.38 -8.16
N HIS A 97 -7.84 20.44 -6.87
CA HIS A 97 -7.20 21.37 -5.97
C HIS A 97 -6.46 20.63 -4.85
N ILE A 98 -5.99 19.42 -5.16
CA ILE A 98 -5.27 18.61 -4.19
C ILE A 98 -4.13 17.83 -4.86
N LYS A 99 -3.07 17.59 -4.12
CA LYS A 99 -1.92 16.84 -4.63
C LYS A 99 -1.50 15.75 -3.66
N LEU A 100 -1.51 14.51 -4.13
CA LEU A 100 -1.12 13.38 -3.31
C LEU A 100 0.25 12.84 -3.71
N THR A 101 0.94 12.21 -2.78
CA THR A 101 2.26 11.66 -3.04
C THR A 101 2.40 10.26 -2.47
N TYR A 102 2.33 9.25 -3.34
CA TYR A 102 2.44 7.86 -2.91
C TYR A 102 3.80 7.28 -3.29
N GLN A 103 4.41 6.55 -2.37
CA GLN A 103 5.70 5.94 -2.59
C GLN A 103 5.57 4.44 -2.87
N VAL A 104 5.92 4.03 -4.08
CA VAL A 104 5.84 2.63 -4.46
C VAL A 104 6.93 1.81 -3.80
N TYR A 105 6.53 0.74 -3.12
CA TYR A 105 7.49 -0.12 -2.43
C TYR A 105 7.11 -1.59 -2.60
N GLY A 106 7.94 -2.33 -3.33
CA GLY A 106 7.68 -3.74 -3.54
C GLY A 106 8.21 -4.62 -2.42
N LEU A 107 7.49 -5.70 -2.12
CA LEU A 107 7.89 -6.61 -1.07
C LEU A 107 7.28 -7.99 -1.28
N ALA A 108 8.12 -8.99 -1.53
CA ALA A 108 7.66 -10.35 -1.75
C ALA A 108 8.46 -11.33 -0.90
N LEU A 109 7.84 -12.47 -0.57
CA LEU A 109 8.49 -13.49 0.23
C LEU A 109 9.10 -14.57 -0.65
N GLU A 110 10.43 -14.58 -0.72
CA GLU A 110 11.15 -15.56 -1.54
C GLU A 110 10.63 -16.97 -1.26
N GLY A 111 10.29 -17.23 0.00
CA GLY A 111 9.79 -18.54 0.38
C GLY A 111 10.29 -18.98 1.74
N GLN A 112 10.31 -18.06 2.69
CA GLN A 112 10.78 -18.36 4.04
C GLN A 112 9.68 -19.04 4.85
N THR A 113 8.62 -18.29 5.16
CA THR A 113 7.50 -18.82 5.93
C THR A 113 6.21 -18.09 5.59
N PRO A 114 5.10 -18.83 5.57
CA PRO A 114 3.78 -18.29 5.27
C PRO A 114 3.26 -17.38 6.37
N VAL A 115 2.16 -16.68 6.09
CA VAL A 115 1.56 -15.77 7.07
C VAL A 115 0.33 -16.40 7.72
N THR A 116 -0.47 -17.09 6.92
CA THR A 116 -1.68 -17.73 7.42
C THR A 116 -2.38 -16.87 8.44
N THR A 117 -2.17 -15.56 8.35
CA THR A 117 -2.79 -14.61 9.27
C THR A 117 -3.34 -13.40 8.54
N VAL A 118 -4.63 -13.11 8.76
CA VAL A 118 -5.27 -11.97 8.11
C VAL A 118 -6.60 -11.65 8.78
N PRO A 119 -6.71 -10.42 9.32
CA PRO A 119 -7.93 -9.96 9.99
C PRO A 119 -9.08 -9.75 9.02
N PRO A 120 -10.29 -9.52 9.57
CA PRO A 120 -11.49 -9.30 8.77
C PRO A 120 -11.47 -7.95 8.04
N GLY A 121 -10.36 -7.23 8.19
CA GLY A 121 -10.23 -5.94 7.55
C GLY A 121 -9.30 -5.98 6.35
N ALA A 122 -8.80 -7.17 6.03
CA ALA A 122 -7.91 -7.34 4.89
C ALA A 122 -8.37 -8.48 3.98
N ARG A 123 -7.77 -8.56 2.80
CA ARG A 123 -8.13 -9.60 1.84
C ARG A 123 -6.94 -9.96 0.95
N TRP A 124 -6.72 -11.25 0.76
CA TRP A 124 -5.61 -11.73 -0.06
C TRP A 124 -6.11 -12.15 -1.44
N LEU A 125 -5.74 -11.39 -2.46
CA LEU A 125 -6.15 -11.70 -3.83
C LEU A 125 -4.94 -11.78 -4.76
N THR A 126 -5.16 -12.28 -5.97
CA THR A 126 -4.09 -12.41 -6.94
C THR A 126 -3.88 -11.11 -7.72
N GLN A 127 -2.85 -11.10 -8.57
CA GLN A 127 -2.55 -9.92 -9.36
C GLN A 127 -3.71 -9.57 -10.29
N GLU A 128 -4.29 -10.59 -10.90
CA GLU A 128 -5.41 -10.40 -11.81
C GLU A 128 -6.69 -10.07 -11.05
N GLU A 129 -6.74 -10.49 -9.79
CA GLU A 129 -7.91 -10.23 -8.96
C GLU A 129 -7.98 -8.76 -8.55
N PHE A 130 -6.82 -8.19 -8.24
CA PHE A 130 -6.75 -6.79 -7.83
C PHE A 130 -7.22 -5.86 -8.95
N HIS A 131 -6.71 -6.10 -10.15
CA HIS A 131 -7.07 -5.30 -11.32
C HIS A 131 -8.58 -5.04 -11.35
N THR A 132 -9.36 -6.12 -11.45
CA THR A 132 -10.81 -6.01 -11.49
C THR A 132 -11.36 -5.40 -10.21
N ALA A 133 -10.64 -5.61 -9.11
CA ALA A 133 -11.05 -5.07 -7.81
C ALA A 133 -11.21 -3.57 -7.87
N ALA A 134 -12.07 -3.03 -7.02
CA ALA A 134 -12.32 -1.60 -6.97
C ALA A 134 -11.20 -0.87 -6.22
N VAL A 135 -10.27 -0.28 -6.97
CA VAL A 135 -9.16 0.45 -6.37
C VAL A 135 -9.06 1.86 -6.93
N SER A 136 -8.60 2.79 -6.10
CA SER A 136 -8.46 4.18 -6.51
C SER A 136 -7.35 4.33 -7.53
N THR A 137 -7.59 5.16 -8.55
CA THR A 137 -6.61 5.39 -9.60
C THR A 137 -5.19 5.35 -9.04
N ALA A 138 -4.86 6.31 -8.18
CA ALA A 138 -3.54 6.37 -7.58
C ALA A 138 -3.00 4.97 -7.28
N MET A 139 -3.60 4.31 -6.30
CA MET A 139 -3.20 2.96 -5.92
C MET A 139 -2.91 2.11 -7.15
N LYS A 140 -3.93 1.95 -8.00
CA LYS A 140 -3.79 1.16 -9.20
C LYS A 140 -2.49 1.47 -9.93
N LYS A 141 -2.11 2.75 -9.92
CA LYS A 141 -0.88 3.19 -10.57
C LYS A 141 0.34 2.63 -9.84
N VAL A 142 0.23 2.52 -8.52
CA VAL A 142 1.33 2.01 -7.71
C VAL A 142 1.63 0.56 -8.05
N PHE A 143 0.67 -0.12 -8.67
CA PHE A 143 0.84 -1.52 -9.05
C PHE A 143 1.62 -1.64 -10.36
N ARG A 144 1.11 -0.97 -11.40
CA ARG A 144 1.76 -1.00 -12.71
C ARG A 144 3.21 -0.56 -12.60
N VAL A 145 3.55 0.11 -11.51
CA VAL A 145 4.91 0.59 -11.29
C VAL A 145 5.77 -0.47 -10.63
N TYR A 146 5.16 -1.24 -9.72
CA TYR A 146 5.87 -2.30 -9.02
C TYR A 146 6.25 -3.43 -9.97
N GLN A 147 5.41 -3.66 -10.96
CA GLN A 147 5.66 -4.71 -11.94
C GLN A 147 7.08 -4.64 -12.48
N GLY A 148 7.50 -3.45 -12.91
CA GLY A 148 8.83 -3.26 -13.44
C GLY A 148 9.81 -2.79 -12.39
N GLN A 149 10.80 -3.61 -12.07
CA GLN A 149 11.80 -3.26 -11.08
C GLN A 149 12.91 -2.41 -11.69
N SER A 150 13.61 -2.97 -12.66
CA SER A 150 14.70 -2.26 -13.33
C SER A 150 14.16 -1.09 -14.14
N GLY A 151 14.95 -0.03 -14.23
CA GLY A 151 14.54 1.15 -14.98
C GLY A 151 14.76 2.43 -14.20
N PRO A 152 13.71 2.90 -13.52
CA PRO A 152 13.78 4.14 -12.73
C PRO A 152 14.64 3.99 -11.48
N SER A 153 14.88 2.75 -11.08
CA SER A 153 15.70 2.47 -9.90
C SER A 153 17.09 3.06 -10.05
N SER A 154 17.76 2.71 -11.15
CA SER A 154 19.11 3.21 -11.40
C SER A 154 19.21 3.81 -12.80
N GLY A 155 19.79 5.00 -12.89
CA GLY A 155 19.95 5.66 -14.18
C GLY A 155 20.44 7.08 -14.04
N GLY A 1 -8.72 2.53 18.95
CA GLY A 1 -8.50 3.62 19.88
C GLY A 1 -8.43 4.97 19.18
N SER A 2 -9.58 5.44 18.69
CA SER A 2 -9.64 6.72 18.00
C SER A 2 -11.08 7.23 17.93
N SER A 3 -11.23 8.50 17.57
CA SER A 3 -12.55 9.11 17.47
C SER A 3 -13.20 8.80 16.13
N GLY A 4 -12.54 9.23 15.05
CA GLY A 4 -13.07 9.00 13.72
C GLY A 4 -14.27 9.85 13.41
N SER A 5 -15.24 9.28 12.70
CA SER A 5 -16.45 10.02 12.33
C SER A 5 -16.10 11.37 11.73
N SER A 6 -15.18 11.38 10.78
CA SER A 6 -14.76 12.61 10.12
C SER A 6 -13.81 12.31 8.97
N GLY A 7 -13.67 13.27 8.06
CA GLY A 7 -12.79 13.09 6.92
C GLY A 7 -11.35 12.91 7.33
N PRO A 8 -10.42 13.41 6.48
CA PRO A 8 -8.98 13.31 6.75
C PRO A 8 -8.54 14.19 7.91
N ARG A 9 -8.19 13.55 9.02
CA ARG A 9 -7.75 14.28 10.20
C ARG A 9 -6.29 14.68 10.09
N LYS A 10 -5.86 15.64 10.91
CA LYS A 10 -4.49 16.11 10.89
C LYS A 10 -4.21 17.04 12.08
N ALA A 11 -2.94 17.21 12.42
CA ALA A 11 -2.55 18.07 13.52
C ALA A 11 -3.49 19.26 13.64
N SER A 12 -3.58 20.04 12.57
CA SER A 12 -4.43 21.23 12.55
C SER A 12 -5.57 21.06 11.56
N ARG A 13 -6.24 19.91 11.63
CA ARG A 13 -7.35 19.62 10.73
C ARG A 13 -7.07 20.12 9.31
N LYS A 14 -5.80 20.04 8.91
CA LYS A 14 -5.39 20.49 7.60
C LYS A 14 -6.20 19.78 6.50
N PRO A 15 -6.35 20.45 5.35
CA PRO A 15 -7.10 19.92 4.22
C PRO A 15 -6.39 18.74 3.56
N PRO A 16 -7.09 18.06 2.65
CA PRO A 16 -6.53 16.91 1.92
C PRO A 16 -5.46 17.30 0.92
N ARG A 17 -5.49 18.56 0.50
CA ARG A 17 -4.52 19.07 -0.46
C ARG A 17 -3.16 18.43 -0.25
N GLU A 18 -2.61 18.61 0.95
CA GLU A 18 -1.30 18.04 1.28
C GLU A 18 -1.46 16.69 1.99
N GLU A 19 -1.27 15.62 1.24
CA GLU A 19 -1.40 14.28 1.79
C GLU A 19 -0.33 13.35 1.21
N SER A 20 0.59 12.91 2.07
CA SER A 20 1.67 12.03 1.64
C SER A 20 1.62 10.71 2.41
N SER A 21 1.89 9.61 1.70
CA SER A 21 1.86 8.29 2.31
C SER A 21 2.71 7.30 1.51
N ALA A 22 3.20 6.26 2.17
CA ALA A 22 4.02 5.25 1.51
C ALA A 22 3.33 3.89 1.54
N THR A 23 3.04 3.36 0.36
CA THR A 23 2.39 2.07 0.25
C THR A 23 3.35 1.00 -0.29
N CYS A 24 3.13 -0.23 0.11
CA CYS A 24 3.97 -1.34 -0.33
C CYS A 24 3.13 -2.55 -0.74
N VAL A 25 3.59 -3.27 -1.75
CA VAL A 25 2.87 -4.44 -2.25
C VAL A 25 3.43 -5.72 -1.62
N LEU A 26 2.55 -6.46 -0.94
CA LEU A 26 2.95 -7.71 -0.29
C LEU A 26 2.47 -8.91 -1.09
N GLU A 27 3.41 -9.68 -1.62
CA GLU A 27 3.09 -10.87 -2.41
C GLU A 27 3.71 -12.11 -1.79
N GLN A 28 3.13 -13.27 -2.11
CA GLN A 28 3.62 -14.54 -1.58
C GLN A 28 3.44 -15.66 -2.60
N PRO A 29 4.53 -16.40 -2.86
CA PRO A 29 4.52 -17.51 -3.82
C PRO A 29 3.71 -18.70 -3.31
N GLY A 30 2.64 -19.02 -4.03
CA GLY A 30 1.80 -20.13 -3.65
C GLY A 30 1.53 -21.09 -4.80
N ALA A 31 1.05 -22.29 -4.48
CA ALA A 31 0.76 -23.29 -5.49
C ALA A 31 0.20 -22.65 -6.75
N LEU A 32 -0.96 -22.02 -6.63
CA LEU A 32 -1.62 -21.37 -7.76
C LEU A 32 -0.60 -20.58 -8.58
N GLY A 33 0.30 -19.88 -7.88
CA GLY A 33 1.31 -19.09 -8.57
C GLY A 33 1.77 -17.91 -7.73
N ALA A 34 0.89 -16.94 -7.53
CA ALA A 34 1.23 -15.75 -6.74
C ALA A 34 -0.03 -15.04 -6.27
N GLN A 35 0.04 -14.44 -5.09
CA GLN A 35 -1.10 -13.72 -4.53
C GLN A 35 -0.63 -12.57 -3.64
N ILE A 36 -1.20 -11.39 -3.86
CA ILE A 36 -0.84 -10.21 -3.08
C ILE A 36 -1.89 -9.93 -2.00
N LEU A 37 -1.62 -8.93 -1.17
CA LEU A 37 -2.53 -8.55 -0.10
C LEU A 37 -3.25 -7.25 -0.43
N LEU A 38 -4.48 -7.10 0.06
CA LEU A 38 -5.26 -5.90 -0.18
C LEU A 38 -6.14 -5.57 1.02
N VAL A 39 -5.99 -4.36 1.55
CA VAL A 39 -6.77 -3.92 2.70
C VAL A 39 -7.89 -2.97 2.27
N GLN A 40 -8.99 -2.99 3.03
CA GLN A 40 -10.13 -2.13 2.73
C GLN A 40 -10.11 -0.89 3.61
N ARG A 41 -10.83 0.14 3.19
CA ARG A 41 -10.91 1.39 3.94
C ARG A 41 -12.12 1.40 4.85
N PRO A 42 -12.00 2.10 6.00
CA PRO A 42 -13.07 2.21 6.98
C PRO A 42 -14.25 3.05 6.48
N ASN A 43 -15.36 2.97 7.18
CA ASN A 43 -16.56 3.72 6.81
C ASN A 43 -16.20 5.16 6.44
N SER A 44 -15.58 5.87 7.38
CA SER A 44 -15.19 7.26 7.17
C SER A 44 -13.86 7.34 6.43
N GLY A 45 -13.77 8.26 5.47
CA GLY A 45 -12.56 8.42 4.70
C GLY A 45 -12.83 8.52 3.21
N LEU A 46 -12.28 9.55 2.58
CA LEU A 46 -12.46 9.75 1.14
C LEU A 46 -12.49 8.42 0.40
N LEU A 47 -13.49 8.24 -0.46
CA LEU A 47 -13.62 7.00 -1.23
C LEU A 47 -13.77 5.80 -0.30
N ALA A 48 -14.53 5.98 0.77
CA ALA A 48 -14.76 4.90 1.73
C ALA A 48 -15.42 3.70 1.05
N GLY A 49 -15.04 2.49 1.48
CA GLY A 49 -15.61 1.30 0.91
C GLY A 49 -14.84 0.81 -0.31
N LEU A 50 -13.60 1.27 -0.45
CA LEU A 50 -12.76 0.88 -1.58
C LEU A 50 -11.53 0.12 -1.10
N TRP A 51 -11.14 -0.90 -1.87
CA TRP A 51 -9.97 -1.70 -1.53
C TRP A 51 -8.70 -1.12 -2.13
N GLU A 52 -7.61 -1.17 -1.38
CA GLU A 52 -6.34 -0.64 -1.84
C GLU A 52 -5.20 -1.12 -0.95
N PHE A 53 -4.00 -1.22 -1.54
CA PHE A 53 -2.82 -1.67 -0.80
C PHE A 53 -2.62 -0.83 0.45
N PRO A 54 -2.09 -1.47 1.51
CA PRO A 54 -1.83 -0.80 2.79
C PRO A 54 -0.68 0.20 2.70
N SER A 55 -0.82 1.33 3.39
CA SER A 55 0.21 2.36 3.38
C SER A 55 0.28 3.08 4.72
N VAL A 56 1.42 3.69 5.00
CA VAL A 56 1.60 4.42 6.26
C VAL A 56 1.89 5.90 6.00
N THR A 57 2.07 6.65 7.08
CA THR A 57 2.36 8.08 6.97
C THR A 57 3.67 8.32 6.24
N TRP A 58 3.76 9.46 5.57
CA TRP A 58 4.96 9.82 4.83
C TRP A 58 6.12 10.10 5.77
N GLU A 59 7.35 9.78 5.32
CA GLU A 59 8.53 10.00 6.13
C GLU A 59 9.63 10.68 5.32
N PRO A 60 10.25 11.72 5.90
CA PRO A 60 11.32 12.48 5.25
C PRO A 60 12.60 11.66 5.12
N SER A 61 12.76 10.67 5.99
CA SER A 61 13.95 9.83 5.98
C SER A 61 13.65 8.50 5.29
N GLU A 62 14.50 8.15 4.32
CA GLU A 62 14.33 6.90 3.58
C GLU A 62 14.08 5.73 4.53
N GLN A 63 14.78 5.74 5.67
CA GLN A 63 14.64 4.68 6.66
C GLN A 63 13.28 4.76 7.36
N LEU A 64 13.08 5.83 8.12
CA LEU A 64 11.83 6.03 8.84
C LEU A 64 10.64 5.53 8.02
N GLN A 65 10.66 5.81 6.72
CA GLN A 65 9.59 5.39 5.83
C GLN A 65 9.43 3.87 5.86
N ARG A 66 10.54 3.17 5.64
CA ARG A 66 10.53 1.71 5.63
C ARG A 66 10.18 1.16 7.01
N LYS A 67 10.83 1.70 8.03
CA LYS A 67 10.60 1.27 9.41
C LYS A 67 9.09 1.19 9.70
N ALA A 68 8.40 2.30 9.50
CA ALA A 68 6.96 2.36 9.74
C ALA A 68 6.20 1.59 8.66
N LEU A 69 6.48 1.92 7.40
CA LEU A 69 5.81 1.27 6.29
C LEU A 69 5.52 -0.20 6.60
N LEU A 70 6.40 -0.81 7.37
CA LEU A 70 6.24 -2.21 7.75
C LEU A 70 5.37 -2.35 8.99
N GLN A 71 5.60 -1.49 9.97
CA GLN A 71 4.83 -1.50 11.21
C GLN A 71 3.35 -1.67 10.93
N GLU A 72 2.91 -1.17 9.78
CA GLU A 72 1.50 -1.25 9.39
C GLU A 72 1.21 -2.61 8.76
N LEU A 73 1.95 -2.95 7.71
CA LEU A 73 1.77 -4.22 7.02
C LEU A 73 1.66 -5.37 8.00
N GLN A 74 2.57 -5.40 8.98
CA GLN A 74 2.58 -6.45 9.98
C GLN A 74 1.21 -6.57 10.65
N ARG A 75 0.54 -5.44 10.83
CA ARG A 75 -0.77 -5.41 11.46
C ARG A 75 -1.75 -6.31 10.71
N TRP A 76 -1.58 -6.41 9.40
CA TRP A 76 -2.45 -7.24 8.57
C TRP A 76 -1.93 -8.67 8.52
N ALA A 77 -0.83 -8.87 7.80
CA ALA A 77 -0.23 -10.19 7.67
C ALA A 77 0.48 -10.61 8.95
N GLY A 78 1.62 -9.96 9.22
CA GLY A 78 2.38 -10.27 10.42
C GLY A 78 3.87 -10.12 10.22
N PRO A 79 4.57 -11.25 9.99
CA PRO A 79 6.01 -11.26 9.77
C PRO A 79 6.40 -10.64 8.44
N LEU A 80 6.99 -9.45 8.49
CA LEU A 80 7.42 -8.75 7.28
C LEU A 80 8.92 -8.52 7.28
N PRO A 81 9.55 -8.70 6.11
CA PRO A 81 10.99 -8.51 5.95
C PRO A 81 11.40 -7.05 6.07
N ALA A 82 12.69 -6.78 5.80
CA ALA A 82 13.21 -5.41 5.87
C ALA A 82 14.07 -5.10 4.67
N THR A 83 15.08 -5.93 4.42
CA THR A 83 15.99 -5.74 3.30
C THR A 83 15.25 -5.89 1.98
N HIS A 84 14.60 -7.03 1.79
CA HIS A 84 13.85 -7.29 0.56
C HIS A 84 13.12 -6.03 0.08
N LEU A 85 12.53 -5.31 1.02
CA LEU A 85 11.80 -4.09 0.70
C LEU A 85 12.67 -3.13 -0.10
N ARG A 86 12.15 -2.68 -1.23
CA ARG A 86 12.88 -1.76 -2.10
C ARG A 86 11.94 -0.71 -2.70
N HIS A 87 12.50 0.42 -3.09
CA HIS A 87 11.71 1.50 -3.68
C HIS A 87 11.71 1.41 -5.20
N LEU A 88 10.52 1.40 -5.79
CA LEU A 88 10.39 1.32 -7.24
C LEU A 88 9.49 2.43 -7.77
N GLY A 89 10.11 3.53 -8.18
CA GLY A 89 9.36 4.66 -8.71
C GLY A 89 8.38 5.23 -7.69
N GLU A 90 7.47 6.07 -8.17
CA GLU A 90 6.48 6.68 -7.29
C GLU A 90 5.20 6.98 -8.05
N VAL A 91 4.15 7.36 -7.32
CA VAL A 91 2.86 7.68 -7.92
C VAL A 91 2.22 8.88 -7.24
N VAL A 92 2.24 10.02 -7.92
CA VAL A 92 1.66 11.24 -7.38
C VAL A 92 0.48 11.71 -8.23
N HIS A 93 -0.72 11.48 -7.72
CA HIS A 93 -1.94 11.87 -8.44
C HIS A 93 -2.50 13.17 -7.87
N THR A 94 -2.96 14.05 -8.76
CA THR A 94 -3.51 15.33 -8.35
C THR A 94 -5.02 15.37 -8.56
N PHE A 95 -5.77 15.24 -7.47
CA PHE A 95 -7.22 15.26 -7.54
C PHE A 95 -7.76 16.70 -7.51
N SER A 96 -9.08 16.83 -7.47
CA SER A 96 -9.71 18.14 -7.45
C SER A 96 -9.07 19.04 -6.39
N HIS A 97 -8.34 20.05 -6.85
CA HIS A 97 -7.67 20.97 -5.95
C HIS A 97 -6.94 20.24 -4.83
N ILE A 98 -6.46 19.03 -5.15
CA ILE A 98 -5.74 18.22 -4.18
C ILE A 98 -4.57 17.49 -4.82
N LYS A 99 -3.54 17.23 -4.03
CA LYS A 99 -2.35 16.54 -4.53
C LYS A 99 -1.93 15.43 -3.57
N LEU A 100 -1.93 14.19 -4.07
CA LEU A 100 -1.55 13.04 -3.26
C LEU A 100 -0.18 12.50 -3.68
N THR A 101 0.60 12.06 -2.70
CA THR A 101 1.93 11.53 -2.97
C THR A 101 2.08 10.12 -2.40
N TYR A 102 2.02 9.12 -3.28
CA TYR A 102 2.15 7.73 -2.87
C TYR A 102 3.51 7.17 -3.27
N GLN A 103 4.18 6.53 -2.32
CA GLN A 103 5.49 5.94 -2.57
C GLN A 103 5.37 4.46 -2.91
N VAL A 104 5.70 4.13 -4.15
CA VAL A 104 5.63 2.75 -4.62
C VAL A 104 6.72 1.90 -3.98
N TYR A 105 6.32 0.83 -3.31
CA TYR A 105 7.27 -0.07 -2.66
C TYR A 105 6.91 -1.53 -2.91
N GLY A 106 7.91 -2.33 -3.27
CA GLY A 106 7.68 -3.73 -3.54
C GLY A 106 8.27 -4.64 -2.47
N LEU A 107 7.55 -5.69 -2.12
CA LEU A 107 8.01 -6.62 -1.11
C LEU A 107 7.33 -7.98 -1.27
N ALA A 108 8.12 -8.99 -1.64
CA ALA A 108 7.59 -10.34 -1.83
C ALA A 108 8.47 -11.37 -1.13
N LEU A 109 7.83 -12.36 -0.51
CA LEU A 109 8.56 -13.41 0.18
C LEU A 109 9.07 -14.47 -0.78
N GLU A 110 10.36 -14.41 -1.09
CA GLU A 110 10.96 -15.36 -2.01
C GLU A 110 10.94 -16.77 -1.44
N GLY A 111 11.47 -16.92 -0.22
CA GLY A 111 11.49 -18.22 0.42
C GLY A 111 11.45 -18.12 1.94
N GLN A 112 10.66 -17.18 2.45
CA GLN A 112 10.53 -16.99 3.88
C GLN A 112 9.30 -17.68 4.43
N THR A 113 9.07 -17.54 5.74
CA THR A 113 7.91 -18.16 6.37
C THR A 113 6.61 -17.48 5.95
N PRO A 114 5.54 -18.27 5.84
CA PRO A 114 4.22 -17.77 5.45
C PRO A 114 3.58 -16.91 6.53
N VAL A 115 2.46 -16.28 6.20
CA VAL A 115 1.75 -15.44 7.15
C VAL A 115 0.58 -16.18 7.78
N THR A 116 -0.20 -16.87 6.95
CA THR A 116 -1.35 -17.63 7.43
C THR A 116 -2.16 -16.82 8.44
N THR A 117 -2.12 -15.49 8.30
CA THR A 117 -2.85 -14.61 9.19
C THR A 117 -3.42 -13.41 8.43
N VAL A 118 -4.66 -13.06 8.76
CA VAL A 118 -5.32 -11.93 8.11
C VAL A 118 -6.68 -11.64 8.75
N PRO A 119 -6.82 -10.42 9.31
CA PRO A 119 -8.06 -10.00 9.96
C PRO A 119 -9.20 -9.80 8.97
N PRO A 120 -10.42 -9.61 9.50
CA PRO A 120 -11.62 -9.39 8.68
C PRO A 120 -11.60 -8.05 7.97
N GLY A 121 -10.51 -7.30 8.14
CA GLY A 121 -10.39 -6.01 7.50
C GLY A 121 -9.48 -6.02 6.30
N ALA A 122 -8.89 -7.18 6.03
CA ALA A 122 -7.98 -7.33 4.89
C ALA A 122 -8.43 -8.46 3.97
N ARG A 123 -7.80 -8.56 2.82
CA ARG A 123 -8.14 -9.60 1.85
C ARG A 123 -6.93 -9.96 0.99
N TRP A 124 -6.70 -11.25 0.80
CA TRP A 124 -5.58 -11.73 0.00
C TRP A 124 -6.05 -12.17 -1.38
N LEU A 125 -5.74 -11.38 -2.40
CA LEU A 125 -6.13 -11.69 -3.77
C LEU A 125 -4.92 -11.68 -4.69
N THR A 126 -5.11 -12.16 -5.92
CA THR A 126 -4.04 -12.21 -6.90
C THR A 126 -3.99 -10.93 -7.72
N GLN A 127 -2.84 -10.68 -8.37
CA GLN A 127 -2.67 -9.50 -9.19
C GLN A 127 -3.87 -9.30 -10.12
N GLU A 128 -4.26 -10.36 -10.80
CA GLU A 128 -5.40 -10.31 -11.73
C GLU A 128 -6.65 -9.83 -11.01
N GLU A 129 -6.93 -10.41 -9.85
CA GLU A 129 -8.11 -10.04 -9.07
C GLU A 129 -8.06 -8.57 -8.69
N PHE A 130 -6.89 -8.10 -8.28
CA PHE A 130 -6.70 -6.71 -7.89
C PHE A 130 -7.19 -5.76 -8.98
N HIS A 131 -6.73 -6.01 -10.20
CA HIS A 131 -7.11 -5.18 -11.34
C HIS A 131 -8.63 -4.99 -11.39
N THR A 132 -9.36 -6.11 -11.33
CA THR A 132 -10.81 -6.07 -11.37
C THR A 132 -11.38 -5.49 -10.09
N ALA A 133 -10.57 -5.46 -9.05
CA ALA A 133 -10.99 -4.92 -7.75
C ALA A 133 -11.16 -3.40 -7.82
N ALA A 134 -12.11 -2.88 -7.06
CA ALA A 134 -12.37 -1.45 -7.03
C ALA A 134 -11.25 -0.69 -6.31
N VAL A 135 -10.31 -0.17 -7.08
CA VAL A 135 -9.19 0.58 -6.52
C VAL A 135 -9.02 1.92 -7.22
N SER A 136 -8.59 2.92 -6.47
CA SER A 136 -8.39 4.25 -7.01
C SER A 136 -7.19 4.28 -7.97
N THR A 137 -7.23 5.18 -8.94
CA THR A 137 -6.15 5.31 -9.91
C THR A 137 -4.79 5.29 -9.23
N ALA A 138 -4.60 6.22 -8.28
CA ALA A 138 -3.33 6.30 -7.55
C ALA A 138 -2.79 4.92 -7.22
N MET A 139 -3.55 4.17 -6.43
CA MET A 139 -3.14 2.82 -6.04
C MET A 139 -2.95 1.94 -7.27
N LYS A 140 -3.95 1.92 -8.15
CA LYS A 140 -3.89 1.11 -9.36
C LYS A 140 -2.62 1.41 -10.15
N LYS A 141 -2.02 2.57 -9.90
CA LYS A 141 -0.80 2.97 -10.58
C LYS A 141 0.43 2.42 -9.86
N VAL A 142 0.30 2.22 -8.56
CA VAL A 142 1.39 1.69 -7.75
C VAL A 142 1.73 0.26 -8.15
N PHE A 143 0.78 -0.41 -8.78
CA PHE A 143 0.97 -1.79 -9.21
C PHE A 143 1.84 -1.85 -10.47
N ARG A 144 1.36 -1.20 -11.53
CA ARG A 144 2.09 -1.18 -12.79
C ARG A 144 3.55 -0.75 -12.58
N VAL A 145 3.76 0.09 -11.58
CA VAL A 145 5.10 0.58 -11.27
C VAL A 145 5.91 -0.48 -10.53
N TYR A 146 5.23 -1.30 -9.75
CA TYR A 146 5.88 -2.36 -8.99
C TYR A 146 6.34 -3.49 -9.90
N GLN A 147 5.56 -3.75 -10.95
CA GLN A 147 5.89 -4.81 -11.90
C GLN A 147 7.18 -4.49 -12.64
N GLY A 148 7.25 -3.29 -13.20
CA GLY A 148 8.44 -2.88 -13.93
C GLY A 148 9.12 -1.67 -13.31
N GLN A 149 9.91 -1.90 -12.26
CA GLN A 149 10.61 -0.83 -11.58
C GLN A 149 11.47 -0.03 -12.55
N SER A 150 12.29 -0.75 -13.33
CA SER A 150 13.17 -0.11 -14.30
C SER A 150 12.45 1.03 -15.02
N GLY A 151 11.26 0.74 -15.54
CA GLY A 151 10.49 1.76 -16.24
C GLY A 151 10.00 1.28 -17.59
N PRO A 152 9.77 2.23 -18.51
CA PRO A 152 9.28 1.92 -19.86
C PRO A 152 10.34 1.21 -20.70
N SER A 153 9.91 0.67 -21.84
CA SER A 153 10.82 -0.04 -22.73
C SER A 153 10.23 -0.14 -24.14
N SER A 154 10.94 -0.83 -25.03
CA SER A 154 10.49 -0.99 -26.39
C SER A 154 10.46 -2.48 -26.79
N GLY A 155 9.98 -2.75 -28.00
CA GLY A 155 9.90 -4.12 -28.47
C GLY A 155 8.72 -4.35 -29.39
N GLY A 1 -14.97 5.79 20.95
CA GLY A 1 -14.84 6.54 19.71
C GLY A 1 -16.09 7.34 19.38
N SER A 2 -15.95 8.28 18.45
CA SER A 2 -17.07 9.12 18.05
C SER A 2 -17.05 9.37 16.54
N SER A 3 -18.06 8.85 15.86
CA SER A 3 -18.17 9.00 14.41
C SER A 3 -18.11 10.49 14.02
N GLY A 4 -17.65 10.75 12.81
CA GLY A 4 -17.56 12.12 12.33
C GLY A 4 -16.14 12.51 11.94
N SER A 5 -16.01 13.39 10.96
CA SER A 5 -14.70 13.83 10.49
C SER A 5 -14.81 15.16 9.76
N SER A 6 -13.93 16.09 10.10
CA SER A 6 -13.93 17.41 9.47
C SER A 6 -12.89 17.48 8.37
N GLY A 7 -13.18 16.86 7.23
CA GLY A 7 -12.26 16.86 6.11
C GLY A 7 -11.29 15.70 6.15
N PRO A 8 -10.11 15.88 5.54
CA PRO A 8 -9.08 14.85 5.50
C PRO A 8 -8.43 14.63 6.85
N ARG A 9 -8.55 13.41 7.38
CA ARG A 9 -7.98 13.07 8.67
C ARG A 9 -6.52 13.53 8.76
N LYS A 10 -5.64 12.81 8.07
CA LYS A 10 -4.22 13.13 8.06
C LYS A 10 -4.02 14.64 8.01
N ALA A 11 -4.97 15.34 7.43
CA ALA A 11 -4.89 16.80 7.31
C ALA A 11 -6.08 17.46 8.01
N SER A 12 -6.06 17.47 9.34
CA SER A 12 -7.13 18.08 10.11
C SER A 12 -6.96 19.59 10.20
N ARG A 13 -5.76 20.02 10.59
CA ARG A 13 -5.47 21.45 10.72
C ARG A 13 -5.15 22.05 9.36
N LYS A 14 -4.44 21.29 8.52
CA LYS A 14 -4.07 21.76 7.20
C LYS A 14 -4.99 21.16 6.13
N PRO A 15 -4.98 21.76 4.93
CA PRO A 15 -5.81 21.30 3.82
C PRO A 15 -5.33 19.97 3.25
N PRO A 16 -6.15 19.37 2.36
CA PRO A 16 -5.83 18.09 1.74
C PRO A 16 -4.67 18.21 0.74
N ARG A 17 -4.48 19.41 0.20
CA ARG A 17 -3.41 19.66 -0.75
C ARG A 17 -2.16 18.87 -0.38
N GLU A 18 -1.58 19.20 0.76
CA GLU A 18 -0.37 18.52 1.23
C GLU A 18 -0.70 17.16 1.85
N GLU A 19 -0.51 16.10 1.07
CA GLU A 19 -0.79 14.75 1.54
C GLU A 19 0.19 13.75 0.93
N SER A 20 1.03 13.16 1.79
CA SER A 20 2.02 12.19 1.35
C SER A 20 1.85 10.87 2.08
N SER A 21 2.06 9.76 1.37
CA SER A 21 1.93 8.44 1.95
C SER A 21 2.87 7.45 1.27
N ALA A 22 3.20 6.37 1.97
CA ALA A 22 4.08 5.34 1.43
C ALA A 22 3.41 3.97 1.44
N THR A 23 3.03 3.50 0.27
CA THR A 23 2.37 2.19 0.15
C THR A 23 3.33 1.14 -0.39
N CYS A 24 3.15 -0.09 0.04
CA CYS A 24 4.00 -1.19 -0.41
C CYS A 24 3.16 -2.38 -0.85
N VAL A 25 3.72 -3.19 -1.75
CA VAL A 25 3.02 -4.36 -2.26
C VAL A 25 3.53 -5.64 -1.59
N LEU A 26 2.60 -6.41 -1.02
CA LEU A 26 2.95 -7.65 -0.34
C LEU A 26 2.51 -8.86 -1.17
N GLU A 27 3.48 -9.54 -1.78
CA GLU A 27 3.19 -10.71 -2.60
C GLU A 27 3.87 -11.95 -2.01
N GLN A 28 3.18 -13.09 -2.12
CA GLN A 28 3.72 -14.34 -1.61
C GLN A 28 3.21 -15.52 -2.43
N PRO A 29 4.09 -16.51 -2.66
CA PRO A 29 3.76 -17.71 -3.44
C PRO A 29 2.79 -18.62 -2.70
N GLY A 30 1.74 -19.06 -3.40
CA GLY A 30 0.77 -19.93 -2.80
C GLY A 30 0.87 -21.36 -3.30
N ALA A 31 -0.28 -21.98 -3.56
CA ALA A 31 -0.32 -23.35 -4.06
C ALA A 31 -0.18 -23.38 -5.57
N LEU A 32 -1.00 -22.60 -6.27
CA LEU A 32 -0.97 -22.55 -7.72
C LEU A 32 0.18 -21.67 -8.20
N GLY A 33 0.39 -20.55 -7.51
CA GLY A 33 1.46 -19.63 -7.89
C GLY A 33 1.77 -18.64 -6.80
N ALA A 34 1.14 -17.46 -6.87
CA ALA A 34 1.35 -16.42 -5.88
C ALA A 34 0.16 -15.46 -5.81
N GLN A 35 0.04 -14.76 -4.70
CA GLN A 35 -1.06 -13.81 -4.52
C GLN A 35 -0.64 -12.65 -3.61
N ILE A 36 -1.18 -11.47 -3.88
CA ILE A 36 -0.86 -10.29 -3.09
C ILE A 36 -1.93 -10.01 -2.05
N LEU A 37 -1.71 -8.99 -1.23
CA LEU A 37 -2.66 -8.63 -0.18
C LEU A 37 -3.35 -7.31 -0.52
N LEU A 38 -4.61 -7.18 -0.09
CA LEU A 38 -5.38 -5.97 -0.35
C LEU A 38 -6.27 -5.63 0.84
N VAL A 39 -6.08 -4.44 1.39
CA VAL A 39 -6.87 -3.99 2.53
C VAL A 39 -7.90 -2.95 2.11
N GLN A 40 -8.94 -2.79 2.93
CA GLN A 40 -10.00 -1.82 2.65
C GLN A 40 -10.17 -0.85 3.82
N ARG A 41 -10.03 0.44 3.53
CA ARG A 41 -10.16 1.47 4.56
C ARG A 41 -11.59 1.49 5.10
N PRO A 42 -11.74 2.03 6.32
CA PRO A 42 -13.04 2.13 6.99
C PRO A 42 -13.96 3.15 6.31
N ASN A 43 -15.06 3.49 6.98
CA ASN A 43 -16.02 4.45 6.45
C ASN A 43 -15.53 5.88 6.66
N SER A 44 -14.33 6.17 6.20
CA SER A 44 -13.75 7.50 6.34
C SER A 44 -14.73 8.57 5.88
N GLY A 45 -15.16 8.47 4.62
CA GLY A 45 -16.09 9.43 4.08
C GLY A 45 -16.57 9.05 2.69
N LEU A 46 -16.60 10.04 1.79
CA LEU A 46 -17.03 9.80 0.41
C LEU A 46 -16.37 8.56 -0.17
N LEU A 47 -15.10 8.68 -0.52
CA LEU A 47 -14.34 7.58 -1.08
C LEU A 47 -13.83 6.65 0.01
N ALA A 48 -14.71 5.79 0.52
CA ALA A 48 -14.34 4.85 1.57
C ALA A 48 -14.78 3.43 1.22
N GLY A 49 -14.25 2.45 1.95
CA GLY A 49 -14.59 1.07 1.69
C GLY A 49 -14.10 0.59 0.34
N LEU A 50 -12.95 1.11 -0.08
CA LEU A 50 -12.37 0.72 -1.36
C LEU A 50 -11.13 -0.15 -1.16
N TRP A 51 -11.03 -1.21 -1.94
CA TRP A 51 -9.89 -2.12 -1.84
C TRP A 51 -8.62 -1.47 -2.40
N GLU A 52 -7.53 -1.60 -1.65
CA GLU A 52 -6.25 -1.02 -2.07
C GLU A 52 -5.11 -1.50 -1.17
N PHE A 53 -3.88 -1.29 -1.62
CA PHE A 53 -2.71 -1.71 -0.87
C PHE A 53 -2.54 -0.85 0.39
N PRO A 54 -1.99 -1.46 1.44
CA PRO A 54 -1.77 -0.78 2.72
C PRO A 54 -0.66 0.27 2.62
N SER A 55 -0.85 1.39 3.32
CA SER A 55 0.14 2.46 3.32
C SER A 55 0.22 3.14 4.68
N VAL A 56 1.34 3.82 4.93
CA VAL A 56 1.54 4.50 6.21
C VAL A 56 1.85 5.98 5.98
N THR A 57 1.98 6.72 7.08
CA THR A 57 2.29 8.15 7.01
C THR A 57 3.62 8.39 6.32
N TRP A 58 3.71 9.47 5.56
CA TRP A 58 4.93 9.82 4.85
C TRP A 58 6.06 10.12 5.84
N GLU A 59 7.27 9.70 5.49
CA GLU A 59 8.43 9.92 6.35
C GLU A 59 9.53 10.65 5.58
N PRO A 60 10.12 11.67 6.23
CA PRO A 60 11.20 12.47 5.64
C PRO A 60 12.49 11.68 5.48
N SER A 61 12.69 10.71 6.37
CA SER A 61 13.89 9.88 6.34
C SER A 61 13.66 8.62 5.50
N GLU A 62 14.74 8.11 4.92
CA GLU A 62 14.65 6.91 4.09
C GLU A 62 14.38 5.67 4.95
N GLN A 63 14.86 5.70 6.19
CA GLN A 63 14.66 4.59 7.11
C GLN A 63 13.29 4.65 7.76
N LEU A 64 13.03 5.73 8.49
CA LEU A 64 11.75 5.91 9.16
C LEU A 64 10.60 5.42 8.28
N GLN A 65 10.67 5.74 7.00
CA GLN A 65 9.64 5.34 6.05
C GLN A 65 9.44 3.83 6.08
N ARG A 66 10.52 3.08 5.94
CA ARG A 66 10.47 1.63 5.95
C ARG A 66 10.08 1.11 7.33
N LYS A 67 10.76 1.60 8.36
CA LYS A 67 10.50 1.20 9.73
C LYS A 67 9.00 1.19 10.02
N ALA A 68 8.35 2.33 9.82
CA ALA A 68 6.92 2.45 10.05
C ALA A 68 6.13 1.70 8.98
N LEU A 69 6.47 1.94 7.73
CA LEU A 69 5.79 1.28 6.61
C LEU A 69 5.52 -0.18 6.93
N LEU A 70 6.52 -0.87 7.47
CA LEU A 70 6.39 -2.27 7.82
C LEU A 70 5.45 -2.45 9.01
N GLN A 71 5.70 -1.70 10.08
CA GLN A 71 4.89 -1.77 11.28
C GLN A 71 3.42 -1.98 10.92
N GLU A 72 2.96 -1.26 9.90
CA GLU A 72 1.57 -1.36 9.47
C GLU A 72 1.31 -2.72 8.82
N LEU A 73 2.09 -3.06 7.81
CA LEU A 73 1.93 -4.33 7.11
C LEU A 73 1.77 -5.48 8.09
N GLN A 74 2.64 -5.51 9.11
CA GLN A 74 2.58 -6.55 10.12
C GLN A 74 1.19 -6.66 10.72
N ARG A 75 0.59 -5.52 11.03
CA ARG A 75 -0.75 -5.48 11.61
C ARG A 75 -1.71 -6.33 10.79
N TRP A 76 -1.51 -6.36 9.49
CA TRP A 76 -2.38 -7.14 8.59
C TRP A 76 -1.88 -8.57 8.48
N ALA A 77 -0.76 -8.75 7.79
CA ALA A 77 -0.18 -10.07 7.62
C ALA A 77 0.54 -10.54 8.88
N GLY A 78 1.69 -9.93 9.15
CA GLY A 78 2.47 -10.29 10.32
C GLY A 78 3.96 -10.14 10.11
N PRO A 79 4.62 -11.27 9.82
CA PRO A 79 6.07 -11.29 9.58
C PRO A 79 6.45 -10.61 8.26
N LEU A 80 7.07 -9.44 8.37
CA LEU A 80 7.48 -8.69 7.20
C LEU A 80 9.00 -8.44 7.20
N PRO A 81 9.64 -8.70 6.06
CA PRO A 81 11.09 -8.51 5.91
C PRO A 81 11.49 -7.05 5.93
N ALA A 82 12.79 -6.80 5.91
CA ALA A 82 13.31 -5.43 5.92
C ALA A 82 14.12 -5.14 4.66
N THR A 83 15.09 -6.00 4.37
CA THR A 83 15.94 -5.83 3.21
C THR A 83 15.14 -6.01 1.91
N HIS A 84 14.38 -7.09 1.84
CA HIS A 84 13.56 -7.37 0.66
C HIS A 84 12.89 -6.10 0.15
N LEU A 85 12.36 -5.31 1.07
CA LEU A 85 11.69 -4.06 0.72
C LEU A 85 12.59 -3.20 -0.17
N ARG A 86 12.00 -2.66 -1.23
CA ARG A 86 12.74 -1.81 -2.17
C ARG A 86 11.81 -0.86 -2.89
N HIS A 87 12.23 0.39 -3.02
CA HIS A 87 11.43 1.42 -3.70
C HIS A 87 11.49 1.22 -5.21
N LEU A 88 10.31 1.09 -5.83
CA LEU A 88 10.23 0.89 -7.27
C LEU A 88 9.26 1.89 -7.90
N GLY A 89 9.79 3.03 -8.32
CA GLY A 89 8.96 4.05 -8.93
C GLY A 89 8.12 4.80 -7.92
N GLU A 90 7.22 5.65 -8.40
CA GLU A 90 6.36 6.44 -7.53
C GLU A 90 5.03 6.73 -8.21
N VAL A 91 4.08 7.27 -7.44
CA VAL A 91 2.76 7.60 -7.97
C VAL A 91 2.27 8.95 -7.43
N VAL A 92 2.30 9.96 -8.28
CA VAL A 92 1.86 11.30 -7.89
C VAL A 92 0.70 11.77 -8.76
N HIS A 93 -0.51 11.70 -8.21
CA HIS A 93 -1.70 12.13 -8.94
C HIS A 93 -2.11 13.55 -8.55
N THR A 94 -1.90 14.49 -9.47
CA THR A 94 -2.23 15.88 -9.22
C THR A 94 -3.72 16.14 -9.45
N PHE A 95 -4.45 16.35 -8.35
CA PHE A 95 -5.89 16.60 -8.43
C PHE A 95 -6.16 18.08 -8.74
N SER A 96 -7.44 18.42 -8.88
CA SER A 96 -7.83 19.79 -9.18
C SER A 96 -7.13 20.77 -8.24
N HIS A 97 -7.51 20.75 -6.97
CA HIS A 97 -6.93 21.64 -5.97
C HIS A 97 -6.21 20.84 -4.88
N ILE A 98 -5.71 19.66 -5.26
CA ILE A 98 -5.00 18.81 -4.31
C ILE A 98 -3.88 18.03 -5.00
N LYS A 99 -2.78 17.82 -4.28
CA LYS A 99 -1.64 17.09 -4.82
C LYS A 99 -1.22 15.96 -3.88
N LEU A 100 -1.34 14.73 -4.36
CA LEU A 100 -0.97 13.56 -3.56
C LEU A 100 0.37 13.00 -4.02
N THR A 101 1.13 12.47 -3.06
CA THR A 101 2.43 11.90 -3.36
C THR A 101 2.60 10.53 -2.71
N TYR A 102 2.36 9.47 -3.49
CA TYR A 102 2.48 8.11 -2.98
C TYR A 102 3.82 7.50 -3.37
N GLN A 103 4.36 6.68 -2.48
CA GLN A 103 5.65 6.03 -2.73
C GLN A 103 5.45 4.55 -3.04
N VAL A 104 5.80 4.16 -4.27
CA VAL A 104 5.67 2.76 -4.69
C VAL A 104 6.75 1.89 -4.07
N TYR A 105 6.33 0.84 -3.38
CA TYR A 105 7.28 -0.07 -2.73
C TYR A 105 6.93 -1.52 -3.04
N GLY A 106 7.94 -2.31 -3.38
CA GLY A 106 7.73 -3.70 -3.71
C GLY A 106 8.28 -4.64 -2.65
N LEU A 107 7.47 -5.60 -2.23
CA LEU A 107 7.88 -6.56 -1.21
C LEU A 107 7.23 -7.92 -1.44
N ALA A 108 8.06 -8.94 -1.64
CA ALA A 108 7.56 -10.29 -1.87
C ALA A 108 8.39 -11.32 -1.10
N LEU A 109 7.75 -12.43 -0.73
CA LEU A 109 8.43 -13.48 0.01
C LEU A 109 8.98 -14.54 -0.93
N GLU A 110 10.29 -14.51 -1.16
CA GLU A 110 10.93 -15.47 -2.04
C GLU A 110 10.34 -16.85 -1.86
N GLY A 111 10.15 -17.26 -0.61
CA GLY A 111 9.59 -18.56 -0.32
C GLY A 111 10.12 -19.15 0.97
N GLN A 112 9.84 -18.48 2.08
CA GLN A 112 10.29 -18.94 3.39
C GLN A 112 9.13 -19.52 4.19
N THR A 113 8.24 -18.65 4.64
CA THR A 113 7.08 -19.08 5.43
C THR A 113 5.88 -18.19 5.16
N PRO A 114 4.69 -18.81 5.07
CA PRO A 114 3.43 -18.09 4.83
C PRO A 114 3.02 -17.23 6.02
N VAL A 115 1.97 -16.43 5.82
CA VAL A 115 1.47 -15.56 6.88
C VAL A 115 0.29 -16.21 7.59
N THR A 116 -0.62 -16.80 6.82
CA THR A 116 -1.79 -17.45 7.38
C THR A 116 -2.43 -16.59 8.46
N THR A 117 -2.31 -15.28 8.31
CA THR A 117 -2.88 -14.34 9.28
C THR A 117 -3.42 -13.10 8.59
N VAL A 118 -4.66 -12.74 8.91
CA VAL A 118 -5.29 -11.56 8.33
C VAL A 118 -6.62 -11.26 9.00
N PRO A 119 -6.79 -10.00 9.45
CA PRO A 119 -8.01 -9.56 10.13
C PRO A 119 -9.19 -9.47 9.17
N PRO A 120 -10.39 -9.28 9.74
CA PRO A 120 -11.63 -9.17 8.96
C PRO A 120 -11.70 -7.89 8.15
N GLY A 121 -10.63 -7.09 8.21
CA GLY A 121 -10.59 -5.84 7.47
C GLY A 121 -9.61 -5.89 6.31
N ALA A 122 -9.19 -7.10 5.94
CA ALA A 122 -8.26 -7.27 4.83
C ALA A 122 -8.66 -8.46 3.97
N ARG A 123 -8.01 -8.59 2.82
CA ARG A 123 -8.29 -9.68 1.90
C ARG A 123 -7.05 -10.04 1.07
N TRP A 124 -6.86 -11.33 0.83
CA TRP A 124 -5.72 -11.80 0.06
C TRP A 124 -6.16 -12.29 -1.32
N LEU A 125 -5.80 -11.53 -2.35
CA LEU A 125 -6.17 -11.90 -3.72
C LEU A 125 -4.92 -11.97 -4.60
N THR A 126 -5.10 -12.48 -5.82
CA THR A 126 -4.00 -12.62 -6.76
C THR A 126 -3.72 -11.29 -7.47
N GLN A 127 -2.63 -11.24 -8.21
CA GLN A 127 -2.26 -10.03 -8.94
C GLN A 127 -3.40 -9.55 -9.82
N GLU A 128 -3.88 -10.45 -10.68
CA GLU A 128 -4.97 -10.12 -11.59
C GLU A 128 -6.20 -9.65 -10.81
N GLU A 129 -6.64 -10.46 -9.86
CA GLU A 129 -7.80 -10.13 -9.04
C GLU A 129 -7.78 -8.65 -8.64
N PHE A 130 -6.62 -8.19 -8.18
CA PHE A 130 -6.48 -6.80 -7.76
C PHE A 130 -6.93 -5.85 -8.86
N HIS A 131 -6.37 -6.02 -10.06
CA HIS A 131 -6.72 -5.17 -11.19
C HIS A 131 -8.22 -4.95 -11.26
N THR A 132 -8.98 -6.04 -11.34
CA THR A 132 -10.43 -5.97 -11.42
C THR A 132 -11.01 -5.31 -10.16
N ALA A 133 -10.61 -5.82 -9.00
CA ALA A 133 -11.09 -5.28 -7.73
C ALA A 133 -11.27 -3.77 -7.81
N ALA A 134 -12.17 -3.24 -6.99
CA ALA A 134 -12.42 -1.81 -6.96
C ALA A 134 -11.27 -1.05 -6.31
N VAL A 135 -10.41 -0.48 -7.14
CA VAL A 135 -9.26 0.26 -6.65
C VAL A 135 -9.16 1.63 -7.32
N SER A 136 -8.83 2.65 -6.54
CA SER A 136 -8.72 4.01 -7.06
C SER A 136 -7.54 4.13 -8.03
N THR A 137 -7.61 5.11 -8.92
CA THR A 137 -6.55 5.33 -9.90
C THR A 137 -5.18 5.31 -9.23
N ALA A 138 -4.99 6.18 -8.25
CA ALA A 138 -3.72 6.27 -7.54
C ALA A 138 -3.18 4.88 -7.20
N MET A 139 -3.84 4.21 -6.28
CA MET A 139 -3.44 2.87 -5.87
C MET A 139 -3.22 1.97 -7.09
N LYS A 140 -4.19 1.97 -8.00
CA LYS A 140 -4.09 1.16 -9.21
C LYS A 140 -2.78 1.41 -9.94
N LYS A 141 -2.28 2.64 -9.83
CA LYS A 141 -1.02 3.01 -10.48
C LYS A 141 0.17 2.40 -9.75
N VAL A 142 0.13 2.47 -8.42
CA VAL A 142 1.21 1.94 -7.60
C VAL A 142 1.53 0.50 -7.99
N PHE A 143 0.54 -0.20 -8.52
CA PHE A 143 0.72 -1.59 -8.94
C PHE A 143 1.54 -1.66 -10.22
N ARG A 144 0.95 -1.24 -11.34
CA ARG A 144 1.63 -1.26 -12.62
C ARG A 144 3.07 -0.77 -12.49
N VAL A 145 3.28 0.18 -11.58
CA VAL A 145 4.61 0.74 -11.35
C VAL A 145 5.52 -0.28 -10.68
N TYR A 146 4.97 -1.04 -9.75
CA TYR A 146 5.74 -2.05 -9.03
C TYR A 146 6.04 -3.25 -9.92
N GLN A 147 5.04 -3.66 -10.70
CA GLN A 147 5.19 -4.80 -11.60
C GLN A 147 6.55 -4.76 -12.29
N GLY A 148 6.80 -3.71 -13.06
CA GLY A 148 8.07 -3.58 -13.76
C GLY A 148 9.08 -2.77 -12.97
N GLN A 149 10.19 -3.40 -12.62
CA GLN A 149 11.25 -2.74 -11.86
C GLN A 149 12.60 -2.91 -12.55
N SER A 150 13.30 -1.80 -12.72
CA SER A 150 14.61 -1.82 -13.37
C SER A 150 15.68 -2.34 -12.42
N GLY A 151 15.95 -3.64 -12.51
CA GLY A 151 16.95 -4.25 -11.65
C GLY A 151 17.76 -5.32 -12.37
N PRO A 152 18.65 -5.98 -11.62
CA PRO A 152 19.51 -7.03 -12.17
C PRO A 152 18.72 -8.30 -12.51
N SER A 153 19.08 -8.93 -13.62
CA SER A 153 18.41 -10.14 -14.06
C SER A 153 18.90 -11.36 -13.27
N SER A 154 20.21 -11.57 -13.29
CA SER A 154 20.81 -12.69 -12.59
C SER A 154 22.26 -12.39 -12.22
N GLY A 155 22.62 -12.66 -10.97
CA GLY A 155 23.98 -12.40 -10.51
C GLY A 155 24.26 -13.04 -9.16
N GLY A 1 2.16 8.73 19.19
CA GLY A 1 1.04 8.66 20.10
C GLY A 1 -0.26 9.12 19.47
N SER A 2 -0.48 8.71 18.22
CA SER A 2 -1.69 9.09 17.49
C SER A 2 -2.21 7.92 16.66
N SER A 3 -3.53 7.71 16.71
CA SER A 3 -4.14 6.62 15.96
C SER A 3 -5.54 7.02 15.49
N GLY A 4 -5.92 6.51 14.32
CA GLY A 4 -7.23 6.83 13.76
C GLY A 4 -7.52 6.07 12.48
N SER A 5 -8.09 6.76 11.50
CA SER A 5 -8.42 6.15 10.22
C SER A 5 -7.63 6.79 9.09
N SER A 6 -7.58 6.11 7.95
CA SER A 6 -6.85 6.61 6.79
C SER A 6 -7.75 7.51 5.94
N GLY A 7 -8.52 8.37 6.61
CA GLY A 7 -9.41 9.27 5.90
C GLY A 7 -9.06 10.73 6.13
N PRO A 8 -8.14 11.26 5.31
CA PRO A 8 -7.71 12.66 5.41
C PRO A 8 -8.79 13.64 5.00
N ARG A 9 -9.95 13.11 4.63
CA ARG A 9 -11.09 13.94 4.22
C ARG A 9 -11.77 14.56 5.44
N LYS A 10 -12.10 13.72 6.41
CA LYS A 10 -12.77 14.18 7.62
C LYS A 10 -11.81 14.95 8.52
N ALA A 11 -10.51 14.75 8.30
CA ALA A 11 -9.49 15.43 9.08
C ALA A 11 -9.46 16.92 8.77
N SER A 12 -9.74 17.74 9.78
CA SER A 12 -9.75 19.19 9.60
C SER A 12 -8.46 19.81 10.14
N ARG A 13 -7.94 19.23 11.21
CA ARG A 13 -6.71 19.73 11.82
C ARG A 13 -5.70 20.12 10.75
N LYS A 14 -5.73 19.41 9.63
CA LYS A 14 -4.81 19.69 8.53
C LYS A 14 -5.53 19.59 7.19
N PRO A 15 -5.11 20.43 6.23
CA PRO A 15 -5.70 20.48 4.89
C PRO A 15 -5.36 19.23 4.08
N PRO A 16 -6.31 18.81 3.22
CA PRO A 16 -6.14 17.63 2.38
C PRO A 16 -5.11 17.84 1.27
N ARG A 17 -5.00 19.09 0.82
CA ARG A 17 -4.05 19.43 -0.24
C ARG A 17 -2.74 18.66 -0.06
N GLU A 18 -2.03 18.95 1.02
CA GLU A 18 -0.76 18.29 1.31
C GLU A 18 -0.99 16.98 2.05
N GLU A 19 -0.93 15.88 1.31
CA GLU A 19 -1.13 14.55 1.90
C GLU A 19 -0.22 13.52 1.24
N SER A 20 0.74 13.01 2.01
CA SER A 20 1.68 12.01 1.51
C SER A 20 1.61 10.73 2.32
N SER A 21 1.78 9.60 1.64
CA SER A 21 1.73 8.30 2.30
C SER A 21 2.65 7.30 1.61
N ALA A 22 3.04 6.26 2.34
CA ALA A 22 3.93 5.23 1.79
C ALA A 22 3.20 3.90 1.67
N THR A 23 2.99 3.45 0.43
CA THR A 23 2.31 2.19 0.18
C THR A 23 3.27 1.14 -0.35
N CYS A 24 3.03 -0.12 0.02
CA CYS A 24 3.88 -1.22 -0.41
C CYS A 24 3.04 -2.38 -0.94
N VAL A 25 3.66 -3.20 -1.79
CA VAL A 25 2.97 -4.34 -2.37
C VAL A 25 3.46 -5.66 -1.76
N LEU A 26 2.70 -6.18 -0.81
CA LEU A 26 3.07 -7.44 -0.15
C LEU A 26 2.55 -8.63 -0.94
N GLU A 27 3.47 -9.38 -1.54
CA GLU A 27 3.12 -10.56 -2.32
C GLU A 27 3.81 -11.80 -1.78
N GLN A 28 3.19 -12.96 -1.98
CA GLN A 28 3.74 -14.22 -1.51
C GLN A 28 3.51 -15.33 -2.52
N PRO A 29 4.53 -16.17 -2.73
CA PRO A 29 4.47 -17.28 -3.68
C PRO A 29 3.53 -18.38 -3.21
N GLY A 30 2.57 -18.75 -4.05
CA GLY A 30 1.63 -19.80 -3.71
C GLY A 30 1.78 -21.02 -4.57
N ALA A 31 0.93 -21.13 -5.60
CA ALA A 31 0.98 -22.26 -6.51
C ALA A 31 1.05 -21.80 -7.96
N LEU A 32 -0.07 -21.30 -8.48
CA LEU A 32 -0.12 -20.82 -9.85
C LEU A 32 0.92 -19.74 -10.10
N GLY A 33 1.11 -18.86 -9.12
CA GLY A 33 2.09 -17.80 -9.25
C GLY A 33 2.36 -17.10 -7.93
N ALA A 34 1.49 -16.18 -7.55
CA ALA A 34 1.64 -15.43 -6.31
C ALA A 34 0.36 -14.69 -5.94
N GLN A 35 0.28 -14.22 -4.70
CA GLN A 35 -0.89 -13.48 -4.24
C GLN A 35 -0.47 -12.26 -3.45
N ILE A 36 -1.17 -11.14 -3.67
CA ILE A 36 -0.87 -9.90 -2.98
C ILE A 36 -1.90 -9.62 -1.89
N LEU A 37 -1.65 -8.59 -1.09
CA LEU A 37 -2.56 -8.22 -0.01
C LEU A 37 -3.30 -6.92 -0.34
N LEU A 38 -4.58 -6.87 0.00
CA LEU A 38 -5.39 -5.69 -0.27
C LEU A 38 -6.28 -5.37 0.94
N VAL A 39 -6.19 -4.14 1.43
CA VAL A 39 -6.99 -3.71 2.56
C VAL A 39 -8.02 -2.67 2.15
N GLN A 40 -9.26 -2.87 2.57
CA GLN A 40 -10.34 -1.95 2.24
C GLN A 40 -10.19 -0.64 2.99
N ARG A 41 -10.85 0.41 2.50
CA ARG A 41 -10.78 1.72 3.12
C ARG A 41 -12.07 2.03 3.89
N PRO A 42 -11.95 2.88 4.92
CA PRO A 42 -13.10 3.27 5.75
C PRO A 42 -14.09 4.16 5.00
N ASN A 43 -15.31 4.22 5.49
CA ASN A 43 -16.35 5.03 4.87
C ASN A 43 -16.16 6.51 5.22
N SER A 44 -15.42 7.23 4.37
CA SER A 44 -15.17 8.65 4.58
C SER A 44 -15.48 9.45 3.34
N GLY A 45 -16.76 9.79 3.17
CA GLY A 45 -17.18 10.56 2.01
C GLY A 45 -16.81 9.88 0.69
N LEU A 46 -16.51 10.68 -0.32
CA LEU A 46 -16.14 10.15 -1.63
C LEU A 46 -15.26 8.92 -1.49
N LEU A 47 -15.21 8.12 -2.54
CA LEU A 47 -14.39 6.90 -2.54
C LEU A 47 -14.52 6.17 -1.21
N ALA A 48 -15.76 6.00 -0.74
CA ALA A 48 -16.02 5.31 0.51
C ALA A 48 -16.20 3.82 0.28
N GLY A 49 -15.29 3.03 0.85
CA GLY A 49 -15.36 1.59 0.69
C GLY A 49 -14.63 1.10 -0.54
N LEU A 50 -13.38 1.49 -0.68
CA LEU A 50 -12.57 1.09 -1.82
C LEU A 50 -11.37 0.26 -1.38
N TRP A 51 -11.06 -0.78 -2.16
CA TRP A 51 -9.94 -1.65 -1.84
C TRP A 51 -8.65 -1.13 -2.48
N GLU A 52 -7.58 -1.11 -1.68
CA GLU A 52 -6.29 -0.63 -2.16
C GLU A 52 -5.16 -1.12 -1.27
N PHE A 53 -3.96 -1.16 -1.81
CA PHE A 53 -2.79 -1.62 -1.06
C PHE A 53 -2.62 -0.80 0.22
N PRO A 54 -2.12 -1.46 1.27
CA PRO A 54 -1.90 -0.82 2.57
C PRO A 54 -0.74 0.18 2.53
N SER A 55 -0.88 1.27 3.28
CA SER A 55 0.15 2.31 3.32
C SER A 55 0.22 2.94 4.71
N VAL A 56 1.34 3.60 4.99
CA VAL A 56 1.54 4.25 6.28
C VAL A 56 1.87 5.72 6.11
N THR A 57 2.00 6.43 7.23
CA THR A 57 2.31 7.85 7.20
C THR A 57 3.64 8.11 6.49
N TRP A 58 3.66 9.11 5.63
CA TRP A 58 4.87 9.46 4.89
C TRP A 58 6.00 9.84 5.84
N GLU A 59 7.22 9.89 5.32
CA GLU A 59 8.38 10.24 6.12
C GLU A 59 9.43 10.95 5.27
N PRO A 60 10.05 12.00 5.87
CA PRO A 60 11.08 12.78 5.18
C PRO A 60 12.38 12.00 4.98
N SER A 61 12.52 10.90 5.72
CA SER A 61 13.71 10.07 5.62
C SER A 61 13.41 8.79 4.84
N GLU A 62 14.45 8.20 4.26
CA GLU A 62 14.31 6.98 3.48
C GLU A 62 14.20 5.76 4.39
N GLN A 63 14.72 5.90 5.61
CA GLN A 63 14.69 4.81 6.58
C GLN A 63 13.39 4.83 7.38
N LEU A 64 13.04 6.01 7.89
CA LEU A 64 11.82 6.17 8.67
C LEU A 64 10.60 5.70 7.88
N GLN A 65 10.63 5.91 6.57
CA GLN A 65 9.53 5.51 5.70
C GLN A 65 9.32 4.00 5.77
N ARG A 66 10.38 3.24 5.50
CA ARG A 66 10.30 1.78 5.52
C ARG A 66 9.95 1.28 6.92
N LYS A 67 10.53 1.92 7.93
CA LYS A 67 10.28 1.54 9.32
C LYS A 67 8.79 1.41 9.59
N ALA A 68 8.07 2.53 9.51
CA ALA A 68 6.64 2.53 9.74
C ALA A 68 5.91 1.69 8.70
N LEU A 69 6.39 1.73 7.47
CA LEU A 69 5.79 0.98 6.37
C LEU A 69 5.45 -0.44 6.82
N LEU A 70 6.48 -1.19 7.21
CA LEU A 70 6.30 -2.56 7.66
C LEU A 70 5.44 -2.61 8.92
N GLN A 71 5.77 -1.77 9.89
CA GLN A 71 5.03 -1.73 11.14
C GLN A 71 3.55 -1.98 10.91
N GLU A 72 3.03 -1.43 9.80
CA GLU A 72 1.62 -1.60 9.47
C GLU A 72 1.37 -2.96 8.83
N LEU A 73 2.12 -3.26 7.77
CA LEU A 73 1.98 -4.53 7.07
C LEU A 73 1.84 -5.68 8.06
N GLN A 74 2.74 -5.74 9.04
CA GLN A 74 2.70 -6.79 10.04
C GLN A 74 1.30 -6.93 10.65
N ARG A 75 0.70 -5.79 10.97
CA ARG A 75 -0.64 -5.79 11.56
C ARG A 75 -1.61 -6.61 10.72
N TRP A 76 -1.39 -6.62 9.40
CA TRP A 76 -2.24 -7.37 8.49
C TRP A 76 -1.79 -8.83 8.40
N ALA A 77 -0.65 -9.05 7.76
CA ALA A 77 -0.11 -10.40 7.61
C ALA A 77 0.61 -10.85 8.87
N GLY A 78 1.76 -10.23 9.13
CA GLY A 78 2.54 -10.58 10.31
C GLY A 78 4.03 -10.40 10.10
N PRO A 79 4.73 -11.50 9.82
CA PRO A 79 6.18 -11.48 9.59
C PRO A 79 6.56 -10.79 8.29
N LEU A 80 7.19 -9.64 8.39
CA LEU A 80 7.60 -8.88 7.21
C LEU A 80 9.09 -8.58 7.26
N PRO A 81 9.78 -8.78 6.12
CA PRO A 81 11.22 -8.54 6.00
C PRO A 81 11.55 -7.05 6.04
N ALA A 82 12.82 -6.74 5.82
CA ALA A 82 13.28 -5.35 5.82
C ALA A 82 14.12 -5.04 4.58
N THR A 83 15.31 -5.63 4.53
CA THR A 83 16.21 -5.41 3.40
C THR A 83 15.53 -5.77 2.08
N HIS A 84 14.69 -6.79 2.11
CA HIS A 84 13.98 -7.23 0.93
C HIS A 84 13.23 -6.07 0.28
N LEU A 85 12.67 -5.19 1.11
CA LEU A 85 11.93 -4.04 0.62
C LEU A 85 12.82 -3.13 -0.22
N ARG A 86 12.45 -2.94 -1.47
CA ARG A 86 13.21 -2.09 -2.39
C ARG A 86 12.31 -1.05 -3.03
N HIS A 87 12.82 0.18 -3.15
CA HIS A 87 12.08 1.27 -3.75
C HIS A 87 11.94 1.07 -5.26
N LEU A 88 10.70 1.03 -5.74
CA LEU A 88 10.44 0.84 -7.16
C LEU A 88 9.51 1.93 -7.70
N GLY A 89 10.10 3.00 -8.23
CA GLY A 89 9.32 4.09 -8.76
C GLY A 89 8.40 4.71 -7.72
N GLU A 90 7.57 5.64 -8.16
CA GLU A 90 6.63 6.32 -7.27
C GLU A 90 5.29 6.57 -7.96
N VAL A 91 4.31 6.99 -7.17
CA VAL A 91 2.98 7.27 -7.70
C VAL A 91 2.39 8.54 -7.09
N VAL A 92 2.38 9.61 -7.86
CA VAL A 92 1.84 10.89 -7.40
C VAL A 92 0.62 11.30 -8.20
N HIS A 93 -0.53 11.32 -7.54
CA HIS A 93 -1.78 11.70 -8.19
C HIS A 93 -2.24 13.08 -7.75
N THR A 94 -3.03 13.74 -8.58
CA THR A 94 -3.54 15.08 -8.27
C THR A 94 -5.06 15.12 -8.36
N PHE A 95 -5.69 15.53 -7.27
CA PHE A 95 -7.14 15.62 -7.22
C PHE A 95 -7.60 17.08 -7.19
N SER A 96 -8.91 17.29 -7.11
CA SER A 96 -9.48 18.63 -7.08
C SER A 96 -8.83 19.46 -5.98
N HIS A 97 -8.34 20.64 -6.34
CA HIS A 97 -7.70 21.53 -5.38
C HIS A 97 -6.95 20.74 -4.32
N ILE A 98 -6.44 19.57 -4.70
CA ILE A 98 -5.70 18.71 -3.78
C ILE A 98 -4.59 17.97 -4.50
N LYS A 99 -3.61 17.49 -3.74
CA LYS A 99 -2.48 16.77 -4.30
C LYS A 99 -2.06 15.63 -3.38
N LEU A 100 -1.90 14.44 -3.95
CA LEU A 100 -1.50 13.26 -3.19
C LEU A 100 -0.17 12.70 -3.71
N THR A 101 0.59 12.10 -2.81
CA THR A 101 1.88 11.52 -3.17
C THR A 101 2.08 10.17 -2.49
N TYR A 102 2.16 9.12 -3.29
CA TYR A 102 2.35 7.77 -2.76
C TYR A 102 3.70 7.20 -3.20
N GLN A 103 4.38 6.53 -2.28
CA GLN A 103 5.68 5.94 -2.55
C GLN A 103 5.56 4.43 -2.80
N VAL A 104 5.88 4.01 -4.02
CA VAL A 104 5.81 2.60 -4.38
C VAL A 104 6.90 1.79 -3.68
N TYR A 105 6.50 0.73 -3.00
CA TYR A 105 7.44 -0.12 -2.29
C TYR A 105 7.14 -1.60 -2.52
N GLY A 106 7.98 -2.26 -3.29
CA GLY A 106 7.79 -3.67 -3.58
C GLY A 106 8.35 -4.57 -2.50
N LEU A 107 7.57 -5.56 -2.08
CA LEU A 107 8.00 -6.50 -1.05
C LEU A 107 7.35 -7.86 -1.24
N ALA A 108 8.17 -8.85 -1.59
CA ALA A 108 7.67 -10.20 -1.80
C ALA A 108 8.50 -11.22 -1.02
N LEU A 109 7.82 -12.18 -0.41
CA LEU A 109 8.50 -13.22 0.37
C LEU A 109 9.20 -14.22 -0.54
N GLU A 110 10.53 -14.26 -0.46
CA GLU A 110 11.31 -15.17 -1.28
C GLU A 110 10.78 -16.59 -1.17
N GLY A 111 9.99 -16.85 -0.13
CA GLY A 111 9.43 -18.17 0.07
C GLY A 111 9.90 -18.81 1.36
N GLN A 112 9.77 -18.08 2.46
CA GLN A 112 10.19 -18.58 3.77
C GLN A 112 9.04 -19.28 4.48
N THR A 113 8.00 -18.50 4.80
CA THR A 113 6.83 -19.04 5.49
C THR A 113 5.59 -18.20 5.21
N PRO A 114 4.45 -18.87 5.03
CA PRO A 114 3.16 -18.21 4.76
C PRO A 114 2.65 -17.43 5.96
N VAL A 115 1.45 -16.88 5.82
CA VAL A 115 0.84 -16.10 6.90
C VAL A 115 -0.48 -16.72 7.34
N THR A 116 -1.27 -17.19 6.37
CA THR A 116 -2.55 -17.81 6.66
C THR A 116 -3.22 -17.15 7.87
N THR A 117 -3.16 -15.82 7.93
CA THR A 117 -3.75 -15.08 9.02
C THR A 117 -3.95 -13.61 8.65
N VAL A 118 -5.19 -13.15 8.68
CA VAL A 118 -5.51 -11.77 8.35
C VAL A 118 -6.63 -11.23 9.23
N PRO A 119 -6.46 -9.99 9.71
CA PRO A 119 -7.45 -9.33 10.57
C PRO A 119 -8.73 -8.99 9.83
N PRO A 120 -9.79 -8.65 10.59
CA PRO A 120 -11.09 -8.28 10.01
C PRO A 120 -11.05 -6.94 9.29
N GLY A 121 -10.86 -6.99 7.97
CA GLY A 121 -10.81 -5.76 7.19
C GLY A 121 -9.84 -5.87 6.03
N ALA A 122 -9.09 -6.96 5.99
CA ALA A 122 -8.11 -7.18 4.91
C ALA A 122 -8.54 -8.33 4.01
N ARG A 123 -7.93 -8.40 2.83
CA ARG A 123 -8.24 -9.45 1.87
C ARG A 123 -7.00 -9.85 1.08
N TRP A 124 -6.85 -11.15 0.87
CA TRP A 124 -5.71 -11.68 0.12
C TRP A 124 -6.13 -12.16 -1.26
N LEU A 125 -5.87 -11.33 -2.27
CA LEU A 125 -6.22 -11.67 -3.64
C LEU A 125 -4.98 -11.74 -4.52
N THR A 126 -5.14 -12.24 -5.75
CA THR A 126 -4.03 -12.36 -6.69
C THR A 126 -3.81 -11.05 -7.44
N GLN A 127 -2.68 -10.95 -8.12
CA GLN A 127 -2.35 -9.75 -8.88
C GLN A 127 -3.48 -9.38 -9.83
N GLU A 128 -3.90 -10.34 -10.65
CA GLU A 128 -4.98 -10.12 -11.60
C GLU A 128 -6.23 -9.60 -10.89
N GLU A 129 -6.64 -10.31 -9.84
CA GLU A 129 -7.82 -9.93 -9.08
C GLU A 129 -7.80 -8.44 -8.74
N PHE A 130 -6.74 -8.00 -8.08
CA PHE A 130 -6.60 -6.59 -7.71
C PHE A 130 -7.11 -5.68 -8.82
N HIS A 131 -6.48 -5.77 -10.00
CA HIS A 131 -6.88 -4.96 -11.14
C HIS A 131 -8.39 -4.78 -11.19
N THR A 132 -9.11 -5.89 -11.33
CA THR A 132 -10.56 -5.85 -11.39
C THR A 132 -11.15 -5.20 -10.14
N ALA A 133 -10.55 -5.47 -9.00
CA ALA A 133 -11.00 -4.90 -7.73
C ALA A 133 -11.20 -3.39 -7.85
N ALA A 134 -12.03 -2.83 -6.98
CA ALA A 134 -12.30 -1.41 -6.98
C ALA A 134 -11.14 -0.63 -6.36
N VAL A 135 -10.27 -0.08 -7.20
CA VAL A 135 -9.12 0.68 -6.73
C VAL A 135 -9.03 2.03 -7.44
N SER A 136 -8.57 3.04 -6.71
CA SER A 136 -8.44 4.38 -7.26
C SER A 136 -7.26 4.47 -8.22
N THR A 137 -7.33 5.41 -9.16
CA THR A 137 -6.27 5.59 -10.14
C THR A 137 -4.89 5.47 -9.50
N ALA A 138 -4.57 6.43 -8.63
CA ALA A 138 -3.29 6.43 -7.93
C ALA A 138 -2.87 5.01 -7.55
N MET A 139 -3.66 4.37 -6.70
CA MET A 139 -3.38 3.01 -6.26
C MET A 139 -3.11 2.09 -7.45
N LYS A 140 -4.02 2.09 -8.41
CA LYS A 140 -3.88 1.26 -9.59
C LYS A 140 -2.51 1.45 -10.22
N LYS A 141 -1.92 2.63 -10.03
CA LYS A 141 -0.61 2.93 -10.58
C LYS A 141 0.49 2.34 -9.71
N VAL A 142 0.19 2.15 -8.43
CA VAL A 142 1.15 1.59 -7.48
C VAL A 142 1.50 0.15 -7.83
N PHE A 143 0.56 -0.53 -8.49
CA PHE A 143 0.76 -1.91 -8.89
C PHE A 143 1.63 -2.01 -10.13
N ARG A 144 1.15 -1.42 -11.23
CA ARG A 144 1.89 -1.44 -12.49
C ARG A 144 3.34 -1.03 -12.27
N VAL A 145 3.55 -0.08 -11.38
CA VAL A 145 4.91 0.41 -11.08
C VAL A 145 5.74 -0.68 -10.42
N TYR A 146 5.11 -1.47 -9.56
CA TYR A 146 5.79 -2.56 -8.85
C TYR A 146 6.08 -3.71 -9.80
N GLN A 147 5.19 -3.92 -10.76
CA GLN A 147 5.36 -5.00 -11.74
C GLN A 147 6.44 -4.66 -12.75
N GLY A 148 6.87 -3.40 -12.75
CA GLY A 148 7.90 -2.97 -13.68
C GLY A 148 9.08 -3.92 -13.73
N GLN A 149 9.93 -3.85 -12.72
CA GLN A 149 11.10 -4.72 -12.65
C GLN A 149 10.71 -6.18 -12.73
N SER A 150 9.66 -6.56 -12.01
CA SER A 150 9.18 -7.93 -11.99
C SER A 150 9.23 -8.53 -13.40
N GLY A 151 9.75 -9.75 -13.49
CA GLY A 151 9.85 -10.42 -14.77
C GLY A 151 9.84 -11.93 -14.65
N PRO A 152 8.63 -12.51 -14.56
CA PRO A 152 8.46 -13.96 -14.43
C PRO A 152 8.83 -14.71 -15.71
N SER A 153 9.36 -15.91 -15.54
CA SER A 153 9.76 -16.73 -16.68
C SER A 153 8.70 -17.77 -17.01
N SER A 154 8.45 -17.98 -18.30
CA SER A 154 7.45 -18.94 -18.74
C SER A 154 8.10 -20.30 -19.00
N GLY A 155 8.26 -21.07 -17.94
CA GLY A 155 8.87 -22.39 -18.07
C GLY A 155 7.92 -23.40 -18.69
N GLY A 1 -11.65 3.83 21.11
CA GLY A 1 -12.94 4.48 21.18
C GLY A 1 -13.34 5.14 19.87
N SER A 2 -14.22 6.14 19.95
CA SER A 2 -14.67 6.84 18.76
C SER A 2 -13.80 8.06 18.48
N SER A 3 -13.11 8.04 17.34
CA SER A 3 -12.24 9.14 16.96
C SER A 3 -11.95 9.10 15.45
N GLY A 4 -12.35 10.15 14.75
CA GLY A 4 -12.13 10.21 13.32
C GLY A 4 -11.78 11.61 12.85
N SER A 5 -11.16 11.71 11.68
CA SER A 5 -10.77 13.00 11.12
C SER A 5 -11.92 13.62 10.33
N SER A 6 -11.96 14.94 10.30
CA SER A 6 -13.01 15.66 9.58
C SER A 6 -12.71 15.68 8.08
N GLY A 7 -11.46 15.93 7.73
CA GLY A 7 -11.07 15.98 6.34
C GLY A 7 -9.66 15.48 6.11
N PRO A 8 -8.67 16.37 6.29
CA PRO A 8 -7.26 16.04 6.11
C PRO A 8 -6.74 15.10 7.19
N ARG A 9 -6.42 13.87 6.80
CA ARG A 9 -5.91 12.88 7.74
C ARG A 9 -4.45 13.13 8.07
N LYS A 10 -4.21 14.13 8.93
CA LYS A 10 -2.85 14.48 9.33
C LYS A 10 -2.81 14.89 10.79
N ALA A 11 -1.63 14.81 11.40
CA ALA A 11 -1.45 15.18 12.80
C ALA A 11 -1.94 16.60 13.05
N SER A 12 -1.61 17.51 12.13
CA SER A 12 -2.00 18.90 12.26
C SER A 12 -3.31 19.17 11.52
N ARG A 13 -3.83 20.39 11.66
CA ARG A 13 -5.08 20.77 11.00
C ARG A 13 -4.82 21.26 9.59
N LYS A 14 -3.68 20.86 9.02
CA LYS A 14 -3.32 21.26 7.67
C LYS A 14 -4.34 20.75 6.65
N PRO A 15 -4.44 21.44 5.51
CA PRO A 15 -5.36 21.08 4.44
C PRO A 15 -4.98 19.78 3.74
N PRO A 16 -5.88 19.26 2.90
CA PRO A 16 -5.65 18.01 2.15
C PRO A 16 -4.59 18.19 1.07
N ARG A 17 -4.48 19.40 0.54
CA ARG A 17 -3.52 19.69 -0.52
C ARG A 17 -2.24 18.89 -0.31
N GLU A 18 -1.52 19.18 0.76
CA GLU A 18 -0.27 18.48 1.07
C GLU A 18 -0.55 17.18 1.82
N GLU A 19 -0.47 16.07 1.11
CA GLU A 19 -0.72 14.77 1.71
C GLU A 19 0.19 13.71 1.09
N SER A 20 1.11 13.19 1.90
CA SER A 20 2.05 12.16 1.44
C SER A 20 1.77 10.82 2.12
N SER A 21 2.05 9.74 1.41
CA SER A 21 1.83 8.40 1.94
C SER A 21 2.82 7.41 1.33
N ALA A 22 3.13 6.35 2.08
CA ALA A 22 4.05 5.33 1.61
C ALA A 22 3.40 3.96 1.60
N THR A 23 3.05 3.48 0.41
CA THR A 23 2.40 2.19 0.26
C THR A 23 3.38 1.14 -0.29
N CYS A 24 3.19 -0.11 0.10
CA CYS A 24 4.05 -1.19 -0.36
C CYS A 24 3.22 -2.39 -0.79
N VAL A 25 3.76 -3.16 -1.73
CA VAL A 25 3.07 -4.35 -2.24
C VAL A 25 3.53 -5.61 -1.50
N LEU A 26 2.58 -6.40 -1.04
CA LEU A 26 2.89 -7.64 -0.32
C LEU A 26 2.40 -8.85 -1.11
N GLU A 27 3.36 -9.64 -1.62
CA GLU A 27 3.03 -10.83 -2.38
C GLU A 27 3.64 -12.07 -1.74
N GLN A 28 3.02 -13.23 -1.98
CA GLN A 28 3.49 -14.49 -1.41
C GLN A 28 3.35 -15.62 -2.42
N PRO A 29 4.47 -16.31 -2.71
CA PRO A 29 4.49 -17.42 -3.66
C PRO A 29 3.76 -18.65 -3.12
N GLY A 30 2.72 -19.06 -3.83
CA GLY A 30 1.94 -20.22 -3.42
C GLY A 30 2.09 -21.38 -4.37
N ALA A 31 1.02 -22.15 -4.54
CA ALA A 31 1.03 -23.31 -5.43
C ALA A 31 0.77 -22.89 -6.87
N LEU A 32 -0.35 -22.19 -7.08
CA LEU A 32 -0.72 -21.73 -8.41
C LEU A 32 0.35 -20.81 -9.00
N GLY A 33 0.75 -19.81 -8.21
CA GLY A 33 1.75 -18.88 -8.67
C GLY A 33 2.13 -17.86 -7.60
N ALA A 34 1.30 -16.84 -7.44
CA ALA A 34 1.55 -15.80 -6.45
C ALA A 34 0.28 -15.01 -6.15
N GLN A 35 0.18 -14.51 -4.92
CA GLN A 35 -0.99 -13.73 -4.51
C GLN A 35 -0.58 -12.54 -3.65
N ILE A 36 -1.20 -11.39 -3.90
CA ILE A 36 -0.89 -10.18 -3.14
C ILE A 36 -1.98 -9.88 -2.12
N LEU A 37 -1.76 -8.85 -1.31
CA LEU A 37 -2.72 -8.47 -0.29
C LEU A 37 -3.42 -7.15 -0.67
N LEU A 38 -4.65 -6.99 -0.19
CA LEU A 38 -5.42 -5.78 -0.48
C LEU A 38 -6.27 -5.40 0.72
N VAL A 39 -6.05 -4.19 1.23
CA VAL A 39 -6.82 -3.69 2.38
C VAL A 39 -7.84 -2.66 1.95
N GLN A 40 -8.98 -2.62 2.64
CA GLN A 40 -10.03 -1.67 2.33
C GLN A 40 -10.35 -0.80 3.54
N ARG A 41 -10.20 0.52 3.36
CA ARG A 41 -10.48 1.47 4.44
C ARG A 41 -11.91 1.32 4.94
N PRO A 42 -12.16 1.80 6.17
CA PRO A 42 -13.48 1.74 6.79
C PRO A 42 -14.49 2.68 6.11
N ASN A 43 -15.73 2.62 6.56
CA ASN A 43 -16.78 3.46 6.01
C ASN A 43 -16.70 4.88 6.58
N SER A 44 -15.52 5.47 6.49
CA SER A 44 -15.31 6.83 7.00
C SER A 44 -14.95 7.79 5.87
N GLY A 45 -15.96 8.23 5.13
CA GLY A 45 -15.73 9.14 4.03
C GLY A 45 -16.48 8.75 2.77
N LEU A 46 -16.58 9.67 1.82
CA LEU A 46 -17.29 9.41 0.58
C LEU A 46 -16.57 8.35 -0.24
N LEU A 47 -15.28 8.58 -0.50
CA LEU A 47 -14.48 7.65 -1.27
C LEU A 47 -13.82 6.61 -0.36
N ALA A 48 -14.58 6.14 0.62
CA ALA A 48 -14.08 5.14 1.56
C ALA A 48 -14.64 3.75 1.24
N GLY A 49 -14.06 2.73 1.84
CA GLY A 49 -14.51 1.37 1.61
C GLY A 49 -14.04 0.81 0.28
N LEU A 50 -12.91 1.33 -0.20
CA LEU A 50 -12.35 0.88 -1.47
C LEU A 50 -11.12 -0.01 -1.25
N TRP A 51 -11.04 -1.10 -2.00
CA TRP A 51 -9.92 -2.02 -1.88
C TRP A 51 -8.65 -1.41 -2.43
N GLU A 52 -7.57 -1.49 -1.65
CA GLU A 52 -6.29 -0.93 -2.07
C GLU A 52 -5.16 -1.43 -1.15
N PHE A 53 -3.93 -1.30 -1.62
CA PHE A 53 -2.77 -1.74 -0.86
C PHE A 53 -2.59 -0.88 0.39
N PRO A 54 -1.99 -1.46 1.43
CA PRO A 54 -1.75 -0.77 2.70
C PRO A 54 -0.68 0.32 2.57
N SER A 55 -0.88 1.43 3.27
CA SER A 55 0.04 2.55 3.23
C SER A 55 0.22 3.16 4.62
N VAL A 56 1.31 3.88 4.81
CA VAL A 56 1.59 4.53 6.09
C VAL A 56 1.91 6.01 5.90
N THR A 57 2.15 6.70 7.02
CA THR A 57 2.47 8.12 6.98
C THR A 57 3.79 8.38 6.27
N TRP A 58 3.83 9.44 5.47
CA TRP A 58 5.04 9.80 4.73
C TRP A 58 6.17 10.18 5.69
N GLU A 59 7.40 9.94 5.26
CA GLU A 59 8.57 10.26 6.08
C GLU A 59 9.69 10.85 5.23
N PRO A 60 10.33 11.91 5.74
CA PRO A 60 11.43 12.60 5.05
C PRO A 60 12.69 11.74 4.98
N SER A 61 12.76 10.73 5.85
CA SER A 61 13.92 9.85 5.89
C SER A 61 13.62 8.53 5.17
N GLU A 62 14.55 8.11 4.31
CA GLU A 62 14.38 6.87 3.57
C GLU A 62 14.10 5.70 4.50
N GLN A 63 14.75 5.71 5.66
CA GLN A 63 14.57 4.65 6.64
C GLN A 63 13.22 4.78 7.35
N LEU A 64 13.06 5.86 8.10
CA LEU A 64 11.82 6.10 8.83
C LEU A 64 10.62 5.60 8.04
N GLN A 65 10.63 5.82 6.73
CA GLN A 65 9.55 5.39 5.86
C GLN A 65 9.38 3.88 5.93
N ARG A 66 10.48 3.15 5.76
CA ARG A 66 10.44 1.70 5.80
C ARG A 66 10.15 1.19 7.21
N LYS A 67 10.62 1.94 8.20
CA LYS A 67 10.40 1.56 9.60
C LYS A 67 8.92 1.45 9.92
N ALA A 68 8.17 2.50 9.59
CA ALA A 68 6.73 2.52 9.83
C ALA A 68 5.99 1.70 8.78
N LEU A 69 6.42 1.82 7.52
CA LEU A 69 5.79 1.09 6.43
C LEU A 69 5.58 -0.37 6.80
N LEU A 70 6.61 -1.00 7.34
CA LEU A 70 6.54 -2.39 7.74
C LEU A 70 5.58 -2.58 8.91
N GLN A 71 5.76 -1.75 9.95
CA GLN A 71 4.90 -1.83 11.13
C GLN A 71 3.46 -2.13 10.75
N GLU A 72 2.92 -1.33 9.82
CA GLU A 72 1.55 -1.52 9.37
C GLU A 72 1.37 -2.90 8.73
N LEU A 73 2.12 -3.15 7.67
CA LEU A 73 2.05 -4.42 6.96
C LEU A 73 1.86 -5.58 7.94
N GLN A 74 2.77 -5.68 8.90
CA GLN A 74 2.71 -6.74 9.91
C GLN A 74 1.33 -6.82 10.52
N ARG A 75 0.72 -5.67 10.78
CA ARG A 75 -0.62 -5.61 11.37
C ARG A 75 -1.60 -6.45 10.55
N TRP A 76 -1.37 -6.52 9.25
CA TRP A 76 -2.23 -7.28 8.36
C TRP A 76 -1.79 -8.73 8.27
N ALA A 77 -0.66 -8.97 7.60
CA ALA A 77 -0.13 -10.32 7.45
C ALA A 77 0.56 -10.79 8.74
N GLY A 78 1.73 -10.21 9.02
CA GLY A 78 2.46 -10.59 10.22
C GLY A 78 3.96 -10.41 10.06
N PRO A 79 4.68 -11.52 9.85
CA PRO A 79 6.13 -11.49 9.67
C PRO A 79 6.55 -10.85 8.36
N LEU A 80 7.16 -9.67 8.45
CA LEU A 80 7.61 -8.94 7.27
C LEU A 80 9.11 -8.69 7.33
N PRO A 81 9.80 -8.91 6.21
CA PRO A 81 11.25 -8.71 6.11
C PRO A 81 11.63 -7.23 6.15
N ALA A 82 12.90 -6.95 5.91
CA ALA A 82 13.39 -5.57 5.92
C ALA A 82 14.25 -5.29 4.69
N THR A 83 15.35 -6.02 4.57
CA THR A 83 16.27 -5.84 3.43
C THR A 83 15.56 -6.11 2.11
N HIS A 84 14.53 -6.95 2.17
CA HIS A 84 13.76 -7.29 0.97
C HIS A 84 13.02 -6.08 0.43
N LEU A 85 12.55 -5.23 1.34
CA LEU A 85 11.81 -4.03 0.95
C LEU A 85 12.69 -3.09 0.15
N ARG A 86 12.08 -2.36 -0.77
CA ARG A 86 12.81 -1.41 -1.61
C ARG A 86 11.86 -0.48 -2.34
N HIS A 87 12.29 0.75 -2.56
CA HIS A 87 11.47 1.75 -3.25
C HIS A 87 11.54 1.56 -4.77
N LEU A 88 10.38 1.39 -5.38
CA LEU A 88 10.31 1.20 -6.83
C LEU A 88 9.34 2.19 -7.46
N GLY A 89 9.89 3.30 -7.96
CA GLY A 89 9.06 4.31 -8.59
C GLY A 89 8.14 5.00 -7.61
N GLU A 90 7.25 5.83 -8.13
CA GLU A 90 6.29 6.55 -7.29
C GLU A 90 5.00 6.82 -8.05
N VAL A 91 3.99 7.31 -7.32
CA VAL A 91 2.69 7.62 -7.93
C VAL A 91 2.11 8.89 -7.34
N VAL A 92 2.16 9.97 -8.11
CA VAL A 92 1.63 11.25 -7.67
C VAL A 92 0.44 11.69 -8.53
N HIS A 93 -0.75 11.69 -7.95
CA HIS A 93 -1.95 12.08 -8.66
C HIS A 93 -2.41 13.48 -8.23
N THR A 94 -2.65 14.34 -9.22
CA THR A 94 -3.08 15.71 -8.95
C THR A 94 -4.60 15.83 -9.09
N PHE A 95 -5.27 16.08 -7.97
CA PHE A 95 -6.72 16.23 -7.96
C PHE A 95 -7.12 17.65 -8.34
N SER A 96 -8.42 17.93 -8.29
CA SER A 96 -8.94 19.24 -8.63
C SER A 96 -8.15 20.34 -7.91
N HIS A 97 -8.26 20.36 -6.59
CA HIS A 97 -7.57 21.36 -5.78
C HIS A 97 -6.73 20.68 -4.70
N ILE A 98 -6.26 19.47 -4.98
CA ILE A 98 -5.45 18.72 -4.04
C ILE A 98 -4.37 17.93 -4.75
N LYS A 99 -3.22 17.75 -4.09
CA LYS A 99 -2.12 17.01 -4.66
C LYS A 99 -1.64 15.92 -3.70
N LEU A 100 -1.84 14.66 -4.09
CA LEU A 100 -1.43 13.54 -3.26
C LEU A 100 -0.11 12.96 -3.75
N THR A 101 0.71 12.50 -2.80
CA THR A 101 2.01 11.93 -3.14
C THR A 101 2.18 10.55 -2.49
N TYR A 102 2.17 9.52 -3.32
CA TYR A 102 2.31 8.15 -2.84
C TYR A 102 3.68 7.58 -3.24
N GLN A 103 4.19 6.69 -2.41
CA GLN A 103 5.49 6.07 -2.68
C GLN A 103 5.33 4.57 -2.94
N VAL A 104 5.61 4.16 -4.17
CA VAL A 104 5.51 2.76 -4.56
C VAL A 104 6.62 1.93 -3.92
N TYR A 105 6.25 0.84 -3.27
CA TYR A 105 7.21 -0.04 -2.64
C TYR A 105 6.93 -1.51 -2.97
N GLY A 106 7.99 -2.30 -3.05
CA GLY A 106 7.84 -3.71 -3.36
C GLY A 106 8.36 -4.61 -2.25
N LEU A 107 7.60 -5.66 -1.94
CA LEU A 107 7.97 -6.59 -0.90
C LEU A 107 7.31 -7.95 -1.11
N ALA A 108 8.12 -8.98 -1.33
CA ALA A 108 7.60 -10.32 -1.55
C ALA A 108 8.45 -11.36 -0.82
N LEU A 109 7.79 -12.30 -0.17
CA LEU A 109 8.47 -13.36 0.57
C LEU A 109 9.05 -14.41 -0.38
N GLU A 110 10.36 -14.40 -0.55
CA GLU A 110 11.03 -15.35 -1.43
C GLU A 110 10.46 -16.76 -1.23
N GLY A 111 10.22 -17.12 0.02
CA GLY A 111 9.68 -18.44 0.32
C GLY A 111 10.12 -18.95 1.67
N GLN A 112 9.83 -18.19 2.71
CA GLN A 112 10.21 -18.56 4.07
C GLN A 112 9.05 -19.26 4.78
N THR A 113 8.02 -18.49 5.11
CA THR A 113 6.85 -19.02 5.79
C THR A 113 5.60 -18.21 5.46
N PRO A 114 4.49 -18.92 5.16
CA PRO A 114 3.22 -18.28 4.82
C PRO A 114 2.58 -17.58 6.02
N VAL A 115 1.57 -16.77 5.75
CA VAL A 115 0.86 -16.05 6.80
C VAL A 115 -0.43 -16.75 7.20
N THR A 116 -1.15 -17.24 6.19
CA THR A 116 -2.41 -17.94 6.42
C THR A 116 -3.16 -17.33 7.60
N THR A 117 -3.07 -16.01 7.74
CA THR A 117 -3.74 -15.31 8.83
C THR A 117 -3.88 -13.82 8.52
N VAL A 118 -5.12 -13.33 8.55
CA VAL A 118 -5.38 -11.92 8.26
C VAL A 118 -6.56 -11.41 9.10
N PRO A 119 -6.41 -10.19 9.64
CA PRO A 119 -7.44 -9.56 10.46
C PRO A 119 -8.68 -9.17 9.65
N PRO A 120 -9.75 -8.79 10.35
CA PRO A 120 -11.01 -8.38 9.72
C PRO A 120 -10.89 -7.04 8.99
N GLY A 121 -10.94 -7.08 7.67
CA GLY A 121 -10.83 -5.86 6.89
C GLY A 121 -9.86 -5.99 5.73
N ALA A 122 -8.94 -6.95 5.85
CA ALA A 122 -7.94 -7.17 4.81
C ALA A 122 -8.30 -8.39 3.97
N ARG A 123 -8.05 -8.30 2.66
CA ARG A 123 -8.35 -9.41 1.76
C ARG A 123 -7.10 -9.82 0.98
N TRP A 124 -6.97 -11.13 0.75
CA TRP A 124 -5.82 -11.66 0.02
C TRP A 124 -6.23 -12.14 -1.36
N LEU A 125 -5.91 -11.35 -2.38
CA LEU A 125 -6.24 -11.70 -3.75
C LEU A 125 -4.99 -11.69 -4.64
N THR A 126 -5.14 -12.20 -5.86
CA THR A 126 -4.03 -12.24 -6.80
C THR A 126 -3.86 -10.90 -7.52
N GLN A 127 -2.78 -10.77 -8.27
CA GLN A 127 -2.50 -9.55 -9.02
C GLN A 127 -3.63 -9.22 -9.98
N GLU A 128 -4.08 -10.23 -10.72
CA GLU A 128 -5.17 -10.05 -11.68
C GLU A 128 -6.45 -9.64 -10.98
N GLU A 129 -6.78 -10.34 -9.89
CA GLU A 129 -7.99 -10.05 -9.13
C GLU A 129 -7.98 -8.61 -8.62
N PHE A 130 -6.78 -8.07 -8.40
CA PHE A 130 -6.63 -6.71 -7.92
C PHE A 130 -7.04 -5.70 -8.98
N HIS A 131 -6.58 -5.93 -10.21
CA HIS A 131 -6.90 -5.05 -11.32
C HIS A 131 -8.40 -4.80 -11.41
N THR A 132 -9.17 -5.88 -11.51
CA THR A 132 -10.62 -5.78 -11.61
C THR A 132 -11.21 -5.19 -10.33
N ALA A 133 -10.72 -5.66 -9.19
CA ALA A 133 -11.20 -5.18 -7.89
C ALA A 133 -11.31 -3.65 -7.88
N ALA A 134 -12.29 -3.14 -7.13
CA ALA A 134 -12.50 -1.71 -7.03
C ALA A 134 -11.31 -1.02 -6.37
N VAL A 135 -10.45 -0.41 -7.20
CA VAL A 135 -9.28 0.29 -6.69
C VAL A 135 -9.17 1.68 -7.29
N SER A 136 -8.70 2.64 -6.48
CA SER A 136 -8.55 4.01 -6.94
C SER A 136 -7.44 4.13 -7.97
N THR A 137 -7.54 5.14 -8.84
CA THR A 137 -6.55 5.36 -9.87
C THR A 137 -5.13 5.28 -9.31
N ALA A 138 -4.85 6.12 -8.32
CA ALA A 138 -3.54 6.15 -7.69
C ALA A 138 -3.10 4.74 -7.29
N MET A 139 -3.84 4.15 -6.37
CA MET A 139 -3.53 2.80 -5.89
C MET A 139 -3.27 1.85 -7.06
N LYS A 140 -4.15 1.90 -8.05
CA LYS A 140 -4.00 1.05 -9.24
C LYS A 140 -2.64 1.24 -9.88
N LYS A 141 -2.09 2.43 -9.76
CA LYS A 141 -0.79 2.75 -10.33
C LYS A 141 0.33 2.12 -9.51
N VAL A 142 0.16 2.08 -8.19
CA VAL A 142 1.14 1.50 -7.30
C VAL A 142 1.52 0.09 -7.74
N PHE A 143 0.61 -0.57 -8.45
CA PHE A 143 0.84 -1.92 -8.92
C PHE A 143 1.72 -1.92 -10.18
N ARG A 144 1.16 -1.40 -11.27
CA ARG A 144 1.88 -1.32 -12.54
C ARG A 144 3.31 -0.86 -12.32
N VAL A 145 3.50 0.06 -11.37
CA VAL A 145 4.83 0.59 -11.07
C VAL A 145 5.72 -0.47 -10.45
N TYR A 146 5.17 -1.20 -9.48
CA TYR A 146 5.92 -2.26 -8.80
C TYR A 146 6.35 -3.34 -9.78
N GLN A 147 5.43 -3.74 -10.65
CA GLN A 147 5.72 -4.77 -11.65
C GLN A 147 6.92 -4.39 -12.50
N GLY A 148 6.88 -3.20 -13.09
CA GLY A 148 7.97 -2.73 -13.91
C GLY A 148 9.32 -3.20 -13.40
N GLN A 149 9.64 -2.83 -12.16
CA GLN A 149 10.90 -3.20 -11.55
C GLN A 149 10.82 -4.59 -10.93
N SER A 150 11.19 -5.61 -11.70
CA SER A 150 11.15 -6.99 -11.23
C SER A 150 12.06 -7.87 -12.07
N GLY A 151 12.52 -8.97 -11.48
CA GLY A 151 13.39 -9.90 -12.19
C GLY A 151 12.71 -10.52 -13.39
N PRO A 152 13.45 -11.40 -14.10
CA PRO A 152 12.94 -12.09 -15.28
C PRO A 152 11.86 -13.10 -14.95
N SER A 153 11.50 -13.17 -13.67
CA SER A 153 10.48 -14.12 -13.22
C SER A 153 9.39 -14.31 -14.28
N SER A 154 9.16 -15.55 -14.66
CA SER A 154 8.15 -15.87 -15.67
C SER A 154 6.90 -15.04 -15.46
N GLY A 155 6.05 -14.99 -16.48
CA GLY A 155 4.82 -14.22 -16.40
C GLY A 155 4.11 -14.11 -17.73
N GLY A 1 -8.95 2.65 21.27
CA GLY A 1 -8.51 1.32 20.89
C GLY A 1 -8.30 1.19 19.39
N SER A 2 -7.15 1.66 18.91
CA SER A 2 -6.83 1.59 17.49
C SER A 2 -7.96 2.20 16.66
N SER A 3 -8.54 3.29 17.15
CA SER A 3 -9.63 3.96 16.46
C SER A 3 -9.17 5.27 15.85
N GLY A 4 -10.01 5.87 15.02
CA GLY A 4 -9.66 7.13 14.39
C GLY A 4 -10.44 7.37 13.11
N SER A 5 -10.92 8.61 12.93
CA SER A 5 -11.70 8.96 11.75
C SER A 5 -10.79 9.54 10.66
N SER A 6 -11.15 9.29 9.41
CA SER A 6 -10.37 9.79 8.28
C SER A 6 -11.15 10.85 7.50
N GLY A 7 -10.44 11.88 7.05
CA GLY A 7 -11.07 12.95 6.30
C GLY A 7 -10.38 14.28 6.48
N PRO A 8 -9.73 14.76 5.41
CA PRO A 8 -9.01 16.04 5.42
C PRO A 8 -9.94 17.23 5.53
N ARG A 9 -11.25 16.98 5.38
CA ARG A 9 -12.24 18.03 5.47
C ARG A 9 -13.11 17.87 6.70
N LYS A 10 -13.63 16.67 6.90
CA LYS A 10 -14.48 16.38 8.06
C LYS A 10 -13.74 16.67 9.36
N ALA A 11 -12.51 16.16 9.46
CA ALA A 11 -11.71 16.37 10.66
C ALA A 11 -10.97 17.69 10.60
N SER A 12 -10.57 18.20 11.77
CA SER A 12 -9.86 19.47 11.85
C SER A 12 -8.38 19.28 11.52
N ARG A 13 -8.10 18.56 10.44
CA ARG A 13 -6.72 18.31 10.03
C ARG A 13 -6.42 19.02 8.72
N LYS A 14 -5.12 19.21 8.44
CA LYS A 14 -4.70 19.87 7.22
C LYS A 14 -5.56 19.44 6.04
N PRO A 15 -5.61 20.29 4.99
CA PRO A 15 -6.39 20.01 3.79
C PRO A 15 -5.80 18.88 2.96
N PRO A 16 -6.57 18.42 1.96
CA PRO A 16 -6.13 17.33 1.08
C PRO A 16 -5.01 17.75 0.14
N ARG A 17 -4.99 19.04 -0.22
CA ARG A 17 -3.97 19.57 -1.11
C ARG A 17 -2.62 18.91 -0.85
N GLU A 18 -2.16 18.99 0.40
CA GLU A 18 -0.88 18.40 0.78
C GLU A 18 -1.09 17.08 1.52
N GLU A 19 -0.92 15.97 0.81
CA GLU A 19 -1.09 14.65 1.39
C GLU A 19 -0.05 13.67 0.85
N SER A 20 0.85 13.22 1.72
CA SER A 20 1.89 12.29 1.33
C SER A 20 1.76 10.98 2.09
N SER A 21 1.90 9.86 1.38
CA SER A 21 1.80 8.54 1.99
C SER A 21 2.69 7.54 1.27
N ALA A 22 3.15 6.53 2.00
CA ALA A 22 4.01 5.50 1.43
C ALA A 22 3.33 4.14 1.46
N THR A 23 2.90 3.66 0.29
CA THR A 23 2.23 2.38 0.19
C THR A 23 3.19 1.31 -0.31
N CYS A 24 2.95 0.07 0.12
CA CYS A 24 3.80 -1.05 -0.27
C CYS A 24 2.95 -2.24 -0.72
N VAL A 25 3.45 -3.00 -1.69
CA VAL A 25 2.74 -4.16 -2.20
C VAL A 25 3.30 -5.45 -1.62
N LEU A 26 2.46 -6.17 -0.89
CA LEU A 26 2.88 -7.43 -0.27
C LEU A 26 2.35 -8.62 -1.07
N GLU A 27 3.26 -9.50 -1.49
CA GLU A 27 2.88 -10.68 -2.25
C GLU A 27 3.55 -11.94 -1.67
N GLN A 28 2.83 -13.06 -1.75
CA GLN A 28 3.34 -14.32 -1.24
C GLN A 28 2.91 -15.49 -2.12
N PRO A 29 3.85 -16.40 -2.41
CA PRO A 29 3.59 -17.58 -3.23
C PRO A 29 2.67 -18.59 -2.54
N GLY A 30 1.58 -18.94 -3.20
CA GLY A 30 0.65 -19.89 -2.65
C GLY A 30 0.50 -21.14 -3.49
N ALA A 31 -0.73 -21.63 -3.62
CA ALA A 31 -1.00 -22.82 -4.41
C ALA A 31 -1.02 -22.50 -5.90
N LEU A 32 -1.90 -21.59 -6.29
CA LEU A 32 -2.02 -21.19 -7.68
C LEU A 32 -0.69 -20.69 -8.23
N GLY A 33 -0.07 -19.77 -7.51
CA GLY A 33 1.21 -19.23 -7.93
C GLY A 33 1.67 -18.08 -7.06
N ALA A 34 0.81 -17.06 -6.91
CA ALA A 34 1.13 -15.90 -6.10
C ALA A 34 -0.12 -15.12 -5.73
N GLN A 35 -0.07 -14.42 -4.61
CA GLN A 35 -1.21 -13.63 -4.15
C GLN A 35 -0.73 -12.40 -3.36
N ILE A 36 -1.40 -11.27 -3.59
CA ILE A 36 -1.06 -10.04 -2.89
C ILE A 36 -2.04 -9.73 -1.77
N LEU A 37 -1.77 -8.67 -1.02
CA LEU A 37 -2.63 -8.27 0.08
C LEU A 37 -3.37 -6.97 -0.24
N LEU A 38 -4.65 -6.95 0.04
CA LEU A 38 -5.47 -5.76 -0.21
C LEU A 38 -6.32 -5.41 1.00
N VAL A 39 -6.15 -4.19 1.50
CA VAL A 39 -6.90 -3.73 2.66
C VAL A 39 -7.90 -2.64 2.28
N GLN A 40 -9.04 -2.62 2.95
CA GLN A 40 -10.08 -1.63 2.68
C GLN A 40 -10.02 -0.49 3.68
N ARG A 41 -10.67 0.62 3.35
CA ARG A 41 -10.69 1.79 4.23
C ARG A 41 -12.11 2.08 4.72
N PRO A 42 -12.20 2.79 5.85
CA PRO A 42 -13.50 3.14 6.45
C PRO A 42 -14.26 4.16 5.62
N ASN A 43 -15.40 4.61 6.14
CA ASN A 43 -16.23 5.58 5.44
C ASN A 43 -15.68 6.99 5.61
N SER A 44 -14.42 7.18 5.20
CA SER A 44 -13.77 8.47 5.31
C SER A 44 -14.63 9.57 4.70
N GLY A 45 -14.83 9.51 3.39
CA GLY A 45 -15.63 10.50 2.71
C GLY A 45 -16.42 9.91 1.55
N LEU A 46 -16.35 10.56 0.39
CA LEU A 46 -17.06 10.09 -0.79
C LEU A 46 -16.35 8.92 -1.44
N LEU A 47 -15.08 9.13 -1.80
CA LEU A 47 -14.28 8.08 -2.42
C LEU A 47 -13.73 7.11 -1.38
N ALA A 48 -14.60 6.69 -0.46
CA ALA A 48 -14.21 5.76 0.59
C ALA A 48 -14.77 4.37 0.32
N GLY A 49 -14.43 3.43 1.20
CA GLY A 49 -14.91 2.06 1.04
C GLY A 49 -14.31 1.38 -0.18
N LEU A 50 -13.05 1.69 -0.48
CA LEU A 50 -12.37 1.10 -1.62
C LEU A 50 -11.22 0.21 -1.17
N TRP A 51 -10.94 -0.84 -1.95
CA TRP A 51 -9.87 -1.76 -1.63
C TRP A 51 -8.55 -1.29 -2.24
N GLU A 52 -7.53 -1.18 -1.40
CA GLU A 52 -6.21 -0.74 -1.85
C GLU A 52 -5.12 -1.24 -0.91
N PHE A 53 -3.91 -1.37 -1.44
CA PHE A 53 -2.77 -1.85 -0.66
C PHE A 53 -2.56 -0.97 0.57
N PRO A 54 -2.00 -1.58 1.63
CA PRO A 54 -1.73 -0.86 2.89
C PRO A 54 -0.61 0.15 2.75
N SER A 55 -0.76 1.29 3.43
CA SER A 55 0.24 2.34 3.39
C SER A 55 0.33 3.07 4.72
N VAL A 56 1.41 3.82 4.91
CA VAL A 56 1.62 4.56 6.15
C VAL A 56 1.89 6.03 5.86
N THR A 57 2.04 6.82 6.93
CA THR A 57 2.31 8.25 6.78
C THR A 57 3.69 8.49 6.21
N TRP A 58 3.83 9.61 5.49
CA TRP A 58 5.11 9.96 4.87
C TRP A 58 6.20 10.08 5.93
N GLU A 59 7.45 10.15 5.48
CA GLU A 59 8.59 10.28 6.38
C GLU A 59 9.77 10.96 5.69
N PRO A 60 10.39 11.92 6.39
CA PRO A 60 11.54 12.66 5.86
C PRO A 60 12.79 11.80 5.76
N SER A 61 12.82 10.72 6.53
CA SER A 61 13.96 9.81 6.52
C SER A 61 13.64 8.55 5.74
N GLU A 62 14.55 8.15 4.85
CA GLU A 62 14.36 6.96 4.04
C GLU A 62 14.13 5.73 4.92
N GLN A 63 14.68 5.77 6.13
CA GLN A 63 14.54 4.66 7.08
C GLN A 63 13.19 4.72 7.78
N LEU A 64 12.96 5.79 8.53
CA LEU A 64 11.70 5.97 9.25
C LEU A 64 10.52 5.53 8.40
N GLN A 65 10.59 5.80 7.10
CA GLN A 65 9.52 5.43 6.19
C GLN A 65 9.31 3.91 6.18
N ARG A 66 10.38 3.18 5.92
CA ARG A 66 10.32 1.71 5.88
C ARG A 66 10.01 1.15 7.26
N LYS A 67 10.59 1.75 8.29
CA LYS A 67 10.38 1.31 9.66
C LYS A 67 8.89 1.25 9.98
N ALA A 68 8.20 2.37 9.77
CA ALA A 68 6.77 2.45 10.04
C ALA A 68 5.97 1.72 8.96
N LEU A 69 6.48 1.75 7.74
CA LEU A 69 5.82 1.09 6.62
C LEU A 69 5.52 -0.37 6.93
N LEU A 70 6.56 -1.10 7.33
CA LEU A 70 6.43 -2.52 7.66
C LEU A 70 5.51 -2.70 8.87
N GLN A 71 5.74 -1.91 9.90
CA GLN A 71 4.93 -1.97 11.12
C GLN A 71 3.47 -2.23 10.78
N GLU A 72 2.98 -1.58 9.74
CA GLU A 72 1.59 -1.73 9.31
C GLU A 72 1.36 -3.11 8.69
N LEU A 73 2.12 -3.41 7.64
CA LEU A 73 2.00 -4.69 6.96
C LEU A 73 1.85 -5.84 7.96
N GLN A 74 2.76 -5.89 8.92
CA GLN A 74 2.73 -6.93 9.95
C GLN A 74 1.34 -7.03 10.57
N ARG A 75 0.70 -5.88 10.77
CA ARG A 75 -0.63 -5.85 11.36
C ARG A 75 -1.62 -6.66 10.54
N TRP A 76 -1.37 -6.74 9.23
CA TRP A 76 -2.24 -7.48 8.33
C TRP A 76 -1.80 -8.94 8.23
N ALA A 77 -0.66 -9.17 7.58
CA ALA A 77 -0.12 -10.51 7.43
C ALA A 77 0.63 -10.96 8.68
N GLY A 78 1.82 -10.38 8.88
CA GLY A 78 2.62 -10.73 10.04
C GLY A 78 4.09 -10.46 9.82
N PRO A 79 4.86 -11.53 9.56
CA PRO A 79 6.31 -11.43 9.33
C PRO A 79 6.64 -10.75 8.00
N LEU A 80 7.34 -9.63 8.09
CA LEU A 80 7.72 -8.88 6.89
C LEU A 80 9.23 -8.62 6.87
N PRO A 81 9.84 -8.83 5.69
CA PRO A 81 11.28 -8.64 5.50
C PRO A 81 11.67 -7.16 5.56
N ALA A 82 12.98 -6.90 5.56
CA ALA A 82 13.49 -5.54 5.61
C ALA A 82 14.29 -5.21 4.35
N THR A 83 15.34 -5.98 4.11
CA THR A 83 16.19 -5.76 2.95
C THR A 83 15.41 -5.98 1.65
N HIS A 84 14.44 -6.88 1.69
CA HIS A 84 13.61 -7.17 0.52
C HIS A 84 12.93 -5.91 0.00
N LEU A 85 12.45 -5.09 0.92
CA LEU A 85 11.78 -3.85 0.56
C LEU A 85 12.69 -2.97 -0.31
N ARG A 86 12.10 -2.36 -1.34
CA ARG A 86 12.86 -1.50 -2.23
C ARG A 86 11.94 -0.52 -2.95
N HIS A 87 12.38 0.72 -3.09
CA HIS A 87 11.59 1.75 -3.74
C HIS A 87 11.62 1.57 -5.27
N LEU A 88 10.45 1.37 -5.86
CA LEU A 88 10.34 1.19 -7.29
C LEU A 88 9.40 2.21 -7.91
N GLY A 89 9.97 3.32 -8.39
CA GLY A 89 9.16 4.35 -9.00
C GLY A 89 8.23 5.04 -8.01
N GLU A 90 7.33 5.87 -8.51
CA GLU A 90 6.39 6.58 -7.66
C GLU A 90 5.05 6.80 -8.38
N VAL A 91 4.06 7.28 -7.64
CA VAL A 91 2.74 7.53 -8.21
C VAL A 91 2.16 8.83 -7.66
N VAL A 92 2.16 9.87 -8.47
CA VAL A 92 1.62 11.16 -8.08
C VAL A 92 0.40 11.53 -8.92
N HIS A 93 -0.78 11.40 -8.33
CA HIS A 93 -2.02 11.73 -9.02
C HIS A 93 -2.52 13.11 -8.61
N THR A 94 -2.77 13.95 -9.61
CA THR A 94 -3.26 15.30 -9.36
C THR A 94 -4.78 15.37 -9.42
N PHE A 95 -5.40 15.64 -8.28
CA PHE A 95 -6.85 15.72 -8.19
C PHE A 95 -7.31 17.18 -8.15
N SER A 96 -8.62 17.38 -8.04
CA SER A 96 -9.19 18.72 -7.98
C SER A 96 -8.43 19.59 -6.98
N HIS A 97 -7.65 20.53 -7.50
CA HIS A 97 -6.88 21.44 -6.65
C HIS A 97 -6.19 20.67 -5.53
N ILE A 98 -5.75 19.46 -5.83
CA ILE A 98 -5.08 18.62 -4.84
C ILE A 98 -3.94 17.81 -5.47
N LYS A 99 -2.86 17.65 -4.73
CA LYS A 99 -1.70 16.91 -5.22
C LYS A 99 -1.30 15.82 -4.23
N LEU A 100 -1.48 14.56 -4.62
CA LEU A 100 -1.13 13.43 -3.76
C LEU A 100 0.22 12.86 -4.14
N THR A 101 1.00 12.45 -3.13
CA THR A 101 2.32 11.88 -3.37
C THR A 101 2.43 10.48 -2.78
N TYR A 102 2.24 9.47 -3.62
CA TYR A 102 2.32 8.08 -3.19
C TYR A 102 3.65 7.46 -3.57
N GLN A 103 4.29 6.80 -2.62
CA GLN A 103 5.57 6.15 -2.86
C GLN A 103 5.40 4.66 -3.09
N VAL A 104 5.68 4.22 -4.31
CA VAL A 104 5.57 2.81 -4.67
C VAL A 104 6.68 1.99 -4.06
N TYR A 105 6.30 0.95 -3.32
CA TYR A 105 7.28 0.07 -2.66
C TYR A 105 6.88 -1.39 -2.82
N GLY A 106 7.76 -2.17 -3.45
CA GLY A 106 7.49 -3.58 -3.66
C GLY A 106 8.05 -4.44 -2.55
N LEU A 107 7.33 -5.50 -2.20
CA LEU A 107 7.77 -6.41 -1.14
C LEU A 107 7.16 -7.79 -1.32
N ALA A 108 8.01 -8.78 -1.60
CA ALA A 108 7.55 -10.14 -1.79
C ALA A 108 8.32 -11.11 -0.89
N LEU A 109 7.64 -12.16 -0.45
CA LEU A 109 8.25 -13.16 0.42
C LEU A 109 8.83 -14.31 -0.39
N GLU A 110 10.15 -14.46 -0.35
CA GLU A 110 10.82 -15.53 -1.09
C GLU A 110 10.38 -16.90 -0.58
N GLY A 111 10.36 -17.07 0.74
CA GLY A 111 9.96 -18.33 1.32
C GLY A 111 10.38 -18.45 2.78
N GLN A 112 10.16 -17.40 3.55
CA GLN A 112 10.51 -17.39 4.96
C GLN A 112 9.42 -18.05 5.80
N THR A 113 8.30 -17.35 5.94
CA THR A 113 7.18 -17.86 6.73
C THR A 113 5.85 -17.31 6.21
N PRO A 114 4.89 -18.23 5.96
CA PRO A 114 3.57 -17.86 5.46
C PRO A 114 2.73 -17.13 6.50
N VAL A 115 1.51 -16.79 6.13
CA VAL A 115 0.60 -16.09 7.04
C VAL A 115 -0.67 -16.88 7.28
N THR A 116 -1.24 -17.42 6.21
CA THR A 116 -2.46 -18.20 6.30
C THR A 116 -3.42 -17.63 7.33
N THR A 117 -3.40 -16.30 7.46
CA THR A 117 -4.27 -15.61 8.40
C THR A 117 -4.33 -14.12 8.11
N VAL A 118 -5.48 -13.51 8.42
CA VAL A 118 -5.67 -12.08 8.19
C VAL A 118 -6.77 -11.52 9.08
N PRO A 119 -6.52 -10.33 9.66
CA PRO A 119 -7.47 -9.67 10.54
C PRO A 119 -8.70 -9.16 9.80
N PRO A 120 -9.73 -8.74 10.56
CA PRO A 120 -10.97 -8.22 9.98
C PRO A 120 -10.78 -6.87 9.31
N GLY A 121 -10.93 -6.84 7.99
CA GLY A 121 -10.78 -5.60 7.25
C GLY A 121 -9.81 -5.73 6.09
N ALA A 122 -9.11 -6.87 6.03
CA ALA A 122 -8.16 -7.11 4.96
C ALA A 122 -8.56 -8.34 4.13
N ARG A 123 -8.08 -8.39 2.90
CA ARG A 123 -8.38 -9.50 2.01
C ARG A 123 -7.16 -9.89 1.18
N TRP A 124 -7.03 -11.18 0.91
CA TRP A 124 -5.89 -11.68 0.13
C TRP A 124 -6.36 -12.16 -1.24
N LEU A 125 -5.96 -11.44 -2.28
CA LEU A 125 -6.35 -11.80 -3.64
C LEU A 125 -5.11 -11.88 -4.55
N THR A 126 -5.30 -12.40 -5.75
CA THR A 126 -4.21 -12.54 -6.72
C THR A 126 -3.96 -11.22 -7.45
N GLN A 127 -2.76 -11.08 -8.00
CA GLN A 127 -2.40 -9.87 -8.73
C GLN A 127 -3.46 -9.52 -9.76
N GLU A 128 -4.07 -10.54 -10.36
CA GLU A 128 -5.10 -10.34 -11.36
C GLU A 128 -6.39 -9.81 -10.73
N GLU A 129 -6.85 -10.49 -9.69
CA GLU A 129 -8.07 -10.10 -8.99
C GLU A 129 -8.01 -8.61 -8.62
N PHE A 130 -6.88 -8.19 -8.06
CA PHE A 130 -6.71 -6.80 -7.66
C PHE A 130 -7.18 -5.85 -8.75
N HIS A 131 -6.56 -5.95 -9.92
CA HIS A 131 -6.91 -5.09 -11.04
C HIS A 131 -8.42 -4.87 -11.11
N THR A 132 -9.15 -5.95 -11.33
CA THR A 132 -10.61 -5.88 -11.41
C THR A 132 -11.21 -5.28 -10.13
N ALA A 133 -10.68 -5.71 -8.99
CA ALA A 133 -11.17 -5.22 -7.71
C ALA A 133 -11.30 -3.71 -7.71
N ALA A 134 -12.21 -3.19 -6.89
CA ALA A 134 -12.44 -1.75 -6.80
C ALA A 134 -11.25 -1.05 -6.17
N VAL A 135 -10.43 -0.42 -7.01
CA VAL A 135 -9.25 0.30 -6.53
C VAL A 135 -9.17 1.69 -7.15
N SER A 136 -8.63 2.64 -6.39
CA SER A 136 -8.50 4.01 -6.86
C SER A 136 -7.40 4.11 -7.92
N THR A 137 -7.60 5.00 -8.88
CA THR A 137 -6.63 5.21 -9.95
C THR A 137 -5.20 5.14 -9.42
N ALA A 138 -4.85 6.10 -8.58
CA ALA A 138 -3.50 6.14 -8.00
C ALA A 138 -3.01 4.74 -7.66
N MET A 139 -3.58 4.16 -6.62
CA MET A 139 -3.20 2.81 -6.18
C MET A 139 -2.99 1.90 -7.38
N LYS A 140 -4.03 1.75 -8.20
CA LYS A 140 -3.95 0.90 -9.38
C LYS A 140 -2.64 1.14 -10.14
N LYS A 141 -2.19 2.38 -10.14
CA LYS A 141 -0.95 2.73 -10.82
C LYS A 141 0.27 2.21 -10.07
N VAL A 142 0.17 2.20 -8.74
CA VAL A 142 1.26 1.72 -7.90
C VAL A 142 1.65 0.29 -8.27
N PHE A 143 0.75 -0.40 -8.95
CA PHE A 143 0.99 -1.78 -9.36
C PHE A 143 1.92 -1.82 -10.57
N ARG A 144 1.43 -1.32 -11.70
CA ARG A 144 2.22 -1.31 -12.93
C ARG A 144 3.64 -0.81 -12.66
N VAL A 145 3.79 0.03 -11.64
CA VAL A 145 5.08 0.57 -11.28
C VAL A 145 5.91 -0.44 -10.50
N TYR A 146 5.24 -1.21 -9.65
CA TYR A 146 5.91 -2.22 -8.84
C TYR A 146 6.34 -3.41 -9.70
N GLN A 147 5.56 -3.69 -10.74
CA GLN A 147 5.86 -4.80 -11.64
C GLN A 147 7.30 -4.72 -12.14
N GLY A 148 7.60 -3.64 -12.87
CA GLY A 148 8.95 -3.46 -13.40
C GLY A 148 9.91 -2.91 -12.37
N GLN A 149 10.92 -3.69 -12.02
CA GLN A 149 11.91 -3.26 -11.04
C GLN A 149 13.29 -3.16 -11.67
N SER A 150 13.53 -2.06 -12.38
CA SER A 150 14.82 -1.84 -13.05
C SER A 150 15.40 -3.16 -13.55
N GLY A 151 14.54 -4.00 -14.12
CA GLY A 151 14.98 -5.28 -14.64
C GLY A 151 13.90 -5.99 -15.41
N PRO A 152 13.62 -5.51 -16.64
CA PRO A 152 12.60 -6.09 -17.50
C PRO A 152 13.01 -7.46 -18.05
N SER A 153 12.01 -8.29 -18.33
CA SER A 153 12.28 -9.64 -18.85
C SER A 153 12.14 -9.66 -20.37
N SER A 154 13.19 -10.14 -21.04
CA SER A 154 13.18 -10.22 -22.50
C SER A 154 11.96 -10.97 -23.00
N GLY A 155 11.33 -10.44 -24.03
CA GLY A 155 10.14 -11.07 -24.59
C GLY A 155 8.89 -10.24 -24.41
N GLY A 1 1.28 2.53 20.62
CA GLY A 1 1.07 2.69 19.20
C GLY A 1 0.30 3.96 18.86
N SER A 2 0.18 4.25 17.57
CA SER A 2 -0.53 5.45 17.13
C SER A 2 -1.95 5.10 16.69
N SER A 3 -2.91 5.91 17.12
CA SER A 3 -4.31 5.70 16.78
C SER A 3 -4.44 5.23 15.33
N GLY A 4 -3.81 5.95 14.42
CA GLY A 4 -3.88 5.60 13.02
C GLY A 4 -5.18 6.01 12.37
N SER A 5 -5.38 7.31 12.21
CA SER A 5 -6.59 7.84 11.62
C SER A 5 -6.39 8.10 10.12
N SER A 6 -7.50 8.22 9.40
CA SER A 6 -7.45 8.46 7.96
C SER A 6 -8.12 9.79 7.61
N GLY A 7 -8.02 10.18 6.34
CA GLY A 7 -8.62 11.43 5.90
C GLY A 7 -7.74 12.63 6.20
N PRO A 8 -7.79 13.63 5.31
CA PRO A 8 -6.99 14.85 5.47
C PRO A 8 -7.49 15.73 6.61
N ARG A 9 -8.50 15.24 7.33
CA ARG A 9 -9.07 15.97 8.45
C ARG A 9 -8.41 15.56 9.76
N LYS A 10 -7.34 16.27 10.13
CA LYS A 10 -6.62 15.97 11.36
C LYS A 10 -6.61 17.18 12.29
N ALA A 11 -7.67 17.31 13.08
CA ALA A 11 -7.79 18.43 14.01
C ALA A 11 -7.47 19.76 13.33
N SER A 12 -7.93 19.91 12.09
CA SER A 12 -7.69 21.14 11.33
C SER A 12 -6.23 21.53 11.40
N ARG A 13 -5.34 20.55 11.32
CA ARG A 13 -3.91 20.79 11.38
C ARG A 13 -3.42 21.42 10.08
N LYS A 14 -3.94 20.93 8.96
CA LYS A 14 -3.55 21.44 7.65
C LYS A 14 -4.53 20.97 6.57
N PRO A 15 -4.50 21.64 5.41
CA PRO A 15 -5.37 21.31 4.28
C PRO A 15 -5.00 19.98 3.64
N PRO A 16 -5.91 19.45 2.81
CA PRO A 16 -5.71 18.18 2.10
C PRO A 16 -4.63 18.28 1.02
N ARG A 17 -4.47 19.48 0.46
CA ARG A 17 -3.49 19.71 -0.59
C ARG A 17 -2.21 18.93 -0.31
N GLU A 18 -1.56 19.26 0.81
CA GLU A 18 -0.32 18.60 1.19
C GLU A 18 -0.60 17.29 1.91
N GLU A 19 -0.49 16.18 1.18
CA GLU A 19 -0.75 14.86 1.75
C GLU A 19 0.16 13.82 1.10
N SER A 20 1.08 13.26 1.90
CA SER A 20 2.00 12.24 1.40
C SER A 20 1.80 10.92 2.15
N SER A 21 2.02 9.83 1.43
CA SER A 21 1.87 8.49 2.02
C SER A 21 2.77 7.48 1.33
N ALA A 22 3.15 6.44 2.06
CA ALA A 22 4.02 5.40 1.52
C ALA A 22 3.31 4.05 1.50
N THR A 23 2.96 3.59 0.30
CA THR A 23 2.27 2.32 0.14
C THR A 23 3.22 1.25 -0.40
N CYS A 24 3.01 0.01 0.04
CA CYS A 24 3.85 -1.11 -0.41
C CYS A 24 2.99 -2.24 -0.95
N VAL A 25 3.62 -3.14 -1.71
CA VAL A 25 2.92 -4.27 -2.30
C VAL A 25 3.43 -5.58 -1.74
N LEU A 26 2.59 -6.25 -0.95
CA LEU A 26 2.95 -7.52 -0.35
C LEU A 26 2.44 -8.69 -1.18
N GLU A 27 3.37 -9.51 -1.69
CA GLU A 27 3.00 -10.66 -2.51
C GLU A 27 3.59 -11.94 -1.91
N GLN A 28 2.83 -13.03 -2.04
CA GLN A 28 3.27 -14.32 -1.52
C GLN A 28 3.21 -15.39 -2.60
N PRO A 29 4.32 -16.13 -2.78
CA PRO A 29 4.42 -17.20 -3.78
C PRO A 29 3.56 -18.40 -3.41
N GLY A 30 2.60 -18.72 -4.28
CA GLY A 30 1.73 -19.85 -4.04
C GLY A 30 1.71 -20.84 -5.19
N ALA A 31 0.84 -21.83 -5.11
CA ALA A 31 0.73 -22.84 -6.16
C ALA A 31 0.37 -22.22 -7.49
N LEU A 32 -0.73 -21.46 -7.51
CA LEU A 32 -1.20 -20.80 -8.72
C LEU A 32 -0.08 -19.97 -9.35
N GLY A 33 0.56 -19.13 -8.53
CA GLY A 33 1.64 -18.30 -9.02
C GLY A 33 2.09 -17.27 -8.00
N ALA A 34 1.21 -16.32 -7.69
CA ALA A 34 1.52 -15.28 -6.73
C ALA A 34 0.27 -14.47 -6.37
N GLN A 35 0.09 -14.21 -5.08
CA GLN A 35 -1.06 -13.46 -4.61
C GLN A 35 -0.62 -12.27 -3.75
N ILE A 36 -1.31 -11.14 -3.91
CA ILE A 36 -0.99 -9.94 -3.15
C ILE A 36 -2.01 -9.69 -2.05
N LEU A 37 -1.75 -8.70 -1.22
CA LEU A 37 -2.65 -8.35 -0.12
C LEU A 37 -3.37 -7.04 -0.40
N LEU A 38 -4.67 -6.99 -0.11
CA LEU A 38 -5.47 -5.80 -0.32
C LEU A 38 -6.33 -5.49 0.90
N VAL A 39 -6.19 -4.28 1.42
CA VAL A 39 -6.96 -3.86 2.60
C VAL A 39 -7.96 -2.78 2.22
N GLN A 40 -9.18 -2.90 2.76
CA GLN A 40 -10.23 -1.93 2.49
C GLN A 40 -10.00 -0.65 3.29
N ARG A 41 -10.51 0.47 2.75
CA ARG A 41 -10.36 1.76 3.42
C ARG A 41 -11.43 1.94 4.49
N PRO A 42 -11.14 2.82 5.47
CA PRO A 42 -12.07 3.10 6.56
C PRO A 42 -13.30 3.88 6.11
N ASN A 43 -14.40 3.73 6.84
CA ASN A 43 -15.64 4.41 6.51
C ASN A 43 -15.59 5.87 6.92
N SER A 44 -16.60 6.63 6.52
CA SER A 44 -16.66 8.06 6.84
C SER A 44 -15.43 8.79 6.34
N GLY A 45 -15.01 8.46 5.12
CA GLY A 45 -13.84 9.09 4.53
C GLY A 45 -13.79 8.96 3.02
N LEU A 46 -12.89 9.70 2.40
CA LEU A 46 -12.76 9.66 0.94
C LEU A 46 -12.81 8.23 0.43
N LEU A 47 -13.54 8.02 -0.66
CA LEU A 47 -13.68 6.69 -1.26
C LEU A 47 -13.93 5.64 -0.19
N ALA A 48 -14.89 5.92 0.70
CA ALA A 48 -15.23 4.99 1.77
C ALA A 48 -15.84 3.71 1.21
N GLY A 49 -15.20 2.58 1.51
CA GLY A 49 -15.69 1.30 1.03
C GLY A 49 -15.03 0.87 -0.26
N LEU A 50 -13.71 1.07 -0.34
CA LEU A 50 -12.96 0.69 -1.53
C LEU A 50 -11.71 -0.09 -1.15
N TRP A 51 -11.37 -1.09 -1.97
CA TRP A 51 -10.21 -1.92 -1.72
C TRP A 51 -8.94 -1.23 -2.22
N GLU A 52 -7.83 -1.45 -1.52
CA GLU A 52 -6.55 -0.85 -1.89
C GLU A 52 -5.42 -1.38 -1.00
N PHE A 53 -4.19 -1.24 -1.48
CA PHE A 53 -3.03 -1.70 -0.74
C PHE A 53 -2.81 -0.85 0.51
N PRO A 54 -2.25 -1.47 1.56
CA PRO A 54 -1.98 -0.79 2.82
C PRO A 54 -0.85 0.22 2.71
N SER A 55 -0.99 1.34 3.41
CA SER A 55 0.03 2.39 3.38
C SER A 55 0.17 3.04 4.76
N VAL A 56 1.25 3.79 4.94
CA VAL A 56 1.51 4.47 6.20
C VAL A 56 1.79 5.96 5.98
N THR A 57 2.01 6.68 7.07
CA THR A 57 2.28 8.11 7.00
C THR A 57 3.60 8.39 6.30
N TRP A 58 3.69 9.52 5.62
CA TRP A 58 4.89 9.91 4.90
C TRP A 58 6.02 10.22 5.88
N GLU A 59 7.26 9.92 5.46
CA GLU A 59 8.42 10.17 6.30
C GLU A 59 9.53 10.86 5.50
N PRO A 60 10.13 11.89 6.10
CA PRO A 60 11.21 12.65 5.46
C PRO A 60 12.50 11.85 5.34
N SER A 61 12.64 10.85 6.19
CA SER A 61 13.82 10.00 6.19
C SER A 61 13.55 8.68 5.46
N GLU A 62 14.44 8.31 4.54
CA GLU A 62 14.28 7.08 3.78
C GLU A 62 14.06 5.90 4.72
N GLN A 63 14.71 5.92 5.86
CA GLN A 63 14.59 4.84 6.84
C GLN A 63 13.23 4.90 7.53
N LEU A 64 13.02 5.94 8.32
CA LEU A 64 11.75 6.11 9.04
C LEU A 64 10.59 5.59 8.22
N GLN A 65 10.60 5.89 6.93
CA GLN A 65 9.53 5.45 6.03
C GLN A 65 9.42 3.92 6.04
N ARG A 66 10.55 3.24 5.88
CA ARG A 66 10.57 1.79 5.88
C ARG A 66 10.31 1.23 7.27
N LYS A 67 10.88 1.87 8.28
CA LYS A 67 10.70 1.45 9.67
C LYS A 67 9.22 1.36 10.03
N ALA A 68 8.47 2.39 9.66
CA ALA A 68 7.04 2.43 9.94
C ALA A 68 6.26 1.64 8.89
N LEU A 69 6.70 1.72 7.64
CA LEU A 69 6.04 1.02 6.55
C LEU A 69 5.73 -0.43 6.93
N LEU A 70 6.75 -1.14 7.41
CA LEU A 70 6.59 -2.53 7.81
C LEU A 70 5.73 -2.64 9.07
N GLN A 71 6.00 -1.76 10.03
CA GLN A 71 5.25 -1.76 11.28
C GLN A 71 3.77 -1.99 11.03
N GLU A 72 3.22 -1.28 10.04
CA GLU A 72 1.81 -1.39 9.70
C GLU A 72 1.53 -2.74 9.03
N LEU A 73 2.17 -2.99 7.90
CA LEU A 73 1.99 -4.23 7.17
C LEU A 73 1.85 -5.41 8.13
N GLN A 74 2.84 -5.57 9.00
CA GLN A 74 2.84 -6.66 9.97
C GLN A 74 1.48 -6.78 10.65
N ARG A 75 0.90 -5.63 11.02
CA ARG A 75 -0.40 -5.61 11.67
C ARG A 75 -1.42 -6.42 10.88
N TRP A 76 -1.28 -6.43 9.56
CA TRP A 76 -2.19 -7.17 8.69
C TRP A 76 -1.74 -8.62 8.54
N ALA A 77 -0.69 -8.84 7.77
CA ALA A 77 -0.17 -10.18 7.55
C ALA A 77 0.56 -10.70 8.78
N GLY A 78 1.73 -10.14 9.05
CA GLY A 78 2.52 -10.54 10.20
C GLY A 78 4.00 -10.39 9.98
N PRO A 79 4.68 -11.50 9.67
CA PRO A 79 6.13 -11.51 9.43
C PRO A 79 6.50 -10.80 8.13
N LEU A 80 7.12 -9.62 8.26
CA LEU A 80 7.53 -8.84 7.10
C LEU A 80 9.03 -8.57 7.13
N PRO A 81 9.72 -8.92 6.04
CA PRO A 81 11.17 -8.71 5.93
C PRO A 81 11.54 -7.24 5.80
N ALA A 82 12.81 -6.92 6.04
CA ALA A 82 13.29 -5.55 5.96
C ALA A 82 14.06 -5.31 4.66
N THR A 83 15.22 -5.96 4.53
CA THR A 83 16.04 -5.83 3.35
C THR A 83 15.21 -5.93 2.07
N HIS A 84 14.49 -7.04 1.94
CA HIS A 84 13.66 -7.26 0.77
C HIS A 84 13.06 -5.95 0.27
N LEU A 85 12.33 -5.27 1.15
CA LEU A 85 11.71 -3.99 0.80
C LEU A 85 12.62 -3.15 -0.09
N ARG A 86 12.05 -2.57 -1.13
CA ARG A 86 12.81 -1.75 -2.06
C ARG A 86 11.90 -0.77 -2.80
N HIS A 87 12.29 0.50 -2.81
CA HIS A 87 11.51 1.54 -3.48
C HIS A 87 11.57 1.36 -5.00
N LEU A 88 10.40 1.24 -5.62
CA LEU A 88 10.32 1.06 -7.06
C LEU A 88 9.36 2.07 -7.69
N GLY A 89 9.91 3.17 -8.21
CA GLY A 89 9.08 4.19 -8.83
C GLY A 89 8.18 4.88 -7.82
N GLU A 90 7.29 5.74 -8.31
CA GLU A 90 6.37 6.47 -7.46
C GLU A 90 5.05 6.72 -8.18
N VAL A 91 4.07 7.22 -7.43
CA VAL A 91 2.75 7.50 -8.00
C VAL A 91 2.16 8.79 -7.40
N VAL A 92 2.16 9.85 -8.20
CA VAL A 92 1.63 11.14 -7.76
C VAL A 92 0.48 11.59 -8.65
N HIS A 93 -0.74 11.52 -8.11
CA HIS A 93 -1.92 11.93 -8.85
C HIS A 93 -2.35 13.35 -8.47
N THR A 94 -2.31 14.26 -9.43
CA THR A 94 -2.69 15.65 -9.20
C THR A 94 -4.21 15.82 -9.27
N PHE A 95 -4.77 16.44 -8.24
CA PHE A 95 -6.21 16.68 -8.19
C PHE A 95 -6.54 18.13 -8.47
N SER A 96 -7.83 18.44 -8.55
CA SER A 96 -8.27 19.81 -8.82
C SER A 96 -7.53 20.80 -7.94
N HIS A 97 -7.80 20.77 -6.64
CA HIS A 97 -7.16 21.66 -5.69
C HIS A 97 -6.37 20.88 -4.65
N ILE A 98 -5.93 19.69 -5.02
CA ILE A 98 -5.16 18.84 -4.11
C ILE A 98 -4.07 18.09 -4.85
N LYS A 99 -3.01 17.74 -4.13
CA LYS A 99 -1.89 17.01 -4.73
C LYS A 99 -1.44 15.87 -3.81
N LEU A 100 -1.65 14.64 -4.26
CA LEU A 100 -1.27 13.46 -3.48
C LEU A 100 0.06 12.90 -3.98
N THR A 101 0.91 12.49 -3.04
CA THR A 101 2.21 11.93 -3.38
C THR A 101 2.42 10.57 -2.71
N TYR A 102 2.20 9.50 -3.46
CA TYR A 102 2.36 8.15 -2.94
C TYR A 102 3.73 7.58 -3.32
N GLN A 103 4.27 6.74 -2.45
CA GLN A 103 5.57 6.12 -2.70
C GLN A 103 5.42 4.62 -2.97
N VAL A 104 5.77 4.21 -4.18
CA VAL A 104 5.68 2.82 -4.58
C VAL A 104 6.76 1.98 -3.90
N TYR A 105 6.32 0.94 -3.19
CA TYR A 105 7.25 0.06 -2.49
C TYR A 105 6.93 -1.41 -2.77
N GLY A 106 7.95 -2.18 -3.14
CA GLY A 106 7.76 -3.58 -3.43
C GLY A 106 8.25 -4.48 -2.31
N LEU A 107 7.51 -5.54 -2.03
CA LEU A 107 7.87 -6.48 -0.98
C LEU A 107 7.26 -7.85 -1.23
N ALA A 108 8.09 -8.80 -1.64
CA ALA A 108 7.62 -10.15 -1.90
C ALA A 108 8.43 -11.18 -1.12
N LEU A 109 7.76 -12.21 -0.63
CA LEU A 109 8.41 -13.26 0.14
C LEU A 109 9.10 -14.26 -0.78
N GLU A 110 10.43 -14.16 -0.86
CA GLU A 110 11.21 -15.06 -1.71
C GLU A 110 11.10 -16.50 -1.22
N GLY A 111 11.49 -16.71 0.04
CA GLY A 111 11.43 -18.04 0.61
C GLY A 111 11.31 -18.02 2.13
N GLN A 112 10.43 -17.16 2.63
CA GLN A 112 10.23 -17.05 4.07
C GLN A 112 8.97 -17.80 4.50
N THR A 113 8.63 -17.68 5.79
CA THR A 113 7.47 -18.36 6.33
C THR A 113 6.18 -17.68 5.88
N PRO A 114 5.14 -18.48 5.63
CA PRO A 114 3.84 -17.98 5.18
C PRO A 114 3.10 -17.23 6.29
N VAL A 115 2.06 -16.50 5.91
CA VAL A 115 1.27 -15.73 6.86
C VAL A 115 0.01 -16.47 7.25
N THR A 116 -0.63 -17.10 6.27
CA THR A 116 -1.86 -17.85 6.51
C THR A 116 -2.71 -17.17 7.59
N THR A 117 -2.71 -15.84 7.58
CA THR A 117 -3.49 -15.09 8.56
C THR A 117 -3.88 -13.72 8.00
N VAL A 118 -5.08 -13.27 8.33
CA VAL A 118 -5.57 -11.98 7.86
C VAL A 118 -6.84 -11.57 8.61
N PRO A 119 -6.89 -10.31 9.06
CA PRO A 119 -8.04 -9.77 9.78
C PRO A 119 -9.26 -9.60 8.90
N PRO A 120 -10.41 -9.31 9.52
CA PRO A 120 -11.68 -9.13 8.79
C PRO A 120 -11.69 -7.85 7.97
N GLY A 121 -10.57 -7.14 7.96
CA GLY A 121 -10.47 -5.91 7.21
C GLY A 121 -9.46 -5.99 6.07
N ALA A 122 -9.14 -7.21 5.67
CA ALA A 122 -8.18 -7.44 4.59
C ALA A 122 -8.60 -8.61 3.72
N ARG A 123 -8.06 -8.66 2.50
CA ARG A 123 -8.38 -9.74 1.56
C ARG A 123 -7.15 -10.11 0.73
N TRP A 124 -6.97 -11.41 0.52
CA TRP A 124 -5.84 -11.90 -0.26
C TRP A 124 -6.28 -12.38 -1.63
N LEU A 125 -5.97 -11.61 -2.66
CA LEU A 125 -6.34 -11.97 -4.02
C LEU A 125 -5.12 -12.01 -4.93
N THR A 126 -5.30 -12.51 -6.15
CA THR A 126 -4.21 -12.62 -7.11
C THR A 126 -3.91 -11.26 -7.74
N GLN A 127 -2.86 -11.20 -8.55
CA GLN A 127 -2.46 -9.97 -9.22
C GLN A 127 -3.56 -9.50 -10.18
N GLU A 128 -4.07 -10.44 -10.97
CA GLU A 128 -5.13 -10.13 -11.94
C GLU A 128 -6.38 -9.64 -11.23
N GLU A 129 -6.99 -10.52 -10.43
CA GLU A 129 -8.20 -10.18 -9.70
C GLU A 129 -8.15 -8.75 -9.19
N PHE A 130 -7.00 -8.36 -8.64
CA PHE A 130 -6.83 -7.01 -8.12
C PHE A 130 -7.27 -5.96 -9.13
N HIS A 131 -6.65 -5.99 -10.31
CA HIS A 131 -6.98 -5.05 -11.37
C HIS A 131 -8.48 -4.74 -11.37
N THR A 132 -9.30 -5.78 -11.52
CA THR A 132 -10.75 -5.61 -11.53
C THR A 132 -11.25 -5.01 -10.23
N ALA A 133 -10.72 -5.51 -9.11
CA ALA A 133 -11.12 -5.02 -7.80
C ALA A 133 -11.18 -3.50 -7.77
N ALA A 134 -12.29 -2.96 -7.28
CA ALA A 134 -12.47 -1.52 -7.20
C ALA A 134 -11.33 -0.86 -6.44
N VAL A 135 -10.41 -0.26 -7.18
CA VAL A 135 -9.26 0.41 -6.58
C VAL A 135 -9.06 1.81 -7.18
N SER A 136 -8.60 2.74 -6.35
CA SER A 136 -8.36 4.11 -6.80
C SER A 136 -7.25 4.16 -7.83
N THR A 137 -7.39 5.06 -8.80
CA THR A 137 -6.40 5.21 -9.86
C THR A 137 -4.99 5.09 -9.30
N ALA A 138 -4.62 6.04 -8.43
CA ALA A 138 -3.29 6.04 -7.83
C ALA A 138 -2.88 4.64 -7.40
N MET A 139 -3.59 4.08 -6.43
CA MET A 139 -3.29 2.74 -5.94
C MET A 139 -3.08 1.77 -7.10
N LYS A 140 -4.04 1.74 -8.02
CA LYS A 140 -3.96 0.85 -9.18
C LYS A 140 -2.62 1.01 -9.89
N LYS A 141 -2.10 2.23 -9.90
CA LYS A 141 -0.82 2.51 -10.55
C LYS A 141 0.34 1.96 -9.72
N VAL A 142 0.18 1.99 -8.40
CA VAL A 142 1.22 1.49 -7.50
C VAL A 142 1.64 0.07 -7.88
N PHE A 143 0.71 -0.68 -8.45
CA PHE A 143 0.98 -2.06 -8.86
C PHE A 143 1.84 -2.07 -10.14
N ARG A 144 1.25 -1.62 -11.24
CA ARG A 144 1.95 -1.59 -12.52
C ARG A 144 3.39 -1.13 -12.34
N VAL A 145 3.58 -0.11 -11.51
CA VAL A 145 4.91 0.42 -11.25
C VAL A 145 5.79 -0.61 -10.56
N TYR A 146 5.19 -1.42 -9.69
CA TYR A 146 5.92 -2.44 -8.96
C TYR A 146 6.33 -3.58 -9.88
N GLN A 147 5.36 -4.13 -10.61
CA GLN A 147 5.62 -5.22 -11.53
C GLN A 147 6.86 -4.96 -12.36
N GLY A 148 7.00 -3.71 -12.81
CA GLY A 148 8.16 -3.34 -13.62
C GLY A 148 9.41 -4.08 -13.20
N GLN A 149 9.62 -4.20 -11.89
CA GLN A 149 10.79 -4.88 -11.38
C GLN A 149 10.39 -6.07 -10.49
N SER A 150 10.36 -7.26 -11.08
CA SER A 150 9.99 -8.46 -10.35
C SER A 150 10.65 -9.69 -10.95
N GLY A 151 11.36 -10.44 -10.11
CA GLY A 151 12.04 -11.64 -10.57
C GLY A 151 12.60 -12.46 -9.44
N PRO A 152 11.90 -13.54 -9.08
CA PRO A 152 12.30 -14.44 -7.99
C PRO A 152 13.54 -15.25 -8.35
N SER A 153 14.09 -15.00 -9.55
CA SER A 153 15.27 -15.71 -10.01
C SER A 153 16.32 -15.81 -8.89
N SER A 154 17.22 -16.78 -9.02
CA SER A 154 18.26 -16.98 -8.03
C SER A 154 19.32 -15.90 -8.12
N GLY A 155 20.02 -15.65 -7.01
CA GLY A 155 21.06 -14.63 -7.00
C GLY A 155 21.36 -14.15 -5.59
N GLY A 1 -8.56 5.27 14.65
CA GLY A 1 -9.62 5.42 15.63
C GLY A 1 -9.75 6.86 16.12
N SER A 2 -10.62 7.62 15.47
CA SER A 2 -10.83 9.02 15.84
C SER A 2 -12.31 9.36 15.84
N SER A 3 -12.66 10.52 16.40
CA SER A 3 -14.04 10.96 16.48
C SER A 3 -14.22 12.29 15.74
N GLY A 4 -15.25 12.33 14.89
CA GLY A 4 -15.52 13.54 14.14
C GLY A 4 -14.42 13.87 13.13
N SER A 5 -14.75 13.77 11.86
CA SER A 5 -13.79 14.04 10.79
C SER A 5 -14.48 14.14 9.44
N SER A 6 -14.34 15.29 8.78
CA SER A 6 -14.96 15.50 7.48
C SER A 6 -13.91 15.49 6.38
N GLY A 7 -13.53 14.30 5.94
CA GLY A 7 -12.53 14.17 4.89
C GLY A 7 -11.20 13.67 5.40
N PRO A 8 -10.24 14.59 5.56
CA PRO A 8 -8.90 14.26 6.06
C PRO A 8 -8.91 13.86 7.53
N ARG A 9 -7.72 13.61 8.08
CA ARG A 9 -7.59 13.23 9.48
C ARG A 9 -7.57 14.46 10.39
N LYS A 10 -8.01 14.27 11.64
CA LYS A 10 -8.05 15.36 12.60
C LYS A 10 -6.74 15.44 13.38
N ALA A 11 -6.28 14.30 13.88
CA ALA A 11 -5.05 14.23 14.64
C ALA A 11 -3.93 15.01 13.95
N SER A 12 -3.85 14.88 12.63
CA SER A 12 -2.82 15.57 11.86
C SER A 12 -3.05 17.07 11.89
N ARG A 13 -4.31 17.49 11.78
CA ARG A 13 -4.66 18.89 11.79
C ARG A 13 -4.03 19.62 10.61
N LYS A 14 -4.00 18.95 9.46
CA LYS A 14 -3.42 19.53 8.25
C LYS A 14 -4.41 19.44 7.09
N PRO A 15 -4.23 20.33 6.09
CA PRO A 15 -5.10 20.37 4.91
C PRO A 15 -4.89 19.16 4.00
N PRO A 16 -5.86 18.94 3.10
CA PRO A 16 -5.80 17.81 2.15
C PRO A 16 -4.73 17.99 1.10
N ARG A 17 -4.62 19.20 0.56
CA ARG A 17 -3.62 19.51 -0.46
C ARG A 17 -2.34 18.71 -0.22
N GLU A 18 -1.63 19.05 0.86
CA GLU A 18 -0.39 18.37 1.19
C GLU A 18 -0.67 17.04 1.89
N GLU A 19 -0.58 15.95 1.13
CA GLU A 19 -0.83 14.61 1.67
C GLU A 19 0.11 13.59 1.05
N SER A 20 1.01 13.04 1.86
CA SER A 20 1.97 12.04 1.38
C SER A 20 1.89 10.77 2.22
N SER A 21 2.12 9.64 1.58
CA SER A 21 2.08 8.35 2.26
C SER A 21 2.97 7.33 1.55
N ALA A 22 3.39 6.31 2.29
CA ALA A 22 4.25 5.26 1.73
C ALA A 22 3.50 3.93 1.67
N THR A 23 3.28 3.45 0.46
CA THR A 23 2.58 2.17 0.25
C THR A 23 3.53 1.11 -0.27
N CYS A 24 3.30 -0.14 0.14
CA CYS A 24 4.13 -1.25 -0.30
C CYS A 24 3.27 -2.40 -0.79
N VAL A 25 3.87 -3.26 -1.62
CA VAL A 25 3.15 -4.42 -2.17
C VAL A 25 3.63 -5.71 -1.53
N LEU A 26 2.71 -6.45 -0.93
CA LEU A 26 3.04 -7.72 -0.29
C LEU A 26 2.54 -8.90 -1.13
N GLU A 27 3.49 -9.71 -1.59
CA GLU A 27 3.14 -10.88 -2.41
C GLU A 27 3.74 -12.15 -1.81
N GLN A 28 2.97 -13.23 -1.84
CA GLN A 28 3.42 -14.50 -1.30
C GLN A 28 3.19 -15.63 -2.29
N PRO A 29 4.27 -16.32 -2.66
CA PRO A 29 4.22 -17.44 -3.62
C PRO A 29 3.51 -18.66 -3.05
N GLY A 30 2.51 -19.16 -3.76
CA GLY A 30 1.77 -20.32 -3.31
C GLY A 30 1.83 -21.47 -4.30
N ALA A 31 0.96 -22.46 -4.10
CA ALA A 31 0.91 -23.61 -4.98
C ALA A 31 0.55 -23.21 -6.41
N LEU A 32 -0.44 -22.33 -6.54
CA LEU A 32 -0.87 -21.85 -7.85
C LEU A 32 0.17 -20.94 -8.47
N GLY A 33 0.76 -20.06 -7.65
CA GLY A 33 1.77 -19.14 -8.15
C GLY A 33 2.20 -18.13 -7.11
N ALA A 34 1.60 -16.94 -7.16
CA ALA A 34 1.92 -15.88 -6.21
C ALA A 34 0.87 -14.79 -6.25
N GLN A 35 0.22 -14.56 -5.11
CA GLN A 35 -0.81 -13.53 -5.01
C GLN A 35 -0.36 -12.39 -4.11
N ILE A 36 -1.05 -11.26 -4.19
CA ILE A 36 -0.72 -10.09 -3.38
C ILE A 36 -1.78 -9.84 -2.31
N LEU A 37 -1.53 -8.85 -1.47
CA LEU A 37 -2.47 -8.51 -0.40
C LEU A 37 -3.17 -7.18 -0.68
N LEU A 38 -4.44 -7.10 -0.32
CA LEU A 38 -5.23 -5.89 -0.54
C LEU A 38 -6.09 -5.57 0.68
N VAL A 39 -6.01 -4.33 1.15
CA VAL A 39 -6.78 -3.90 2.30
C VAL A 39 -7.81 -2.84 1.92
N GLN A 40 -8.95 -2.85 2.59
CA GLN A 40 -10.01 -1.89 2.32
C GLN A 40 -10.04 -0.79 3.38
N ARG A 41 -10.88 0.22 3.15
CA ARG A 41 -11.00 1.33 4.09
C ARG A 41 -12.32 1.26 4.86
N PRO A 42 -12.35 1.89 6.04
CA PRO A 42 -13.54 1.91 6.89
C PRO A 42 -14.67 2.75 6.30
N ASN A 43 -15.76 2.88 7.05
CA ASN A 43 -16.90 3.67 6.59
C ASN A 43 -16.73 5.13 6.93
N SER A 44 -16.01 5.85 6.09
CA SER A 44 -15.76 7.28 6.30
C SER A 44 -15.03 7.89 5.11
N GLY A 45 -15.29 9.17 4.86
CA GLY A 45 -14.65 9.86 3.75
C GLY A 45 -15.51 9.85 2.50
N LEU A 46 -14.87 10.05 1.35
CA LEU A 46 -15.58 10.06 0.08
C LEU A 46 -15.24 8.82 -0.75
N LEU A 47 -13.96 8.48 -0.80
CA LEU A 47 -13.51 7.31 -1.55
C LEU A 47 -13.40 6.09 -0.65
N ALA A 48 -14.41 5.89 0.19
CA ALA A 48 -14.43 4.75 1.10
C ALA A 48 -15.07 3.53 0.45
N GLY A 49 -14.84 2.36 1.04
CA GLY A 49 -15.41 1.14 0.50
C GLY A 49 -14.63 0.62 -0.70
N LEU A 50 -13.35 0.95 -0.75
CA LEU A 50 -12.49 0.51 -1.85
C LEU A 50 -11.39 -0.42 -1.35
N TRP A 51 -10.84 -1.22 -2.26
CA TRP A 51 -9.78 -2.15 -1.91
C TRP A 51 -8.45 -1.72 -2.52
N GLU A 52 -7.51 -1.34 -1.66
CA GLU A 52 -6.19 -0.91 -2.12
C GLU A 52 -5.09 -1.48 -1.24
N PHE A 53 -3.84 -1.21 -1.60
CA PHE A 53 -2.70 -1.71 -0.84
C PHE A 53 -2.51 -0.90 0.44
N PRO A 54 -1.96 -1.55 1.48
CA PRO A 54 -1.72 -0.92 2.78
C PRO A 54 -0.61 0.12 2.71
N SER A 55 -0.77 1.20 3.46
CA SER A 55 0.21 2.27 3.49
C SER A 55 0.28 2.92 4.87
N VAL A 56 1.39 3.61 5.15
CA VAL A 56 1.57 4.26 6.43
C VAL A 56 1.86 5.75 6.25
N THR A 57 2.04 6.46 7.35
CA THR A 57 2.33 7.89 7.31
C THR A 57 3.67 8.15 6.66
N TRP A 58 3.71 9.16 5.79
CA TRP A 58 4.94 9.53 5.09
C TRP A 58 6.05 9.85 6.08
N GLU A 59 7.27 9.97 5.56
CA GLU A 59 8.43 10.28 6.40
C GLU A 59 9.50 11.01 5.61
N PRO A 60 10.06 12.07 6.21
CA PRO A 60 11.11 12.88 5.58
C PRO A 60 12.43 12.13 5.45
N SER A 61 12.58 11.07 6.25
CA SER A 61 13.80 10.26 6.22
C SER A 61 13.61 9.04 5.34
N GLU A 62 14.72 8.53 4.81
CA GLU A 62 14.68 7.35 3.94
C GLU A 62 14.47 6.08 4.75
N GLN A 63 14.91 6.11 6.00
CA GLN A 63 14.76 4.96 6.89
C GLN A 63 13.40 4.96 7.58
N LEU A 64 13.11 6.05 8.29
CA LEU A 64 11.84 6.19 9.00
C LEU A 64 10.68 5.70 8.13
N GLN A 65 10.75 6.03 6.85
CA GLN A 65 9.71 5.63 5.91
C GLN A 65 9.47 4.12 5.95
N ARG A 66 10.55 3.35 5.84
CA ARG A 66 10.46 1.90 5.88
C ARG A 66 10.10 1.41 7.27
N LYS A 67 10.74 1.99 8.28
CA LYS A 67 10.50 1.61 9.67
C LYS A 67 9.00 1.45 9.92
N ALA A 68 8.22 2.43 9.51
CA ALA A 68 6.78 2.40 9.69
C ALA A 68 6.10 1.57 8.60
N LEU A 69 6.40 1.89 7.35
CA LEU A 69 5.82 1.18 6.22
C LEU A 69 5.64 -0.30 6.55
N LEU A 70 6.56 -0.85 7.33
CA LEU A 70 6.50 -2.25 7.72
C LEU A 70 5.64 -2.43 8.97
N GLN A 71 5.92 -1.63 9.99
CA GLN A 71 5.18 -1.70 11.25
C GLN A 71 3.69 -1.89 10.98
N GLU A 72 3.20 -1.28 9.90
CA GLU A 72 1.79 -1.38 9.54
C GLU A 72 1.50 -2.73 8.89
N LEU A 73 2.20 -3.02 7.80
CA LEU A 73 2.00 -4.28 7.09
C LEU A 73 1.80 -5.43 8.06
N GLN A 74 2.68 -5.53 9.05
CA GLN A 74 2.59 -6.60 10.04
C GLN A 74 1.19 -6.66 10.65
N ARG A 75 0.67 -5.50 11.05
CA ARG A 75 -0.66 -5.43 11.64
C ARG A 75 -1.67 -6.18 10.80
N TRP A 76 -1.41 -6.28 9.50
CA TRP A 76 -2.30 -6.97 8.58
C TRP A 76 -1.92 -8.45 8.47
N ALA A 77 -0.82 -8.72 7.79
CA ALA A 77 -0.35 -10.09 7.60
C ALA A 77 0.37 -10.59 8.85
N GLY A 78 1.55 -10.04 9.11
CA GLY A 78 2.32 -10.45 10.27
C GLY A 78 3.80 -10.21 10.10
N PRO A 79 4.56 -11.29 9.87
CA PRO A 79 6.01 -11.20 9.68
C PRO A 79 6.39 -10.53 8.37
N LEU A 80 7.12 -9.42 8.47
CA LEU A 80 7.55 -8.68 7.29
C LEU A 80 9.06 -8.44 7.31
N PRO A 81 9.73 -8.75 6.19
CA PRO A 81 11.18 -8.57 6.05
C PRO A 81 11.58 -7.10 6.01
N ALA A 82 12.89 -6.86 5.92
CA ALA A 82 13.41 -5.50 5.87
C ALA A 82 14.27 -5.28 4.63
N THR A 83 15.35 -6.05 4.53
CA THR A 83 16.25 -5.94 3.39
C THR A 83 15.51 -6.08 2.07
N HIS A 84 14.69 -7.12 1.97
CA HIS A 84 13.92 -7.38 0.76
C HIS A 84 13.23 -6.10 0.28
N LEU A 85 12.57 -5.40 1.20
CA LEU A 85 11.88 -4.16 0.87
C LEU A 85 12.75 -3.28 -0.02
N ARG A 86 12.13 -2.74 -1.08
CA ARG A 86 12.84 -1.87 -2.01
C ARG A 86 11.87 -0.94 -2.74
N HIS A 87 12.22 0.33 -2.81
CA HIS A 87 11.37 1.32 -3.48
C HIS A 87 11.44 1.15 -5.00
N LEU A 88 10.28 1.01 -5.62
CA LEU A 88 10.21 0.84 -7.07
C LEU A 88 9.23 1.84 -7.69
N GLY A 89 9.77 2.96 -8.16
CA GLY A 89 8.94 3.98 -8.77
C GLY A 89 8.06 4.70 -7.76
N GLU A 90 7.19 5.57 -8.24
CA GLU A 90 6.29 6.33 -7.37
C GLU A 90 4.97 6.61 -8.07
N VAL A 91 3.99 7.09 -7.30
CA VAL A 91 2.67 7.40 -7.85
C VAL A 91 2.15 8.71 -7.29
N VAL A 92 2.16 9.75 -8.11
CA VAL A 92 1.68 11.07 -7.71
C VAL A 92 0.50 11.51 -8.57
N HIS A 93 -0.70 11.41 -8.00
CA HIS A 93 -1.92 11.81 -8.72
C HIS A 93 -2.35 13.21 -8.31
N THR A 94 -2.23 14.16 -9.23
CA THR A 94 -2.62 15.54 -8.96
C THR A 94 -4.12 15.73 -9.14
N PHE A 95 -4.81 15.95 -8.04
CA PHE A 95 -6.26 16.16 -8.07
C PHE A 95 -6.59 17.60 -8.43
N SER A 96 -7.88 17.93 -8.41
CA SER A 96 -8.34 19.27 -8.73
C SER A 96 -7.63 20.31 -7.88
N HIS A 97 -7.91 20.29 -6.58
CA HIS A 97 -7.30 21.23 -5.64
C HIS A 97 -6.49 20.49 -4.58
N ILE A 98 -6.02 19.29 -4.91
CA ILE A 98 -5.24 18.49 -3.99
C ILE A 98 -4.12 17.75 -4.72
N LYS A 99 -3.01 17.54 -4.03
CA LYS A 99 -1.86 16.85 -4.61
C LYS A 99 -1.42 15.70 -3.71
N LEU A 100 -1.63 14.47 -4.16
CA LEU A 100 -1.25 13.30 -3.40
C LEU A 100 0.08 12.73 -3.88
N THR A 101 0.91 12.30 -2.95
CA THR A 101 2.22 11.74 -3.29
C THR A 101 2.43 10.39 -2.62
N TYR A 102 2.28 9.32 -3.40
CA TYR A 102 2.46 7.97 -2.87
C TYR A 102 3.80 7.38 -3.30
N GLN A 103 4.37 6.54 -2.45
CA GLN A 103 5.66 5.92 -2.74
C GLN A 103 5.49 4.43 -3.00
N VAL A 104 5.74 4.02 -4.24
CA VAL A 104 5.62 2.62 -4.63
C VAL A 104 6.75 1.79 -4.03
N TYR A 105 6.37 0.75 -3.29
CA TYR A 105 7.34 -0.13 -2.65
C TYR A 105 7.03 -1.59 -2.94
N GLY A 106 8.06 -2.38 -3.22
CA GLY A 106 7.87 -3.80 -3.50
C GLY A 106 8.34 -4.68 -2.37
N LEU A 107 7.61 -5.77 -2.13
CA LEU A 107 7.97 -6.70 -1.06
C LEU A 107 7.27 -8.05 -1.27
N ALA A 108 8.07 -9.11 -1.28
CA ALA A 108 7.53 -10.45 -1.47
C ALA A 108 8.32 -11.48 -0.66
N LEU A 109 7.70 -12.62 -0.39
CA LEU A 109 8.35 -13.68 0.38
C LEU A 109 8.96 -14.72 -0.55
N GLU A 110 10.27 -14.91 -0.45
CA GLU A 110 10.97 -15.87 -1.28
C GLU A 110 10.58 -17.30 -0.89
N GLY A 111 10.35 -17.52 0.39
CA GLY A 111 9.97 -18.83 0.88
C GLY A 111 10.50 -19.12 2.26
N GLN A 112 9.94 -18.44 3.26
CA GLN A 112 10.36 -18.63 4.65
C GLN A 112 9.23 -19.20 5.49
N THR A 113 8.23 -18.37 5.77
CA THR A 113 7.09 -18.80 6.58
C THR A 113 5.82 -18.06 6.17
N PRO A 114 4.71 -18.80 6.08
CA PRO A 114 3.41 -18.23 5.70
C PRO A 114 2.84 -17.31 6.78
N VAL A 115 1.76 -16.60 6.43
CA VAL A 115 1.12 -15.68 7.37
C VAL A 115 -0.13 -16.32 7.99
N THR A 116 -0.88 -17.04 7.18
CA THR A 116 -2.11 -17.69 7.64
C THR A 116 -2.79 -16.86 8.72
N THR A 117 -2.71 -15.55 8.58
CA THR A 117 -3.32 -14.64 9.55
C THR A 117 -3.63 -13.28 8.92
N VAL A 118 -4.86 -12.82 9.09
CA VAL A 118 -5.27 -11.53 8.53
C VAL A 118 -6.57 -11.06 9.17
N PRO A 119 -6.64 -9.76 9.49
CA PRO A 119 -7.82 -9.16 10.11
C PRO A 119 -8.99 -9.07 9.13
N PRO A 120 -10.20 -8.85 9.68
CA PRO A 120 -11.43 -8.74 8.87
C PRO A 120 -11.45 -7.46 8.03
N GLY A 121 -10.38 -6.69 8.10
CA GLY A 121 -10.30 -5.46 7.33
C GLY A 121 -9.35 -5.56 6.16
N ALA A 122 -9.08 -6.78 5.72
CA ALA A 122 -8.18 -7.01 4.60
C ALA A 122 -8.63 -8.21 3.76
N ARG A 123 -7.96 -8.42 2.64
CA ARG A 123 -8.29 -9.54 1.75
C ARG A 123 -7.08 -9.94 0.91
N TRP A 124 -6.89 -11.25 0.75
CA TRP A 124 -5.78 -11.76 -0.03
C TRP A 124 -6.24 -12.22 -1.41
N LEU A 125 -5.97 -11.42 -2.43
CA LEU A 125 -6.36 -11.75 -3.79
C LEU A 125 -5.14 -11.80 -4.71
N THR A 126 -5.34 -12.34 -5.92
CA THR A 126 -4.26 -12.44 -6.89
C THR A 126 -4.00 -11.12 -7.59
N GLN A 127 -2.85 -11.00 -8.24
CA GLN A 127 -2.50 -9.78 -8.95
C GLN A 127 -3.60 -9.39 -9.94
N GLU A 128 -4.12 -10.38 -10.66
CA GLU A 128 -5.17 -10.13 -11.64
C GLU A 128 -6.45 -9.65 -10.96
N GLU A 129 -6.92 -10.43 -9.98
CA GLU A 129 -8.14 -10.08 -9.26
C GLU A 129 -8.11 -8.61 -8.81
N PHE A 130 -6.92 -8.12 -8.49
CA PHE A 130 -6.76 -6.74 -8.05
C PHE A 130 -7.11 -5.77 -9.17
N HIS A 131 -6.43 -5.91 -10.31
CA HIS A 131 -6.66 -5.05 -11.46
C HIS A 131 -8.15 -4.73 -11.59
N THR A 132 -8.98 -5.77 -11.63
CA THR A 132 -10.42 -5.59 -11.77
C THR A 132 -11.02 -5.01 -10.50
N ALA A 133 -10.63 -5.55 -9.36
CA ALA A 133 -11.13 -5.08 -8.06
C ALA A 133 -11.25 -3.56 -8.05
N ALA A 134 -12.26 -3.06 -7.36
CA ALA A 134 -12.49 -1.62 -7.26
C ALA A 134 -11.36 -0.93 -6.51
N VAL A 135 -10.49 -0.25 -7.24
CA VAL A 135 -9.36 0.46 -6.64
C VAL A 135 -9.24 1.87 -7.17
N SER A 136 -8.74 2.77 -6.34
CA SER A 136 -8.58 4.17 -6.73
C SER A 136 -7.49 4.31 -7.81
N THR A 137 -7.64 5.33 -8.65
CA THR A 137 -6.68 5.57 -9.71
C THR A 137 -5.25 5.49 -9.20
N ALA A 138 -4.94 6.29 -8.18
CA ALA A 138 -3.61 6.30 -7.60
C ALA A 138 -3.14 4.90 -7.25
N MET A 139 -3.82 4.27 -6.30
CA MET A 139 -3.46 2.91 -5.88
C MET A 139 -3.26 2.01 -7.09
N LYS A 140 -4.19 2.05 -8.02
CA LYS A 140 -4.12 1.24 -9.23
C LYS A 140 -2.76 1.40 -9.90
N LYS A 141 -2.20 2.59 -9.82
CA LYS A 141 -0.89 2.87 -10.41
C LYS A 141 0.23 2.25 -9.58
N VAL A 142 0.04 2.22 -8.27
CA VAL A 142 1.04 1.65 -7.36
C VAL A 142 1.37 0.22 -7.76
N PHE A 143 0.51 -0.38 -8.58
CA PHE A 143 0.73 -1.75 -9.03
C PHE A 143 1.51 -1.78 -10.35
N ARG A 144 0.86 -1.33 -11.42
CA ARG A 144 1.49 -1.30 -12.73
C ARG A 144 2.95 -0.88 -12.62
N VAL A 145 3.24 0.00 -11.67
CA VAL A 145 4.60 0.50 -11.46
C VAL A 145 5.47 -0.56 -10.78
N TYR A 146 4.89 -1.24 -9.80
CA TYR A 146 5.62 -2.28 -9.06
C TYR A 146 5.87 -3.49 -9.95
N GLN A 147 4.94 -3.76 -10.86
CA GLN A 147 5.08 -4.89 -11.77
C GLN A 147 6.38 -4.81 -12.56
N GLY A 148 6.62 -3.67 -13.19
CA GLY A 148 7.83 -3.49 -13.97
C GLY A 148 9.02 -4.22 -13.37
N GLN A 149 9.11 -4.20 -12.04
CA GLN A 149 10.21 -4.86 -11.36
C GLN A 149 9.70 -6.02 -10.51
N SER A 150 9.94 -7.24 -10.97
CA SER A 150 9.50 -8.44 -10.26
C SER A 150 10.24 -9.67 -10.76
N GLY A 151 10.96 -10.32 -9.85
CA GLY A 151 11.71 -11.51 -10.22
C GLY A 151 10.98 -12.78 -9.85
N PRO A 152 10.54 -13.54 -10.88
CA PRO A 152 9.81 -14.79 -10.68
C PRO A 152 10.71 -15.90 -10.14
N SER A 153 11.87 -16.06 -10.75
CA SER A 153 12.82 -17.09 -10.33
C SER A 153 14.11 -16.46 -9.80
N SER A 154 14.73 -15.63 -10.63
CA SER A 154 15.97 -14.96 -10.26
C SER A 154 15.69 -13.66 -9.51
N GLY A 155 15.68 -13.73 -8.18
CA GLY A 155 15.42 -12.55 -7.38
C GLY A 155 15.43 -12.85 -5.89
N GLY A 1 -15.68 8.13 21.16
CA GLY A 1 -15.29 8.61 19.84
C GLY A 1 -16.38 9.43 19.17
N SER A 2 -16.19 10.74 19.14
CA SER A 2 -17.16 11.64 18.53
C SER A 2 -17.19 11.45 17.01
N SER A 3 -18.15 10.67 16.54
CA SER A 3 -18.28 10.41 15.11
C SER A 3 -18.98 11.56 14.40
N GLY A 4 -18.20 12.41 13.74
CA GLY A 4 -18.76 13.54 13.04
C GLY A 4 -17.70 14.36 12.33
N SER A 5 -17.05 13.76 11.33
CA SER A 5 -16.01 14.44 10.57
C SER A 5 -16.59 15.60 9.77
N SER A 6 -15.87 16.71 9.75
CA SER A 6 -16.31 17.90 9.02
C SER A 6 -15.38 18.18 7.83
N GLY A 7 -14.09 18.31 8.13
CA GLY A 7 -13.13 18.59 7.08
C GLY A 7 -12.41 17.34 6.60
N PRO A 8 -11.14 17.49 6.20
CA PRO A 8 -10.32 16.38 5.70
C PRO A 8 -9.95 15.40 6.81
N ARG A 9 -9.66 15.94 8.00
CA ARG A 9 -9.29 15.12 9.14
C ARG A 9 -9.85 15.70 10.44
N LYS A 10 -10.07 14.84 11.42
CA LYS A 10 -10.59 15.26 12.71
C LYS A 10 -10.01 16.60 13.13
N ALA A 11 -8.73 16.59 13.49
CA ALA A 11 -8.05 17.82 13.91
C ALA A 11 -7.64 18.66 12.70
N SER A 12 -8.21 19.85 12.60
CA SER A 12 -7.92 20.75 11.49
C SER A 12 -6.54 21.39 11.66
N ARG A 13 -5.50 20.62 11.34
CA ARG A 13 -4.14 21.12 11.46
C ARG A 13 -3.63 21.63 10.12
N LYS A 14 -3.77 20.81 9.09
CA LYS A 14 -3.32 21.19 7.75
C LYS A 14 -4.33 20.75 6.69
N PRO A 15 -4.37 21.48 5.57
CA PRO A 15 -5.28 21.18 4.46
C PRO A 15 -4.92 19.89 3.74
N PRO A 16 -5.85 19.40 2.89
CA PRO A 16 -5.64 18.16 2.14
C PRO A 16 -4.60 18.32 1.04
N ARG A 17 -4.45 19.54 0.54
CA ARG A 17 -3.48 19.83 -0.51
C ARG A 17 -2.20 19.02 -0.30
N GLU A 18 -1.54 19.25 0.83
CA GLU A 18 -0.31 18.55 1.15
C GLU A 18 -0.61 17.22 1.86
N GLU A 19 -0.54 16.13 1.10
CA GLU A 19 -0.81 14.81 1.64
C GLU A 19 0.10 13.76 0.99
N SER A 20 0.99 13.19 1.79
CA SER A 20 1.92 12.18 1.28
C SER A 20 1.77 10.87 2.06
N SER A 21 1.91 9.76 1.36
CA SER A 21 1.78 8.44 1.98
C SER A 21 2.70 7.43 1.30
N ALA A 22 3.08 6.40 2.03
CA ALA A 22 3.95 5.35 1.49
C ALA A 22 3.24 4.00 1.46
N THR A 23 2.96 3.52 0.26
CA THR A 23 2.28 2.24 0.09
C THR A 23 3.22 1.18 -0.44
N CYS A 24 3.03 -0.06 0.00
CA CYS A 24 3.86 -1.18 -0.44
C CYS A 24 3.02 -2.33 -0.95
N VAL A 25 3.63 -3.20 -1.74
CA VAL A 25 2.94 -4.36 -2.30
C VAL A 25 3.49 -5.66 -1.74
N LEU A 26 2.72 -6.30 -0.87
CA LEU A 26 3.13 -7.57 -0.26
C LEU A 26 2.65 -8.75 -1.09
N GLU A 27 3.57 -9.63 -1.44
CA GLU A 27 3.24 -10.82 -2.24
C GLU A 27 4.14 -11.99 -1.85
N GLN A 28 3.67 -13.21 -2.14
CA GLN A 28 4.42 -14.42 -1.84
C GLN A 28 4.17 -15.50 -2.88
N PRO A 29 5.17 -16.37 -3.07
CA PRO A 29 5.09 -17.46 -4.04
C PRO A 29 4.10 -18.55 -3.61
N GLY A 30 3.08 -18.77 -4.42
CA GLY A 30 2.08 -19.78 -4.10
C GLY A 30 2.14 -20.97 -5.04
N ALA A 31 1.00 -21.62 -5.25
CA ALA A 31 0.93 -22.78 -6.12
C ALA A 31 0.65 -22.37 -7.56
N LEU A 32 -0.46 -21.67 -7.76
CA LEU A 32 -0.84 -21.21 -9.09
C LEU A 32 0.16 -20.19 -9.63
N GLY A 33 0.54 -19.25 -8.78
CA GLY A 33 1.50 -18.22 -9.18
C GLY A 33 1.92 -17.34 -8.03
N ALA A 34 1.05 -16.41 -7.65
CA ALA A 34 1.32 -15.49 -6.56
C ALA A 34 0.08 -14.69 -6.17
N GLN A 35 -0.08 -14.44 -4.87
CA GLN A 35 -1.23 -13.69 -4.38
C GLN A 35 -0.78 -12.49 -3.55
N ILE A 36 -1.32 -11.32 -3.86
CA ILE A 36 -0.97 -10.10 -3.15
C ILE A 36 -1.97 -9.82 -2.03
N LEU A 37 -1.72 -8.76 -1.27
CA LEU A 37 -2.59 -8.37 -0.17
C LEU A 37 -3.35 -7.09 -0.49
N LEU A 38 -4.60 -7.02 -0.06
CA LEU A 38 -5.43 -5.85 -0.30
C LEU A 38 -6.26 -5.51 0.93
N VAL A 39 -6.07 -4.29 1.44
CA VAL A 39 -6.80 -3.84 2.62
C VAL A 39 -7.83 -2.77 2.25
N GLN A 40 -8.69 -2.43 3.21
CA GLN A 40 -9.73 -1.42 2.98
C GLN A 40 -9.35 -0.11 3.66
N ARG A 41 -10.03 0.96 3.27
CA ARG A 41 -9.78 2.28 3.84
C ARG A 41 -10.85 2.65 4.84
N PRO A 42 -10.54 3.63 5.70
CA PRO A 42 -11.47 4.10 6.74
C PRO A 42 -12.65 4.87 6.14
N ASN A 43 -13.63 5.20 6.99
CA ASN A 43 -14.81 5.93 6.55
C ASN A 43 -14.49 7.41 6.35
N SER A 44 -14.34 7.82 5.10
CA SER A 44 -14.04 9.21 4.77
C SER A 44 -15.32 10.00 4.52
N GLY A 45 -16.09 9.57 3.54
CA GLY A 45 -17.33 10.25 3.21
C GLY A 45 -18.01 9.69 1.97
N LEU A 46 -17.79 10.34 0.84
CA LEU A 46 -18.39 9.90 -0.42
C LEU A 46 -17.73 8.61 -0.91
N LEU A 47 -16.42 8.66 -1.11
CA LEU A 47 -15.67 7.49 -1.58
C LEU A 47 -14.96 6.81 -0.41
N ALA A 48 -15.59 5.80 0.15
CA ALA A 48 -15.01 5.06 1.27
C ALA A 48 -15.35 3.57 1.18
N GLY A 49 -14.61 2.76 1.92
CA GLY A 49 -14.84 1.32 1.91
C GLY A 49 -14.38 0.68 0.62
N LEU A 50 -13.26 1.15 0.08
CA LEU A 50 -12.72 0.61 -1.16
C LEU A 50 -11.61 -0.40 -0.88
N TRP A 51 -11.12 -1.06 -1.92
CA TRP A 51 -10.06 -2.05 -1.79
C TRP A 51 -8.75 -1.50 -2.33
N GLU A 52 -7.80 -1.25 -1.44
CA GLU A 52 -6.49 -0.72 -1.83
C GLU A 52 -5.38 -1.31 -0.95
N PHE A 53 -4.15 -1.15 -1.40
CA PHE A 53 -2.99 -1.66 -0.67
C PHE A 53 -2.75 -0.85 0.60
N PRO A 54 -2.16 -1.50 1.62
CA PRO A 54 -1.86 -0.85 2.90
C PRO A 54 -0.75 0.17 2.78
N SER A 55 -0.88 1.28 3.51
CA SER A 55 0.12 2.34 3.49
C SER A 55 0.24 3.00 4.86
N VAL A 56 1.34 3.70 5.07
CA VAL A 56 1.59 4.39 6.34
C VAL A 56 1.85 5.88 6.12
N THR A 57 1.98 6.62 7.21
CA THR A 57 2.24 8.05 7.14
C THR A 57 3.58 8.33 6.45
N TRP A 58 3.63 9.40 5.67
CA TRP A 58 4.85 9.78 4.96
C TRP A 58 6.00 9.99 5.94
N GLU A 59 7.21 10.08 5.41
CA GLU A 59 8.39 10.28 6.23
C GLU A 59 9.53 10.92 5.42
N PRO A 60 10.14 11.96 5.98
CA PRO A 60 11.25 12.68 5.33
C PRO A 60 12.52 11.84 5.26
N SER A 61 12.60 10.82 6.10
CA SER A 61 13.76 9.93 6.14
C SER A 61 13.45 8.60 5.48
N GLU A 62 14.28 8.21 4.52
CA GLU A 62 14.10 6.95 3.81
C GLU A 62 13.90 5.80 4.79
N GLN A 63 14.59 5.87 5.93
CA GLN A 63 14.49 4.83 6.95
C GLN A 63 13.14 4.90 7.66
N LEU A 64 12.92 5.99 8.40
CA LEU A 64 11.68 6.17 9.14
C LEU A 64 10.49 5.66 8.33
N GLN A 65 10.52 5.90 7.02
CA GLN A 65 9.45 5.46 6.14
C GLN A 65 9.32 3.94 6.14
N ARG A 66 10.42 3.25 5.88
CA ARG A 66 10.43 1.80 5.87
C ARG A 66 10.14 1.23 7.25
N LYS A 67 10.73 1.83 8.27
CA LYS A 67 10.53 1.38 9.65
C LYS A 67 9.05 1.35 9.99
N ALA A 68 8.35 2.44 9.70
CA ALA A 68 6.93 2.53 9.98
C ALA A 68 6.12 1.73 8.97
N LEU A 69 6.55 1.76 7.71
CA LEU A 69 5.86 1.04 6.65
C LEU A 69 5.60 -0.41 7.05
N LEU A 70 6.67 -1.14 7.33
CA LEU A 70 6.56 -2.53 7.73
C LEU A 70 5.66 -2.69 8.94
N GLN A 71 5.98 -1.95 10.00
CA GLN A 71 5.21 -2.00 11.24
C GLN A 71 3.72 -2.17 10.93
N GLU A 72 3.24 -1.46 9.92
CA GLU A 72 1.84 -1.53 9.52
C GLU A 72 1.53 -2.87 8.85
N LEU A 73 2.28 -3.17 7.80
CA LEU A 73 2.08 -4.42 7.06
C LEU A 73 1.92 -5.59 8.03
N GLN A 74 2.80 -5.67 9.02
CA GLN A 74 2.75 -6.75 10.00
C GLN A 74 1.38 -6.83 10.64
N ARG A 75 0.83 -5.68 11.01
CA ARG A 75 -0.48 -5.61 11.65
C ARG A 75 -1.53 -6.33 10.80
N TRP A 76 -1.32 -6.34 9.49
CA TRP A 76 -2.25 -6.99 8.57
C TRP A 76 -1.87 -8.46 8.39
N ALA A 77 -0.75 -8.69 7.71
CA ALA A 77 -0.28 -10.06 7.47
C ALA A 77 0.41 -10.63 8.69
N GLY A 78 1.61 -10.13 8.97
CA GLY A 78 2.37 -10.60 10.12
C GLY A 78 3.86 -10.40 9.95
N PRO A 79 4.58 -11.50 9.68
CA PRO A 79 6.04 -11.46 9.49
C PRO A 79 6.44 -10.76 8.21
N LEU A 80 7.13 -9.63 8.35
CA LEU A 80 7.58 -8.85 7.19
C LEU A 80 9.08 -8.62 7.25
N PRO A 81 9.75 -8.85 6.10
CA PRO A 81 11.20 -8.66 5.99
C PRO A 81 11.62 -7.20 6.06
N ALA A 82 12.92 -6.94 5.98
CA ALA A 82 13.44 -5.59 6.03
C ALA A 82 14.19 -5.24 4.74
N THR A 83 15.28 -5.95 4.50
CA THR A 83 16.09 -5.71 3.31
C THR A 83 15.26 -5.87 2.04
N HIS A 84 14.53 -6.97 1.94
CA HIS A 84 13.69 -7.25 0.79
C HIS A 84 13.09 -5.95 0.24
N LEU A 85 12.42 -5.20 1.10
CA LEU A 85 11.80 -3.94 0.71
C LEU A 85 12.73 -3.13 -0.19
N ARG A 86 12.17 -2.49 -1.20
CA ARG A 86 12.95 -1.69 -2.13
C ARG A 86 12.05 -0.69 -2.87
N HIS A 87 12.48 0.56 -2.92
CA HIS A 87 11.71 1.61 -3.60
C HIS A 87 11.72 1.38 -5.11
N LEU A 88 10.53 1.26 -5.69
CA LEU A 88 10.39 1.05 -7.12
C LEU A 88 9.42 2.06 -7.74
N GLY A 89 9.96 3.15 -8.24
CA GLY A 89 9.13 4.18 -8.85
C GLY A 89 8.21 4.85 -7.84
N GLU A 90 7.38 5.78 -8.33
CA GLU A 90 6.46 6.50 -7.47
C GLU A 90 5.16 6.79 -8.20
N VAL A 91 4.17 7.29 -7.46
CA VAL A 91 2.87 7.62 -8.04
C VAL A 91 2.29 8.87 -7.39
N VAL A 92 2.12 9.92 -8.20
CA VAL A 92 1.57 11.18 -7.71
C VAL A 92 0.37 11.61 -8.54
N HIS A 93 -0.80 11.61 -7.92
CA HIS A 93 -2.03 12.01 -8.61
C HIS A 93 -2.40 13.45 -8.27
N THR A 94 -2.31 14.33 -9.26
CA THR A 94 -2.63 15.74 -9.06
C THR A 94 -4.14 15.97 -9.14
N PHE A 95 -4.77 16.12 -7.98
CA PHE A 95 -6.21 16.35 -7.92
C PHE A 95 -6.56 17.75 -8.39
N SER A 96 -7.85 18.08 -8.37
CA SER A 96 -8.31 19.39 -8.82
C SER A 96 -7.67 20.50 -7.98
N HIS A 97 -7.77 20.37 -6.67
CA HIS A 97 -7.21 21.36 -5.76
C HIS A 97 -6.36 20.69 -4.68
N ILE A 98 -5.87 19.49 -4.97
CA ILE A 98 -5.05 18.74 -4.03
C ILE A 98 -3.93 17.98 -4.75
N LYS A 99 -2.86 17.70 -4.02
CA LYS A 99 -1.73 16.97 -4.59
C LYS A 99 -1.33 15.80 -3.69
N LEU A 100 -1.48 14.59 -4.19
CA LEU A 100 -1.14 13.39 -3.43
C LEU A 100 0.19 12.81 -3.90
N THR A 101 1.03 12.44 -2.94
CA THR A 101 2.34 11.87 -3.27
C THR A 101 2.51 10.50 -2.63
N TYR A 102 2.27 9.45 -3.43
CA TYR A 102 2.39 8.08 -2.94
C TYR A 102 3.76 7.50 -3.30
N GLN A 103 4.22 6.56 -2.49
CA GLN A 103 5.51 5.92 -2.71
C GLN A 103 5.34 4.43 -3.04
N VAL A 104 5.70 4.06 -4.27
CA VAL A 104 5.59 2.68 -4.70
C VAL A 104 6.68 1.82 -4.08
N TYR A 105 6.26 0.74 -3.40
CA TYR A 105 7.20 -0.16 -2.76
C TYR A 105 6.85 -1.62 -3.05
N GLY A 106 7.87 -2.41 -3.35
CA GLY A 106 7.65 -3.81 -3.65
C GLY A 106 8.23 -4.74 -2.59
N LEU A 107 7.40 -5.62 -2.05
CA LEU A 107 7.84 -6.55 -1.03
C LEU A 107 7.31 -7.96 -1.31
N ALA A 108 8.19 -8.82 -1.80
CA ALA A 108 7.81 -10.19 -2.11
C ALA A 108 8.64 -11.18 -1.30
N LEU A 109 7.96 -12.12 -0.64
CA LEU A 109 8.63 -13.12 0.17
C LEU A 109 9.28 -14.19 -0.70
N GLU A 110 10.59 -14.08 -0.87
CA GLU A 110 11.34 -15.03 -1.69
C GLU A 110 11.40 -16.39 -1.00
N GLY A 111 11.66 -16.39 0.30
CA GLY A 111 11.75 -17.64 1.04
C GLY A 111 11.63 -17.43 2.54
N GLN A 112 10.63 -16.64 2.94
CA GLN A 112 10.41 -16.36 4.35
C GLN A 112 9.20 -17.12 4.88
N THR A 113 8.86 -16.89 6.15
CA THR A 113 7.73 -17.55 6.77
C THR A 113 6.41 -17.07 6.17
N PRO A 114 5.45 -17.99 6.04
CA PRO A 114 4.12 -17.67 5.49
C PRO A 114 3.29 -16.80 6.42
N VAL A 115 2.19 -16.29 5.91
CA VAL A 115 1.30 -15.43 6.70
C VAL A 115 -0.02 -16.13 6.98
N THR A 116 -0.66 -16.63 5.93
CA THR A 116 -1.93 -17.33 6.08
C THR A 116 -2.75 -16.74 7.22
N THR A 117 -2.69 -15.43 7.37
CA THR A 117 -3.43 -14.75 8.44
C THR A 117 -3.79 -13.33 8.02
N VAL A 118 -5.07 -12.99 8.15
CA VAL A 118 -5.54 -11.65 7.78
C VAL A 118 -6.78 -11.28 8.60
N PRO A 119 -6.78 -10.05 9.13
CA PRO A 119 -7.89 -9.54 9.94
C PRO A 119 -9.15 -9.28 9.11
N PRO A 120 -10.27 -9.03 9.79
CA PRO A 120 -11.55 -8.76 9.13
C PRO A 120 -11.56 -7.41 8.40
N GLY A 121 -10.42 -6.73 8.42
CA GLY A 121 -10.32 -5.44 7.75
C GLY A 121 -9.44 -5.49 6.52
N ALA A 122 -9.06 -6.70 6.11
CA ALA A 122 -8.21 -6.88 4.94
C ALA A 122 -8.66 -8.07 4.11
N ARG A 123 -8.06 -8.24 2.95
CA ARG A 123 -8.40 -9.34 2.05
C ARG A 123 -7.20 -9.74 1.19
N TRP A 124 -7.05 -11.04 0.97
CA TRP A 124 -5.94 -11.54 0.16
C TRP A 124 -6.45 -12.07 -1.18
N LEU A 125 -6.08 -11.38 -2.25
CA LEU A 125 -6.49 -11.77 -3.59
C LEU A 125 -5.29 -11.86 -4.53
N THR A 126 -5.51 -12.44 -5.71
CA THR A 126 -4.44 -12.59 -6.69
C THR A 126 -4.22 -11.29 -7.46
N GLN A 127 -3.05 -11.17 -8.07
CA GLN A 127 -2.71 -9.98 -8.84
C GLN A 127 -3.82 -9.63 -9.83
N GLU A 128 -4.32 -10.65 -10.53
CA GLU A 128 -5.38 -10.46 -11.50
C GLU A 128 -6.65 -9.90 -10.83
N GLU A 129 -7.04 -10.52 -9.72
CA GLU A 129 -8.22 -10.10 -9.00
C GLU A 129 -8.16 -8.60 -8.67
N PHE A 130 -6.99 -8.16 -8.20
CA PHE A 130 -6.80 -6.75 -7.85
C PHE A 130 -7.22 -5.85 -9.00
N HIS A 131 -6.59 -6.01 -10.15
CA HIS A 131 -6.90 -5.21 -11.33
C HIS A 131 -8.39 -4.90 -11.39
N THR A 132 -9.21 -5.94 -11.49
CA THR A 132 -10.65 -5.79 -11.56
C THR A 132 -11.21 -5.24 -10.25
N ALA A 133 -10.50 -5.49 -9.15
CA ALA A 133 -10.92 -5.02 -7.83
C ALA A 133 -11.01 -3.49 -7.81
N ALA A 134 -12.15 -2.99 -7.35
CA ALA A 134 -12.36 -1.55 -7.27
C ALA A 134 -11.28 -0.88 -6.43
N VAL A 135 -10.33 -0.23 -7.12
CA VAL A 135 -9.24 0.45 -6.44
C VAL A 135 -9.04 1.86 -7.00
N SER A 136 -8.56 2.76 -6.14
CA SER A 136 -8.33 4.14 -6.55
C SER A 136 -7.25 4.22 -7.62
N THR A 137 -7.48 5.07 -8.62
CA THR A 137 -6.52 5.23 -9.71
C THR A 137 -5.09 5.13 -9.20
N ALA A 138 -4.69 6.11 -8.38
CA ALA A 138 -3.35 6.13 -7.82
C ALA A 138 -2.89 4.73 -7.43
N MET A 139 -3.58 4.13 -6.47
CA MET A 139 -3.24 2.79 -6.01
C MET A 139 -3.01 1.85 -7.19
N LYS A 140 -3.93 1.87 -8.14
CA LYS A 140 -3.82 1.01 -9.32
C LYS A 140 -2.54 1.30 -10.09
N LYS A 141 -2.11 2.55 -10.06
CA LYS A 141 -0.88 2.96 -10.75
C LYS A 141 0.35 2.39 -10.04
N VAL A 142 0.29 2.34 -8.72
CA VAL A 142 1.40 1.82 -7.92
C VAL A 142 1.71 0.38 -8.30
N PHE A 143 0.71 -0.34 -8.77
CA PHE A 143 0.87 -1.74 -9.17
C PHE A 143 1.76 -1.84 -10.41
N ARG A 144 1.24 -1.37 -11.54
CA ARG A 144 1.98 -1.40 -12.79
C ARG A 144 3.40 -0.86 -12.61
N VAL A 145 3.55 0.07 -11.67
CA VAL A 145 4.85 0.67 -11.41
C VAL A 145 5.77 -0.31 -10.67
N TYR A 146 5.17 -1.22 -9.90
CA TYR A 146 5.93 -2.21 -9.16
C TYR A 146 6.28 -3.40 -10.04
N GLN A 147 5.36 -3.77 -10.92
CA GLN A 147 5.57 -4.90 -11.82
C GLN A 147 6.92 -4.79 -12.52
N GLY A 148 7.28 -3.57 -12.92
CA GLY A 148 8.55 -3.36 -13.58
C GLY A 148 9.64 -4.28 -13.07
N GLN A 149 10.03 -4.07 -11.82
CA GLN A 149 11.08 -4.89 -11.20
C GLN A 149 10.48 -6.10 -10.49
N SER A 150 10.18 -7.15 -11.26
CA SER A 150 9.59 -8.36 -10.70
C SER A 150 10.65 -9.45 -10.56
N GLY A 151 11.77 -9.27 -11.25
CA GLY A 151 12.84 -10.25 -11.18
C GLY A 151 13.87 -9.91 -10.12
N PRO A 152 14.39 -10.95 -9.46
CA PRO A 152 15.39 -10.79 -8.40
C PRO A 152 16.74 -10.34 -8.95
N SER A 153 16.85 -10.26 -10.27
CA SER A 153 18.08 -9.83 -10.92
C SER A 153 18.71 -8.66 -10.18
N SER A 154 20.01 -8.77 -9.90
CA SER A 154 20.72 -7.72 -9.18
C SER A 154 22.19 -7.68 -9.62
N GLY A 155 22.58 -6.58 -10.25
CA GLY A 155 23.95 -6.43 -10.72
C GLY A 155 24.04 -6.32 -12.22
N GLY A 1 -1.34 6.42 24.54
CA GLY A 1 -2.61 6.14 23.90
C GLY A 1 -3.45 7.39 23.70
N SER A 2 -4.65 7.38 24.29
CA SER A 2 -5.56 8.52 24.17
C SER A 2 -5.60 9.05 22.74
N SER A 3 -5.65 8.13 21.78
CA SER A 3 -5.69 8.50 20.37
C SER A 3 -6.68 7.63 19.61
N GLY A 4 -7.24 8.20 18.53
CA GLY A 4 -8.20 7.46 17.74
C GLY A 4 -7.75 7.29 16.30
N SER A 5 -8.71 7.23 15.38
CA SER A 5 -8.40 7.06 13.97
C SER A 5 -7.49 8.17 13.47
N SER A 6 -6.58 7.83 12.56
CA SER A 6 -5.64 8.80 12.01
C SER A 6 -6.08 9.23 10.60
N GLY A 7 -5.75 10.47 10.24
CA GLY A 7 -6.12 10.98 8.94
C GLY A 7 -6.11 12.50 8.89
N PRO A 8 -5.73 13.05 7.73
CA PRO A 8 -5.66 14.50 7.53
C PRO A 8 -7.05 15.14 7.48
N ARG A 9 -8.08 14.31 7.55
CA ARG A 9 -9.46 14.79 7.52
C ARG A 9 -9.79 15.53 8.81
N LYS A 10 -9.86 14.80 9.92
CA LYS A 10 -10.17 15.39 11.22
C LYS A 10 -8.89 15.71 11.99
N ALA A 11 -8.98 16.70 12.88
CA ALA A 11 -7.83 17.10 13.68
C ALA A 11 -6.62 17.39 12.80
N SER A 12 -6.83 18.16 11.74
CA SER A 12 -5.75 18.51 10.82
C SER A 12 -5.63 20.03 10.68
N ARG A 13 -4.43 20.54 10.96
CA ARG A 13 -4.17 21.97 10.86
C ARG A 13 -3.97 22.39 9.42
N LYS A 14 -3.10 21.67 8.72
CA LYS A 14 -2.80 21.97 7.32
C LYS A 14 -3.87 21.38 6.40
N PRO A 15 -4.04 21.99 5.22
CA PRO A 15 -5.02 21.54 4.24
C PRO A 15 -4.63 20.21 3.59
N PRO A 16 -5.57 19.62 2.84
CA PRO A 16 -5.34 18.34 2.16
C PRO A 16 -4.35 18.46 1.00
N ARG A 17 -4.24 19.67 0.45
CA ARG A 17 -3.34 19.92 -0.65
C ARG A 17 -2.05 19.12 -0.50
N GLU A 18 -1.32 19.39 0.58
CA GLU A 18 -0.06 18.70 0.85
C GLU A 18 -0.30 17.41 1.62
N GLU A 19 -0.29 16.29 0.90
CA GLU A 19 -0.51 14.99 1.51
C GLU A 19 0.43 13.93 0.93
N SER A 20 1.34 13.44 1.75
CA SER A 20 2.30 12.44 1.31
C SER A 20 2.10 11.12 2.05
N SER A 21 2.23 10.01 1.34
CA SER A 21 2.06 8.69 1.93
C SER A 21 2.91 7.66 1.21
N ALA A 22 3.35 6.65 1.95
CA ALA A 22 4.18 5.59 1.39
C ALA A 22 3.46 4.23 1.43
N THR A 23 3.14 3.70 0.26
CA THR A 23 2.45 2.42 0.18
C THR A 23 3.38 1.33 -0.35
N CYS A 24 3.16 0.10 0.12
CA CYS A 24 3.98 -1.03 -0.30
C CYS A 24 3.11 -2.20 -0.77
N VAL A 25 3.69 -3.08 -1.57
CA VAL A 25 2.97 -4.24 -2.09
C VAL A 25 3.50 -5.53 -1.49
N LEU A 26 2.63 -6.28 -0.84
CA LEU A 26 3.01 -7.55 -0.22
C LEU A 26 2.53 -8.73 -1.06
N GLU A 27 3.48 -9.55 -1.51
CA GLU A 27 3.16 -10.73 -2.32
C GLU A 27 3.67 -12.00 -1.66
N GLN A 28 2.92 -13.09 -1.82
CA GLN A 28 3.29 -14.37 -1.25
C GLN A 28 3.02 -15.50 -2.22
N PRO A 29 3.77 -16.60 -2.08
CA PRO A 29 3.63 -17.78 -2.94
C PRO A 29 2.33 -18.53 -2.68
N GLY A 30 1.61 -18.86 -3.76
CA GLY A 30 0.36 -19.57 -3.63
C GLY A 30 0.32 -20.84 -4.45
N ALA A 31 -0.57 -21.76 -4.09
CA ALA A 31 -0.70 -23.02 -4.80
C ALA A 31 -0.83 -22.78 -6.31
N LEU A 32 -1.38 -21.64 -6.68
CA LEU A 32 -1.55 -21.30 -8.09
C LEU A 32 -0.32 -20.58 -8.62
N GLY A 33 0.34 -19.81 -7.77
CA GLY A 33 1.52 -19.08 -8.18
C GLY A 33 1.93 -18.02 -7.18
N ALA A 34 1.09 -17.00 -7.03
CA ALA A 34 1.37 -15.92 -6.08
C ALA A 34 0.11 -15.11 -5.80
N GLN A 35 0.10 -14.45 -4.65
CA GLN A 35 -1.05 -13.64 -4.25
C GLN A 35 -0.60 -12.42 -3.44
N ILE A 36 -1.28 -11.30 -3.65
CA ILE A 36 -0.96 -10.07 -2.93
C ILE A 36 -1.99 -9.77 -1.86
N LEU A 37 -1.72 -8.74 -1.05
CA LEU A 37 -2.62 -8.35 0.02
C LEU A 37 -3.36 -7.06 -0.33
N LEU A 38 -4.64 -7.00 0.02
CA LEU A 38 -5.46 -5.83 -0.26
C LEU A 38 -6.35 -5.49 0.92
N VAL A 39 -6.20 -4.28 1.44
CA VAL A 39 -7.01 -3.83 2.58
C VAL A 39 -7.95 -2.70 2.18
N GLN A 40 -9.22 -2.85 2.53
CA GLN A 40 -10.23 -1.85 2.20
C GLN A 40 -10.62 -1.05 3.44
N ARG A 41 -10.83 0.25 3.25
CA ARG A 41 -11.21 1.13 4.35
C ARG A 41 -12.70 1.02 4.65
N PRO A 42 -13.06 1.00 5.94
CA PRO A 42 -14.45 0.90 6.39
C PRO A 42 -15.24 2.17 6.09
N ASN A 43 -14.57 3.16 5.51
CA ASN A 43 -15.21 4.43 5.17
C ASN A 43 -16.27 4.24 4.09
N SER A 44 -17.28 5.10 4.11
CA SER A 44 -18.36 5.02 3.13
C SER A 44 -18.64 6.39 2.52
N GLY A 45 -18.91 6.41 1.21
CA GLY A 45 -19.19 7.65 0.53
C GLY A 45 -18.19 7.96 -0.58
N LEU A 46 -17.74 9.20 -0.64
CA LEU A 46 -16.78 9.60 -1.66
C LEU A 46 -15.50 8.77 -1.57
N LEU A 47 -15.14 8.14 -2.68
CA LEU A 47 -13.93 7.32 -2.73
C LEU A 47 -13.73 6.57 -1.41
N ALA A 48 -14.80 6.00 -0.89
CA ALA A 48 -14.74 5.24 0.36
C ALA A 48 -15.19 3.80 0.16
N GLY A 49 -14.80 2.93 1.08
CA GLY A 49 -15.17 1.54 0.99
C GLY A 49 -14.59 0.86 -0.23
N LEU A 50 -13.33 1.15 -0.52
CA LEU A 50 -12.64 0.57 -1.67
C LEU A 50 -11.45 -0.27 -1.24
N TRP A 51 -11.06 -1.21 -2.09
CA TRP A 51 -9.93 -2.09 -1.79
C TRP A 51 -8.64 -1.53 -2.36
N GLU A 52 -7.62 -1.40 -1.51
CA GLU A 52 -6.33 -0.87 -1.94
C GLU A 52 -5.21 -1.38 -1.04
N PHE A 53 -3.97 -1.27 -1.52
CA PHE A 53 -2.82 -1.73 -0.76
C PHE A 53 -2.60 -0.86 0.48
N PRO A 54 -2.08 -1.47 1.55
CA PRO A 54 -1.81 -0.78 2.82
C PRO A 54 -0.67 0.21 2.70
N SER A 55 -0.80 1.34 3.41
CA SER A 55 0.23 2.37 3.38
C SER A 55 0.32 3.08 4.74
N VAL A 56 1.38 3.85 4.93
CA VAL A 56 1.60 4.57 6.16
C VAL A 56 1.90 6.04 5.91
N THR A 57 1.90 6.84 6.97
CA THR A 57 2.18 8.27 6.84
C THR A 57 3.57 8.51 6.25
N TRP A 58 3.72 9.63 5.55
CA TRP A 58 4.98 9.98 4.93
C TRP A 58 6.07 10.16 5.98
N GLU A 59 7.32 9.96 5.58
CA GLU A 59 8.46 10.10 6.49
C GLU A 59 9.61 10.81 5.81
N PRO A 60 10.19 11.81 6.49
CA PRO A 60 11.32 12.58 5.97
C PRO A 60 12.60 11.76 5.90
N SER A 61 12.73 10.79 6.81
CA SER A 61 13.91 9.94 6.85
C SER A 61 13.70 8.67 6.04
N GLU A 62 14.63 8.37 5.14
CA GLU A 62 14.55 7.18 4.30
C GLU A 62 14.24 5.94 5.14
N GLN A 63 14.83 5.89 6.33
CA GLN A 63 14.63 4.76 7.24
C GLN A 63 13.23 4.79 7.84
N LEU A 64 12.96 5.79 8.69
CA LEU A 64 11.66 5.93 9.32
C LEU A 64 10.54 5.47 8.40
N GLN A 65 10.64 5.86 7.13
CA GLN A 65 9.63 5.48 6.14
C GLN A 65 9.47 3.97 6.07
N ARG A 66 10.56 3.28 5.78
CA ARG A 66 10.54 1.82 5.68
C ARG A 66 10.17 1.19 7.02
N LYS A 67 10.65 1.79 8.10
CA LYS A 67 10.36 1.29 9.44
C LYS A 67 8.86 1.23 9.70
N ALA A 68 8.21 2.40 9.60
CA ALA A 68 6.77 2.48 9.80
C ALA A 68 6.01 1.73 8.73
N LEU A 69 6.56 1.74 7.51
CA LEU A 69 5.92 1.05 6.38
C LEU A 69 5.65 -0.41 6.72
N LEU A 70 6.69 -1.11 7.17
CA LEU A 70 6.56 -2.52 7.53
C LEU A 70 5.61 -2.70 8.71
N GLN A 71 5.88 -1.98 9.80
CA GLN A 71 5.06 -2.06 10.99
C GLN A 71 3.59 -2.25 10.62
N GLU A 72 3.07 -1.36 9.80
CA GLU A 72 1.68 -1.42 9.37
C GLU A 72 1.38 -2.75 8.70
N LEU A 73 2.21 -3.11 7.72
CA LEU A 73 2.05 -4.36 6.99
C LEU A 73 1.86 -5.54 7.95
N GLN A 74 2.76 -5.64 8.93
CA GLN A 74 2.69 -6.72 9.91
C GLN A 74 1.31 -6.79 10.54
N ARG A 75 0.73 -5.62 10.84
CA ARG A 75 -0.59 -5.55 11.45
C ARG A 75 -1.60 -6.38 10.66
N TRP A 76 -1.40 -6.45 9.35
CA TRP A 76 -2.30 -7.20 8.48
C TRP A 76 -1.87 -8.67 8.41
N ALA A 77 -0.75 -8.92 7.75
CA ALA A 77 -0.24 -10.27 7.60
C ALA A 77 0.48 -10.72 8.87
N GLY A 78 1.66 -10.15 9.13
CA GLY A 78 2.42 -10.50 10.30
C GLY A 78 3.91 -10.36 10.09
N PRO A 79 4.59 -11.49 9.84
CA PRO A 79 6.04 -11.51 9.61
C PRO A 79 6.42 -10.86 8.29
N LEU A 80 7.13 -9.73 8.38
CA LEU A 80 7.56 -9.02 7.18
C LEU A 80 9.07 -8.79 7.20
N PRO A 81 9.71 -9.00 6.04
CA PRO A 81 11.17 -8.82 5.90
C PRO A 81 11.58 -7.37 5.98
N ALA A 82 12.83 -7.09 5.62
CA ALA A 82 13.35 -5.72 5.65
C ALA A 82 14.08 -5.39 4.36
N THR A 83 15.20 -6.06 4.11
CA THR A 83 15.98 -5.83 2.91
C THR A 83 15.13 -6.02 1.65
N HIS A 84 14.29 -7.05 1.67
CA HIS A 84 13.42 -7.34 0.54
C HIS A 84 12.79 -6.07 -0.01
N LEU A 85 12.32 -5.21 0.89
CA LEU A 85 11.69 -3.96 0.50
C LEU A 85 12.61 -3.15 -0.42
N ARG A 86 12.06 -2.70 -1.54
CA ARG A 86 12.83 -1.90 -2.50
C ARG A 86 11.94 -0.91 -3.23
N HIS A 87 12.34 0.35 -3.21
CA HIS A 87 11.58 1.42 -3.87
C HIS A 87 11.61 1.25 -5.39
N LEU A 88 10.45 1.13 -6.00
CA LEU A 88 10.35 0.97 -7.44
C LEU A 88 9.43 2.02 -8.05
N GLY A 89 10.01 3.14 -8.45
CA GLY A 89 9.23 4.21 -9.04
C GLY A 89 8.35 4.93 -8.02
N GLU A 90 7.46 5.79 -8.52
CA GLU A 90 6.57 6.53 -7.64
C GLU A 90 5.24 6.81 -8.33
N VAL A 91 4.27 7.32 -7.57
CA VAL A 91 2.95 7.63 -8.10
C VAL A 91 2.40 8.91 -7.49
N VAL A 92 2.37 9.97 -8.29
CA VAL A 92 1.86 11.26 -7.83
C VAL A 92 0.62 11.66 -8.61
N HIS A 93 -0.53 11.59 -7.96
CA HIS A 93 -1.80 11.96 -8.59
C HIS A 93 -2.25 13.35 -8.14
N THR A 94 -2.90 14.07 -9.05
CA THR A 94 -3.38 15.41 -8.75
C THR A 94 -4.91 15.45 -8.69
N PHE A 95 -5.45 15.75 -7.51
CA PHE A 95 -6.88 15.81 -7.32
C PHE A 95 -7.36 17.26 -7.28
N SER A 96 -8.68 17.44 -7.22
CA SER A 96 -9.27 18.78 -7.17
C SER A 96 -8.55 19.65 -6.16
N HIS A 97 -8.06 20.80 -6.61
CA HIS A 97 -7.35 21.73 -5.73
C HIS A 97 -6.54 20.97 -4.68
N ILE A 98 -6.09 19.78 -5.04
CA ILE A 98 -5.31 18.95 -4.12
C ILE A 98 -4.29 18.12 -4.89
N LYS A 99 -3.17 17.80 -4.23
CA LYS A 99 -2.11 17.02 -4.84
C LYS A 99 -1.60 15.94 -3.87
N LEU A 100 -1.68 14.69 -4.30
CA LEU A 100 -1.22 13.57 -3.47
C LEU A 100 0.08 12.99 -4.01
N THR A 101 0.89 12.44 -3.11
CA THR A 101 2.17 11.85 -3.48
C THR A 101 2.37 10.50 -2.83
N TYR A 102 2.24 9.43 -3.61
CA TYR A 102 2.39 8.08 -3.10
C TYR A 102 3.73 7.48 -3.53
N GLN A 103 4.36 6.72 -2.64
CA GLN A 103 5.64 6.10 -2.93
C GLN A 103 5.47 4.60 -3.18
N VAL A 104 5.75 4.17 -4.40
CA VAL A 104 5.63 2.77 -4.77
C VAL A 104 6.71 1.94 -4.09
N TYR A 105 6.30 0.93 -3.33
CA TYR A 105 7.23 0.05 -2.64
C TYR A 105 6.90 -1.42 -2.88
N GLY A 106 7.92 -2.21 -3.19
CA GLY A 106 7.71 -3.62 -3.44
C GLY A 106 8.13 -4.49 -2.27
N LEU A 107 7.47 -5.62 -2.11
CA LEU A 107 7.79 -6.54 -1.01
C LEU A 107 7.10 -7.90 -1.23
N ALA A 108 7.90 -8.95 -1.24
CA ALA A 108 7.39 -10.30 -1.44
C ALA A 108 8.25 -11.33 -0.73
N LEU A 109 7.70 -12.52 -0.51
CA LEU A 109 8.42 -13.59 0.17
C LEU A 109 8.84 -14.67 -0.83
N GLU A 110 10.12 -14.65 -1.21
CA GLU A 110 10.65 -15.63 -2.14
C GLU A 110 10.21 -17.04 -1.76
N GLY A 111 9.87 -17.23 -0.50
CA GLY A 111 9.44 -18.53 -0.03
C GLY A 111 10.10 -18.92 1.28
N GLN A 112 9.87 -18.11 2.32
CA GLN A 112 10.44 -18.37 3.63
C GLN A 112 9.41 -19.00 4.56
N THR A 113 8.27 -18.34 4.71
CA THR A 113 7.21 -18.83 5.57
C THR A 113 5.90 -18.10 5.30
N PRO A 114 4.78 -18.84 5.37
CA PRO A 114 3.44 -18.27 5.15
C PRO A 114 3.01 -17.33 6.27
N VAL A 115 1.83 -16.74 6.12
CA VAL A 115 1.30 -15.82 7.12
C VAL A 115 0.09 -16.42 7.83
N THR A 116 -0.73 -17.14 7.08
CA THR A 116 -1.94 -17.76 7.63
C THR A 116 -2.54 -16.90 8.73
N THR A 117 -2.52 -15.59 8.52
CA THR A 117 -3.06 -14.65 9.50
C THR A 117 -3.48 -13.35 8.83
N VAL A 118 -4.76 -13.00 8.96
CA VAL A 118 -5.28 -11.76 8.38
C VAL A 118 -6.62 -11.40 9.00
N PRO A 119 -6.74 -10.12 9.42
CA PRO A 119 -7.97 -9.61 10.03
C PRO A 119 -9.12 -9.50 9.03
N PRO A 120 -10.34 -9.26 9.54
CA PRO A 120 -11.53 -9.13 8.70
C PRO A 120 -11.53 -7.84 7.89
N GLY A 121 -10.47 -7.04 8.07
CA GLY A 121 -10.36 -5.79 7.34
C GLY A 121 -9.44 -5.89 6.14
N ALA A 122 -8.94 -7.10 5.88
CA ALA A 122 -8.04 -7.32 4.76
C ALA A 122 -8.42 -8.58 3.99
N ARG A 123 -7.82 -8.77 2.83
CA ARG A 123 -8.09 -9.94 2.00
C ARG A 123 -6.89 -10.28 1.12
N TRP A 124 -6.69 -11.57 0.87
CA TRP A 124 -5.58 -12.03 0.05
C TRP A 124 -6.07 -12.48 -1.32
N LEU A 125 -5.80 -11.67 -2.34
CA LEU A 125 -6.21 -11.99 -3.70
C LEU A 125 -5.01 -12.07 -4.63
N THR A 126 -5.24 -12.56 -5.84
CA THR A 126 -4.17 -12.70 -6.82
C THR A 126 -3.92 -11.38 -7.55
N GLN A 127 -2.84 -11.33 -8.33
CA GLN A 127 -2.50 -10.12 -9.07
C GLN A 127 -3.61 -9.74 -10.04
N GLU A 128 -4.11 -10.71 -10.79
CA GLU A 128 -5.18 -10.47 -11.75
C GLU A 128 -6.46 -10.04 -11.03
N GLU A 129 -6.75 -10.70 -9.92
CA GLU A 129 -7.95 -10.38 -9.14
C GLU A 129 -7.94 -8.93 -8.69
N PHE A 130 -6.76 -8.41 -8.41
CA PHE A 130 -6.61 -7.02 -7.96
C PHE A 130 -7.11 -6.06 -9.03
N HIS A 131 -6.47 -6.10 -10.20
CA HIS A 131 -6.84 -5.23 -11.31
C HIS A 131 -8.35 -4.98 -11.32
N THR A 132 -9.12 -6.05 -11.41
CA THR A 132 -10.57 -5.96 -11.43
C THR A 132 -11.10 -5.35 -10.13
N ALA A 133 -10.55 -5.81 -9.01
CA ALA A 133 -10.97 -5.31 -7.70
C ALA A 133 -11.21 -3.80 -7.73
N ALA A 134 -12.13 -3.34 -6.91
CA ALA A 134 -12.46 -1.92 -6.84
C ALA A 134 -11.32 -1.13 -6.20
N VAL A 135 -10.46 -0.58 -7.04
CA VAL A 135 -9.33 0.21 -6.57
C VAL A 135 -9.26 1.57 -7.25
N SER A 136 -8.86 2.59 -6.51
CA SER A 136 -8.76 3.94 -7.05
C SER A 136 -7.57 4.07 -7.99
N THR A 137 -7.66 4.99 -8.94
CA THR A 137 -6.60 5.20 -9.91
C THR A 137 -5.23 5.20 -9.23
N ALA A 138 -4.99 6.19 -8.37
CA ALA A 138 -3.73 6.30 -7.65
C ALA A 138 -3.17 4.92 -7.31
N MET A 139 -3.84 4.23 -6.38
CA MET A 139 -3.42 2.90 -5.97
C MET A 139 -3.21 2.00 -7.18
N LYS A 140 -4.15 2.04 -8.11
CA LYS A 140 -4.06 1.22 -9.31
C LYS A 140 -2.79 1.54 -10.11
N LYS A 141 -2.27 2.75 -9.91
CA LYS A 141 -1.06 3.18 -10.60
C LYS A 141 0.18 2.66 -9.89
N VAL A 142 0.09 2.52 -8.57
CA VAL A 142 1.21 2.03 -7.78
C VAL A 142 1.50 0.56 -8.07
N PHE A 143 0.58 -0.08 -8.79
CA PHE A 143 0.73 -1.49 -9.14
C PHE A 143 1.55 -1.64 -10.42
N ARG A 144 1.02 -1.12 -11.53
CA ARG A 144 1.70 -1.20 -12.81
C ARG A 144 3.16 -0.77 -12.68
N VAL A 145 3.44 0.06 -11.69
CA VAL A 145 4.79 0.55 -11.46
C VAL A 145 5.63 -0.48 -10.72
N TYR A 146 5.04 -1.11 -9.70
CA TYR A 146 5.75 -2.11 -8.91
C TYR A 146 6.14 -3.30 -9.78
N GLN A 147 5.24 -3.70 -10.67
CA GLN A 147 5.49 -4.82 -11.57
C GLN A 147 6.87 -4.71 -12.22
N GLY A 148 7.09 -3.60 -12.92
CA GLY A 148 8.37 -3.38 -13.57
C GLY A 148 9.39 -2.73 -12.66
N GLN A 149 10.43 -3.48 -12.33
CA GLN A 149 11.49 -2.96 -11.46
C GLN A 149 12.71 -2.51 -12.26
N SER A 150 13.04 -3.30 -13.28
CA SER A 150 14.19 -2.99 -14.13
C SER A 150 14.23 -1.51 -14.46
N GLY A 151 13.11 -0.97 -14.92
CA GLY A 151 13.03 0.44 -15.26
C GLY A 151 13.47 1.34 -14.12
N PRO A 152 14.46 2.20 -14.40
CA PRO A 152 14.99 3.14 -13.39
C PRO A 152 13.99 4.23 -13.03
N SER A 153 13.80 4.46 -11.74
CA SER A 153 12.86 5.47 -11.27
C SER A 153 13.00 6.77 -12.09
N SER A 154 14.21 7.31 -12.11
CA SER A 154 14.47 8.55 -12.84
C SER A 154 13.71 8.56 -14.16
N GLY A 155 13.98 7.56 -15.00
CA GLY A 155 13.31 7.48 -16.28
C GLY A 155 11.81 7.67 -16.17
N GLY A 1 -19.27 26.54 -6.39
CA GLY A 1 -19.88 26.57 -5.08
C GLY A 1 -20.72 25.34 -4.80
N SER A 2 -20.10 24.17 -4.90
CA SER A 2 -20.80 22.91 -4.66
C SER A 2 -19.99 22.01 -3.73
N SER A 3 -20.68 21.12 -3.03
CA SER A 3 -20.02 20.20 -2.10
C SER A 3 -20.71 18.84 -2.10
N GLY A 4 -19.95 17.79 -1.80
CA GLY A 4 -20.51 16.46 -1.77
C GLY A 4 -20.18 15.72 -0.49
N SER A 5 -18.97 15.18 -0.41
CA SER A 5 -18.54 14.44 0.77
C SER A 5 -17.54 15.25 1.58
N SER A 6 -17.46 14.94 2.87
CA SER A 6 -16.55 15.65 3.77
C SER A 6 -15.71 14.66 4.57
N GLY A 7 -14.45 14.51 4.17
CA GLY A 7 -13.56 13.59 4.86
C GLY A 7 -12.54 12.97 3.95
N PRO A 8 -11.64 13.79 3.40
CA PRO A 8 -10.59 13.34 2.49
C PRO A 8 -9.53 12.49 3.18
N ARG A 9 -9.08 12.96 4.35
CA ARG A 9 -8.08 12.25 5.12
C ARG A 9 -8.62 11.87 6.51
N LYS A 10 -7.88 11.01 7.20
CA LYS A 10 -8.28 10.56 8.53
C LYS A 10 -8.76 11.74 9.37
N ALA A 11 -9.38 11.43 10.51
CA ALA A 11 -9.87 12.46 11.41
C ALA A 11 -8.76 13.42 11.82
N SER A 12 -8.56 14.47 11.03
CA SER A 12 -7.53 15.46 11.31
C SER A 12 -7.82 16.77 10.58
N ARG A 13 -7.89 17.86 11.35
CA ARG A 13 -8.16 19.17 10.76
C ARG A 13 -6.98 19.65 9.93
N LYS A 14 -6.90 19.17 8.70
CA LYS A 14 -5.82 19.55 7.79
C LYS A 14 -6.32 19.61 6.35
N PRO A 15 -5.66 20.45 5.54
CA PRO A 15 -6.01 20.63 4.12
C PRO A 15 -5.67 19.39 3.29
N PRO A 16 -6.58 19.05 2.36
CA PRO A 16 -6.40 17.89 1.48
C PRO A 16 -5.28 18.10 0.46
N ARG A 17 -5.17 19.33 -0.05
CA ARG A 17 -4.14 19.65 -1.02
C ARG A 17 -2.83 18.93 -0.71
N GLU A 18 -2.33 19.14 0.50
CA GLU A 18 -1.08 18.50 0.92
C GLU A 18 -1.36 17.16 1.61
N GLU A 19 -1.18 16.08 0.85
CA GLU A 19 -1.41 14.74 1.39
C GLU A 19 -0.35 13.77 0.89
N SER A 20 0.48 13.28 1.80
CA SER A 20 1.54 12.34 1.45
C SER A 20 1.34 11.00 2.17
N SER A 21 1.65 9.92 1.48
CA SER A 21 1.51 8.58 2.04
C SER A 21 2.41 7.58 1.33
N ALA A 22 2.74 6.50 2.00
CA ALA A 22 3.59 5.46 1.43
C ALA A 22 2.91 4.09 1.49
N THR A 23 2.67 3.51 0.31
CA THR A 23 2.03 2.21 0.22
C THR A 23 3.00 1.15 -0.28
N CYS A 24 2.77 -0.09 0.14
CA CYS A 24 3.64 -1.20 -0.26
C CYS A 24 2.81 -2.33 -0.87
N VAL A 25 3.47 -3.18 -1.65
CA VAL A 25 2.80 -4.31 -2.29
C VAL A 25 3.30 -5.64 -1.73
N LEU A 26 2.62 -6.13 -0.70
CA LEU A 26 2.99 -7.39 -0.08
C LEU A 26 2.51 -8.57 -0.90
N GLU A 27 3.44 -9.38 -1.38
CA GLU A 27 3.11 -10.55 -2.19
C GLU A 27 3.86 -11.79 -1.70
N GLN A 28 3.21 -12.94 -1.80
CA GLN A 28 3.81 -14.19 -1.36
C GLN A 28 3.58 -15.29 -2.38
N PRO A 29 4.53 -16.24 -2.47
CA PRO A 29 4.44 -17.36 -3.41
C PRO A 29 3.35 -18.36 -3.03
N GLY A 30 2.41 -18.58 -3.94
CA GLY A 30 1.32 -19.51 -3.67
C GLY A 30 1.31 -20.66 -4.66
N ALA A 31 0.53 -21.69 -4.35
CA ALA A 31 0.41 -22.86 -5.20
C ALA A 31 0.18 -22.44 -6.65
N LEU A 32 -0.86 -21.66 -6.89
CA LEU A 32 -1.20 -21.20 -8.22
C LEU A 32 -0.05 -20.38 -8.82
N GLY A 33 0.52 -19.49 -8.01
CA GLY A 33 1.62 -18.66 -8.46
C GLY A 33 2.03 -17.63 -7.43
N ALA A 34 1.16 -16.65 -7.20
CA ALA A 34 1.43 -15.59 -6.23
C ALA A 34 0.17 -14.82 -5.88
N GLN A 35 0.18 -14.19 -4.71
CA GLN A 35 -0.98 -13.42 -4.26
C GLN A 35 -0.53 -12.18 -3.48
N ILE A 36 -1.30 -11.10 -3.62
CA ILE A 36 -0.98 -9.86 -2.92
C ILE A 36 -2.01 -9.55 -1.85
N LEU A 37 -1.78 -8.48 -1.10
CA LEU A 37 -2.69 -8.08 -0.03
C LEU A 37 -3.42 -6.78 -0.39
N LEU A 38 -4.69 -6.71 0.00
CA LEU A 38 -5.51 -5.53 -0.28
C LEU A 38 -6.39 -5.19 0.90
N VAL A 39 -6.23 -3.98 1.44
CA VAL A 39 -7.03 -3.54 2.58
C VAL A 39 -7.99 -2.43 2.16
N GLN A 40 -9.19 -2.46 2.73
CA GLN A 40 -10.20 -1.45 2.43
C GLN A 40 -10.16 -0.31 3.44
N ARG A 41 -10.77 0.82 3.08
CA ARG A 41 -10.80 1.99 3.96
C ARG A 41 -12.16 2.11 4.65
N PRO A 42 -12.12 2.41 5.95
CA PRO A 42 -13.34 2.57 6.75
C PRO A 42 -14.12 3.83 6.39
N ASN A 43 -13.63 4.55 5.38
CA ASN A 43 -14.28 5.77 4.92
C ASN A 43 -15.52 5.45 4.10
N SER A 44 -16.58 6.25 4.29
CA SER A 44 -17.82 6.05 3.57
C SER A 44 -18.24 7.34 2.85
N GLY A 45 -18.29 7.27 1.53
CA GLY A 45 -18.68 8.44 0.75
C GLY A 45 -17.91 8.54 -0.56
N LEU A 46 -17.88 9.74 -1.13
CA LEU A 46 -17.18 9.97 -2.39
C LEU A 46 -15.75 9.42 -2.32
N LEU A 47 -15.47 8.42 -3.14
CA LEU A 47 -14.15 7.80 -3.18
C LEU A 47 -13.78 7.23 -1.82
N ALA A 48 -14.73 6.57 -1.18
CA ALA A 48 -14.49 5.96 0.13
C ALA A 48 -14.98 4.52 0.17
N GLY A 49 -14.45 3.75 1.11
CA GLY A 49 -14.83 2.35 1.23
C GLY A 49 -14.39 1.52 0.05
N LEU A 50 -13.19 1.81 -0.47
CA LEU A 50 -12.65 1.09 -1.60
C LEU A 50 -11.44 0.26 -1.20
N TRP A 51 -11.18 -0.81 -1.94
CA TRP A 51 -10.05 -1.68 -1.66
C TRP A 51 -8.76 -1.10 -2.23
N GLU A 52 -7.72 -1.07 -1.41
CA GLU A 52 -6.42 -0.54 -1.84
C GLU A 52 -5.30 -1.02 -0.92
N PHE A 53 -4.10 -1.10 -1.46
CA PHE A 53 -2.94 -1.55 -0.69
C PHE A 53 -2.74 -0.67 0.54
N PRO A 54 -2.21 -1.29 1.62
CA PRO A 54 -1.96 -0.58 2.88
C PRO A 54 -0.81 0.42 2.76
N SER A 55 -0.96 1.57 3.41
CA SER A 55 0.05 2.61 3.37
C SER A 55 0.22 3.25 4.74
N VAL A 56 1.33 3.97 4.93
CA VAL A 56 1.61 4.63 6.19
C VAL A 56 1.92 6.11 5.97
N THR A 57 2.18 6.82 7.07
CA THR A 57 2.49 8.24 7.00
C THR A 57 3.83 8.48 6.31
N TRP A 58 3.88 9.51 5.48
CA TRP A 58 5.10 9.85 4.75
C TRP A 58 6.29 9.94 5.70
N GLU A 59 7.50 9.88 5.15
CA GLU A 59 8.71 9.95 5.95
C GLU A 59 9.86 10.53 5.14
N PRO A 60 10.53 11.56 5.70
CA PRO A 60 11.67 12.22 5.04
C PRO A 60 12.90 11.32 4.97
N SER A 61 13.02 10.42 5.93
CA SER A 61 14.16 9.50 5.98
C SER A 61 13.82 8.18 5.29
N GLU A 62 14.72 7.73 4.43
CA GLU A 62 14.52 6.48 3.70
C GLU A 62 14.21 5.34 4.66
N GLN A 63 14.85 5.35 5.83
CA GLN A 63 14.63 4.32 6.83
C GLN A 63 13.27 4.48 7.50
N LEU A 64 13.10 5.56 8.25
CA LEU A 64 11.85 5.83 8.93
C LEU A 64 10.66 5.39 8.09
N GLN A 65 10.72 5.66 6.79
CA GLN A 65 9.66 5.29 5.87
C GLN A 65 9.40 3.79 5.92
N ARG A 66 10.47 3.00 5.83
CA ARG A 66 10.36 1.55 5.86
C ARG A 66 10.01 1.05 7.27
N LYS A 67 10.49 1.78 8.27
CA LYS A 67 10.23 1.42 9.66
C LYS A 67 8.74 1.38 9.94
N ALA A 68 8.07 2.51 9.73
CA ALA A 68 6.63 2.60 9.96
C ALA A 68 5.86 1.81 8.90
N LEU A 69 6.32 1.89 7.66
CA LEU A 69 5.68 1.18 6.56
C LEU A 69 5.46 -0.29 6.90
N LEU A 70 6.54 -0.96 7.28
CA LEU A 70 6.47 -2.37 7.64
C LEU A 70 5.60 -2.59 8.87
N GLN A 71 5.87 -1.82 9.92
CA GLN A 71 5.10 -1.91 11.16
C GLN A 71 3.64 -2.22 10.87
N GLU A 72 3.05 -1.46 9.95
CA GLU A 72 1.65 -1.64 9.58
C GLU A 72 1.43 -2.99 8.92
N LEU A 73 2.15 -3.23 7.82
CA LEU A 73 2.04 -4.48 7.09
C LEU A 73 1.93 -5.66 8.04
N GLN A 74 2.89 -5.77 8.95
CA GLN A 74 2.91 -6.86 9.92
C GLN A 74 1.54 -7.00 10.59
N ARG A 75 0.90 -5.87 10.86
CA ARG A 75 -0.41 -5.87 11.50
C ARG A 75 -1.40 -6.73 10.72
N TRP A 76 -1.21 -6.78 9.40
CA TRP A 76 -2.09 -7.56 8.55
C TRP A 76 -1.59 -9.00 8.41
N ALA A 77 -0.49 -9.17 7.68
CA ALA A 77 0.09 -10.49 7.48
C ALA A 77 0.82 -10.97 8.73
N GLY A 78 1.98 -10.37 9.01
CA GLY A 78 2.74 -10.74 10.18
C GLY A 78 4.23 -10.54 9.98
N PRO A 79 4.95 -11.62 9.63
CA PRO A 79 6.40 -11.57 9.41
C PRO A 79 6.77 -10.80 8.15
N LEU A 80 7.33 -9.60 8.33
CA LEU A 80 7.73 -8.76 7.21
C LEU A 80 9.24 -8.50 7.24
N PRO A 81 9.90 -8.79 6.12
CA PRO A 81 11.35 -8.59 5.98
C PRO A 81 11.72 -7.11 5.94
N ALA A 82 13.02 -6.84 5.82
CA ALA A 82 13.52 -5.47 5.77
C ALA A 82 14.25 -5.20 4.47
N THR A 83 15.45 -5.76 4.34
CA THR A 83 16.26 -5.58 3.14
C THR A 83 15.46 -5.86 1.88
N HIS A 84 14.76 -7.00 1.86
CA HIS A 84 13.95 -7.38 0.71
C HIS A 84 13.22 -6.17 0.13
N LEU A 85 12.80 -5.27 1.01
CA LEU A 85 12.09 -4.06 0.59
C LEU A 85 13.00 -3.16 -0.26
N ARG A 86 12.50 -2.78 -1.43
CA ARG A 86 13.26 -1.93 -2.34
C ARG A 86 12.33 -0.97 -3.09
N HIS A 87 12.35 0.30 -2.68
CA HIS A 87 11.52 1.31 -3.31
C HIS A 87 11.52 1.14 -4.84
N LEU A 88 10.33 1.11 -5.42
CA LEU A 88 10.19 0.96 -6.87
C LEU A 88 9.37 2.09 -7.46
N GLY A 89 10.06 3.16 -7.85
CA GLY A 89 9.38 4.31 -8.44
C GLY A 89 8.38 4.94 -7.48
N GLU A 90 7.57 5.86 -8.00
CA GLU A 90 6.57 6.54 -7.19
C GLU A 90 5.33 6.86 -8.01
N VAL A 91 4.28 7.32 -7.33
CA VAL A 91 3.03 7.66 -7.99
C VAL A 91 2.41 8.91 -7.39
N VAL A 92 2.29 9.96 -8.20
CA VAL A 92 1.72 11.22 -7.74
C VAL A 92 0.64 11.70 -8.71
N HIS A 93 -0.62 11.59 -8.28
CA HIS A 93 -1.74 12.02 -9.10
C HIS A 93 -2.23 13.40 -8.68
N THR A 94 -1.93 14.40 -9.50
CA THR A 94 -2.34 15.77 -9.21
C THR A 94 -3.80 16.00 -9.56
N PHE A 95 -4.66 16.00 -8.55
CA PHE A 95 -6.08 16.21 -8.75
C PHE A 95 -6.38 17.66 -9.13
N SER A 96 -7.65 17.96 -9.35
CA SER A 96 -8.07 19.31 -9.73
C SER A 96 -7.41 20.36 -8.82
N HIS A 97 -7.82 20.35 -7.55
CA HIS A 97 -7.27 21.30 -6.59
C HIS A 97 -6.60 20.56 -5.43
N ILE A 98 -6.10 19.37 -5.70
CA ILE A 98 -5.43 18.56 -4.68
C ILE A 98 -4.28 17.77 -5.28
N LYS A 99 -3.23 17.57 -4.49
CA LYS A 99 -2.05 16.83 -4.94
C LYS A 99 -1.73 15.70 -3.96
N LEU A 100 -1.78 14.47 -4.45
CA LEU A 100 -1.48 13.31 -3.62
C LEU A 100 -0.11 12.72 -3.97
N THR A 101 0.62 12.30 -2.94
CA THR A 101 1.95 11.72 -3.15
C THR A 101 2.02 10.32 -2.55
N TYR A 102 2.10 9.32 -3.41
CA TYR A 102 2.18 7.93 -2.97
C TYR A 102 3.56 7.35 -3.24
N GLN A 103 4.08 6.57 -2.29
CA GLN A 103 5.39 5.96 -2.42
C GLN A 103 5.27 4.49 -2.77
N VAL A 104 5.65 4.14 -4.00
CA VAL A 104 5.58 2.76 -4.47
C VAL A 104 6.63 1.90 -3.77
N TYR A 105 6.18 0.83 -3.13
CA TYR A 105 7.07 -0.08 -2.42
C TYR A 105 6.75 -1.53 -2.74
N GLY A 106 7.76 -2.28 -3.17
CA GLY A 106 7.55 -3.68 -3.51
C GLY A 106 8.20 -4.62 -2.50
N LEU A 107 7.39 -5.44 -1.87
CA LEU A 107 7.88 -6.39 -0.88
C LEU A 107 7.26 -7.78 -1.08
N ALA A 108 8.06 -8.72 -1.54
CA ALA A 108 7.60 -10.08 -1.77
C ALA A 108 8.44 -11.09 -0.99
N LEU A 109 7.77 -12.11 -0.44
CA LEU A 109 8.46 -13.14 0.33
C LEU A 109 9.15 -14.14 -0.60
N GLU A 110 10.45 -14.00 -0.76
CA GLU A 110 11.22 -14.88 -1.61
C GLU A 110 11.36 -16.26 -0.97
N GLY A 111 11.84 -16.28 0.27
CA GLY A 111 12.03 -17.54 0.98
C GLY A 111 11.85 -17.40 2.48
N GLN A 112 10.77 -16.74 2.87
CA GLN A 112 10.48 -16.54 4.30
C GLN A 112 9.24 -17.31 4.72
N THR A 113 8.87 -17.18 5.99
CA THR A 113 7.71 -17.88 6.53
C THR A 113 6.41 -17.23 6.06
N PRO A 114 5.50 -18.04 5.50
CA PRO A 114 4.21 -17.56 5.00
C PRO A 114 3.28 -17.12 6.13
N VAL A 115 2.20 -16.42 5.76
CA VAL A 115 1.23 -15.94 6.74
C VAL A 115 0.08 -16.93 6.90
N THR A 116 -0.44 -17.40 5.77
CA THR A 116 -1.56 -18.34 5.78
C THR A 116 -2.64 -17.90 6.75
N THR A 117 -2.77 -16.60 6.94
CA THR A 117 -3.77 -16.04 7.84
C THR A 117 -3.89 -14.53 7.68
N VAL A 118 -5.07 -13.99 7.95
CA VAL A 118 -5.30 -12.56 7.84
C VAL A 118 -6.45 -12.12 8.74
N PRO A 119 -6.27 -10.98 9.42
CA PRO A 119 -7.27 -10.42 10.34
C PRO A 119 -8.49 -9.89 9.59
N PRO A 120 -9.54 -9.56 10.35
CA PRO A 120 -10.79 -9.03 9.79
C PRO A 120 -10.62 -7.62 9.23
N GLY A 121 -10.82 -7.48 7.93
CA GLY A 121 -10.68 -6.18 7.29
C GLY A 121 -9.75 -6.21 6.10
N ALA A 122 -8.82 -7.15 6.10
CA ALA A 122 -7.86 -7.29 5.01
C ALA A 122 -8.28 -8.38 4.04
N ARG A 123 -7.94 -8.20 2.77
CA ARG A 123 -8.30 -9.17 1.74
C ARG A 123 -7.05 -9.68 1.02
N TRP A 124 -7.04 -10.97 0.70
CA TRP A 124 -5.91 -11.58 0.01
C TRP A 124 -6.32 -12.11 -1.35
N LEU A 125 -5.95 -11.38 -2.40
CA LEU A 125 -6.29 -11.77 -3.76
C LEU A 125 -5.03 -11.84 -4.63
N THR A 126 -5.18 -12.39 -5.83
CA THR A 126 -4.06 -12.50 -6.76
C THR A 126 -3.77 -11.18 -7.45
N GLN A 127 -2.58 -11.06 -8.02
CA GLN A 127 -2.18 -9.84 -8.71
C GLN A 127 -3.23 -9.42 -9.73
N GLU A 128 -3.73 -10.40 -10.48
CA GLU A 128 -4.74 -10.13 -11.50
C GLU A 128 -6.05 -9.66 -10.86
N GLU A 129 -6.48 -10.38 -9.82
CA GLU A 129 -7.72 -10.04 -9.12
C GLU A 129 -7.73 -8.56 -8.74
N PHE A 130 -6.62 -8.09 -8.20
CA PHE A 130 -6.51 -6.69 -7.78
C PHE A 130 -6.93 -5.75 -8.91
N HIS A 131 -6.32 -5.92 -10.08
CA HIS A 131 -6.65 -5.09 -11.23
C HIS A 131 -8.14 -4.89 -11.35
N THR A 132 -8.89 -5.98 -11.36
CA THR A 132 -10.34 -5.92 -11.48
C THR A 132 -10.98 -5.37 -10.20
N ALA A 133 -10.36 -5.69 -9.06
CA ALA A 133 -10.86 -5.23 -7.77
C ALA A 133 -11.06 -3.71 -7.77
N ALA A 134 -12.15 -3.28 -7.15
CA ALA A 134 -12.46 -1.85 -7.08
C ALA A 134 -11.30 -1.07 -6.48
N VAL A 135 -10.47 -0.50 -7.34
CA VAL A 135 -9.32 0.28 -6.89
C VAL A 135 -9.22 1.60 -7.65
N SER A 136 -8.92 2.67 -6.92
CA SER A 136 -8.80 4.00 -7.52
C SER A 136 -7.63 4.05 -8.50
N THR A 137 -7.69 4.98 -9.43
CA THR A 137 -6.64 5.15 -10.44
C THR A 137 -5.26 5.17 -9.79
N ALA A 138 -5.06 6.12 -8.87
CA ALA A 138 -3.79 6.25 -8.18
C ALA A 138 -3.28 4.89 -7.71
N MET A 139 -3.95 4.33 -6.71
CA MET A 139 -3.56 3.03 -6.16
C MET A 139 -3.28 2.04 -7.28
N LYS A 140 -4.18 1.98 -8.26
CA LYS A 140 -4.03 1.07 -9.39
C LYS A 140 -2.70 1.31 -10.11
N LYS A 141 -2.24 2.55 -10.09
CA LYS A 141 -0.99 2.91 -10.74
C LYS A 141 0.20 2.40 -9.94
N VAL A 142 0.12 2.54 -8.61
CA VAL A 142 1.19 2.08 -7.73
C VAL A 142 1.54 0.62 -7.99
N PHE A 143 0.66 -0.07 -8.70
CA PHE A 143 0.88 -1.48 -9.02
C PHE A 143 1.79 -1.63 -10.24
N ARG A 144 1.26 -1.27 -11.41
CA ARG A 144 2.03 -1.36 -12.65
C ARG A 144 3.47 -0.94 -12.42
N VAL A 145 3.69 -0.03 -11.47
CA VAL A 145 5.02 0.45 -11.16
C VAL A 145 5.86 -0.63 -10.50
N TYR A 146 5.25 -1.36 -9.56
CA TYR A 146 5.95 -2.42 -8.85
C TYR A 146 6.29 -3.57 -9.80
N GLN A 147 5.33 -3.98 -10.61
CA GLN A 147 5.54 -5.06 -11.57
C GLN A 147 6.93 -4.98 -12.18
N GLY A 148 7.24 -3.83 -12.78
CA GLY A 148 8.54 -3.65 -13.40
C GLY A 148 9.58 -3.12 -12.44
N GLN A 149 10.03 -3.98 -11.53
CA GLN A 149 11.03 -3.59 -10.54
C GLN A 149 12.40 -3.42 -11.18
N SER A 150 12.83 -2.17 -11.32
CA SER A 150 14.13 -1.87 -11.92
C SER A 150 14.91 -0.86 -11.07
N GLY A 151 15.57 -1.37 -10.04
CA GLY A 151 16.34 -0.50 -9.16
C GLY A 151 15.55 0.70 -8.69
N PRO A 152 16.19 1.55 -7.87
CA PRO A 152 15.56 2.76 -7.33
C PRO A 152 15.33 3.81 -8.41
N SER A 153 14.46 4.78 -8.11
CA SER A 153 14.15 5.85 -9.05
C SER A 153 15.41 6.60 -9.45
N SER A 154 15.72 6.58 -10.74
CA SER A 154 16.91 7.27 -11.25
C SER A 154 16.51 8.53 -12.01
N GLY A 155 17.38 9.54 -11.96
CA GLY A 155 17.11 10.79 -12.64
C GLY A 155 18.33 11.68 -12.73
N GLY A 1 9.88 16.83 15.92
CA GLY A 1 8.75 17.71 15.67
C GLY A 1 7.86 17.21 14.55
N SER A 2 6.90 16.35 14.89
CA SER A 2 5.99 15.80 13.91
C SER A 2 5.17 16.90 13.24
N SER A 3 4.95 16.76 11.93
CA SER A 3 4.19 17.74 11.18
C SER A 3 2.69 17.57 11.42
N GLY A 4 2.17 16.39 11.11
CA GLY A 4 0.76 16.13 11.31
C GLY A 4 0.01 16.05 10.00
N SER A 5 -0.26 14.83 9.54
CA SER A 5 -0.98 14.61 8.29
C SER A 5 -2.21 13.74 8.51
N SER A 6 -3.28 14.03 7.77
CA SER A 6 -4.52 13.28 7.89
C SER A 6 -5.17 13.08 6.52
N GLY A 7 -5.99 12.04 6.40
CA GLY A 7 -6.66 11.77 5.15
C GLY A 7 -7.36 12.99 4.58
N PRO A 8 -7.72 12.91 3.29
CA PRO A 8 -8.40 14.01 2.60
C PRO A 8 -9.83 14.21 3.10
N ARG A 9 -10.26 13.36 4.03
CA ARG A 9 -11.60 13.44 4.58
C ARG A 9 -11.90 14.85 5.09
N LYS A 10 -11.11 15.30 6.06
CA LYS A 10 -11.29 16.63 6.62
C LYS A 10 -9.96 17.36 6.72
N ALA A 11 -10.02 18.64 7.07
CA ALA A 11 -8.82 19.46 7.19
C ALA A 11 -8.62 19.94 8.63
N SER A 12 -8.90 19.06 9.59
CA SER A 12 -8.77 19.39 11.00
C SER A 12 -7.58 20.33 11.21
N ARG A 13 -6.41 19.92 10.74
CA ARG A 13 -5.20 20.72 10.90
C ARG A 13 -4.72 21.22 9.54
N LYS A 14 -4.44 20.29 8.63
CA LYS A 14 -3.96 20.63 7.30
C LYS A 14 -4.96 20.18 6.23
N PRO A 15 -5.04 20.96 5.13
CA PRO A 15 -5.95 20.65 4.03
C PRO A 15 -5.52 19.41 3.24
N PRO A 16 -6.41 18.92 2.37
CA PRO A 16 -6.15 17.73 1.55
C PRO A 16 -5.10 18.00 0.47
N ARG A 17 -4.97 19.26 0.08
CA ARG A 17 -4.00 19.64 -0.94
C ARG A 17 -2.72 18.82 -0.82
N GLU A 18 -1.95 19.08 0.22
CA GLU A 18 -0.70 18.36 0.44
C GLU A 18 -0.96 17.05 1.20
N GLU A 19 -0.64 15.93 0.56
CA GLU A 19 -0.83 14.62 1.17
C GLU A 19 0.20 13.62 0.66
N SER A 20 1.09 13.19 1.55
CA SER A 20 2.13 12.23 1.19
C SER A 20 1.96 10.93 1.96
N SER A 21 2.19 9.81 1.28
CA SER A 21 2.06 8.50 1.88
C SER A 21 2.94 7.47 1.18
N ALA A 22 3.28 6.40 1.88
CA ALA A 22 4.11 5.35 1.31
C ALA A 22 3.39 4.00 1.34
N THR A 23 2.93 3.57 0.17
CA THR A 23 2.22 2.30 0.05
C THR A 23 3.15 1.20 -0.45
N CYS A 24 2.98 0.01 0.11
CA CYS A 24 3.81 -1.14 -0.28
C CYS A 24 2.97 -2.20 -0.97
N VAL A 25 3.64 -3.11 -1.67
CA VAL A 25 2.95 -4.19 -2.37
C VAL A 25 3.36 -5.56 -1.83
N LEU A 26 2.64 -6.02 -0.81
CA LEU A 26 2.93 -7.31 -0.21
C LEU A 26 2.47 -8.46 -1.11
N GLU A 27 3.40 -9.34 -1.45
CA GLU A 27 3.09 -10.48 -2.31
C GLU A 27 3.73 -11.76 -1.76
N GLN A 28 3.04 -12.88 -1.93
CA GLN A 28 3.55 -14.16 -1.46
C GLN A 28 3.24 -15.27 -2.48
N PRO A 29 4.19 -16.18 -2.65
CA PRO A 29 4.06 -17.31 -3.58
C PRO A 29 3.03 -18.33 -3.11
N GLY A 30 2.15 -18.74 -4.01
CA GLY A 30 1.13 -19.72 -3.67
C GLY A 30 1.13 -20.91 -4.59
N ALA A 31 -0.06 -21.45 -4.87
CA ALA A 31 -0.19 -22.60 -5.75
C ALA A 31 -0.09 -22.19 -7.22
N LEU A 32 -1.06 -21.40 -7.68
CA LEU A 32 -1.08 -20.94 -9.05
C LEU A 32 0.19 -20.17 -9.39
N GLY A 33 0.63 -19.32 -8.46
CA GLY A 33 1.83 -18.54 -8.68
C GLY A 33 2.15 -17.64 -7.50
N ALA A 34 1.45 -16.50 -7.43
CA ALA A 34 1.66 -15.54 -6.35
C ALA A 34 0.47 -14.61 -6.22
N GLN A 35 0.19 -14.20 -4.98
CA GLN A 35 -0.93 -13.29 -4.72
C GLN A 35 -0.49 -12.13 -3.84
N ILE A 36 -1.24 -11.04 -3.87
CA ILE A 36 -0.94 -9.86 -3.07
C ILE A 36 -1.95 -9.67 -1.96
N LEU A 37 -1.72 -8.66 -1.11
CA LEU A 37 -2.62 -8.37 -0.01
C LEU A 37 -3.35 -7.06 -0.22
N LEU A 38 -4.63 -7.02 0.15
CA LEU A 38 -5.44 -5.82 -0.01
C LEU A 38 -6.22 -5.52 1.27
N VAL A 39 -6.37 -4.24 1.57
CA VAL A 39 -7.10 -3.82 2.77
C VAL A 39 -8.32 -2.98 2.40
N GLN A 40 -9.28 -2.89 3.31
CA GLN A 40 -10.48 -2.11 3.09
C GLN A 40 -10.47 -0.82 3.91
N ARG A 41 -10.75 0.30 3.25
CA ARG A 41 -10.77 1.59 3.92
C ARG A 41 -11.98 1.73 4.82
N PRO A 42 -11.88 2.59 5.83
CA PRO A 42 -12.97 2.83 6.78
C PRO A 42 -14.14 3.57 6.15
N ASN A 43 -15.29 3.50 6.81
CA ASN A 43 -16.50 4.17 6.31
C ASN A 43 -16.47 5.66 6.66
N SER A 44 -15.64 6.41 5.95
CA SER A 44 -15.51 7.84 6.18
C SER A 44 -14.85 8.52 4.99
N GLY A 45 -15.50 9.57 4.47
CA GLY A 45 -14.96 10.29 3.33
C GLY A 45 -15.38 9.69 2.01
N LEU A 46 -15.53 10.55 1.00
CA LEU A 46 -15.94 10.10 -0.33
C LEU A 46 -15.00 9.01 -0.84
N LEU A 47 -15.53 8.15 -1.71
CA LEU A 47 -14.75 7.07 -2.28
C LEU A 47 -14.29 6.09 -1.19
N ALA A 48 -15.16 5.86 -0.22
CA ALA A 48 -14.84 4.95 0.88
C ALA A 48 -15.37 3.55 0.61
N GLY A 49 -14.91 2.58 1.40
CA GLY A 49 -15.35 1.21 1.22
C GLY A 49 -14.73 0.55 0.01
N LEU A 50 -13.53 0.99 -0.35
CA LEU A 50 -12.83 0.44 -1.51
C LEU A 50 -11.54 -0.27 -1.07
N TRP A 51 -11.23 -1.39 -1.72
CA TRP A 51 -10.03 -2.15 -1.40
C TRP A 51 -8.80 -1.49 -1.98
N GLU A 52 -7.75 -1.37 -1.16
CA GLU A 52 -6.51 -0.76 -1.59
C GLU A 52 -5.32 -1.31 -0.80
N PHE A 53 -4.11 -0.97 -1.24
CA PHE A 53 -2.90 -1.44 -0.58
C PHE A 53 -2.64 -0.65 0.71
N PRO A 54 -2.13 -1.34 1.73
CA PRO A 54 -1.82 -0.73 3.02
C PRO A 54 -0.65 0.24 2.94
N SER A 55 -0.77 1.37 3.64
CA SER A 55 0.29 2.38 3.64
C SER A 55 0.34 3.09 5.00
N VAL A 56 1.42 3.85 5.21
CA VAL A 56 1.59 4.59 6.46
C VAL A 56 1.85 6.06 6.19
N THR A 57 1.99 6.84 7.26
CA THR A 57 2.24 8.27 7.15
C THR A 57 3.61 8.54 6.53
N TRP A 58 3.64 9.37 5.50
CA TRP A 58 4.89 9.71 4.82
C TRP A 58 5.99 10.01 5.84
N GLU A 59 7.23 9.75 5.46
CA GLU A 59 8.37 9.98 6.34
C GLU A 59 9.45 10.78 5.62
N PRO A 60 10.01 11.78 6.32
CA PRO A 60 11.07 12.64 5.76
C PRO A 60 12.38 11.89 5.59
N SER A 61 12.55 10.80 6.32
CA SER A 61 13.77 9.99 6.25
C SER A 61 13.50 8.68 5.51
N GLU A 62 14.49 8.24 4.74
CA GLU A 62 14.37 7.00 3.98
C GLU A 62 14.22 5.81 4.92
N GLN A 63 14.65 5.98 6.17
CA GLN A 63 14.57 4.92 7.16
C GLN A 63 13.22 4.93 7.87
N LEU A 64 12.86 6.08 8.42
CA LEU A 64 11.58 6.22 9.13
C LEU A 64 10.43 5.71 8.27
N GLN A 65 10.56 5.85 6.96
CA GLN A 65 9.53 5.41 6.03
C GLN A 65 9.36 3.89 6.09
N ARG A 66 10.39 3.17 5.65
CA ARG A 66 10.36 1.71 5.65
C ARG A 66 10.16 1.18 7.07
N LYS A 67 10.63 1.93 8.05
CA LYS A 67 10.49 1.54 9.45
C LYS A 67 9.03 1.43 9.85
N ALA A 68 8.31 2.54 9.74
CA ALA A 68 6.89 2.57 10.08
C ALA A 68 6.06 1.79 9.07
N LEU A 69 6.52 1.77 7.82
CA LEU A 69 5.81 1.05 6.77
C LEU A 69 5.58 -0.40 7.16
N LEU A 70 6.66 -1.11 7.45
CA LEU A 70 6.56 -2.51 7.84
C LEU A 70 5.70 -2.68 9.08
N GLN A 71 5.99 -1.89 10.11
CA GLN A 71 5.23 -1.94 11.36
C GLN A 71 3.74 -2.09 11.09
N GLU A 72 3.28 -1.48 9.99
CA GLU A 72 1.87 -1.56 9.62
C GLU A 72 1.56 -2.87 8.92
N LEU A 73 2.27 -3.15 7.84
CA LEU A 73 2.07 -4.38 7.08
C LEU A 73 1.87 -5.57 8.02
N GLN A 74 2.74 -5.68 9.01
CA GLN A 74 2.66 -6.77 9.98
C GLN A 74 1.26 -6.85 10.60
N ARG A 75 0.67 -5.69 10.84
CA ARG A 75 -0.67 -5.63 11.43
C ARG A 75 -1.66 -6.45 10.61
N TRP A 76 -1.42 -6.54 9.31
CA TRP A 76 -2.30 -7.29 8.41
C TRP A 76 -1.79 -8.72 8.23
N ALA A 77 -0.68 -8.87 7.51
CA ALA A 77 -0.09 -10.18 7.27
C ALA A 77 0.60 -10.71 8.52
N GLY A 78 1.73 -10.11 8.86
CA GLY A 78 2.48 -10.54 10.03
C GLY A 78 3.98 -10.42 9.84
N PRO A 79 4.63 -11.55 9.51
CA PRO A 79 6.08 -11.59 9.29
C PRO A 79 6.49 -10.86 8.02
N LEU A 80 7.09 -9.69 8.19
CA LEU A 80 7.55 -8.89 7.06
C LEU A 80 9.05 -8.62 7.14
N PRO A 81 9.76 -8.94 6.05
CA PRO A 81 11.22 -8.76 5.97
C PRO A 81 11.60 -7.28 5.92
N ALA A 82 12.90 -7.02 5.79
CA ALA A 82 13.40 -5.65 5.73
C ALA A 82 14.24 -5.44 4.47
N THR A 83 15.29 -6.23 4.32
CA THR A 83 16.17 -6.13 3.16
C THR A 83 15.39 -6.25 1.86
N HIS A 84 14.48 -7.23 1.81
CA HIS A 84 13.67 -7.45 0.63
C HIS A 84 12.93 -6.18 0.22
N LEU A 85 12.53 -5.39 1.22
CA LEU A 85 11.81 -4.14 0.96
C LEU A 85 12.70 -3.15 0.21
N ARG A 86 12.16 -2.59 -0.87
CA ARG A 86 12.91 -1.62 -1.67
C ARG A 86 11.96 -0.65 -2.37
N HIS A 87 12.50 0.46 -2.85
CA HIS A 87 11.70 1.47 -3.54
C HIS A 87 11.82 1.33 -5.05
N LEU A 88 10.69 1.19 -5.72
CA LEU A 88 10.66 1.05 -7.17
C LEU A 88 9.74 2.08 -7.81
N GLY A 89 10.32 3.19 -8.24
CA GLY A 89 9.54 4.24 -8.86
C GLY A 89 8.61 4.94 -7.89
N GLU A 90 7.90 5.96 -8.36
CA GLU A 90 6.98 6.71 -7.51
C GLU A 90 5.65 6.92 -8.23
N VAL A 91 4.63 7.32 -7.46
CA VAL A 91 3.31 7.56 -8.02
C VAL A 91 2.69 8.82 -7.43
N VAL A 92 2.53 9.85 -8.26
CA VAL A 92 1.95 11.11 -7.82
C VAL A 92 0.77 11.51 -8.70
N HIS A 93 -0.44 11.38 -8.16
CA HIS A 93 -1.65 11.72 -8.89
C HIS A 93 -2.17 13.09 -8.47
N THR A 94 -2.55 13.91 -9.44
CA THR A 94 -3.07 15.25 -9.16
C THR A 94 -4.59 15.26 -9.22
N PHE A 95 -5.22 15.61 -8.10
CA PHE A 95 -6.67 15.68 -8.03
C PHE A 95 -7.16 17.12 -8.06
N SER A 96 -8.48 17.30 -8.03
CA SER A 96 -9.07 18.63 -8.05
C SER A 96 -8.46 19.52 -6.96
N HIS A 97 -7.78 20.58 -7.38
CA HIS A 97 -7.16 21.50 -6.44
C HIS A 97 -6.48 20.75 -5.31
N ILE A 98 -6.03 19.54 -5.59
CA ILE A 98 -5.36 18.71 -4.60
C ILE A 98 -4.16 17.99 -5.21
N LYS A 99 -3.24 17.55 -4.34
CA LYS A 99 -2.05 16.85 -4.79
C LYS A 99 -1.73 15.68 -3.86
N LEU A 100 -1.57 14.50 -4.44
CA LEU A 100 -1.26 13.30 -3.66
C LEU A 100 0.09 12.72 -4.07
N THR A 101 0.83 12.20 -3.09
CA THR A 101 2.14 11.62 -3.35
C THR A 101 2.25 10.23 -2.72
N TYR A 102 2.30 9.20 -3.56
CA TYR A 102 2.41 7.83 -3.09
C TYR A 102 3.77 7.24 -3.45
N GLN A 103 4.41 6.60 -2.47
CA GLN A 103 5.72 5.99 -2.68
C GLN A 103 5.58 4.49 -2.94
N VAL A 104 5.96 4.08 -4.14
CA VAL A 104 5.87 2.67 -4.52
C VAL A 104 6.94 1.85 -3.80
N TYR A 105 6.49 0.82 -3.08
CA TYR A 105 7.39 -0.04 -2.33
C TYR A 105 7.04 -1.52 -2.55
N GLY A 106 7.83 -2.20 -3.36
CA GLY A 106 7.59 -3.60 -3.63
C GLY A 106 8.20 -4.50 -2.59
N LEU A 107 7.44 -5.50 -2.14
CA LEU A 107 7.92 -6.43 -1.12
C LEU A 107 7.21 -7.78 -1.27
N ALA A 108 8.00 -8.81 -1.60
CA ALA A 108 7.46 -10.16 -1.77
C ALA A 108 8.30 -11.18 -1.01
N LEU A 109 7.69 -12.32 -0.68
CA LEU A 109 8.38 -13.38 0.04
C LEU A 109 9.07 -14.33 -0.92
N GLU A 110 10.40 -14.24 -0.99
CA GLU A 110 11.18 -15.10 -1.88
C GLU A 110 10.75 -16.55 -1.73
N GLY A 111 10.58 -17.00 -0.49
CA GLY A 111 10.18 -18.36 -0.23
C GLY A 111 10.58 -18.84 1.15
N GLN A 112 10.26 -18.05 2.16
CA GLN A 112 10.59 -18.39 3.54
C GLN A 112 9.42 -19.09 4.23
N THR A 113 8.36 -18.34 4.48
CA THR A 113 7.17 -18.89 5.14
C THR A 113 5.95 -18.01 4.88
N PRO A 114 4.79 -18.67 4.70
CA PRO A 114 3.53 -17.96 4.44
C PRO A 114 3.03 -17.21 5.66
N VAL A 115 1.79 -16.74 5.60
CA VAL A 115 1.18 -16.00 6.70
C VAL A 115 -0.07 -16.71 7.22
N THR A 116 -0.86 -17.24 6.29
CA THR A 116 -2.09 -17.93 6.65
C THR A 116 -2.76 -17.29 7.87
N THR A 117 -2.82 -15.96 7.85
CA THR A 117 -3.43 -15.23 8.95
C THR A 117 -3.70 -13.78 8.57
N VAL A 118 -4.97 -13.37 8.64
CA VAL A 118 -5.36 -12.01 8.29
C VAL A 118 -6.50 -11.52 9.17
N PRO A 119 -6.38 -10.27 9.65
CA PRO A 119 -7.40 -9.66 10.52
C PRO A 119 -8.69 -9.37 9.77
N PRO A 120 -9.76 -9.09 10.52
CA PRO A 120 -11.07 -8.77 9.96
C PRO A 120 -11.10 -7.42 9.25
N GLY A 121 -10.93 -7.44 7.93
CA GLY A 121 -10.95 -6.20 7.17
C GLY A 121 -10.01 -6.25 5.99
N ALA A 122 -9.17 -7.30 5.93
CA ALA A 122 -8.22 -7.46 4.84
C ALA A 122 -8.55 -8.68 3.99
N ARG A 123 -8.15 -8.66 2.73
CA ARG A 123 -8.40 -9.77 1.82
C ARG A 123 -7.14 -10.15 1.06
N TRP A 124 -7.01 -11.43 0.73
CA TRP A 124 -5.85 -11.92 0.00
C TRP A 124 -6.25 -12.37 -1.41
N LEU A 125 -5.97 -11.53 -2.40
CA LEU A 125 -6.29 -11.84 -3.79
C LEU A 125 -5.03 -11.83 -4.65
N THR A 126 -5.16 -12.31 -5.88
CA THR A 126 -4.04 -12.37 -6.81
C THR A 126 -3.96 -11.09 -7.64
N GLN A 127 -2.81 -10.88 -8.28
CA GLN A 127 -2.61 -9.70 -9.11
C GLN A 127 -3.78 -9.49 -10.08
N GLU A 128 -4.18 -10.57 -10.74
CA GLU A 128 -5.29 -10.52 -11.68
C GLU A 128 -6.59 -10.11 -10.98
N GLU A 129 -6.78 -10.61 -9.78
CA GLU A 129 -7.98 -10.30 -9.00
C GLU A 129 -8.03 -8.81 -8.66
N PHE A 130 -6.91 -8.28 -8.18
CA PHE A 130 -6.83 -6.87 -7.81
C PHE A 130 -7.36 -5.99 -8.95
N HIS A 131 -6.80 -6.15 -10.13
CA HIS A 131 -7.21 -5.37 -11.29
C HIS A 131 -8.72 -5.16 -11.29
N THR A 132 -9.47 -6.26 -11.39
CA THR A 132 -10.93 -6.19 -11.41
C THR A 132 -11.46 -5.52 -10.15
N ALA A 133 -10.70 -5.61 -9.06
CA ALA A 133 -11.09 -5.01 -7.80
C ALA A 133 -11.33 -3.52 -7.95
N ALA A 134 -12.17 -2.96 -7.09
CA ALA A 134 -12.48 -1.54 -7.13
C ALA A 134 -11.39 -0.72 -6.45
N VAL A 135 -10.49 -0.15 -7.25
CA VAL A 135 -9.41 0.67 -6.74
C VAL A 135 -9.31 2.01 -7.46
N SER A 136 -8.68 2.98 -6.82
CA SER A 136 -8.52 4.31 -7.40
C SER A 136 -7.30 4.37 -8.31
N THR A 137 -7.37 5.20 -9.34
CA THR A 137 -6.26 5.35 -10.28
C THR A 137 -4.92 5.20 -9.57
N ALA A 138 -4.59 6.17 -8.73
CA ALA A 138 -3.33 6.14 -7.99
C ALA A 138 -2.99 4.72 -7.54
N MET A 139 -3.88 4.13 -6.74
CA MET A 139 -3.66 2.78 -6.25
C MET A 139 -3.53 1.79 -7.39
N LYS A 140 -4.17 2.10 -8.52
CA LYS A 140 -4.11 1.23 -9.70
C LYS A 140 -2.77 1.39 -10.42
N LYS A 141 -2.22 2.59 -10.36
CA LYS A 141 -0.94 2.88 -11.01
C LYS A 141 0.22 2.59 -10.06
N VAL A 142 -0.09 2.38 -8.79
CA VAL A 142 0.93 2.09 -7.79
C VAL A 142 1.46 0.67 -7.93
N PHE A 143 0.69 -0.17 -8.61
CA PHE A 143 1.08 -1.56 -8.81
C PHE A 143 1.86 -1.73 -10.11
N ARG A 144 1.35 -1.14 -11.19
CA ARG A 144 2.00 -1.22 -12.48
C ARG A 144 3.44 -0.69 -12.41
N VAL A 145 3.72 0.09 -11.37
CA VAL A 145 5.05 0.66 -11.17
C VAL A 145 5.98 -0.35 -10.51
N TYR A 146 5.39 -1.35 -9.86
CA TYR A 146 6.17 -2.39 -9.18
C TYR A 146 6.40 -3.59 -10.09
N GLN A 147 5.43 -3.85 -10.97
CA GLN A 147 5.53 -4.97 -11.90
C GLN A 147 6.71 -4.80 -12.84
N GLY A 148 6.95 -3.56 -13.27
CA GLY A 148 8.04 -3.28 -14.17
C GLY A 148 9.33 -2.94 -13.45
N GLN A 149 9.63 -3.70 -12.39
CA GLN A 149 10.83 -3.47 -11.61
C GLN A 149 11.46 -4.79 -11.17
N SER A 150 12.66 -4.71 -10.61
CA SER A 150 13.38 -5.89 -10.15
C SER A 150 12.61 -6.60 -9.03
N GLY A 151 13.10 -7.76 -8.63
CA GLY A 151 12.45 -8.51 -7.57
C GLY A 151 12.08 -9.92 -8.01
N PRO A 152 11.07 -10.03 -8.89
CA PRO A 152 10.59 -11.32 -9.39
C PRO A 152 11.60 -11.98 -10.32
N SER A 153 12.63 -11.22 -10.73
CA SER A 153 13.66 -11.73 -11.61
C SER A 153 14.56 -12.72 -10.88
N SER A 154 14.43 -14.00 -11.21
CA SER A 154 15.23 -15.04 -10.59
C SER A 154 16.50 -15.32 -11.40
N GLY A 155 17.64 -15.02 -10.80
CA GLY A 155 18.91 -15.24 -11.48
C GLY A 155 20.07 -14.56 -10.78
N GLY A 1 -10.88 0.27 20.60
CA GLY A 1 -10.98 1.71 20.63
C GLY A 1 -12.22 2.23 19.91
N SER A 2 -12.61 3.47 20.20
CA SER A 2 -13.77 4.06 19.58
C SER A 2 -13.37 5.12 18.55
N SER A 3 -12.59 6.09 19.00
CA SER A 3 -12.13 7.16 18.11
C SER A 3 -11.44 6.58 16.88
N GLY A 4 -11.67 7.22 15.73
CA GLY A 4 -11.06 6.76 14.49
C GLY A 4 -10.03 7.73 13.96
N SER A 5 -10.46 8.95 13.66
CA SER A 5 -9.55 9.96 13.14
C SER A 5 -8.58 9.36 12.13
N SER A 6 -9.06 8.41 11.34
CA SER A 6 -8.23 7.74 10.35
C SER A 6 -8.27 8.50 9.02
N GLY A 7 -7.14 9.11 8.67
CA GLY A 7 -7.07 9.86 7.42
C GLY A 7 -6.44 11.22 7.60
N PRO A 8 -6.86 12.18 6.77
CA PRO A 8 -6.34 13.56 6.82
C PRO A 8 -6.80 14.30 8.07
N ARG A 9 -7.53 13.60 8.94
CA ARG A 9 -8.04 14.20 10.17
C ARG A 9 -7.13 13.86 11.35
N LYS A 10 -5.85 14.15 11.21
CA LYS A 10 -4.88 13.88 12.26
C LYS A 10 -5.06 14.82 13.44
N ALA A 11 -4.17 14.72 14.42
CA ALA A 11 -4.24 15.58 15.61
C ALA A 11 -4.75 16.97 15.25
N SER A 12 -4.14 17.58 14.25
CA SER A 12 -4.54 18.93 13.82
C SER A 12 -5.10 18.89 12.40
N ARG A 13 -6.43 18.93 12.30
CA ARG A 13 -7.10 18.90 11.01
C ARG A 13 -6.27 19.63 9.95
N LYS A 14 -6.30 19.12 8.73
CA LYS A 14 -5.56 19.72 7.63
C LYS A 14 -6.27 19.50 6.29
N PRO A 15 -6.00 20.37 5.33
CA PRO A 15 -6.60 20.29 3.99
C PRO A 15 -6.08 19.10 3.19
N PRO A 16 -6.90 18.60 2.26
CA PRO A 16 -6.55 17.46 1.41
C PRO A 16 -5.46 17.80 0.41
N ARG A 17 -5.39 19.07 0.04
CA ARG A 17 -4.39 19.54 -0.92
C ARG A 17 -3.10 18.74 -0.79
N GLU A 18 -2.35 19.00 0.27
CA GLU A 18 -1.08 18.31 0.50
C GLU A 18 -1.32 17.00 1.25
N GLU A 19 -0.94 15.89 0.61
CA GLU A 19 -1.12 14.57 1.21
C GLU A 19 -0.03 13.62 0.74
N SER A 20 0.84 13.22 1.66
CA SER A 20 1.94 12.31 1.34
C SER A 20 1.78 10.99 2.08
N SER A 21 2.03 9.88 1.38
CA SER A 21 1.91 8.55 1.98
C SER A 21 2.80 7.55 1.25
N ALA A 22 3.18 6.49 1.95
CA ALA A 22 4.03 5.45 1.37
C ALA A 22 3.31 4.11 1.34
N THR A 23 3.00 3.64 0.14
CA THR A 23 2.31 2.36 -0.02
C THR A 23 3.28 1.27 -0.48
N CYS A 24 3.09 0.07 0.04
CA CYS A 24 3.94 -1.06 -0.31
C CYS A 24 3.11 -2.24 -0.81
N VAL A 25 3.75 -3.14 -1.56
CA VAL A 25 3.07 -4.31 -2.10
C VAL A 25 3.60 -5.59 -1.47
N LEU A 26 2.69 -6.38 -0.90
CA LEU A 26 3.07 -7.64 -0.26
C LEU A 26 2.58 -8.83 -1.08
N GLU A 27 3.52 -9.65 -1.55
CA GLU A 27 3.18 -10.83 -2.34
C GLU A 27 3.80 -12.08 -1.74
N GLN A 28 3.11 -13.21 -1.88
CA GLN A 28 3.61 -14.48 -1.36
C GLN A 28 3.34 -15.61 -2.35
N PRO A 29 4.24 -16.62 -2.34
CA PRO A 29 4.13 -17.77 -3.23
C PRO A 29 2.95 -18.68 -2.88
N GLY A 30 2.01 -18.80 -3.80
CA GLY A 30 0.84 -19.63 -3.56
C GLY A 30 0.88 -20.92 -4.36
N ALA A 31 -0.28 -21.55 -4.53
CA ALA A 31 -0.38 -22.79 -5.27
C ALA A 31 -0.41 -22.53 -6.77
N LEU A 32 -1.43 -21.82 -7.22
CA LEU A 32 -1.58 -21.50 -8.64
C LEU A 32 -0.41 -20.66 -9.13
N GLY A 33 -0.05 -19.64 -8.36
CA GLY A 33 1.06 -18.78 -8.73
C GLY A 33 1.49 -17.86 -7.60
N ALA A 34 0.82 -16.73 -7.49
CA ALA A 34 1.13 -15.76 -6.45
C ALA A 34 -0.06 -14.86 -6.15
N GLN A 35 -0.09 -14.29 -4.95
CA GLN A 35 -1.18 -13.41 -4.54
C GLN A 35 -0.64 -12.21 -3.76
N ILE A 36 -1.39 -11.11 -3.80
CA ILE A 36 -0.99 -9.90 -3.10
C ILE A 36 -1.95 -9.59 -1.95
N LEU A 37 -1.59 -8.59 -1.16
CA LEU A 37 -2.42 -8.19 -0.01
C LEU A 37 -3.20 -6.91 -0.33
N LEU A 38 -4.49 -6.91 0.00
CA LEU A 38 -5.33 -5.76 -0.24
C LEU A 38 -6.20 -5.45 0.98
N VAL A 39 -6.10 -4.23 1.48
CA VAL A 39 -6.87 -3.80 2.64
C VAL A 39 -7.99 -2.86 2.24
N GLN A 40 -9.02 -2.77 3.08
CA GLN A 40 -10.16 -1.90 2.81
C GLN A 40 -10.10 -0.65 3.70
N ARG A 41 -10.60 0.46 3.16
CA ARG A 41 -10.61 1.72 3.89
C ARG A 41 -11.85 1.83 4.77
N PRO A 42 -11.75 2.62 5.85
CA PRO A 42 -12.85 2.82 6.79
C PRO A 42 -13.99 3.64 6.18
N ASN A 43 -15.11 3.71 6.88
CA ASN A 43 -16.27 4.46 6.42
C ASN A 43 -16.09 5.95 6.67
N SER A 44 -15.01 6.52 6.14
CA SER A 44 -14.73 7.94 6.32
C SER A 44 -14.61 8.63 4.97
N GLY A 45 -15.33 9.76 4.83
CA GLY A 45 -15.29 10.50 3.59
C GLY A 45 -16.15 9.87 2.50
N LEU A 46 -16.25 10.55 1.37
CA LEU A 46 -17.04 10.05 0.25
C LEU A 46 -16.38 8.82 -0.38
N LEU A 47 -15.09 8.91 -0.65
CA LEU A 47 -14.34 7.82 -1.24
C LEU A 47 -13.79 6.89 -0.17
N ALA A 48 -14.66 6.06 0.39
CA ALA A 48 -14.25 5.12 1.44
C ALA A 48 -14.86 3.73 1.19
N GLY A 49 -14.52 2.79 2.05
CA GLY A 49 -15.04 1.44 1.92
C GLY A 49 -14.49 0.72 0.70
N LEU A 50 -13.49 1.33 0.07
CA LEU A 50 -12.87 0.73 -1.11
C LEU A 50 -11.72 -0.19 -0.73
N TRP A 51 -11.11 -0.82 -1.73
CA TRP A 51 -10.00 -1.72 -1.49
C TRP A 51 -8.71 -1.18 -2.11
N GLU A 52 -7.68 -1.05 -1.30
CA GLU A 52 -6.39 -0.55 -1.76
C GLU A 52 -5.25 -1.07 -0.90
N PHE A 53 -4.05 -1.10 -1.48
CA PHE A 53 -2.88 -1.58 -0.76
C PHE A 53 -2.63 -0.76 0.51
N PRO A 54 -2.11 -1.42 1.55
CA PRO A 54 -1.82 -0.78 2.84
C PRO A 54 -0.66 0.21 2.74
N SER A 55 -0.79 1.34 3.42
CA SER A 55 0.25 2.36 3.41
C SER A 55 0.32 3.08 4.75
N VAL A 56 1.41 3.80 4.97
CA VAL A 56 1.60 4.54 6.21
C VAL A 56 1.89 6.01 5.94
N THR A 57 1.91 6.82 6.99
CA THR A 57 2.19 8.25 6.87
C THR A 57 3.53 8.48 6.19
N TRP A 58 3.66 9.64 5.54
CA TRP A 58 4.89 9.99 4.85
C TRP A 58 6.02 10.22 5.85
N GLU A 59 7.23 9.80 5.47
CA GLU A 59 8.39 9.96 6.33
C GLU A 59 9.52 10.68 5.59
N PRO A 60 10.08 11.72 6.23
CA PRO A 60 11.16 12.51 5.66
C PRO A 60 12.47 11.73 5.58
N SER A 61 12.60 10.71 6.42
CA SER A 61 13.79 9.89 6.45
C SER A 61 13.63 8.64 5.57
N GLU A 62 14.66 8.31 4.81
CA GLU A 62 14.62 7.15 3.94
C GLU A 62 14.38 5.88 4.74
N GLN A 63 14.73 5.91 6.01
CA GLN A 63 14.54 4.76 6.90
C GLN A 63 13.14 4.75 7.49
N LEU A 64 12.82 5.78 8.27
CA LEU A 64 11.51 5.89 8.90
C LEU A 64 10.41 5.42 7.95
N GLN A 65 10.56 5.76 6.68
CA GLN A 65 9.58 5.39 5.66
C GLN A 65 9.39 3.87 5.63
N ARG A 66 10.50 3.15 5.44
CA ARG A 66 10.47 1.70 5.39
C ARG A 66 10.03 1.11 6.72
N LYS A 67 10.71 1.52 7.79
CA LYS A 67 10.40 1.03 9.13
C LYS A 67 8.89 1.03 9.37
N ALA A 68 8.30 2.22 9.44
CA ALA A 68 6.86 2.35 9.66
C ALA A 68 6.08 1.61 8.58
N LEU A 69 6.45 1.83 7.32
CA LEU A 69 5.78 1.19 6.21
C LEU A 69 5.49 -0.28 6.51
N LEU A 70 6.49 -0.96 7.08
CA LEU A 70 6.34 -2.38 7.43
C LEU A 70 5.48 -2.55 8.67
N GLN A 71 5.80 -1.79 9.71
CA GLN A 71 5.06 -1.85 10.97
C GLN A 71 3.58 -2.11 10.71
N GLU A 72 3.00 -1.34 9.79
CA GLU A 72 1.59 -1.48 9.46
C GLU A 72 1.33 -2.83 8.78
N LEU A 73 2.05 -3.09 7.69
CA LEU A 73 1.90 -4.34 6.95
C LEU A 73 1.76 -5.52 7.90
N GLN A 74 2.63 -5.58 8.90
CA GLN A 74 2.60 -6.66 9.88
C GLN A 74 1.23 -6.75 10.55
N ARG A 75 0.67 -5.60 10.91
CA ARG A 75 -0.63 -5.55 11.56
C ARG A 75 -1.66 -6.37 10.79
N TRP A 76 -1.50 -6.41 9.47
CA TRP A 76 -2.40 -7.17 8.62
C TRP A 76 -1.96 -8.63 8.50
N ALA A 77 -0.85 -8.84 7.80
CA ALA A 77 -0.31 -10.19 7.61
C ALA A 77 0.38 -10.68 8.88
N GLY A 78 1.53 -10.09 9.19
CA GLY A 78 2.27 -10.48 10.38
C GLY A 78 3.77 -10.36 10.19
N PRO A 79 4.45 -11.48 9.96
CA PRO A 79 5.91 -11.51 9.76
C PRO A 79 6.32 -10.87 8.45
N LEU A 80 6.93 -9.69 8.53
CA LEU A 80 7.38 -8.97 7.34
C LEU A 80 8.88 -8.75 7.37
N PRO A 81 9.55 -9.05 6.25
CA PRO A 81 11.01 -8.89 6.14
C PRO A 81 11.43 -7.41 6.11
N ALA A 82 12.68 -7.17 5.77
CA ALA A 82 13.22 -5.81 5.71
C ALA A 82 13.97 -5.57 4.42
N THR A 83 15.02 -6.37 4.19
CA THR A 83 15.83 -6.25 2.99
C THR A 83 14.98 -6.40 1.73
N HIS A 84 14.07 -7.37 1.75
CA HIS A 84 13.20 -7.63 0.61
C HIS A 84 12.49 -6.35 0.17
N LEU A 85 12.34 -5.42 1.10
CA LEU A 85 11.69 -4.15 0.81
C LEU A 85 12.60 -3.23 0.01
N ARG A 86 12.08 -2.69 -1.09
CA ARG A 86 12.85 -1.79 -1.94
C ARG A 86 11.94 -0.79 -2.63
N HIS A 87 12.47 0.39 -2.90
CA HIS A 87 11.71 1.45 -3.56
C HIS A 87 11.80 1.32 -5.08
N LEU A 88 10.65 1.26 -5.73
CA LEU A 88 10.60 1.14 -7.19
C LEU A 88 9.72 2.23 -7.81
N GLY A 89 10.34 3.33 -8.18
CA GLY A 89 9.59 4.43 -8.78
C GLY A 89 8.68 5.12 -7.79
N GLU A 90 7.81 5.99 -8.29
CA GLU A 90 6.88 6.73 -7.43
C GLU A 90 5.54 6.92 -8.13
N VAL A 91 4.56 7.39 -7.38
CA VAL A 91 3.22 7.63 -7.92
C VAL A 91 2.59 8.88 -7.33
N VAL A 92 2.54 9.94 -8.11
CA VAL A 92 1.97 11.21 -7.66
C VAL A 92 0.78 11.60 -8.52
N HIS A 93 -0.42 11.56 -7.93
CA HIS A 93 -1.63 11.93 -8.65
C HIS A 93 -2.13 13.30 -8.22
N THR A 94 -2.76 14.02 -9.15
CA THR A 94 -3.28 15.35 -8.87
C THR A 94 -4.78 15.40 -9.07
N PHE A 95 -5.51 15.63 -7.98
CA PHE A 95 -6.97 15.71 -8.03
C PHE A 95 -7.44 17.16 -8.06
N SER A 96 -8.75 17.35 -8.03
CA SER A 96 -9.33 18.69 -8.06
C SER A 96 -8.71 19.56 -6.98
N HIS A 97 -7.98 20.60 -7.41
CA HIS A 97 -7.34 21.53 -6.49
C HIS A 97 -6.66 20.76 -5.36
N ILE A 98 -6.25 19.53 -5.64
CA ILE A 98 -5.57 18.70 -4.64
C ILE A 98 -4.38 17.97 -5.26
N LYS A 99 -3.44 17.59 -4.40
CA LYS A 99 -2.24 16.88 -4.85
C LYS A 99 -1.89 15.75 -3.89
N LEU A 100 -1.74 14.54 -4.43
CA LEU A 100 -1.40 13.37 -3.63
C LEU A 100 -0.05 12.81 -4.04
N THR A 101 0.71 12.33 -3.06
CA THR A 101 2.02 11.75 -3.32
C THR A 101 2.15 10.37 -2.69
N TYR A 102 2.22 9.35 -3.53
CA TYR A 102 2.34 7.97 -3.07
C TYR A 102 3.70 7.39 -3.42
N GLN A 103 4.30 6.68 -2.48
CA GLN A 103 5.61 6.07 -2.69
C GLN A 103 5.47 4.59 -3.01
N VAL A 104 5.95 4.19 -4.18
CA VAL A 104 5.88 2.80 -4.60
C VAL A 104 6.89 1.94 -3.84
N TYR A 105 6.41 0.85 -3.25
CA TYR A 105 7.27 -0.05 -2.49
C TYR A 105 6.94 -1.51 -2.80
N GLY A 106 7.97 -2.32 -2.95
CA GLY A 106 7.77 -3.72 -3.25
C GLY A 106 8.24 -4.63 -2.12
N LEU A 107 7.58 -5.77 -1.97
CA LEU A 107 7.92 -6.72 -0.92
C LEU A 107 7.34 -8.09 -1.22
N ALA A 108 8.18 -9.03 -1.62
CA ALA A 108 7.75 -10.38 -1.92
C ALA A 108 8.52 -11.41 -1.10
N LEU A 109 7.81 -12.44 -0.64
CA LEU A 109 8.43 -13.49 0.16
C LEU A 109 9.07 -14.55 -0.73
N GLU A 110 10.39 -14.53 -0.82
CA GLU A 110 11.13 -15.49 -1.64
C GLU A 110 10.65 -16.92 -1.36
N GLY A 111 10.06 -17.11 -0.19
CA GLY A 111 9.57 -18.43 0.18
C GLY A 111 10.13 -18.91 1.50
N GLN A 112 10.10 -18.03 2.51
CA GLN A 112 10.62 -18.37 3.83
C GLN A 112 9.53 -19.00 4.69
N THR A 113 8.55 -18.19 5.08
CA THR A 113 7.46 -18.66 5.92
C THR A 113 6.15 -17.95 5.57
N PRO A 114 5.04 -18.70 5.56
CA PRO A 114 3.72 -18.16 5.25
C PRO A 114 3.21 -17.23 6.36
N VAL A 115 2.10 -16.56 6.08
CA VAL A 115 1.50 -15.64 7.04
C VAL A 115 0.27 -16.26 7.70
N THR A 116 -0.56 -16.93 6.89
CA THR A 116 -1.76 -17.56 7.38
C THR A 116 -2.39 -16.75 8.51
N THR A 117 -2.47 -15.44 8.33
CA THR A 117 -3.04 -14.56 9.34
C THR A 117 -3.45 -13.22 8.72
N VAL A 118 -4.74 -12.88 8.87
CA VAL A 118 -5.25 -11.63 8.32
C VAL A 118 -6.62 -11.31 8.92
N PRO A 119 -6.82 -10.04 9.29
CA PRO A 119 -8.08 -9.57 9.88
C PRO A 119 -9.21 -9.54 8.85
N PRO A 120 -10.45 -9.36 9.34
CA PRO A 120 -11.64 -9.31 8.48
C PRO A 120 -11.69 -8.04 7.64
N GLY A 121 -10.67 -7.20 7.80
CA GLY A 121 -10.61 -5.96 7.03
C GLY A 121 -9.68 -6.05 5.84
N ALA A 122 -8.99 -7.17 5.74
CA ALA A 122 -8.05 -7.39 4.63
C ALA A 122 -8.35 -8.69 3.89
N ARG A 123 -8.04 -8.72 2.60
CA ARG A 123 -8.28 -9.90 1.79
C ARG A 123 -7.04 -10.25 0.96
N TRP A 124 -6.91 -11.54 0.63
CA TRP A 124 -5.77 -12.00 -0.16
C TRP A 124 -6.22 -12.43 -1.55
N LEU A 125 -6.01 -11.57 -2.53
CA LEU A 125 -6.40 -11.87 -3.91
C LEU A 125 -5.17 -11.94 -4.81
N THR A 126 -5.37 -12.41 -6.04
CA THR A 126 -4.28 -12.54 -7.00
C THR A 126 -4.08 -11.24 -7.78
N GLN A 127 -2.96 -11.15 -8.48
CA GLN A 127 -2.65 -9.95 -9.27
C GLN A 127 -3.80 -9.59 -10.19
N GLU A 128 -4.41 -10.61 -10.79
CA GLU A 128 -5.53 -10.39 -11.71
C GLU A 128 -6.76 -9.89 -10.94
N GLU A 129 -7.11 -10.59 -9.87
CA GLU A 129 -8.27 -10.20 -9.06
C GLU A 129 -8.16 -8.75 -8.63
N PHE A 130 -6.95 -8.30 -8.32
CA PHE A 130 -6.73 -6.93 -7.90
C PHE A 130 -7.27 -5.95 -8.92
N HIS A 131 -6.82 -6.07 -10.16
CA HIS A 131 -7.25 -5.18 -11.24
C HIS A 131 -8.77 -5.13 -11.30
N THR A 132 -9.41 -6.30 -11.21
CA THR A 132 -10.86 -6.38 -11.26
C THR A 132 -11.49 -5.92 -9.95
N ALA A 133 -10.64 -5.66 -8.96
CA ALA A 133 -11.11 -5.20 -7.65
C ALA A 133 -11.39 -3.71 -7.67
N ALA A 134 -11.90 -3.20 -6.55
CA ALA A 134 -12.22 -1.79 -6.43
C ALA A 134 -11.06 -1.01 -5.80
N VAL A 135 -10.22 -0.42 -6.64
CA VAL A 135 -9.07 0.34 -6.16
C VAL A 135 -9.07 1.75 -6.75
N SER A 136 -8.38 2.67 -6.07
CA SER A 136 -8.29 4.05 -6.52
C SER A 136 -7.20 4.22 -7.56
N THR A 137 -7.47 5.05 -8.56
CA THR A 137 -6.49 5.30 -9.63
C THR A 137 -5.06 5.24 -9.10
N ALA A 138 -4.70 6.22 -8.29
CA ALA A 138 -3.36 6.28 -7.71
C ALA A 138 -2.89 4.89 -7.28
N MET A 139 -3.80 4.12 -6.69
CA MET A 139 -3.47 2.77 -6.24
C MET A 139 -3.29 1.83 -7.42
N LYS A 140 -4.14 1.98 -8.44
CA LYS A 140 -4.08 1.14 -9.62
C LYS A 140 -2.79 1.40 -10.41
N LYS A 141 -2.21 2.58 -10.19
CA LYS A 141 -0.98 2.95 -10.87
C LYS A 141 0.24 2.65 -10.00
N VAL A 142 -0.01 2.32 -8.73
CA VAL A 142 1.06 2.01 -7.80
C VAL A 142 1.61 0.61 -8.04
N PHE A 143 0.79 -0.25 -8.60
CA PHE A 143 1.18 -1.63 -8.89
C PHE A 143 2.06 -1.69 -10.14
N ARG A 144 1.53 -1.20 -11.25
CA ARG A 144 2.26 -1.20 -12.52
C ARG A 144 3.68 -0.68 -12.32
N VAL A 145 3.87 0.15 -11.30
CA VAL A 145 5.19 0.71 -11.01
C VAL A 145 6.04 -0.28 -10.24
N TYR A 146 5.42 -1.05 -9.35
CA TYR A 146 6.12 -2.03 -8.55
C TYR A 146 6.61 -3.19 -9.42
N GLN A 147 5.83 -3.51 -10.45
CA GLN A 147 6.18 -4.59 -11.36
C GLN A 147 7.05 -4.10 -12.51
N GLY A 148 6.66 -2.96 -13.09
CA GLY A 148 7.41 -2.40 -14.19
C GLY A 148 8.91 -2.48 -13.97
N GLN A 149 9.33 -2.39 -12.71
CA GLN A 149 10.75 -2.45 -12.36
C GLN A 149 11.16 -3.86 -12.01
N SER A 150 11.90 -4.50 -12.90
CA SER A 150 12.35 -5.88 -12.68
C SER A 150 11.24 -6.72 -12.08
N GLY A 151 10.06 -6.67 -12.70
CA GLY A 151 8.94 -7.45 -12.20
C GLY A 151 8.86 -8.82 -12.84
N PRO A 152 8.07 -8.93 -13.93
CA PRO A 152 7.90 -10.19 -14.64
C PRO A 152 9.15 -10.62 -15.39
N SER A 153 9.35 -11.93 -15.52
CA SER A 153 10.52 -12.46 -16.20
C SER A 153 10.32 -13.94 -16.55
N SER A 154 10.50 -14.28 -17.81
CA SER A 154 10.34 -15.65 -18.28
C SER A 154 11.53 -16.08 -19.13
N GLY A 155 12.56 -16.60 -18.47
CA GLY A 155 13.75 -17.04 -19.18
C GLY A 155 14.00 -18.53 -18.99
N GLY A 1 -15.45 4.07 14.46
CA GLY A 1 -16.17 3.46 15.55
C GLY A 1 -16.35 4.42 16.73
N SER A 2 -15.89 4.00 17.90
CA SER A 2 -16.00 4.82 19.10
C SER A 2 -14.88 5.84 19.18
N SER A 3 -15.22 7.10 18.97
CA SER A 3 -14.25 8.18 19.01
C SER A 3 -12.97 7.79 18.29
N GLY A 4 -13.13 7.16 17.12
CA GLY A 4 -11.98 6.74 16.34
C GLY A 4 -12.03 7.23 14.90
N SER A 5 -12.06 8.55 14.74
CA SER A 5 -12.12 9.14 13.40
C SER A 5 -10.89 8.75 12.58
N SER A 6 -10.88 9.18 11.32
CA SER A 6 -9.78 8.86 10.42
C SER A 6 -9.75 9.82 9.24
N GLY A 7 -8.59 10.44 9.01
CA GLY A 7 -8.45 11.37 7.92
C GLY A 7 -7.46 12.48 8.22
N PRO A 8 -7.48 13.54 7.40
CA PRO A 8 -6.58 14.69 7.56
C PRO A 8 -6.94 15.53 8.79
N ARG A 9 -7.97 15.10 9.52
CA ARG A 9 -8.40 15.80 10.71
C ARG A 9 -7.67 15.28 11.95
N LYS A 10 -7.60 13.96 12.07
CA LYS A 10 -6.93 13.34 13.20
C LYS A 10 -5.41 13.43 13.06
N ALA A 11 -4.89 13.00 11.93
CA ALA A 11 -3.46 13.04 11.67
C ALA A 11 -2.86 14.38 12.10
N SER A 12 -3.37 15.45 11.52
CA SER A 12 -2.89 16.80 11.85
C SER A 12 -3.93 17.85 11.49
N ARG A 13 -3.67 19.09 11.88
CA ARG A 13 -4.58 20.19 11.61
C ARG A 13 -4.27 20.83 10.25
N LYS A 14 -3.65 20.05 9.37
CA LYS A 14 -3.30 20.53 8.04
C LYS A 14 -4.34 20.09 7.01
N PRO A 15 -4.49 20.89 5.94
CA PRO A 15 -5.44 20.60 4.86
C PRO A 15 -5.03 19.38 4.04
N PRO A 16 -5.95 18.91 3.18
CA PRO A 16 -5.70 17.75 2.31
C PRO A 16 -4.69 18.05 1.22
N ARG A 17 -4.58 19.33 0.85
CA ARG A 17 -3.64 19.75 -0.18
C ARG A 17 -2.34 18.96 -0.10
N GLU A 18 -1.67 19.06 1.05
CA GLU A 18 -0.41 18.37 1.26
C GLU A 18 -0.63 17.05 2.02
N GLU A 19 -0.65 15.96 1.27
CA GLU A 19 -0.86 14.64 1.87
C GLU A 19 0.06 13.60 1.23
N SER A 20 1.00 13.08 2.02
CA SER A 20 1.94 12.08 1.53
C SER A 20 1.74 10.75 2.24
N SER A 21 1.99 9.66 1.52
CA SER A 21 1.83 8.32 2.07
C SER A 21 2.71 7.31 1.34
N ALA A 22 3.09 6.24 2.04
CA ALA A 22 3.93 5.21 1.45
C ALA A 22 3.21 3.87 1.41
N THR A 23 2.84 3.44 0.22
CA THR A 23 2.13 2.17 0.05
C THR A 23 3.08 1.09 -0.47
N CYS A 24 2.93 -0.12 0.06
CA CYS A 24 3.77 -1.24 -0.34
C CYS A 24 2.92 -2.36 -0.96
N VAL A 25 3.57 -3.23 -1.73
CA VAL A 25 2.88 -4.34 -2.37
C VAL A 25 3.35 -5.68 -1.81
N LEU A 26 2.71 -6.12 -0.73
CA LEU A 26 3.06 -7.38 -0.09
C LEU A 26 2.58 -8.56 -0.95
N GLU A 27 3.52 -9.42 -1.33
CA GLU A 27 3.21 -10.59 -2.13
C GLU A 27 3.73 -11.87 -1.47
N GLN A 28 3.09 -12.99 -1.78
CA GLN A 28 3.49 -14.27 -1.21
C GLN A 28 3.44 -15.37 -2.27
N PRO A 29 4.30 -16.39 -2.12
CA PRO A 29 4.37 -17.52 -3.05
C PRO A 29 3.13 -18.42 -2.96
N GLY A 30 2.45 -18.57 -4.09
CA GLY A 30 1.25 -19.40 -4.13
C GLY A 30 1.43 -20.62 -5.01
N ALA A 31 0.78 -21.71 -4.65
CA ALA A 31 0.86 -22.95 -5.42
C ALA A 31 0.69 -22.68 -6.91
N LEU A 32 -0.51 -22.26 -7.29
CA LEU A 32 -0.81 -21.96 -8.68
C LEU A 32 0.10 -20.84 -9.22
N GLY A 33 0.35 -19.84 -8.37
CA GLY A 33 1.19 -18.73 -8.78
C GLY A 33 1.58 -17.85 -7.60
N ALA A 34 0.96 -16.68 -7.51
CA ALA A 34 1.24 -15.75 -6.43
C ALA A 34 0.12 -14.74 -6.26
N GLN A 35 -0.11 -14.31 -5.03
CA GLN A 35 -1.17 -13.34 -4.73
C GLN A 35 -0.65 -12.22 -3.85
N ILE A 36 -1.34 -11.09 -3.86
CA ILE A 36 -0.95 -9.94 -3.05
C ILE A 36 -1.99 -9.64 -1.97
N LEU A 37 -1.68 -8.68 -1.12
CA LEU A 37 -2.59 -8.29 -0.05
C LEU A 37 -3.34 -7.01 -0.40
N LEU A 38 -4.55 -6.89 0.12
CA LEU A 38 -5.38 -5.71 -0.14
C LEU A 38 -6.23 -5.36 1.08
N VAL A 39 -6.05 -4.15 1.58
CA VAL A 39 -6.81 -3.69 2.75
C VAL A 39 -7.88 -2.68 2.34
N GLN A 40 -9.02 -2.72 3.03
CA GLN A 40 -10.11 -1.80 2.74
C GLN A 40 -10.14 -0.65 3.74
N ARG A 41 -10.78 0.45 3.36
CA ARG A 41 -10.87 1.62 4.21
C ARG A 41 -12.29 1.79 4.76
N PRO A 42 -12.41 2.53 5.86
CA PRO A 42 -13.70 2.78 6.51
C PRO A 42 -14.60 3.69 5.68
N ASN A 43 -15.90 3.52 5.82
CA ASN A 43 -16.87 4.33 5.08
C ASN A 43 -16.81 5.79 5.52
N SER A 44 -16.65 6.68 4.54
CA SER A 44 -16.58 8.12 4.83
C SER A 44 -16.73 8.93 3.55
N GLY A 45 -17.12 10.19 3.70
CA GLY A 45 -17.29 11.06 2.56
C GLY A 45 -17.85 10.33 1.35
N LEU A 46 -17.31 10.63 0.17
CA LEU A 46 -17.77 9.99 -1.06
C LEU A 46 -16.83 8.85 -1.45
N LEU A 47 -15.59 9.20 -1.80
CA LEU A 47 -14.60 8.21 -2.20
C LEU A 47 -14.07 7.45 -0.99
N ALA A 48 -14.64 6.28 -0.73
CA ALA A 48 -14.22 5.46 0.39
C ALA A 48 -14.72 4.02 0.25
N GLY A 49 -14.34 3.17 1.19
CA GLY A 49 -14.76 1.78 1.15
C GLY A 49 -14.10 1.01 0.02
N LEU A 50 -13.18 1.67 -0.69
CA LEU A 50 -12.48 1.04 -1.80
C LEU A 50 -11.34 0.16 -1.30
N TRP A 51 -10.89 -0.75 -2.14
CA TRP A 51 -9.80 -1.65 -1.78
C TRP A 51 -8.47 -1.15 -2.32
N GLU A 52 -7.46 -1.11 -1.47
CA GLU A 52 -6.13 -0.64 -1.87
C GLU A 52 -5.06 -1.17 -0.91
N PHE A 53 -3.87 -1.40 -1.44
CA PHE A 53 -2.75 -1.91 -0.64
C PHE A 53 -2.56 -1.07 0.61
N PRO A 54 -2.06 -1.70 1.68
CA PRO A 54 -1.80 -1.03 2.96
C PRO A 54 -0.67 -0.02 2.88
N SER A 55 -0.80 1.08 3.59
CA SER A 55 0.22 2.12 3.61
C SER A 55 0.30 2.80 4.97
N VAL A 56 1.35 3.59 5.17
CA VAL A 56 1.55 4.31 6.43
C VAL A 56 1.90 5.76 6.19
N THR A 57 1.97 6.54 7.27
CA THR A 57 2.31 7.95 7.18
C THR A 57 3.64 8.15 6.48
N TRP A 58 3.72 9.22 5.68
CA TRP A 58 4.95 9.53 4.95
C TRP A 58 6.12 9.75 5.90
N GLU A 59 7.33 9.72 5.37
CA GLU A 59 8.53 9.91 6.18
C GLU A 59 9.59 10.69 5.39
N PRO A 60 10.20 11.68 6.06
CA PRO A 60 11.24 12.52 5.45
C PRO A 60 12.53 11.74 5.21
N SER A 61 12.71 10.65 5.94
CA SER A 61 13.91 9.83 5.81
C SER A 61 13.60 8.53 5.08
N GLU A 62 14.63 7.93 4.48
CA GLU A 62 14.45 6.68 3.75
C GLU A 62 14.22 5.52 4.71
N GLN A 63 14.89 5.56 5.86
CA GLN A 63 14.76 4.52 6.87
C GLN A 63 13.41 4.61 7.58
N LEU A 64 13.10 5.80 8.08
CA LEU A 64 11.84 6.02 8.78
C LEU A 64 10.66 5.53 7.95
N GLN A 65 10.75 5.69 6.64
CA GLN A 65 9.69 5.26 5.74
C GLN A 65 9.49 3.74 5.83
N ARG A 66 10.55 3.00 5.56
CA ARG A 66 10.49 1.53 5.60
C ARG A 66 10.10 1.05 7.00
N LYS A 67 10.77 1.58 8.01
CA LYS A 67 10.50 1.20 9.40
C LYS A 67 9.00 1.12 9.65
N ALA A 68 8.34 2.27 9.61
CA ALA A 68 6.89 2.34 9.82
C ALA A 68 6.14 1.53 8.77
N LEU A 69 6.39 1.86 7.51
CA LEU A 69 5.73 1.17 6.40
C LEU A 69 5.52 -0.31 6.72
N LEU A 70 6.43 -0.87 7.51
CA LEU A 70 6.33 -2.27 7.91
C LEU A 70 5.55 -2.43 9.21
N GLN A 71 5.84 -1.55 10.17
CA GLN A 71 5.15 -1.58 11.45
C GLN A 71 3.64 -1.73 11.27
N GLU A 72 3.15 -1.27 10.13
CA GLU A 72 1.72 -1.34 9.83
C GLU A 72 1.39 -2.63 9.08
N LEU A 73 2.19 -2.93 8.07
CA LEU A 73 1.97 -4.14 7.27
C LEU A 73 1.83 -5.36 8.16
N GLN A 74 2.75 -5.51 9.10
CA GLN A 74 2.71 -6.65 10.03
C GLN A 74 1.35 -6.77 10.70
N ARG A 75 0.81 -5.64 11.12
CA ARG A 75 -0.49 -5.62 11.78
C ARG A 75 -1.53 -6.35 10.94
N TRP A 76 -1.39 -6.27 9.63
CA TRP A 76 -2.32 -6.93 8.72
C TRP A 76 -1.88 -8.36 8.43
N ALA A 77 -0.76 -8.50 7.73
CA ALA A 77 -0.23 -9.82 7.39
C ALA A 77 0.49 -10.44 8.58
N GLY A 78 1.67 -9.92 8.89
CA GLY A 78 2.44 -10.44 10.00
C GLY A 78 3.94 -10.29 9.79
N PRO A 79 4.60 -11.38 9.38
CA PRO A 79 6.04 -11.39 9.13
C PRO A 79 6.42 -10.57 7.90
N LEU A 80 7.13 -9.46 8.13
CA LEU A 80 7.55 -8.59 7.04
C LEU A 80 9.06 -8.34 7.10
N PRO A 81 9.75 -8.66 6.00
CA PRO A 81 11.21 -8.48 5.90
C PRO A 81 11.60 -7.02 5.85
N ALA A 82 12.90 -6.76 5.99
CA ALA A 82 13.42 -5.40 5.96
C ALA A 82 14.30 -5.16 4.74
N THR A 83 15.28 -6.04 4.54
CA THR A 83 16.20 -5.94 3.42
C THR A 83 15.48 -6.21 2.10
N HIS A 84 14.48 -7.09 2.15
CA HIS A 84 13.71 -7.43 0.96
C HIS A 84 13.01 -6.21 0.38
N LEU A 85 12.56 -5.32 1.27
CA LEU A 85 11.87 -4.11 0.85
C LEU A 85 12.77 -3.25 -0.03
N ARG A 86 12.16 -2.46 -0.90
CA ARG A 86 12.90 -1.58 -1.80
C ARG A 86 11.98 -0.56 -2.46
N HIS A 87 12.57 0.54 -2.92
CA HIS A 87 11.79 1.60 -3.57
C HIS A 87 11.78 1.40 -5.08
N LEU A 88 10.59 1.19 -5.64
CA LEU A 88 10.44 0.99 -7.08
C LEU A 88 9.49 2.02 -7.68
N GLY A 89 10.05 3.14 -8.14
CA GLY A 89 9.24 4.18 -8.73
C GLY A 89 8.33 4.85 -7.72
N GLU A 90 7.49 5.76 -8.20
CA GLU A 90 6.56 6.48 -7.33
C GLU A 90 5.29 6.85 -8.08
N VAL A 91 4.28 7.31 -7.34
CA VAL A 91 3.01 7.70 -7.93
C VAL A 91 2.44 8.94 -7.25
N VAL A 92 2.48 10.07 -7.95
CA VAL A 92 1.97 11.32 -7.40
C VAL A 92 0.75 11.79 -8.18
N HIS A 93 -0.42 11.67 -7.57
CA HIS A 93 -1.67 12.10 -8.20
C HIS A 93 -2.12 13.45 -7.67
N THR A 94 -2.93 14.15 -8.45
CA THR A 94 -3.44 15.46 -8.05
C THR A 94 -4.96 15.51 -8.15
N PHE A 95 -5.61 15.85 -7.03
CA PHE A 95 -7.06 15.94 -7.00
C PHE A 95 -7.52 17.40 -6.92
N SER A 96 -8.82 17.60 -6.88
CA SER A 96 -9.39 18.94 -6.81
C SER A 96 -8.70 19.77 -5.74
N HIS A 97 -8.19 20.93 -6.13
CA HIS A 97 -7.49 21.82 -5.20
C HIS A 97 -6.72 21.02 -4.16
N ILE A 98 -6.26 19.84 -4.55
CA ILE A 98 -5.51 18.97 -3.65
C ILE A 98 -4.45 18.18 -4.40
N LYS A 99 -3.43 17.74 -3.69
CA LYS A 99 -2.35 16.96 -4.29
C LYS A 99 -1.92 15.82 -3.36
N LEU A 100 -1.83 14.61 -3.92
CA LEU A 100 -1.43 13.44 -3.15
C LEU A 100 -0.11 12.89 -3.66
N THR A 101 0.63 12.23 -2.77
CA THR A 101 1.92 11.65 -3.14
C THR A 101 2.06 10.24 -2.57
N TYR A 102 2.06 9.25 -3.46
CA TYR A 102 2.19 7.85 -3.05
C TYR A 102 3.55 7.28 -3.46
N GLN A 103 4.19 6.58 -2.54
CA GLN A 103 5.50 5.98 -2.80
C GLN A 103 5.36 4.49 -3.08
N VAL A 104 5.70 4.07 -4.30
CA VAL A 104 5.62 2.67 -4.67
C VAL A 104 6.71 1.85 -4.00
N TYR A 105 6.31 0.78 -3.33
CA TYR A 105 7.26 -0.09 -2.63
C TYR A 105 6.89 -1.55 -2.83
N GLY A 106 7.82 -2.32 -3.38
CA GLY A 106 7.58 -3.73 -3.60
C GLY A 106 8.16 -4.60 -2.50
N LEU A 107 7.42 -5.64 -2.13
CA LEU A 107 7.86 -6.56 -1.08
C LEU A 107 7.22 -7.93 -1.24
N ALA A 108 8.06 -8.95 -1.43
CA ALA A 108 7.57 -10.31 -1.59
C ALA A 108 8.23 -11.26 -0.60
N LEU A 109 7.57 -12.37 -0.32
CA LEU A 109 8.10 -13.36 0.62
C LEU A 109 8.92 -14.41 -0.11
N GLU A 110 10.13 -14.64 0.37
CA GLU A 110 11.03 -15.62 -0.24
C GLU A 110 10.56 -17.05 0.07
N GLY A 111 10.54 -17.38 1.36
CA GLY A 111 10.12 -18.71 1.76
C GLY A 111 10.44 -19.00 3.22
N GLN A 112 9.69 -18.38 4.13
CA GLN A 112 9.91 -18.58 5.56
C GLN A 112 8.61 -18.99 6.25
N THR A 113 7.62 -18.10 6.24
CA THR A 113 6.35 -18.38 6.88
C THR A 113 5.21 -17.62 6.17
N PRO A 114 4.16 -18.36 5.80
CA PRO A 114 2.99 -17.78 5.12
C PRO A 114 2.17 -16.88 6.03
N VAL A 115 1.19 -16.20 5.46
CA VAL A 115 0.32 -15.32 6.23
C VAL A 115 -1.14 -15.75 6.15
N THR A 116 -1.37 -17.04 6.30
CA THR A 116 -2.72 -17.59 6.24
C THR A 116 -3.61 -16.98 7.31
N THR A 117 -3.02 -16.14 8.15
CA THR A 117 -3.76 -15.48 9.23
C THR A 117 -3.89 -13.99 8.96
N VAL A 118 -5.10 -13.55 8.64
CA VAL A 118 -5.36 -12.14 8.36
C VAL A 118 -6.48 -11.61 9.25
N PRO A 119 -6.27 -10.40 9.79
CA PRO A 119 -7.25 -9.74 10.67
C PRO A 119 -8.50 -9.31 9.91
N PRO A 120 -9.55 -8.94 10.66
CA PRO A 120 -10.82 -8.49 10.08
C PRO A 120 -10.70 -7.12 9.42
N GLY A 121 -10.75 -7.11 8.09
CA GLY A 121 -10.65 -5.86 7.35
C GLY A 121 -9.69 -5.96 6.18
N ALA A 122 -8.90 -7.03 6.15
CA ALA A 122 -7.95 -7.24 5.07
C ALA A 122 -8.36 -8.41 4.18
N ARG A 123 -7.95 -8.37 2.93
CA ARG A 123 -8.27 -9.42 1.98
C ARG A 123 -7.05 -9.83 1.16
N TRP A 124 -7.01 -11.09 0.75
CA TRP A 124 -5.89 -11.61 -0.02
C TRP A 124 -6.36 -12.11 -1.38
N LEU A 125 -6.02 -11.36 -2.43
CA LEU A 125 -6.41 -11.73 -3.79
C LEU A 125 -5.18 -11.88 -4.68
N THR A 126 -5.39 -12.41 -5.89
CA THR A 126 -4.30 -12.62 -6.83
C THR A 126 -3.99 -11.35 -7.59
N GLN A 127 -2.86 -11.34 -8.30
CA GLN A 127 -2.46 -10.18 -9.08
C GLN A 127 -3.46 -9.88 -10.18
N GLU A 128 -4.04 -10.93 -10.75
CA GLU A 128 -5.01 -10.77 -11.81
C GLU A 128 -6.36 -10.31 -11.27
N GLU A 129 -6.55 -10.47 -9.96
CA GLU A 129 -7.78 -10.08 -9.31
C GLU A 129 -7.79 -8.58 -9.01
N PHE A 130 -6.70 -8.11 -8.40
CA PHE A 130 -6.57 -6.70 -8.05
C PHE A 130 -6.98 -5.82 -9.22
N HIS A 131 -6.59 -6.21 -10.43
CA HIS A 131 -6.92 -5.45 -11.63
C HIS A 131 -8.43 -5.31 -11.79
N THR A 132 -9.15 -6.39 -11.51
CA THR A 132 -10.61 -6.38 -11.62
C THR A 132 -11.26 -5.83 -10.36
N ALA A 133 -10.49 -5.81 -9.27
CA ALA A 133 -10.99 -5.32 -7.99
C ALA A 133 -11.24 -3.81 -8.05
N ALA A 134 -11.89 -3.29 -7.01
CA ALA A 134 -12.19 -1.86 -6.94
C ALA A 134 -11.10 -1.11 -6.22
N VAL A 135 -10.18 -0.52 -6.98
CA VAL A 135 -9.07 0.25 -6.41
C VAL A 135 -9.05 1.67 -6.94
N SER A 136 -8.49 2.58 -6.16
CA SER A 136 -8.41 3.99 -6.56
C SER A 136 -7.29 4.21 -7.57
N THR A 137 -7.56 5.02 -8.59
CA THR A 137 -6.59 5.32 -9.63
C THR A 137 -5.17 5.35 -9.06
N ALA A 138 -4.89 6.35 -8.25
CA ALA A 138 -3.58 6.50 -7.64
C ALA A 138 -2.97 5.15 -7.30
N MET A 139 -3.77 4.29 -6.66
CA MET A 139 -3.32 2.95 -6.28
C MET A 139 -3.08 2.09 -7.51
N LYS A 140 -4.06 2.08 -8.42
CA LYS A 140 -3.96 1.30 -9.65
C LYS A 140 -2.70 1.67 -10.42
N LYS A 141 -2.13 2.83 -10.11
CA LYS A 141 -0.92 3.30 -10.77
C LYS A 141 0.32 2.83 -10.04
N VAL A 142 0.15 2.45 -8.78
CA VAL A 142 1.27 1.98 -7.97
C VAL A 142 1.66 0.55 -8.34
N PHE A 143 0.66 -0.30 -8.51
CA PHE A 143 0.89 -1.70 -8.86
C PHE A 143 1.71 -1.80 -10.15
N ARG A 144 1.22 -1.16 -11.20
CA ARG A 144 1.90 -1.18 -12.50
C ARG A 144 3.35 -0.73 -12.36
N VAL A 145 3.59 0.22 -11.46
CA VAL A 145 4.93 0.74 -11.22
C VAL A 145 5.78 -0.28 -10.47
N TYR A 146 5.13 -1.13 -9.68
CA TYR A 146 5.83 -2.15 -8.91
C TYR A 146 6.21 -3.33 -9.79
N GLN A 147 5.26 -3.79 -10.59
CA GLN A 147 5.48 -4.93 -11.48
C GLN A 147 6.73 -4.70 -12.33
N GLY A 148 6.85 -3.49 -12.88
CA GLY A 148 8.00 -3.17 -13.71
C GLY A 148 9.30 -3.74 -13.16
N GLN A 149 9.57 -3.46 -11.90
CA GLN A 149 10.78 -3.94 -11.25
C GLN A 149 10.52 -5.23 -10.48
N SER A 150 10.75 -6.37 -11.14
CA SER A 150 10.54 -7.67 -10.52
C SER A 150 11.55 -8.68 -11.05
N GLY A 151 11.49 -9.90 -10.49
CA GLY A 151 12.40 -10.94 -10.90
C GLY A 151 12.18 -11.38 -12.35
N PRO A 152 13.04 -12.28 -12.83
CA PRO A 152 12.95 -12.80 -14.21
C PRO A 152 11.73 -13.70 -14.40
N SER A 153 11.05 -14.02 -13.31
CA SER A 153 9.87 -14.88 -13.37
C SER A 153 9.09 -14.63 -14.64
N SER A 154 8.45 -15.68 -15.15
CA SER A 154 7.66 -15.58 -16.37
C SER A 154 6.44 -16.48 -16.31
N GLY A 155 5.26 -15.88 -16.52
CA GLY A 155 4.03 -16.64 -16.48
C GLY A 155 3.32 -16.53 -15.13
N GLY A 1 -22.49 21.73 23.61
CA GLY A 1 -23.79 21.93 23.01
C GLY A 1 -23.72 22.07 21.49
N SER A 2 -23.21 23.22 21.04
CA SER A 2 -23.09 23.47 19.61
C SER A 2 -21.81 22.86 19.05
N SER A 3 -21.97 21.81 18.26
CA SER A 3 -20.83 21.11 17.66
C SER A 3 -20.55 21.65 16.26
N GLY A 4 -19.37 21.34 15.74
CA GLY A 4 -19.00 21.79 14.41
C GLY A 4 -17.71 21.16 13.92
N SER A 5 -17.80 19.93 13.42
CA SER A 5 -16.63 19.22 12.93
C SER A 5 -16.74 18.96 11.42
N SER A 6 -15.80 19.50 10.66
CA SER A 6 -15.80 19.32 9.21
C SER A 6 -14.38 19.42 8.66
N GLY A 7 -14.07 18.55 7.70
CA GLY A 7 -12.75 18.54 7.10
C GLY A 7 -12.52 17.34 6.20
N PRO A 8 -11.26 17.14 5.79
CA PRO A 8 -10.89 16.02 4.92
C PRO A 8 -10.96 14.68 5.63
N ARG A 9 -10.35 14.61 6.81
CA ARG A 9 -10.35 13.38 7.60
C ARG A 9 -10.83 13.65 9.02
N LYS A 10 -11.41 12.63 9.65
CA LYS A 10 -11.90 12.75 11.02
C LYS A 10 -10.80 13.22 11.95
N ALA A 11 -11.04 14.33 12.66
CA ALA A 11 -10.06 14.87 13.59
C ALA A 11 -8.87 15.47 12.85
N SER A 12 -9.15 16.19 11.77
CA SER A 12 -8.11 16.81 10.97
C SER A 12 -8.25 18.33 10.97
N ARG A 13 -7.13 19.03 10.88
CA ARG A 13 -7.13 20.48 10.86
C ARG A 13 -6.74 21.02 9.48
N LYS A 14 -5.73 20.41 8.89
CA LYS A 14 -5.26 20.83 7.57
C LYS A 14 -6.12 20.20 6.46
N PRO A 15 -6.21 20.91 5.32
CA PRO A 15 -6.99 20.44 4.17
C PRO A 15 -6.37 19.23 3.49
N PRO A 16 -7.12 18.61 2.58
CA PRO A 16 -6.65 17.43 1.84
C PRO A 16 -5.54 17.77 0.85
N ARG A 17 -5.52 19.01 0.38
CA ARG A 17 -4.52 19.46 -0.57
C ARG A 17 -3.16 18.83 -0.25
N GLU A 18 -2.85 18.70 1.04
CA GLU A 18 -1.59 18.13 1.46
C GLU A 18 -1.79 16.72 2.04
N GLU A 19 -1.51 15.71 1.23
CA GLU A 19 -1.68 14.33 1.65
C GLU A 19 -0.57 13.45 1.07
N SER A 20 0.29 12.93 1.93
CA SER A 20 1.38 12.07 1.51
C SER A 20 1.35 10.73 2.23
N SER A 21 1.61 9.66 1.49
CA SER A 21 1.60 8.32 2.07
C SER A 21 2.47 7.37 1.25
N ALA A 22 2.94 6.30 1.88
CA ALA A 22 3.78 5.32 1.20
C ALA A 22 3.16 3.93 1.29
N THR A 23 2.65 3.44 0.17
CA THR A 23 2.03 2.11 0.12
C THR A 23 3.03 1.06 -0.37
N CYS A 24 2.87 -0.16 0.11
CA CYS A 24 3.74 -1.26 -0.29
C CYS A 24 2.94 -2.43 -0.84
N VAL A 25 3.56 -3.19 -1.74
CA VAL A 25 2.90 -4.34 -2.35
C VAL A 25 3.37 -5.64 -1.71
N LEU A 26 2.45 -6.31 -1.03
CA LEU A 26 2.77 -7.57 -0.37
C LEU A 26 2.32 -8.76 -1.22
N GLU A 27 3.29 -9.42 -1.87
CA GLU A 27 3.00 -10.56 -2.72
C GLU A 27 3.66 -11.83 -2.16
N GLN A 28 2.95 -12.95 -2.27
CA GLN A 28 3.48 -14.22 -1.79
C GLN A 28 3.35 -15.30 -2.85
N PRO A 29 4.30 -16.24 -2.86
CA PRO A 29 4.32 -17.36 -3.81
C PRO A 29 3.20 -18.36 -3.58
N GLY A 30 2.35 -18.54 -4.58
CA GLY A 30 1.25 -19.48 -4.47
C GLY A 30 1.38 -20.66 -5.40
N ALA A 31 0.52 -21.65 -5.22
CA ALA A 31 0.53 -22.84 -6.05
C ALA A 31 0.28 -22.49 -7.51
N LEU A 32 -0.80 -21.76 -7.76
CA LEU A 32 -1.15 -21.36 -9.12
C LEU A 32 -0.15 -20.34 -9.66
N GLY A 33 0.23 -19.39 -8.83
CA GLY A 33 1.18 -18.38 -9.25
C GLY A 33 1.57 -17.45 -8.12
N ALA A 34 0.88 -16.32 -8.01
CA ALA A 34 1.16 -15.34 -6.96
C ALA A 34 -0.11 -14.61 -6.54
N GLN A 35 -0.05 -13.96 -5.38
CA GLN A 35 -1.21 -13.23 -4.87
C GLN A 35 -0.75 -12.06 -3.99
N ILE A 36 -1.41 -10.92 -4.15
CA ILE A 36 -1.08 -9.73 -3.37
C ILE A 36 -2.06 -9.54 -2.22
N LEU A 37 -1.79 -8.53 -1.38
CA LEU A 37 -2.65 -8.24 -0.23
C LEU A 37 -3.44 -6.96 -0.47
N LEU A 38 -4.69 -6.95 0.00
CA LEU A 38 -5.55 -5.77 -0.16
C LEU A 38 -6.30 -5.48 1.14
N VAL A 39 -6.39 -4.21 1.50
CA VAL A 39 -7.08 -3.80 2.71
C VAL A 39 -8.05 -2.66 2.43
N GLN A 40 -9.22 -2.71 3.04
CA GLN A 40 -10.24 -1.68 2.85
C GLN A 40 -9.82 -0.38 3.53
N ARG A 41 -10.36 0.74 3.05
CA ARG A 41 -10.04 2.05 3.61
C ARG A 41 -11.07 2.45 4.66
N PRO A 42 -10.64 3.31 5.60
CA PRO A 42 -11.52 3.80 6.67
C PRO A 42 -12.60 4.75 6.16
N ASN A 43 -13.65 4.92 6.94
CA ASN A 43 -14.75 5.80 6.57
C ASN A 43 -14.33 7.27 6.65
N SER A 44 -13.79 7.79 5.55
CA SER A 44 -13.34 9.18 5.51
C SER A 44 -12.91 9.57 4.10
N GLY A 45 -13.53 10.62 3.58
CA GLY A 45 -13.20 11.08 2.24
C GLY A 45 -13.98 10.35 1.16
N LEU A 46 -13.99 10.90 -0.04
CA LEU A 46 -14.71 10.29 -1.15
C LEU A 46 -14.20 8.89 -1.43
N LEU A 47 -15.03 8.06 -2.06
CA LEU A 47 -14.67 6.69 -2.38
C LEU A 47 -14.19 5.95 -1.14
N ALA A 48 -14.98 6.02 -0.08
CA ALA A 48 -14.65 5.35 1.18
C ALA A 48 -15.17 3.93 1.19
N GLY A 49 -14.36 3.01 1.72
CA GLY A 49 -14.76 1.62 1.79
C GLY A 49 -14.37 0.84 0.54
N LEU A 50 -13.13 1.02 0.10
CA LEU A 50 -12.63 0.33 -1.09
C LEU A 50 -11.38 -0.48 -0.77
N TRP A 51 -11.20 -1.57 -1.49
CA TRP A 51 -10.03 -2.43 -1.30
C TRP A 51 -8.78 -1.80 -1.89
N GLU A 52 -7.88 -1.35 -1.02
CA GLU A 52 -6.63 -0.72 -1.46
C GLU A 52 -5.45 -1.28 -0.69
N PHE A 53 -4.25 -1.11 -1.26
CA PHE A 53 -3.03 -1.60 -0.63
C PHE A 53 -2.74 -0.84 0.66
N PRO A 54 -2.17 -1.55 1.64
CA PRO A 54 -1.83 -0.97 2.95
C PRO A 54 -0.67 0.01 2.85
N SER A 55 -0.77 1.12 3.58
CA SER A 55 0.27 2.14 3.58
C SER A 55 0.38 2.81 4.94
N VAL A 56 1.40 3.64 5.11
CA VAL A 56 1.62 4.35 6.36
C VAL A 56 1.81 5.84 6.13
N THR A 57 1.99 6.58 7.21
CA THR A 57 2.18 8.03 7.12
C THR A 57 3.49 8.37 6.41
N TRP A 58 3.49 9.47 5.66
CA TRP A 58 4.67 9.89 4.94
C TRP A 58 5.87 10.06 5.88
N GLU A 59 7.06 9.92 5.33
CA GLU A 59 8.28 10.06 6.13
C GLU A 59 9.34 10.85 5.35
N PRO A 60 9.93 11.85 6.02
CA PRO A 60 10.96 12.70 5.42
C PRO A 60 12.27 11.95 5.21
N SER A 61 12.52 10.94 6.04
CA SER A 61 13.73 10.15 5.96
C SER A 61 13.50 8.90 5.10
N GLU A 62 14.57 8.45 4.44
CA GLU A 62 14.49 7.26 3.59
C GLU A 62 14.27 6.01 4.43
N GLN A 63 14.88 5.98 5.61
CA GLN A 63 14.75 4.82 6.50
C GLN A 63 13.41 4.84 7.23
N LEU A 64 13.15 5.93 7.94
CA LEU A 64 11.90 6.07 8.69
C LEU A 64 10.72 5.56 7.87
N GLN A 65 10.71 5.89 6.58
CA GLN A 65 9.64 5.46 5.69
C GLN A 65 9.51 3.94 5.68
N ARG A 66 10.61 3.26 5.42
CA ARG A 66 10.62 1.80 5.38
C ARG A 66 10.38 1.23 6.78
N LYS A 67 10.85 1.93 7.79
CA LYS A 67 10.68 1.50 9.18
C LYS A 67 9.21 1.32 9.52
N ALA A 68 8.43 2.38 9.32
CA ALA A 68 7.00 2.33 9.60
C ALA A 68 6.25 1.51 8.55
N LEU A 69 6.52 1.81 7.28
CA LEU A 69 5.88 1.10 6.17
C LEU A 69 5.61 -0.35 6.54
N LEU A 70 6.53 -0.95 7.29
CA LEU A 70 6.38 -2.33 7.72
C LEU A 70 5.55 -2.44 8.99
N GLN A 71 5.84 -1.55 9.95
CA GLN A 71 5.12 -1.55 11.21
C GLN A 71 3.63 -1.77 11.00
N GLU A 72 3.12 -1.32 9.85
CA GLU A 72 1.71 -1.47 9.52
C GLU A 72 1.45 -2.83 8.87
N LEU A 73 2.19 -3.13 7.81
CA LEU A 73 2.04 -4.39 7.10
C LEU A 73 1.90 -5.55 8.08
N GLN A 74 2.85 -5.65 9.01
CA GLN A 74 2.84 -6.71 10.00
C GLN A 74 1.47 -6.82 10.66
N ARG A 75 0.89 -5.67 11.01
CA ARG A 75 -0.41 -5.63 11.65
C ARG A 75 -1.45 -6.38 10.82
N TRP A 76 -1.23 -6.43 9.50
CA TRP A 76 -2.14 -7.11 8.60
C TRP A 76 -1.74 -8.57 8.42
N ALA A 77 -0.62 -8.79 7.75
CA ALA A 77 -0.13 -10.14 7.51
C ALA A 77 0.57 -10.70 8.74
N GLY A 78 1.77 -10.20 9.02
CA GLY A 78 2.52 -10.65 10.18
C GLY A 78 4.01 -10.42 10.03
N PRO A 79 4.76 -11.52 9.80
CA PRO A 79 6.22 -11.45 9.63
C PRO A 79 6.62 -10.77 8.33
N LEU A 80 7.29 -9.62 8.44
CA LEU A 80 7.73 -8.88 7.27
C LEU A 80 9.22 -8.55 7.38
N PRO A 81 9.97 -8.89 6.32
CA PRO A 81 11.41 -8.65 6.26
C PRO A 81 11.75 -7.16 6.13
N ALA A 82 13.02 -6.85 5.93
CA ALA A 82 13.47 -5.48 5.79
C ALA A 82 14.36 -5.31 4.56
N THR A 83 15.44 -6.09 4.51
CA THR A 83 16.38 -6.03 3.40
C THR A 83 15.68 -6.33 2.08
N HIS A 84 14.56 -7.05 2.15
CA HIS A 84 13.81 -7.40 0.96
C HIS A 84 13.08 -6.18 0.39
N LEU A 85 12.54 -5.35 1.27
CA LEU A 85 11.82 -4.15 0.86
C LEU A 85 12.72 -3.25 0.02
N ARG A 86 12.22 -2.85 -1.15
CA ARG A 86 12.99 -1.98 -2.04
C ARG A 86 12.06 -1.02 -2.78
N HIS A 87 12.37 0.27 -2.73
CA HIS A 87 11.56 1.28 -3.40
C HIS A 87 11.71 1.18 -4.91
N LEU A 88 10.59 0.99 -5.60
CA LEU A 88 10.60 0.88 -7.06
C LEU A 88 9.70 1.93 -7.68
N GLY A 89 10.30 3.06 -8.07
CA GLY A 89 9.54 4.13 -8.68
C GLY A 89 8.61 4.82 -7.71
N GLU A 90 7.76 5.70 -8.22
CA GLU A 90 6.82 6.43 -7.38
C GLU A 90 5.51 6.67 -8.13
N VAL A 91 4.50 7.16 -7.41
CA VAL A 91 3.20 7.43 -8.01
C VAL A 91 2.57 8.68 -7.40
N VAL A 92 2.51 9.75 -8.19
CA VAL A 92 1.94 11.01 -7.74
C VAL A 92 0.76 11.42 -8.61
N HIS A 93 -0.44 11.33 -8.05
CA HIS A 93 -1.65 11.70 -8.79
C HIS A 93 -2.14 13.08 -8.38
N THR A 94 -2.11 14.03 -9.31
CA THR A 94 -2.55 15.39 -9.05
C THR A 94 -4.04 15.54 -9.27
N PHE A 95 -4.78 15.72 -8.19
CA PHE A 95 -6.23 15.88 -8.27
C PHE A 95 -6.60 17.32 -8.61
N SER A 96 -7.90 17.56 -8.80
CA SER A 96 -8.38 18.90 -9.14
C SER A 96 -7.71 19.95 -8.26
N HIS A 97 -8.14 20.04 -7.01
CA HIS A 97 -7.59 21.00 -6.07
C HIS A 97 -6.82 20.31 -4.95
N ILE A 98 -6.34 19.10 -5.23
CA ILE A 98 -5.60 18.32 -4.25
C ILE A 98 -4.41 17.61 -4.90
N LYS A 99 -3.36 17.39 -4.12
CA LYS A 99 -2.16 16.72 -4.61
C LYS A 99 -1.83 15.52 -3.73
N LEU A 100 -1.85 14.33 -4.33
CA LEU A 100 -1.54 13.11 -3.60
C LEU A 100 -0.19 12.54 -4.04
N THR A 101 0.57 12.02 -3.08
CA THR A 101 1.88 11.46 -3.38
C THR A 101 2.03 10.07 -2.74
N TYR A 102 1.99 9.04 -3.58
CA TYR A 102 2.12 7.67 -3.11
C TYR A 102 3.49 7.10 -3.45
N GLN A 103 4.12 6.45 -2.48
CA GLN A 103 5.44 5.86 -2.68
C GLN A 103 5.32 4.36 -2.92
N VAL A 104 5.76 3.91 -4.09
CA VAL A 104 5.71 2.49 -4.44
C VAL A 104 6.81 1.72 -3.71
N TYR A 105 6.39 0.72 -2.95
CA TYR A 105 7.33 -0.11 -2.20
C TYR A 105 7.03 -1.60 -2.39
N GLY A 106 7.87 -2.27 -3.16
CA GLY A 106 7.68 -3.69 -3.41
C GLY A 106 8.16 -4.55 -2.26
N LEU A 107 7.48 -5.67 -2.03
CA LEU A 107 7.85 -6.58 -0.96
C LEU A 107 7.15 -7.93 -1.12
N ALA A 108 7.93 -8.97 -1.33
CA ALA A 108 7.39 -10.32 -1.51
C ALA A 108 8.22 -11.35 -0.74
N LEU A 109 7.58 -12.47 -0.40
CA LEU A 109 8.26 -13.52 0.34
C LEU A 109 8.85 -14.56 -0.61
N GLU A 110 10.16 -14.47 -0.83
CA GLU A 110 10.85 -15.40 -1.72
C GLU A 110 10.92 -16.79 -1.10
N GLY A 111 11.34 -16.86 0.16
CA GLY A 111 11.45 -18.13 0.84
C GLY A 111 11.38 -17.98 2.35
N GLN A 112 10.47 -17.14 2.82
CA GLN A 112 10.31 -16.92 4.26
C GLN A 112 9.08 -17.65 4.79
N THR A 113 8.79 -17.46 6.07
CA THR A 113 7.64 -18.10 6.70
C THR A 113 6.33 -17.47 6.22
N PRO A 114 5.34 -18.34 5.93
CA PRO A 114 4.03 -17.90 5.46
C PRO A 114 3.23 -17.19 6.55
N VAL A 115 2.14 -16.53 6.16
CA VAL A 115 1.29 -15.82 7.09
C VAL A 115 0.07 -16.66 7.49
N THR A 116 -0.52 -17.30 6.49
CA THR A 116 -1.70 -18.14 6.74
C THR A 116 -2.64 -17.49 7.75
N THR A 117 -2.81 -16.18 7.63
CA THR A 117 -3.69 -15.45 8.54
C THR A 117 -4.00 -14.05 7.99
N VAL A 118 -5.13 -13.50 8.42
CA VAL A 118 -5.55 -12.18 7.98
C VAL A 118 -6.82 -11.73 8.69
N PRO A 119 -6.84 -10.46 9.13
CA PRO A 119 -7.98 -9.88 9.84
C PRO A 119 -9.19 -9.68 8.93
N PRO A 120 -10.34 -9.35 9.53
CA PRO A 120 -11.58 -9.13 8.78
C PRO A 120 -11.54 -7.86 7.95
N GLY A 121 -10.40 -7.17 7.98
CA GLY A 121 -10.25 -5.94 7.23
C GLY A 121 -9.22 -6.07 6.12
N ALA A 122 -8.85 -7.30 5.80
CA ALA A 122 -7.88 -7.55 4.74
C ALA A 122 -8.23 -8.80 3.95
N ARG A 123 -7.91 -8.79 2.66
CA ARG A 123 -8.20 -9.92 1.79
C ARG A 123 -7.00 -10.22 0.89
N TRP A 124 -6.85 -11.50 0.54
CA TRP A 124 -5.75 -11.92 -0.33
C TRP A 124 -6.27 -12.33 -1.70
N LEU A 125 -5.90 -11.55 -2.72
CA LEU A 125 -6.32 -11.83 -4.09
C LEU A 125 -5.13 -11.78 -5.04
N THR A 126 -5.36 -12.23 -6.28
CA THR A 126 -4.31 -12.24 -7.29
C THR A 126 -4.12 -10.86 -7.90
N GLN A 127 -2.96 -10.63 -8.50
CA GLN A 127 -2.66 -9.35 -9.13
C GLN A 127 -3.73 -8.98 -10.15
N GLU A 128 -4.24 -9.97 -10.86
CA GLU A 128 -5.27 -9.74 -11.86
C GLU A 128 -6.58 -9.31 -11.21
N GLU A 129 -7.02 -10.09 -10.21
CA GLU A 129 -8.25 -9.80 -9.50
C GLU A 129 -8.26 -8.36 -8.97
N PHE A 130 -7.09 -7.89 -8.54
CA PHE A 130 -6.95 -6.54 -8.02
C PHE A 130 -7.29 -5.50 -9.09
N HIS A 131 -6.62 -5.61 -10.23
CA HIS A 131 -6.84 -4.69 -11.33
C HIS A 131 -8.32 -4.36 -11.48
N THR A 132 -9.16 -5.40 -11.48
CA THR A 132 -10.60 -5.23 -11.61
C THR A 132 -11.20 -4.69 -10.32
N ALA A 133 -10.70 -5.15 -9.19
CA ALA A 133 -11.18 -4.71 -7.89
C ALA A 133 -11.31 -3.19 -7.84
N ALA A 134 -12.32 -2.71 -7.11
CA ALA A 134 -12.55 -1.27 -6.98
C ALA A 134 -11.40 -0.61 -6.22
N VAL A 135 -10.50 0.03 -6.96
CA VAL A 135 -9.36 0.71 -6.35
C VAL A 135 -9.13 2.07 -7.00
N SER A 136 -8.55 2.99 -6.23
CA SER A 136 -8.28 4.34 -6.72
C SER A 136 -7.26 4.30 -7.85
N THR A 137 -7.22 5.38 -8.63
CA THR A 137 -6.27 5.48 -9.75
C THR A 137 -4.85 5.22 -9.28
N ALA A 138 -4.39 5.99 -8.30
CA ALA A 138 -3.05 5.84 -7.76
C ALA A 138 -2.75 4.38 -7.41
N MET A 139 -3.50 3.86 -6.44
CA MET A 139 -3.32 2.48 -6.01
C MET A 139 -3.23 1.54 -7.20
N LYS A 140 -4.00 1.83 -8.24
CA LYS A 140 -4.01 1.01 -9.45
C LYS A 140 -2.71 1.20 -10.24
N LYS A 141 -2.28 2.45 -10.37
CA LYS A 141 -1.06 2.76 -11.11
C LYS A 141 0.17 2.53 -10.23
N VAL A 142 -0.07 2.30 -8.95
CA VAL A 142 1.02 2.07 -8.00
C VAL A 142 1.57 0.65 -8.13
N PHE A 143 0.73 -0.25 -8.66
CA PHE A 143 1.14 -1.64 -8.83
C PHE A 143 2.06 -1.79 -10.05
N ARG A 144 1.51 -1.55 -11.23
CA ARG A 144 2.28 -1.66 -12.46
C ARG A 144 3.70 -1.14 -12.27
N VAL A 145 3.86 -0.20 -11.33
CA VAL A 145 5.18 0.36 -11.05
C VAL A 145 6.02 -0.60 -10.22
N TYR A 146 5.40 -1.22 -9.23
CA TYR A 146 6.10 -2.16 -8.36
C TYR A 146 6.69 -3.32 -9.17
N GLN A 147 5.84 -3.98 -9.94
CA GLN A 147 6.28 -5.10 -10.77
C GLN A 147 7.33 -4.66 -11.78
N GLY A 148 7.09 -3.50 -12.39
CA GLY A 148 8.03 -2.97 -13.38
C GLY A 148 9.46 -3.32 -13.06
N GLN A 149 9.90 -3.00 -11.85
CA GLN A 149 11.26 -3.28 -11.42
C GLN A 149 11.33 -4.60 -10.64
N SER A 150 10.64 -5.61 -11.15
CA SER A 150 10.61 -6.92 -10.50
C SER A 150 9.85 -7.93 -11.35
N GLY A 151 10.54 -8.99 -11.76
CA GLY A 151 9.92 -10.01 -12.57
C GLY A 151 10.75 -11.28 -12.64
N PRO A 152 10.08 -12.41 -12.94
CA PRO A 152 10.74 -13.72 -13.04
C PRO A 152 11.65 -13.81 -14.25
N SER A 153 12.19 -15.00 -14.50
CA SER A 153 13.08 -15.23 -15.62
C SER A 153 12.30 -15.44 -16.91
N SER A 154 12.29 -14.42 -17.77
CA SER A 154 11.56 -14.49 -19.03
C SER A 154 12.53 -14.60 -20.20
N GLY A 155 12.01 -15.00 -21.35
CA GLY A 155 12.84 -15.14 -22.54
C GLY A 155 14.01 -16.10 -22.32
#